data_5YFG
#
_entry.id   5YFG
#
_cell.length_a   1.000
_cell.length_b   1.000
_cell.length_c   1.000
_cell.angle_alpha   90.00
_cell.angle_beta   90.00
_cell.angle_gamma   90.00
#
_symmetry.space_group_name_H-M   'P 1'
#
_entity_poly.entity_id   1
_entity_poly.type   'polypeptide(L)'
_entity_poly.pdbx_seq_one_letter_code
;MEPTRDCPLFGGAFSAILPMGAIDVSDLRPVPDNQEVFCHPVTDQSLIVELLELQAHVRGEAAARYHFEDVGGVQGARAV
HVESVQPLSLENLALRGRCQEAWVLSGKQQIAKENQQVAKDVTLHQALLRLPQYQTDLLLTFNQPPPDNRSSLGPENLSP
APWSLGDFEQLVTSLTLHDPNIFGPQVEHHHHHH
;
_entity_poly.pdbx_strand_id   A
#
# COMPACT_ATOMS: atom_id res chain seq x y z
N MET A 1 8.14 -20.82 -6.09
CA MET A 1 8.05 -20.02 -7.35
C MET A 1 7.74 -18.57 -7.07
N GLU A 2 8.48 -17.67 -7.71
CA GLU A 2 8.30 -16.23 -7.52
C GLU A 2 8.07 -15.54 -8.86
N PRO A 3 6.84 -15.61 -9.40
CA PRO A 3 6.48 -14.98 -10.69
C PRO A 3 6.41 -13.46 -10.58
N THR A 4 6.10 -12.80 -11.71
CA THR A 4 5.99 -11.35 -11.76
C THR A 4 5.39 -10.88 -13.08
N ARG A 5 4.38 -10.03 -12.99
CA ARG A 5 3.71 -9.49 -14.17
C ARG A 5 3.52 -7.97 -14.06
N ASP A 6 4.35 -7.23 -14.79
CA ASP A 6 4.28 -5.76 -14.79
C ASP A 6 3.14 -5.26 -15.65
N CYS A 7 2.10 -4.73 -15.00
CA CYS A 7 0.93 -4.21 -15.70
C CYS A 7 1.15 -2.76 -16.13
N PRO A 8 0.89 -2.44 -17.42
CA PRO A 8 1.07 -1.08 -17.97
C PRO A 8 0.30 -0.02 -17.17
N LEU A 9 0.99 1.06 -16.81
CA LEU A 9 0.39 2.15 -16.06
C LEU A 9 0.74 3.50 -16.65
N PHE A 10 -0.26 4.37 -16.82
CA PHE A 10 -0.06 5.69 -17.40
C PHE A 10 0.55 5.61 -18.80
N GLY A 11 0.16 4.57 -19.56
CA GLY A 11 0.68 4.40 -20.90
C GLY A 11 2.00 3.64 -20.96
N GLY A 12 2.55 3.27 -19.80
CA GLY A 12 3.80 2.53 -19.76
C GLY A 12 4.91 3.24 -19.00
N ALA A 13 4.54 4.25 -18.20
CA ALA A 13 5.53 5.00 -17.41
C ALA A 13 5.90 4.25 -16.13
N PHE A 14 4.91 3.56 -15.55
CA PHE A 14 5.12 2.78 -14.34
C PHE A 14 4.71 1.33 -14.55
N SER A 15 5.49 0.41 -14.00
CA SER A 15 5.21 -1.02 -14.13
C SER A 15 4.81 -1.59 -12.78
N ALA A 16 3.55 -2.03 -12.68
CA ALA A 16 3.04 -2.60 -11.44
C ALA A 16 2.96 -4.12 -11.48
N ILE A 17 3.62 -4.75 -10.51
CA ILE A 17 3.65 -6.19 -10.39
C ILE A 17 2.55 -6.69 -9.45
N LEU A 18 1.78 -7.67 -9.92
CA LEU A 18 0.69 -8.27 -9.12
C LEU A 18 -0.04 -9.34 -9.91
N PRO A 19 0.34 -10.63 -9.71
CA PRO A 19 -0.27 -11.78 -10.41
C PRO A 19 -1.79 -11.85 -10.23
N MET A 20 -2.40 -12.90 -10.77
CA MET A 20 -3.85 -13.10 -10.68
C MET A 20 -4.33 -13.01 -9.23
N GLY A 21 -5.60 -12.62 -9.07
CA GLY A 21 -6.17 -12.48 -7.74
C GLY A 21 -6.41 -11.03 -7.37
N ALA A 22 -5.49 -10.16 -7.79
CA ALA A 22 -5.58 -8.73 -7.53
C ALA A 22 -6.36 -8.02 -8.63
N ILE A 23 -7.59 -7.63 -8.33
CA ILE A 23 -8.43 -6.94 -9.30
C ILE A 23 -8.73 -5.50 -8.86
N ASP A 24 -8.80 -4.59 -9.83
CA ASP A 24 -9.08 -3.19 -9.55
C ASP A 24 -10.57 -2.98 -9.31
N VAL A 25 -10.91 -2.25 -8.24
CA VAL A 25 -12.30 -1.98 -7.89
C VAL A 25 -12.87 -0.82 -8.72
N SER A 26 -12.11 -0.35 -9.72
CA SER A 26 -12.57 0.75 -10.57
C SER A 26 -13.85 0.37 -11.32
N ASP A 27 -14.00 -0.93 -11.60
CA ASP A 27 -15.20 -1.42 -12.30
C ASP A 27 -16.44 -1.27 -11.41
N LEU A 28 -16.23 -1.26 -10.09
CA LEU A 28 -17.31 -1.13 -9.13
C LEU A 28 -17.60 0.35 -8.80
N ARG A 29 -16.57 1.19 -8.90
CA ARG A 29 -16.72 2.63 -8.61
C ARG A 29 -15.64 3.45 -9.31
N PRO A 30 -15.93 4.75 -9.60
CA PRO A 30 -14.98 5.65 -10.28
C PRO A 30 -13.68 5.85 -9.50
N VAL A 31 -12.54 5.70 -10.18
CA VAL A 31 -11.23 5.85 -9.55
C VAL A 31 -10.23 6.48 -10.53
N PRO A 32 -9.82 7.74 -10.28
CA PRO A 32 -8.87 8.46 -11.14
C PRO A 32 -7.57 7.67 -11.36
N ASP A 33 -6.99 7.81 -12.55
CA ASP A 33 -5.75 7.12 -12.90
C ASP A 33 -4.62 7.45 -11.92
N ASN A 34 -4.68 8.64 -11.32
CA ASN A 34 -3.68 9.06 -10.35
C ASN A 34 -3.52 8.04 -9.23
N GLN A 35 -4.61 7.32 -8.92
CA GLN A 35 -4.59 6.30 -7.87
C GLN A 35 -5.00 4.94 -8.43
N GLU A 36 -4.83 3.91 -7.61
CA GLU A 36 -5.17 2.54 -7.98
C GLU A 36 -5.63 1.75 -6.76
N VAL A 37 -6.81 1.15 -6.85
CA VAL A 37 -7.36 0.37 -5.74
C VAL A 37 -7.63 -1.07 -6.18
N PHE A 38 -6.73 -1.98 -5.79
CA PHE A 38 -6.88 -3.40 -6.13
C PHE A 38 -7.40 -4.19 -4.93
N CYS A 39 -8.00 -5.35 -5.20
CA CYS A 39 -8.56 -6.19 -4.14
C CYS A 39 -8.36 -7.68 -4.44
N HIS A 40 -8.25 -8.49 -3.39
CA HIS A 40 -8.07 -9.93 -3.54
C HIS A 40 -9.25 -10.70 -2.96
N PRO A 41 -9.95 -11.49 -3.79
CA PRO A 41 -11.12 -12.26 -3.34
C PRO A 41 -10.74 -13.49 -2.50
N VAL A 42 -9.59 -14.10 -2.81
CA VAL A 42 -9.11 -15.29 -2.09
C VAL A 42 -8.84 -15.00 -0.62
N THR A 43 -8.16 -13.88 -0.35
CA THR A 43 -7.82 -13.49 1.02
C THR A 43 -8.71 -12.35 1.53
N ASP A 44 -9.50 -11.75 0.64
CA ASP A 44 -10.39 -10.64 0.99
C ASP A 44 -9.59 -9.43 1.49
N GLN A 45 -8.40 -9.23 0.93
CA GLN A 45 -7.54 -8.12 1.30
C GLN A 45 -7.83 -6.90 0.42
N SER A 46 -7.21 -5.76 0.77
CA SER A 46 -7.41 -4.53 0.00
C SER A 46 -6.09 -3.78 -0.21
N LEU A 47 -5.83 -3.40 -1.46
CA LEU A 47 -4.60 -2.68 -1.81
C LEU A 47 -4.94 -1.34 -2.46
N ILE A 48 -4.42 -0.25 -1.88
CA ILE A 48 -4.68 1.09 -2.42
C ILE A 48 -3.37 1.87 -2.64
N VAL A 49 -3.26 2.51 -3.80
CA VAL A 49 -2.08 3.30 -4.15
C VAL A 49 -2.49 4.67 -4.69
N GLU A 50 -2.24 5.72 -3.91
CA GLU A 50 -2.59 7.08 -4.31
C GLU A 50 -1.35 7.95 -4.51
N LEU A 51 -1.39 8.79 -5.55
CA LEU A 51 -0.27 9.68 -5.86
C LEU A 51 -0.47 11.04 -5.19
N LEU A 52 0.61 11.58 -4.64
CA LEU A 52 0.56 12.88 -3.96
C LEU A 52 1.77 13.74 -4.34
N GLU A 53 1.77 14.99 -3.90
CA GLU A 53 2.86 15.91 -4.18
C GLU A 53 3.57 16.33 -2.90
N LEU A 54 4.90 16.32 -2.94
CA LEU A 54 5.73 16.69 -1.78
C LEU A 54 5.28 18.04 -1.19
N GLN A 55 4.70 17.99 0.01
CA GLN A 55 4.22 19.21 0.67
C GLN A 55 5.24 19.72 1.69
N ALA A 56 5.68 20.96 1.49
CA ALA A 56 6.66 21.60 2.38
C ALA A 56 7.99 20.85 2.37
N HIS A 57 8.08 19.79 3.20
CA HIS A 57 9.30 18.99 3.27
C HIS A 57 9.09 17.73 4.13
N VAL A 58 7.90 17.15 4.03
CA VAL A 58 7.56 15.95 4.80
C VAL A 58 7.82 14.69 3.97
N ARG A 59 8.91 13.98 4.28
CA ARG A 59 9.27 12.77 3.55
C ARG A 59 9.91 11.74 4.47
N GLY A 60 9.89 10.47 4.04
CA GLY A 60 10.49 9.40 4.82
C GLY A 60 9.65 9.01 6.02
N GLU A 61 10.33 8.73 7.14
CA GLU A 61 9.64 8.34 8.37
C GLU A 61 8.67 9.43 8.82
N ALA A 62 9.04 10.69 8.58
CA ALA A 62 8.22 11.84 8.93
C ALA A 62 6.95 11.86 8.07
N ALA A 63 7.12 11.55 6.78
CA ALA A 63 5.99 11.52 5.84
C ALA A 63 4.95 10.49 6.27
N ALA A 64 5.41 9.34 6.77
CA ALA A 64 4.52 8.27 7.20
C ALA A 64 3.62 8.74 8.34
N ARG A 65 4.22 9.22 9.43
CA ARG A 65 3.46 9.70 10.58
C ARG A 65 2.58 10.89 10.21
N TYR A 66 3.14 11.82 9.44
CA TYR A 66 2.41 13.01 9.00
C TYR A 66 1.13 12.62 8.26
N HIS A 67 1.26 11.73 7.27
CA HIS A 67 0.12 11.26 6.49
C HIS A 67 -0.78 10.34 7.32
N PHE A 68 -0.17 9.58 8.24
CA PHE A 68 -0.92 8.67 9.10
C PHE A 68 -1.97 9.42 9.91
N GLU A 69 -1.56 10.53 10.53
CA GLU A 69 -2.47 11.35 11.33
C GLU A 69 -3.61 11.89 10.48
N ASP A 70 -3.35 12.11 9.20
CA ASP A 70 -4.37 12.62 8.28
C ASP A 70 -5.36 11.53 7.89
N VAL A 71 -4.92 10.27 7.95
CA VAL A 71 -5.79 9.14 7.61
C VAL A 71 -6.49 8.58 8.84
N GLY A 72 -5.70 8.23 9.85
CA GLY A 72 -6.25 7.69 11.09
C GLY A 72 -6.70 8.76 12.07
N GLY A 73 -6.66 10.03 11.64
CA GLY A 73 -7.05 11.13 12.50
C GLY A 73 -8.25 11.89 11.96
N VAL A 74 -8.29 12.07 10.63
CA VAL A 74 -9.39 12.80 10.00
C VAL A 74 -10.61 11.90 9.79
N GLN A 75 -10.38 10.60 9.63
CA GLN A 75 -11.47 9.64 9.43
C GLN A 75 -11.51 8.62 10.57
N GLY A 76 -12.34 8.91 11.59
CA GLY A 76 -12.46 8.02 12.73
C GLY A 76 -11.12 7.70 13.38
N ALA A 77 -11.00 6.48 13.89
CA ALA A 77 -9.76 6.02 14.54
C ALA A 77 -9.45 6.86 15.77
N ARG A 78 -9.80 6.35 16.95
CA ARG A 78 -9.55 7.09 18.19
C ARG A 78 -8.36 6.55 18.99
N ALA A 79 -8.05 5.26 18.81
CA ALA A 79 -6.93 4.65 19.50
C ALA A 79 -5.99 3.93 18.54
N VAL A 80 -4.82 4.52 18.30
CA VAL A 80 -3.84 3.93 17.39
C VAL A 80 -2.47 3.79 18.03
N HIS A 81 -1.89 2.60 17.92
CA HIS A 81 -0.56 2.33 18.48
C HIS A 81 0.47 2.13 17.37
N VAL A 82 1.74 2.03 17.75
CA VAL A 82 2.82 1.82 16.78
C VAL A 82 3.58 0.53 17.08
N GLU A 83 3.62 -0.37 16.09
CA GLU A 83 4.31 -1.65 16.25
C GLU A 83 5.79 -1.53 15.89
N SER A 84 6.09 -0.93 14.72
CA SER A 84 7.47 -0.77 14.27
C SER A 84 7.52 -0.15 12.88
N VAL A 85 8.73 0.10 12.37
CA VAL A 85 8.91 0.69 11.04
C VAL A 85 10.11 0.07 10.32
N GLN A 86 9.94 -0.23 9.04
CA GLN A 86 11.00 -0.82 8.24
C GLN A 86 11.47 0.14 7.15
N PRO A 87 12.72 0.62 7.24
CA PRO A 87 13.30 1.54 6.24
C PRO A 87 13.54 0.87 4.90
N LEU A 88 13.02 1.47 3.84
CA LEU A 88 13.18 0.92 2.48
C LEU A 88 14.29 1.64 1.71
N SER A 89 15.45 1.00 1.62
CA SER A 89 16.60 1.56 0.91
C SER A 89 16.46 1.36 -0.61
N LEU A 90 17.45 1.86 -1.37
CA LEU A 90 17.44 1.73 -2.82
C LEU A 90 17.42 0.26 -3.26
N GLU A 91 18.09 -0.59 -2.48
CA GLU A 91 18.15 -2.03 -2.78
C GLU A 91 16.74 -2.64 -2.85
N ASN A 92 15.80 -2.09 -2.08
CA ASN A 92 14.42 -2.60 -2.05
C ASN A 92 13.74 -2.43 -3.41
N LEU A 93 14.24 -1.51 -4.24
CA LEU A 93 13.66 -1.30 -5.55
C LEU A 93 14.10 -2.42 -6.50
N ALA A 94 13.17 -3.32 -6.78
CA ALA A 94 13.43 -4.47 -7.67
C ALA A 94 14.23 -4.04 -8.90
N LEU A 95 13.62 -3.21 -9.75
CA LEU A 95 14.30 -2.69 -10.93
C LEU A 95 15.46 -1.80 -10.49
N ARG A 96 15.31 -1.18 -9.32
CA ARG A 96 16.33 -0.31 -8.76
C ARG A 96 16.61 0.89 -9.68
N GLY A 97 15.55 1.53 -10.17
CA GLY A 97 15.71 2.67 -11.05
C GLY A 97 16.28 3.86 -10.30
N ARG A 98 15.44 4.84 -10.01
CA ARG A 98 15.87 6.01 -9.26
C ARG A 98 14.88 6.31 -8.15
N CYS A 99 15.27 6.01 -6.91
CA CYS A 99 14.42 6.24 -5.75
C CYS A 99 15.18 7.00 -4.68
N GLN A 100 14.72 8.22 -4.37
CA GLN A 100 15.36 9.05 -3.36
C GLN A 100 15.41 8.35 -1.99
N GLU A 101 14.27 7.81 -1.56
CA GLU A 101 14.17 7.11 -0.28
C GLU A 101 12.81 6.43 -0.12
N ALA A 102 12.65 5.67 0.95
CA ALA A 102 11.39 4.95 1.21
C ALA A 102 11.35 4.43 2.64
N TRP A 103 10.15 4.46 3.24
CA TRP A 103 9.96 3.99 4.62
C TRP A 103 8.63 3.26 4.78
N VAL A 104 8.52 2.48 5.85
CA VAL A 104 7.30 1.72 6.12
C VAL A 104 6.86 1.86 7.58
N LEU A 105 5.58 2.14 7.78
CA LEU A 105 5.01 2.29 9.12
C LEU A 105 3.76 1.43 9.27
N SER A 106 3.84 0.44 10.15
CA SER A 106 2.73 -0.48 10.40
C SER A 106 2.06 -0.17 11.74
N GLY A 107 0.76 -0.47 11.84
CA GLY A 107 0.04 -0.23 13.07
C GLY A 107 -1.46 -0.45 12.91
N LYS A 108 -2.19 -0.16 13.98
CA LYS A 108 -3.66 -0.32 13.99
C LYS A 108 -4.31 0.80 14.78
N GLN A 109 -5.52 1.17 14.38
CA GLN A 109 -6.28 2.23 15.05
C GLN A 109 -7.65 1.72 15.49
N GLN A 110 -8.33 2.48 16.35
CA GLN A 110 -9.64 2.09 16.82
C GLN A 110 -10.72 2.90 16.12
N ILE A 111 -11.16 2.42 14.96
CA ILE A 111 -12.17 3.12 14.20
C ILE A 111 -13.57 2.85 14.75
N ALA A 112 -14.06 3.82 15.51
CA ALA A 112 -15.38 3.73 16.12
C ALA A 112 -16.47 4.23 15.17
N LYS A 113 -17.65 3.64 15.26
CA LYS A 113 -18.78 4.03 14.39
C LYS A 113 -19.57 5.17 15.01
N GLU A 114 -20.68 5.54 14.35
CA GLU A 114 -21.55 6.62 14.83
C GLU A 114 -21.99 6.35 16.27
N ASN A 115 -22.13 5.06 16.60
CA ASN A 115 -22.53 4.65 17.95
C ASN A 115 -21.41 4.93 18.96
N GLN A 116 -20.17 4.93 18.47
CA GLN A 116 -19.00 5.18 19.34
C GLN A 116 -18.90 4.12 20.46
N GLN A 117 -19.54 2.97 20.25
CA GLN A 117 -19.50 1.89 21.23
C GLN A 117 -18.75 0.67 20.67
N VAL A 118 -18.92 0.43 19.37
CA VAL A 118 -18.25 -0.68 18.69
C VAL A 118 -16.81 -0.33 18.30
N ALA A 119 -15.95 -1.34 18.27
CA ALA A 119 -14.55 -1.15 17.90
C ALA A 119 -14.02 -2.31 17.06
N LYS A 120 -13.09 -2.02 16.15
CA LYS A 120 -12.50 -3.05 15.28
C LYS A 120 -11.08 -2.68 14.89
N ASP A 121 -10.12 -3.55 15.25
CA ASP A 121 -8.72 -3.33 14.93
C ASP A 121 -8.41 -3.81 13.51
N VAL A 122 -7.88 -2.90 12.69
CA VAL A 122 -7.52 -3.24 11.32
C VAL A 122 -6.04 -2.98 11.06
N THR A 123 -5.30 -4.03 10.76
CA THR A 123 -3.86 -3.91 10.49
C THR A 123 -3.63 -3.08 9.23
N LEU A 124 -3.01 -1.92 9.40
CA LEU A 124 -2.73 -1.03 8.28
C LEU A 124 -1.24 -0.99 7.96
N HIS A 125 -0.89 -1.50 6.77
CA HIS A 125 0.51 -1.53 6.33
C HIS A 125 0.71 -0.50 5.21
N GLN A 126 1.24 0.66 5.56
CA GLN A 126 1.47 1.71 4.58
C GLN A 126 2.95 1.94 4.33
N ALA A 127 3.28 2.32 3.10
CA ALA A 127 4.65 2.58 2.70
C ALA A 127 4.77 3.96 2.04
N LEU A 128 5.62 4.81 2.61
CA LEU A 128 5.81 6.16 2.08
C LEU A 128 6.98 6.20 1.09
N LEU A 129 6.69 6.60 -0.14
CA LEU A 129 7.71 6.68 -1.18
C LEU A 129 7.77 8.08 -1.77
N ARG A 130 8.97 8.62 -1.92
CA ARG A 130 9.16 9.95 -2.48
C ARG A 130 10.14 9.93 -3.65
N LEU A 131 9.75 10.56 -4.76
CA LEU A 131 10.59 10.61 -5.95
C LEU A 131 10.88 12.06 -6.33
N PRO A 132 12.15 12.38 -6.65
CA PRO A 132 12.55 13.74 -7.03
C PRO A 132 12.19 14.11 -8.46
N GLN A 133 11.46 13.21 -9.16
CA GLN A 133 11.04 13.48 -10.54
C GLN A 133 10.29 14.81 -10.63
N TYR A 134 9.48 15.09 -9.62
CA TYR A 134 8.70 16.33 -9.55
C TYR A 134 8.16 16.54 -8.13
N GLN A 135 8.91 16.09 -7.12
CA GLN A 135 8.49 16.22 -5.73
C GLN A 135 7.17 15.48 -5.52
N THR A 136 7.21 14.15 -5.62
CA THR A 136 6.01 13.32 -5.47
C THR A 136 6.06 12.50 -4.18
N ASP A 137 4.89 12.06 -3.74
CA ASP A 137 4.77 11.26 -2.52
C ASP A 137 3.72 10.15 -2.72
N LEU A 138 4.18 8.97 -3.14
CA LEU A 138 3.28 7.83 -3.36
C LEU A 138 2.91 7.16 -2.04
N LEU A 139 1.61 7.00 -1.79
CA LEU A 139 1.13 6.37 -0.56
C LEU A 139 0.53 5.00 -0.82
N LEU A 140 0.91 4.03 0.02
CA LEU A 140 0.42 2.65 -0.10
C LEU A 140 -0.44 2.29 1.10
N THR A 141 -1.52 1.54 0.87
CA THR A 141 -2.42 1.14 1.94
C THR A 141 -2.75 -0.35 1.86
N PHE A 142 -2.46 -1.08 2.94
CA PHE A 142 -2.73 -2.51 3.02
C PHE A 142 -3.63 -2.84 4.20
N ASN A 143 -4.78 -3.47 3.92
CA ASN A 143 -5.73 -3.83 4.97
C ASN A 143 -5.71 -5.34 5.23
N GLN A 144 -5.32 -5.72 6.44
CA GLN A 144 -5.25 -7.14 6.82
C GLN A 144 -5.76 -7.36 8.24
N PRO A 145 -6.24 -8.58 8.56
CA PRO A 145 -6.76 -8.91 9.90
C PRO A 145 -5.63 -9.03 10.94
N PRO A 146 -5.79 -8.35 12.09
CA PRO A 146 -4.79 -8.38 13.18
C PRO A 146 -4.47 -9.80 13.66
N PRO A 147 -3.21 -10.06 14.02
CA PRO A 147 -2.76 -11.37 14.50
C PRO A 147 -3.18 -11.66 15.94
N ASP A 148 -4.31 -12.35 16.09
CA ASP A 148 -4.83 -12.70 17.41
C ASP A 148 -5.97 -13.73 17.29
N ASN A 149 -5.76 -14.73 16.43
CA ASN A 149 -6.77 -15.77 16.22
C ASN A 149 -6.79 -16.74 17.40
N ARG A 150 -7.80 -16.60 18.26
CA ARG A 150 -7.94 -17.46 19.45
C ARG A 150 -8.68 -18.75 19.10
N SER A 151 -8.31 -19.84 19.78
CA SER A 151 -8.91 -21.15 19.58
C SER A 151 -8.55 -21.73 18.20
N SER A 152 -9.16 -21.16 17.15
CA SER A 152 -8.88 -21.62 15.79
C SER A 152 -7.68 -20.85 15.21
N LEU A 153 -6.67 -21.60 14.78
CA LEU A 153 -5.47 -21.00 14.21
C LEU A 153 -5.52 -20.98 12.68
N GLY A 154 -6.74 -20.94 12.12
CA GLY A 154 -6.90 -20.92 10.68
C GLY A 154 -6.60 -22.26 10.03
N PRO A 155 -7.18 -22.50 8.84
CA PRO A 155 -6.99 -23.74 8.09
C PRO A 155 -5.51 -24.16 8.01
N GLU A 156 -5.28 -25.47 8.01
CA GLU A 156 -3.92 -26.01 7.94
C GLU A 156 -3.68 -26.72 6.61
N ASN A 157 -4.62 -27.57 6.21
CA ASN A 157 -4.52 -28.31 4.95
C ASN A 157 -5.75 -28.09 4.07
N LEU A 158 -6.23 -26.84 4.04
CA LEU A 158 -7.40 -26.49 3.23
C LEU A 158 -7.49 -24.97 3.03
N SER A 159 -7.97 -24.56 1.85
CA SER A 159 -8.11 -23.14 1.51
C SER A 159 -6.76 -22.43 1.47
N PRO A 160 -6.67 -21.27 0.77
CA PRO A 160 -5.42 -20.51 0.66
C PRO A 160 -4.93 -19.96 2.01
N ALA A 161 -3.62 -19.75 2.10
CA ALA A 161 -3.01 -19.23 3.33
C ALA A 161 -3.01 -17.70 3.35
N PRO A 162 -2.90 -17.10 4.56
CA PRO A 162 -2.88 -15.64 4.72
C PRO A 162 -1.59 -15.01 4.19
N TRP A 163 -1.74 -13.94 3.42
CA TRP A 163 -0.58 -13.24 2.85
C TRP A 163 0.24 -12.54 3.94
N SER A 164 1.55 -12.45 3.73
CA SER A 164 2.45 -11.81 4.68
C SER A 164 3.21 -10.66 4.03
N LEU A 165 4.32 -10.25 4.66
CA LEU A 165 5.15 -9.15 4.13
C LEU A 165 5.60 -9.44 2.69
N GLY A 166 5.73 -10.72 2.35
CA GLY A 166 6.16 -11.11 1.02
C GLY A 166 5.34 -10.42 -0.07
N ASP A 167 4.03 -10.33 0.15
CA ASP A 167 3.13 -9.69 -0.81
C ASP A 167 3.29 -8.17 -0.77
N PHE A 168 3.38 -7.62 0.43
CA PHE A 168 3.55 -6.18 0.60
C PHE A 168 4.82 -5.70 -0.11
N GLU A 169 5.92 -6.42 0.11
CA GLU A 169 7.20 -6.07 -0.52
C GLU A 169 7.06 -6.05 -2.04
N GLN A 170 6.29 -6.99 -2.58
CA GLN A 170 6.08 -7.05 -4.03
C GLN A 170 5.29 -5.84 -4.52
N LEU A 171 4.33 -5.38 -3.71
CA LEU A 171 3.51 -4.22 -4.06
C LEU A 171 4.37 -2.96 -4.13
N VAL A 172 5.35 -2.85 -3.22
CA VAL A 172 6.24 -1.69 -3.21
C VAL A 172 7.11 -1.68 -4.46
N THR A 173 7.51 -2.86 -4.90
CA THR A 173 8.33 -3.00 -6.11
C THR A 173 7.47 -2.83 -7.37
N SER A 174 6.15 -2.69 -7.18
CA SER A 174 5.21 -2.51 -8.29
C SER A 174 5.35 -1.14 -8.96
N LEU A 175 6.43 -0.42 -8.69
CA LEU A 175 6.65 0.89 -9.30
C LEU A 175 7.94 0.88 -10.14
N THR A 176 8.30 -0.30 -10.66
CA THR A 176 9.50 -0.46 -11.48
C THR A 176 9.48 0.48 -12.68
N LEU A 177 10.52 1.30 -12.81
CA LEU A 177 10.62 2.26 -13.91
C LEU A 177 11.47 1.68 -15.04
N HIS A 178 10.81 1.21 -16.09
CA HIS A 178 11.50 0.65 -17.25
C HIS A 178 11.58 1.67 -18.38
N ASP A 179 10.42 2.21 -18.76
CA ASP A 179 10.35 3.21 -19.82
C ASP A 179 9.88 4.55 -19.25
N PRO A 180 10.80 5.54 -19.14
CA PRO A 180 10.48 6.87 -18.61
C PRO A 180 9.61 7.69 -19.56
N ASN A 181 8.39 7.21 -19.81
CA ASN A 181 7.45 7.89 -20.70
C ASN A 181 6.83 9.12 -20.04
N ILE A 182 6.92 9.19 -18.70
CA ILE A 182 6.36 10.32 -17.95
C ILE A 182 7.49 11.21 -17.40
N PHE A 183 8.45 11.54 -18.26
CA PHE A 183 9.59 12.37 -17.85
C PHE A 183 9.68 13.66 -18.68
N GLY A 184 9.41 13.54 -19.99
CA GLY A 184 9.48 14.70 -20.87
C GLY A 184 8.28 15.61 -20.73
N PRO A 185 7.65 16.03 -21.85
CA PRO A 185 6.48 16.91 -21.83
C PRO A 185 5.24 16.23 -21.22
N GLN A 186 5.27 14.90 -21.16
CA GLN A 186 4.16 14.14 -20.60
C GLN A 186 3.88 14.53 -19.14
N MET A 1 11.94 -10.80 -20.32
CA MET A 1 10.96 -10.33 -21.33
C MET A 1 9.51 -10.44 -20.83
N GLU A 2 9.21 -11.49 -20.06
CA GLU A 2 7.87 -11.69 -19.51
C GLU A 2 7.71 -10.98 -18.17
N PRO A 3 6.72 -10.07 -18.07
CA PRO A 3 6.45 -9.33 -16.83
C PRO A 3 5.81 -10.20 -15.75
N THR A 4 5.85 -9.73 -14.51
CA THR A 4 5.27 -10.45 -13.39
C THR A 4 3.90 -9.87 -13.02
N ARG A 5 2.96 -9.96 -13.97
CA ARG A 5 1.60 -9.44 -13.76
C ARG A 5 1.61 -7.93 -13.54
N ASP A 6 2.46 -7.23 -14.29
CA ASP A 6 2.58 -5.77 -14.19
C ASP A 6 1.38 -5.07 -14.84
N CYS A 7 0.98 -3.94 -14.29
CA CYS A 7 -0.14 -3.16 -14.83
C CYS A 7 0.34 -1.81 -15.34
N PRO A 8 -0.14 -1.38 -16.52
CA PRO A 8 0.24 -0.09 -17.11
C PRO A 8 -0.38 1.10 -16.38
N LEU A 9 0.47 2.05 -15.97
CA LEU A 9 0.01 3.23 -15.27
C LEU A 9 0.33 4.51 -16.06
N PHE A 10 -0.71 5.31 -16.32
CA PHE A 10 -0.56 6.56 -17.07
C PHE A 10 0.02 6.31 -18.46
N GLY A 11 -0.46 5.24 -19.11
CA GLY A 11 0.02 4.92 -20.45
C GLY A 11 1.20 3.95 -20.45
N GLY A 12 1.74 3.64 -19.27
CA GLY A 12 2.88 2.74 -19.19
C GLY A 12 4.13 3.39 -18.63
N ALA A 13 3.96 4.41 -17.80
CA ALA A 13 5.10 5.11 -17.19
C ALA A 13 5.60 4.33 -15.98
N PHE A 14 4.68 3.66 -15.29
CA PHE A 14 5.02 2.87 -14.12
C PHE A 14 4.46 1.44 -14.26
N SER A 15 5.11 0.50 -13.59
CA SER A 15 4.69 -0.90 -13.63
C SER A 15 4.47 -1.43 -12.22
N ALA A 16 3.21 -1.72 -11.90
CA ALA A 16 2.85 -2.23 -10.57
C ALA A 16 2.60 -3.74 -10.60
N ILE A 17 3.20 -4.43 -9.63
CA ILE A 17 3.06 -5.87 -9.51
C ILE A 17 1.81 -6.21 -8.71
N LEU A 18 1.01 -7.15 -9.22
CA LEU A 18 -0.21 -7.57 -8.55
C LEU A 18 -0.22 -9.09 -8.35
N PRO A 19 -0.82 -9.57 -7.25
CA PRO A 19 -0.90 -11.01 -6.95
C PRO A 19 -1.87 -11.74 -7.88
N MET A 20 -2.04 -13.05 -7.65
CA MET A 20 -2.94 -13.85 -8.48
C MET A 20 -4.41 -13.60 -8.16
N GLY A 21 -4.68 -12.82 -7.10
CA GLY A 21 -6.06 -12.53 -6.72
C GLY A 21 -6.42 -11.05 -6.78
N ALA A 22 -5.53 -10.24 -7.35
CA ALA A 22 -5.76 -8.80 -7.47
C ALA A 22 -6.85 -8.49 -8.50
N ILE A 23 -7.97 -7.96 -8.03
CA ILE A 23 -9.09 -7.61 -8.91
C ILE A 23 -9.38 -6.11 -8.83
N ASP A 24 -9.40 -5.45 -10.00
CA ASP A 24 -9.65 -4.02 -10.07
C ASP A 24 -11.11 -3.69 -9.72
N VAL A 25 -11.30 -2.96 -8.62
CA VAL A 25 -12.63 -2.56 -8.18
C VAL A 25 -13.22 -1.41 -9.01
N SER A 26 -12.52 -1.02 -10.09
CA SER A 26 -12.98 0.06 -10.97
C SER A 26 -14.35 -0.28 -11.56
N ASP A 27 -14.62 -1.58 -11.74
CA ASP A 27 -15.90 -2.02 -12.30
C ASP A 27 -17.01 -1.90 -11.25
N LEU A 28 -16.65 -2.06 -9.98
CA LEU A 28 -17.61 -1.97 -8.87
C LEU A 28 -17.84 -0.50 -8.46
N ARG A 29 -16.79 0.32 -8.56
CA ARG A 29 -16.87 1.73 -8.19
C ARG A 29 -15.85 2.57 -8.97
N PRO A 30 -16.04 3.92 -8.99
CA PRO A 30 -15.12 4.83 -9.71
C PRO A 30 -13.71 4.86 -9.10
N VAL A 31 -12.70 4.93 -9.96
CA VAL A 31 -11.30 4.98 -9.50
C VAL A 31 -10.55 6.14 -10.14
N PRO A 32 -9.96 7.03 -9.31
CA PRO A 32 -9.22 8.21 -9.79
C PRO A 32 -8.01 7.83 -10.65
N ASP A 33 -7.43 8.83 -11.31
CA ASP A 33 -6.27 8.62 -12.17
C ASP A 33 -4.95 8.72 -11.40
N ASN A 34 -4.95 9.48 -10.30
CA ASN A 34 -3.74 9.65 -9.48
C ASN A 34 -3.65 8.58 -8.38
N GLN A 35 -4.38 7.47 -8.55
CA GLN A 35 -4.37 6.40 -7.55
C GLN A 35 -5.07 5.14 -8.06
N GLU A 36 -5.02 4.08 -7.26
CA GLU A 36 -5.66 2.81 -7.61
C GLU A 36 -6.00 2.00 -6.37
N VAL A 37 -7.04 1.17 -6.48
CA VAL A 37 -7.49 0.33 -5.37
C VAL A 37 -7.71 -1.10 -5.83
N PHE A 38 -6.92 -2.03 -5.30
CA PHE A 38 -7.04 -3.44 -5.65
C PHE A 38 -7.66 -4.23 -4.50
N CYS A 39 -8.20 -5.41 -4.81
CA CYS A 39 -8.83 -6.26 -3.81
C CYS A 39 -8.62 -7.75 -4.11
N HIS A 40 -8.68 -8.57 -3.07
CA HIS A 40 -8.50 -10.02 -3.21
C HIS A 40 -9.75 -10.76 -2.74
N PRO A 41 -10.53 -11.31 -3.69
CA PRO A 41 -11.77 -12.05 -3.36
C PRO A 41 -11.50 -13.39 -2.65
N VAL A 42 -10.24 -13.84 -2.69
CA VAL A 42 -9.87 -15.11 -2.06
C VAL A 42 -9.60 -14.95 -0.57
N THR A 43 -8.82 -13.92 -0.21
CA THR A 43 -8.47 -13.66 1.18
C THR A 43 -9.30 -12.52 1.79
N ASP A 44 -10.06 -11.81 0.95
CA ASP A 44 -10.88 -10.69 1.40
C ASP A 44 -9.99 -9.51 1.84
N GLN A 45 -8.82 -9.38 1.20
CA GLN A 45 -7.88 -8.30 1.53
C GLN A 45 -8.05 -7.14 0.54
N SER A 46 -7.31 -6.05 0.77
CA SER A 46 -7.39 -4.88 -0.11
C SER A 46 -6.03 -4.18 -0.25
N LEU A 47 -5.88 -3.40 -1.32
CA LEU A 47 -4.64 -2.67 -1.60
C LEU A 47 -4.94 -1.27 -2.14
N ILE A 48 -4.11 -0.29 -1.77
CA ILE A 48 -4.29 1.08 -2.22
C ILE A 48 -2.96 1.74 -2.61
N VAL A 49 -2.97 2.46 -3.73
CA VAL A 49 -1.78 3.16 -4.22
C VAL A 49 -2.14 4.59 -4.63
N GLU A 50 -1.56 5.57 -3.95
CA GLU A 50 -1.83 6.98 -4.25
C GLU A 50 -0.57 7.73 -4.67
N LEU A 51 -0.76 8.80 -5.45
CA LEU A 51 0.36 9.63 -5.92
C LEU A 51 0.18 11.07 -5.46
N LEU A 52 1.21 11.59 -4.79
CA LEU A 52 1.17 12.97 -4.29
C LEU A 52 2.50 13.69 -4.52
N GLU A 53 2.55 14.97 -4.17
CA GLU A 53 3.75 15.77 -4.33
C GLU A 53 4.40 16.05 -2.97
N LEU A 54 5.73 16.15 -2.96
CA LEU A 54 6.48 16.41 -1.73
C LEU A 54 6.01 17.70 -1.05
N GLN A 55 5.17 17.53 -0.03
CA GLN A 55 4.64 18.67 0.72
C GLN A 55 5.71 19.26 1.63
N ALA A 56 5.67 20.58 1.82
CA ALA A 56 6.64 21.28 2.66
C ALA A 56 6.90 20.52 3.97
N HIS A 57 8.05 19.85 4.04
CA HIS A 57 8.44 19.07 5.22
C HIS A 57 7.47 17.89 5.44
N VAL A 58 7.12 17.20 4.36
CA VAL A 58 6.21 16.06 4.44
C VAL A 58 6.54 15.03 3.37
N ARG A 59 7.45 14.10 3.70
CA ARG A 59 7.86 13.06 2.76
C ARG A 59 8.49 11.87 3.48
N GLY A 60 8.13 10.65 3.03
CA GLY A 60 8.66 9.44 3.63
C GLY A 60 8.32 9.30 5.10
N GLU A 61 9.34 9.21 5.94
CA GLU A 61 9.14 9.08 7.39
C GLU A 61 8.31 10.24 7.95
N ALA A 62 8.54 11.44 7.41
CA ALA A 62 7.82 12.62 7.84
C ALA A 62 6.40 12.64 7.28
N ALA A 63 6.25 12.15 6.05
CA ALA A 63 4.94 12.11 5.39
C ALA A 63 4.07 10.98 5.96
N ALA A 64 4.71 9.88 6.38
CA ALA A 64 3.98 8.74 6.93
C ALA A 64 3.16 9.15 8.15
N ARG A 65 3.81 9.76 9.14
CA ARG A 65 3.12 10.21 10.34
C ARG A 65 2.08 11.29 10.03
N TYR A 66 2.37 12.13 9.04
CA TYR A 66 1.47 13.20 8.63
C TYR A 66 0.23 12.64 7.93
N HIS A 67 0.45 11.78 6.92
CA HIS A 67 -0.65 11.17 6.17
C HIS A 67 -1.46 10.21 7.04
N PHE A 68 -0.77 9.48 7.92
CA PHE A 68 -1.44 8.53 8.80
C PHE A 68 -2.49 9.23 9.66
N GLU A 69 -2.10 10.32 10.32
CA GLU A 69 -3.03 11.08 11.16
C GLU A 69 -4.21 11.60 10.34
N ASP A 70 -3.95 11.88 9.06
CA ASP A 70 -5.00 12.38 8.17
C ASP A 70 -6.05 11.30 7.89
N VAL A 71 -5.62 10.04 7.91
CA VAL A 71 -6.53 8.91 7.67
C VAL A 71 -7.42 8.66 8.89
N GLY A 72 -6.78 8.57 10.06
CA GLY A 72 -7.50 8.34 11.30
C GLY A 72 -8.27 9.57 11.76
N GLY A 73 -8.17 10.67 11.00
CA GLY A 73 -8.86 11.89 11.35
C GLY A 73 -10.04 12.19 10.44
N VAL A 74 -9.92 11.78 9.17
CA VAL A 74 -10.98 12.01 8.19
C VAL A 74 -11.59 10.70 7.70
N GLN A 75 -11.54 9.66 8.55
CA GLN A 75 -12.09 8.35 8.20
C GLN A 75 -12.06 7.40 9.40
N GLY A 76 -12.81 7.75 10.45
CA GLY A 76 -12.86 6.93 11.65
C GLY A 76 -11.47 6.67 12.22
N ALA A 77 -11.26 5.46 12.74
CA ALA A 77 -9.96 5.08 13.31
C ALA A 77 -9.54 6.03 14.43
N ARG A 78 -10.10 5.82 15.63
CA ARG A 78 -9.78 6.66 16.77
C ARG A 78 -8.55 6.14 17.53
N ALA A 79 -8.73 5.08 18.31
CA ALA A 79 -7.62 4.50 19.07
C ALA A 79 -6.58 3.88 18.13
N VAL A 80 -5.45 4.56 17.98
CA VAL A 80 -4.39 4.09 17.09
C VAL A 80 -3.03 4.07 17.79
N HIS A 81 -2.32 2.96 17.67
CA HIS A 81 -1.00 2.82 18.27
C HIS A 81 0.09 2.75 17.21
N VAL A 82 1.34 2.78 17.63
CA VAL A 82 2.48 2.70 16.72
C VAL A 82 3.31 1.45 16.97
N GLU A 83 3.38 0.58 15.96
CA GLU A 83 4.13 -0.67 16.07
C GLU A 83 5.62 -0.43 15.83
N SER A 84 5.97 0.01 14.61
CA SER A 84 7.35 0.28 14.25
C SER A 84 7.45 0.68 12.77
N VAL A 85 8.68 0.94 12.32
CA VAL A 85 8.91 1.33 10.93
C VAL A 85 10.15 0.63 10.37
N GLN A 86 10.14 0.35 9.07
CA GLN A 86 11.26 -0.33 8.41
C GLN A 86 11.66 0.39 7.12
N PRO A 87 12.78 1.14 7.15
CA PRO A 87 13.28 1.86 5.98
C PRO A 87 13.94 0.91 4.97
N LEU A 88 13.75 1.17 3.67
CA LEU A 88 14.32 0.35 2.62
C LEU A 88 15.34 1.13 1.78
N SER A 89 16.18 0.40 1.04
CA SER A 89 17.20 1.02 0.19
C SER A 89 16.86 0.90 -1.30
N LEU A 90 17.74 1.46 -2.15
CA LEU A 90 17.54 1.42 -3.61
C LEU A 90 17.62 -0.02 -4.15
N GLU A 91 18.40 -0.86 -3.47
CA GLU A 91 18.56 -2.26 -3.89
C GLU A 91 17.21 -2.95 -4.05
N ASN A 92 16.24 -2.57 -3.20
CA ASN A 92 14.89 -3.15 -3.26
C ASN A 92 14.24 -2.94 -4.63
N LEU A 93 14.68 -1.92 -5.37
CA LEU A 93 14.11 -1.67 -6.68
C LEU A 93 14.64 -2.69 -7.68
N ALA A 94 13.77 -3.62 -8.07
CA ALA A 94 14.12 -4.67 -9.02
C ALA A 94 14.95 -4.13 -10.17
N LEU A 95 14.34 -3.27 -11.00
CA LEU A 95 15.06 -2.66 -12.11
C LEU A 95 16.15 -1.74 -11.57
N ARG A 96 15.90 -1.19 -10.37
CA ARG A 96 16.86 -0.31 -9.70
C ARG A 96 17.14 0.95 -10.55
N GLY A 97 16.07 1.65 -10.92
CA GLY A 97 16.21 2.87 -11.71
C GLY A 97 16.80 3.99 -10.88
N ARG A 98 15.98 4.98 -10.55
CA ARG A 98 16.45 6.07 -9.70
C ARG A 98 15.45 6.33 -8.58
N CYS A 99 15.82 5.90 -7.37
CA CYS A 99 14.97 6.07 -6.19
C CYS A 99 15.79 6.57 -5.01
N GLN A 100 15.36 7.70 -4.43
CA GLN A 100 16.07 8.28 -3.28
C GLN A 100 16.12 7.29 -2.11
N GLU A 101 14.95 6.75 -1.74
CA GLU A 101 14.86 5.79 -0.64
C GLU A 101 13.42 5.28 -0.48
N ALA A 102 13.20 4.40 0.49
CA ALA A 102 11.88 3.83 0.75
C ALA A 102 11.57 3.79 2.24
N TRP A 103 10.32 4.07 2.59
CA TRP A 103 9.89 4.09 3.98
C TRP A 103 8.69 3.15 4.20
N VAL A 104 8.72 2.41 5.32
CA VAL A 104 7.64 1.49 5.64
C VAL A 104 7.16 1.69 7.08
N LEU A 105 5.84 1.75 7.24
CA LEU A 105 5.24 1.94 8.56
C LEU A 105 4.11 0.92 8.80
N SER A 106 4.18 0.23 9.92
CA SER A 106 3.18 -0.77 10.28
C SER A 106 2.47 -0.41 11.58
N GLY A 107 1.14 -0.55 11.60
CA GLY A 107 0.38 -0.22 12.79
C GLY A 107 -1.09 -0.63 12.68
N LYS A 108 -1.88 -0.24 13.68
CA LYS A 108 -3.31 -0.55 13.71
C LYS A 108 -4.12 0.63 14.26
N GLN A 109 -5.41 0.66 13.93
CA GLN A 109 -6.30 1.73 14.39
C GLN A 109 -7.64 1.16 14.83
N GLN A 110 -8.38 1.94 15.62
CA GLN A 110 -9.69 1.51 16.11
C GLN A 110 -10.79 2.15 15.27
N ILE A 111 -11.19 1.46 14.20
CA ILE A 111 -12.23 1.99 13.33
C ILE A 111 -13.62 1.73 13.92
N ALA A 112 -14.13 2.76 14.60
CA ALA A 112 -15.43 2.70 15.25
C ALA A 112 -16.20 4.01 15.07
N LYS A 113 -17.38 3.93 14.44
CA LYS A 113 -18.22 5.10 14.21
C LYS A 113 -19.65 4.68 13.86
N GLU A 114 -20.63 5.42 14.38
CA GLU A 114 -22.05 5.13 14.15
C GLU A 114 -22.40 3.73 14.65
N ASN A 115 -21.96 3.42 15.88
CA ASN A 115 -22.23 2.12 16.49
C ASN A 115 -21.73 2.09 17.93
N GLN A 116 -20.51 2.59 18.15
CA GLN A 116 -19.89 2.61 19.48
C GLN A 116 -19.73 1.19 20.02
N GLN A 117 -19.46 0.24 19.12
CA GLN A 117 -19.28 -1.16 19.48
C GLN A 117 -18.28 -1.83 18.54
N VAL A 118 -18.53 -1.67 17.24
CA VAL A 118 -17.66 -2.26 16.21
C VAL A 118 -16.31 -1.54 16.16
N ALA A 119 -15.25 -2.26 16.53
CA ALA A 119 -13.90 -1.71 16.52
C ALA A 119 -12.85 -2.81 16.69
N LYS A 120 -11.95 -2.92 15.71
CA LYS A 120 -10.89 -3.93 15.74
C LYS A 120 -9.56 -3.31 15.31
N ASP A 121 -8.47 -3.72 15.95
CA ASP A 121 -7.14 -3.20 15.62
C ASP A 121 -6.64 -3.79 14.31
N VAL A 122 -7.19 -3.30 13.20
CA VAL A 122 -6.82 -3.78 11.87
C VAL A 122 -5.34 -3.51 11.58
N THR A 123 -4.67 -4.48 10.96
CA THR A 123 -3.26 -4.34 10.64
C THR A 123 -3.08 -3.80 9.22
N LEU A 124 -2.80 -2.49 9.13
CA LEU A 124 -2.62 -1.84 7.83
C LEU A 124 -1.16 -1.47 7.62
N HIS A 125 -0.55 -2.05 6.58
CA HIS A 125 0.85 -1.78 6.26
C HIS A 125 0.96 -0.58 5.31
N GLN A 126 1.85 0.35 5.66
CA GLN A 126 2.05 1.56 4.86
C GLN A 126 3.48 1.62 4.31
N ALA A 127 3.61 2.13 3.08
CA ALA A 127 4.91 2.27 2.44
C ALA A 127 4.97 3.57 1.65
N LEU A 128 5.90 4.46 2.03
CA LEU A 128 6.06 5.74 1.35
C LEU A 128 7.33 5.76 0.52
N LEU A 129 7.18 6.16 -0.75
CA LEU A 129 8.32 6.24 -1.66
C LEU A 129 8.53 7.67 -2.14
N ARG A 130 9.60 8.29 -1.66
CA ARG A 130 9.92 9.68 -2.04
C ARG A 130 10.96 9.69 -3.16
N LEU A 131 10.58 10.26 -4.30
CA LEU A 131 11.47 10.35 -5.46
C LEU A 131 11.81 11.80 -5.77
N PRO A 132 13.08 12.09 -6.11
CA PRO A 132 13.53 13.44 -6.43
C PRO A 132 13.28 13.84 -7.89
N GLN A 133 12.55 12.99 -8.63
CA GLN A 133 12.24 13.27 -10.04
C GLN A 133 11.57 14.63 -10.18
N TYR A 134 10.74 15.00 -9.20
CA TYR A 134 10.03 16.28 -9.19
C TYR A 134 9.32 16.49 -7.86
N GLN A 135 9.98 16.08 -6.76
CA GLN A 135 9.41 16.20 -5.42
C GLN A 135 8.06 15.48 -5.36
N THR A 136 8.11 14.15 -5.35
CA THR A 136 6.89 13.34 -5.31
C THR A 136 6.84 12.47 -4.06
N ASP A 137 5.62 12.05 -3.69
CA ASP A 137 5.41 11.20 -2.52
C ASP A 137 4.39 10.10 -2.84
N LEU A 138 4.88 8.87 -2.97
CA LEU A 138 4.01 7.73 -3.26
C LEU A 138 3.39 7.19 -1.98
N LEU A 139 2.05 7.04 -1.99
CA LEU A 139 1.32 6.54 -0.83
C LEU A 139 0.85 5.10 -1.06
N LEU A 140 1.22 4.20 -0.15
CA LEU A 140 0.84 2.80 -0.25
C LEU A 140 0.18 2.33 1.05
N THR A 141 -1.04 1.78 0.92
CA THR A 141 -1.78 1.29 2.08
C THR A 141 -2.20 -0.16 1.88
N PHE A 142 -1.95 -1.00 2.88
CA PHE A 142 -2.30 -2.41 2.83
C PHE A 142 -3.42 -2.71 3.83
N ASN A 143 -4.33 -3.62 3.45
CA ASN A 143 -5.44 -4.00 4.31
C ASN A 143 -5.29 -5.44 4.79
N GLN A 144 -5.31 -5.62 6.12
CA GLN A 144 -5.17 -6.96 6.70
C GLN A 144 -6.04 -7.08 7.95
N PRO A 145 -7.11 -7.88 7.88
CA PRO A 145 -8.02 -8.09 9.02
C PRO A 145 -7.35 -8.87 10.16
N PRO A 146 -7.54 -8.42 11.41
CA PRO A 146 -6.95 -9.06 12.60
C PRO A 146 -7.31 -10.54 12.71
N PRO A 147 -6.39 -11.36 13.27
CA PRO A 147 -6.60 -12.80 13.44
C PRO A 147 -7.60 -13.13 14.55
N ASP A 148 -8.08 -14.38 14.57
CA ASP A 148 -9.04 -14.84 15.58
C ASP A 148 -10.40 -14.18 15.37
N ASN A 149 -11.38 -14.98 14.94
CA ASN A 149 -12.73 -14.47 14.70
C ASN A 149 -13.78 -15.36 15.38
N ARG A 150 -13.88 -15.22 16.71
CA ARG A 150 -14.84 -16.00 17.51
C ARG A 150 -14.59 -17.49 17.37
N SER A 151 -13.53 -17.99 18.03
CA SER A 151 -13.19 -19.41 17.97
C SER A 151 -12.71 -19.93 19.32
N SER A 152 -13.10 -21.16 19.64
CA SER A 152 -12.70 -21.80 20.90
C SER A 152 -11.50 -22.72 20.68
N LEU A 153 -11.46 -23.42 19.55
CA LEU A 153 -10.38 -24.34 19.22
C LEU A 153 -10.02 -24.26 17.74
N GLY A 154 -8.90 -24.90 17.37
CA GLY A 154 -8.47 -24.91 15.98
C GLY A 154 -6.98 -25.21 15.83
N PRO A 155 -6.50 -25.39 14.57
CA PRO A 155 -5.08 -25.68 14.30
C PRO A 155 -4.13 -24.66 14.92
N GLU A 156 -2.95 -25.13 15.32
CA GLU A 156 -1.94 -24.26 15.92
C GLU A 156 -0.64 -24.27 15.12
N ASN A 157 -0.72 -24.55 13.82
CA ASN A 157 0.47 -24.58 12.95
C ASN A 157 0.19 -23.93 11.59
N LEU A 158 -0.68 -22.91 11.58
CA LEU A 158 -1.03 -22.18 10.36
C LEU A 158 -1.64 -23.13 9.31
N SER A 159 -2.94 -23.36 9.43
CA SER A 159 -3.65 -24.23 8.50
C SER A 159 -3.77 -23.58 7.11
N PRO A 160 -4.43 -22.39 7.02
CA PRO A 160 -4.59 -21.69 5.73
C PRO A 160 -3.31 -21.00 5.28
N ALA A 161 -3.40 -20.23 4.18
CA ALA A 161 -2.23 -19.53 3.66
C ALA A 161 -2.55 -18.05 3.38
N PRO A 162 -2.80 -17.26 4.46
CA PRO A 162 -3.12 -15.83 4.33
C PRO A 162 -1.92 -15.00 3.90
N TRP A 163 -2.17 -13.90 3.17
CA TRP A 163 -1.12 -13.03 2.69
C TRP A 163 -0.47 -12.27 3.85
N SER A 164 0.87 -12.25 3.86
CA SER A 164 1.61 -11.56 4.91
C SER A 164 2.54 -10.49 4.32
N LEU A 165 3.62 -10.17 5.04
CA LEU A 165 4.59 -9.16 4.57
C LEU A 165 5.12 -9.50 3.17
N GLY A 166 5.13 -10.79 2.83
CA GLY A 166 5.61 -11.22 1.51
C GLY A 166 4.94 -10.46 0.38
N ASP A 167 3.61 -10.36 0.43
CA ASP A 167 2.85 -9.64 -0.60
C ASP A 167 3.20 -8.15 -0.57
N PHE A 168 3.35 -7.61 0.64
CA PHE A 168 3.71 -6.20 0.83
C PHE A 168 5.05 -5.90 0.16
N GLU A 169 6.02 -6.80 0.33
CA GLU A 169 7.34 -6.65 -0.27
C GLU A 169 7.23 -6.48 -1.79
N GLN A 170 6.38 -7.29 -2.41
CA GLN A 170 6.17 -7.21 -3.86
C GLN A 170 5.65 -5.83 -4.27
N LEU A 171 4.79 -5.25 -3.41
CA LEU A 171 4.24 -3.92 -3.69
C LEU A 171 5.33 -2.86 -3.67
N VAL A 172 6.41 -3.11 -2.92
CA VAL A 172 7.52 -2.16 -2.88
C VAL A 172 8.17 -2.07 -4.25
N THR A 173 8.25 -3.21 -4.93
CA THR A 173 8.81 -3.28 -6.27
C THR A 173 7.75 -2.97 -7.33
N SER A 174 6.52 -2.68 -6.89
CA SER A 174 5.41 -2.38 -7.79
C SER A 174 5.59 -1.00 -8.46
N LEU A 175 6.72 -0.35 -8.25
CA LEU A 175 6.99 0.95 -8.86
C LEU A 175 8.24 0.88 -9.74
N THR A 176 8.41 -0.25 -10.44
CA THR A 176 9.58 -0.44 -11.31
C THR A 176 9.53 0.50 -12.51
N LEU A 177 10.58 1.31 -12.67
CA LEU A 177 10.67 2.26 -13.77
C LEU A 177 11.36 1.65 -14.97
N HIS A 178 10.70 1.70 -16.13
CA HIS A 178 11.27 1.14 -17.36
C HIS A 178 11.54 2.24 -18.39
N ASP A 179 10.48 2.96 -18.78
CA ASP A 179 10.61 4.05 -19.74
C ASP A 179 10.45 5.41 -19.06
N PRO A 180 11.52 6.21 -19.02
CA PRO A 180 11.48 7.54 -18.38
C PRO A 180 10.88 8.61 -19.30
N ASN A 181 9.70 8.33 -19.85
CA ASN A 181 9.02 9.25 -20.74
C ASN A 181 8.11 10.22 -19.98
N ILE A 182 8.21 10.21 -18.64
CA ILE A 182 7.40 11.09 -17.81
C ILE A 182 8.28 11.95 -16.89
N PHE A 183 9.49 12.25 -17.34
CA PHE A 183 10.42 13.06 -16.56
C PHE A 183 10.84 14.32 -17.31
N GLY A 184 10.93 14.22 -18.64
CA GLY A 184 11.31 15.37 -19.44
C GLY A 184 10.14 16.31 -19.70
N PRO A 185 9.84 16.63 -20.97
CA PRO A 185 8.73 17.52 -21.32
C PRO A 185 7.40 17.06 -20.72
N GLN A 186 7.26 15.74 -20.56
CA GLN A 186 6.03 15.16 -19.99
C GLN A 186 5.96 15.42 -18.48
N MET A 1 11.33 -17.80 -17.62
CA MET A 1 11.07 -16.42 -17.10
C MET A 1 10.52 -16.47 -15.67
N GLU A 2 10.28 -15.29 -15.09
CA GLU A 2 9.76 -15.19 -13.73
C GLU A 2 8.45 -14.40 -13.69
N PRO A 3 7.69 -14.50 -12.57
CA PRO A 3 6.42 -13.79 -12.41
C PRO A 3 6.53 -12.29 -12.66
N THR A 4 5.46 -11.71 -13.24
CA THR A 4 5.43 -10.29 -13.54
C THR A 4 4.02 -9.85 -13.96
N ARG A 5 3.39 -9.01 -13.14
CA ARG A 5 2.06 -8.51 -13.44
C ARG A 5 2.08 -6.98 -13.53
N ASP A 6 3.12 -6.46 -14.19
CA ASP A 6 3.30 -5.01 -14.37
C ASP A 6 2.18 -4.44 -15.26
N CYS A 7 1.48 -3.42 -14.74
CA CYS A 7 0.39 -2.79 -15.48
C CYS A 7 0.74 -1.35 -15.88
N PRO A 8 0.43 -0.95 -17.13
CA PRO A 8 0.71 0.40 -17.63
C PRO A 8 0.09 1.50 -16.77
N LEU A 9 0.89 2.53 -16.46
CA LEU A 9 0.40 3.64 -15.64
C LEU A 9 0.49 4.96 -16.42
N PHE A 10 -0.68 5.53 -16.72
CA PHE A 10 -0.77 6.79 -17.45
C PHE A 10 -0.07 6.69 -18.81
N GLY A 11 -0.42 5.67 -19.58
CA GLY A 11 0.18 5.48 -20.89
C GLY A 11 1.35 4.51 -20.89
N GLY A 12 1.86 4.17 -19.72
CA GLY A 12 2.97 3.24 -19.62
C GLY A 12 4.23 3.88 -19.05
N ALA A 13 4.08 4.95 -18.27
CA ALA A 13 5.21 5.63 -17.66
C ALA A 13 5.73 4.84 -16.45
N PHE A 14 4.82 4.19 -15.75
CA PHE A 14 5.16 3.38 -14.59
C PHE A 14 4.60 1.97 -14.73
N SER A 15 5.23 1.02 -14.05
CA SER A 15 4.80 -0.37 -14.10
C SER A 15 4.45 -0.87 -12.71
N ALA A 16 3.17 -1.16 -12.49
CA ALA A 16 2.70 -1.63 -11.19
C ALA A 16 2.45 -3.13 -11.19
N ILE A 17 3.15 -3.84 -10.31
CA ILE A 17 3.01 -5.29 -10.19
C ILE A 17 1.79 -5.64 -9.34
N LEU A 18 1.02 -6.63 -9.79
CA LEU A 18 -0.20 -7.05 -9.10
C LEU A 18 -0.09 -8.51 -8.64
N PRO A 19 -0.65 -8.84 -7.45
CA PRO A 19 -0.61 -10.21 -6.91
C PRO A 19 -1.30 -11.21 -7.84
N MET A 20 -1.10 -12.51 -7.55
CA MET A 20 -1.70 -13.57 -8.36
C MET A 20 -3.23 -13.51 -8.36
N GLY A 21 -3.82 -13.05 -7.25
CA GLY A 21 -5.26 -12.95 -7.15
C GLY A 21 -5.76 -11.51 -7.13
N ALA A 22 -5.02 -10.61 -7.77
CA ALA A 22 -5.39 -9.19 -7.83
C ALA A 22 -6.56 -8.96 -8.77
N ILE A 23 -7.59 -8.29 -8.27
CA ILE A 23 -8.79 -8.00 -9.06
C ILE A 23 -9.21 -6.53 -8.87
N ASP A 24 -9.41 -5.84 -9.99
CA ASP A 24 -9.80 -4.44 -9.96
C ASP A 24 -11.26 -4.27 -9.52
N VAL A 25 -11.46 -3.64 -8.36
CA VAL A 25 -12.81 -3.43 -7.84
C VAL A 25 -13.48 -2.20 -8.46
N SER A 26 -12.89 -1.66 -9.54
CA SER A 26 -13.46 -0.50 -10.23
C SER A 26 -14.84 -0.82 -10.79
N ASP A 27 -15.08 -2.11 -11.08
CA ASP A 27 -16.36 -2.53 -11.63
C ASP A 27 -17.44 -2.56 -10.55
N LEU A 28 -17.06 -2.89 -9.32
CA LEU A 28 -18.00 -2.95 -8.20
C LEU A 28 -18.05 -1.63 -7.43
N ARG A 29 -16.95 -0.87 -7.44
CA ARG A 29 -16.89 0.40 -6.73
C ARG A 29 -16.09 1.44 -7.52
N PRO A 30 -16.17 2.73 -7.13
CA PRO A 30 -15.44 3.82 -7.82
C PRO A 30 -13.93 3.65 -7.75
N VAL A 31 -13.22 4.11 -8.79
CA VAL A 31 -11.77 4.00 -8.84
C VAL A 31 -11.12 5.33 -9.24
N PRO A 32 -10.41 5.97 -8.29
CA PRO A 32 -9.73 7.26 -8.53
C PRO A 32 -8.70 7.20 -9.65
N ASP A 33 -8.31 8.37 -10.15
CA ASP A 33 -7.33 8.46 -11.23
C ASP A 33 -5.90 8.39 -10.69
N ASN A 34 -5.65 9.05 -9.55
CA ASN A 34 -4.33 9.06 -8.94
C ASN A 34 -4.21 8.02 -7.82
N GLN A 35 -5.00 6.95 -7.92
CA GLN A 35 -4.98 5.88 -6.92
C GLN A 35 -5.23 4.52 -7.55
N GLU A 36 -5.25 3.47 -6.72
CA GLU A 36 -5.49 2.12 -7.20
C GLU A 36 -6.15 1.25 -6.12
N VAL A 37 -7.33 0.72 -6.44
CA VAL A 37 -8.06 -0.13 -5.49
C VAL A 37 -8.16 -1.56 -6.02
N PHE A 38 -7.31 -2.44 -5.50
CA PHE A 38 -7.29 -3.84 -5.90
C PHE A 38 -7.71 -4.75 -4.76
N CYS A 39 -8.32 -5.88 -5.10
CA CYS A 39 -8.79 -6.84 -4.11
C CYS A 39 -8.32 -8.25 -4.45
N HIS A 40 -8.37 -9.15 -3.46
CA HIS A 40 -7.95 -10.54 -3.65
C HIS A 40 -9.05 -11.48 -3.17
N PRO A 41 -9.84 -12.04 -4.10
CA PRO A 41 -10.94 -12.96 -3.76
C PRO A 41 -10.46 -14.36 -3.39
N VAL A 42 -9.69 -14.45 -2.29
CA VAL A 42 -9.18 -15.74 -1.81
C VAL A 42 -9.14 -15.77 -0.29
N THR A 43 -8.32 -14.91 0.29
CA THR A 43 -8.18 -14.83 1.75
C THR A 43 -8.99 -13.65 2.31
N ASP A 44 -9.66 -12.90 1.43
CA ASP A 44 -10.46 -11.75 1.83
C ASP A 44 -9.57 -10.56 2.19
N GLN A 45 -8.63 -10.25 1.31
CA GLN A 45 -7.70 -9.14 1.52
C GLN A 45 -7.85 -8.09 0.41
N SER A 46 -7.29 -6.90 0.64
CA SER A 46 -7.35 -5.81 -0.34
C SER A 46 -6.05 -5.01 -0.39
N LEU A 47 -5.84 -4.32 -1.50
CA LEU A 47 -4.63 -3.50 -1.70
C LEU A 47 -5.01 -2.12 -2.26
N ILE A 48 -4.49 -1.06 -1.62
CA ILE A 48 -4.77 0.31 -2.05
C ILE A 48 -3.48 1.10 -2.28
N VAL A 49 -3.50 1.97 -3.29
CA VAL A 49 -2.33 2.81 -3.63
C VAL A 49 -2.76 4.24 -3.93
N GLU A 50 -1.86 5.20 -3.66
CA GLU A 50 -2.14 6.61 -3.89
C GLU A 50 -0.90 7.35 -4.42
N LEU A 51 -1.13 8.31 -5.33
CA LEU A 51 -0.05 9.10 -5.90
C LEU A 51 -0.16 10.56 -5.45
N LEU A 52 0.91 11.08 -4.87
CA LEU A 52 0.94 12.46 -4.38
C LEU A 52 2.26 13.15 -4.72
N GLU A 53 2.37 14.43 -4.36
CA GLU A 53 3.59 15.20 -4.61
C GLU A 53 4.19 15.69 -3.31
N LEU A 54 5.52 15.66 -3.23
CA LEU A 54 6.25 16.09 -2.03
C LEU A 54 5.79 17.48 -1.58
N GLN A 55 5.10 17.53 -0.43
CA GLN A 55 4.59 18.79 0.11
C GLN A 55 5.62 19.43 1.04
N ALA A 56 6.09 20.61 0.66
CA ALA A 56 7.09 21.35 1.44
C ALA A 56 8.41 20.57 1.54
N HIS A 57 8.46 19.61 2.47
CA HIS A 57 9.66 18.80 2.66
C HIS A 57 9.35 17.56 3.51
N VAL A 58 8.14 17.02 3.37
CA VAL A 58 7.74 15.85 4.13
C VAL A 58 8.22 14.56 3.44
N ARG A 59 9.26 13.94 4.01
CA ARG A 59 9.82 12.72 3.45
C ARG A 59 10.61 11.94 4.50
N GLY A 60 10.69 10.63 4.31
CA GLY A 60 11.41 9.77 5.24
C GLY A 60 10.49 9.04 6.19
N GLU A 61 10.86 9.01 7.47
CA GLU A 61 10.05 8.35 8.49
C GLU A 61 8.86 9.21 8.91
N ALA A 62 9.00 10.54 8.81
CA ALA A 62 7.93 11.46 9.17
C ALA A 62 6.86 11.51 8.09
N ALA A 63 7.26 11.23 6.85
CA ALA A 63 6.32 11.25 5.72
C ALA A 63 5.18 10.26 5.94
N ALA A 64 5.53 9.03 6.35
CA ALA A 64 4.53 7.99 6.59
C ALA A 64 3.54 8.43 7.66
N ARG A 65 4.05 8.96 8.77
CA ARG A 65 3.20 9.42 9.86
C ARG A 65 2.37 10.63 9.45
N TYR A 66 2.97 11.52 8.66
CA TYR A 66 2.28 12.72 8.18
C TYR A 66 1.02 12.35 7.40
N HIS A 67 1.18 11.57 6.34
CA HIS A 67 0.04 11.15 5.52
C HIS A 67 -0.91 10.26 6.33
N PHE A 68 -0.35 9.50 7.26
CA PHE A 68 -1.16 8.62 8.12
C PHE A 68 -2.24 9.42 8.85
N GLU A 69 -1.83 10.51 9.50
CA GLU A 69 -2.76 11.36 10.23
C GLU A 69 -3.80 11.99 9.30
N ASP A 70 -3.38 12.26 8.05
CA ASP A 70 -4.28 12.86 7.07
C ASP A 70 -5.44 11.92 6.75
N VAL A 71 -5.16 10.62 6.73
CA VAL A 71 -6.19 9.61 6.44
C VAL A 71 -7.00 9.30 7.70
N GLY A 72 -6.30 8.94 8.78
CA GLY A 72 -6.96 8.63 10.04
C GLY A 72 -7.68 9.82 10.65
N GLY A 73 -7.33 11.03 10.18
CA GLY A 73 -7.95 12.24 10.69
C GLY A 73 -9.29 12.54 10.05
N VAL A 74 -9.45 12.19 8.78
CA VAL A 74 -10.70 12.42 8.05
C VAL A 74 -11.43 11.12 7.77
N GLN A 75 -11.32 10.16 8.70
CA GLN A 75 -11.98 8.85 8.55
C GLN A 75 -12.15 8.14 9.90
N GLY A 76 -12.44 8.92 10.95
CA GLY A 76 -12.63 8.34 12.28
C GLY A 76 -11.31 8.13 13.01
N ALA A 77 -10.99 6.87 13.31
CA ALA A 77 -9.76 6.53 14.01
C ALA A 77 -9.64 7.27 15.34
N ARG A 78 -10.31 6.74 16.37
CA ARG A 78 -10.28 7.37 17.69
C ARG A 78 -9.08 6.90 18.53
N ALA A 79 -8.58 5.70 18.23
CA ALA A 79 -7.44 5.15 18.95
C ALA A 79 -6.44 4.54 17.98
N VAL A 80 -5.31 5.22 17.79
CA VAL A 80 -4.28 4.75 16.87
C VAL A 80 -2.92 4.61 17.56
N HIS A 81 -2.33 3.42 17.46
CA HIS A 81 -1.02 3.16 18.05
C HIS A 81 0.03 2.94 16.97
N VAL A 82 1.29 2.83 17.38
CA VAL A 82 2.39 2.61 16.43
C VAL A 82 3.13 1.30 16.75
N GLU A 83 3.08 0.36 15.81
CA GLU A 83 3.75 -0.93 16.00
C GLU A 83 5.25 -0.80 15.71
N SER A 84 5.60 -0.43 14.48
CA SER A 84 6.99 -0.27 14.07
C SER A 84 7.09 0.17 12.62
N VAL A 85 8.24 0.74 12.24
CA VAL A 85 8.46 1.19 10.86
C VAL A 85 9.55 0.37 10.19
N GLN A 86 9.29 -0.07 8.95
CA GLN A 86 10.25 -0.86 8.20
C GLN A 86 11.01 0.00 7.19
N PRO A 87 12.29 0.31 7.48
CA PRO A 87 13.12 1.13 6.58
C PRO A 87 13.46 0.39 5.29
N LEU A 88 13.12 1.00 4.15
CA LEU A 88 13.39 0.40 2.84
C LEU A 88 14.72 0.90 2.26
N SER A 89 15.15 0.32 1.15
CA SER A 89 16.40 0.71 0.50
C SER A 89 16.30 0.56 -1.02
N LEU A 90 17.41 0.87 -1.72
CA LEU A 90 17.45 0.78 -3.18
C LEU A 90 17.51 -0.67 -3.65
N GLU A 91 18.23 -1.51 -2.90
CA GLU A 91 18.36 -2.93 -3.24
C GLU A 91 17.00 -3.60 -3.34
N ASN A 92 16.05 -3.17 -2.50
CA ASN A 92 14.70 -3.73 -2.50
C ASN A 92 14.01 -3.49 -3.84
N LEU A 93 14.40 -2.44 -4.56
CA LEU A 93 13.80 -2.15 -5.85
C LEU A 93 14.41 -3.02 -6.93
N ALA A 94 13.65 -4.04 -7.35
CA ALA A 94 14.08 -4.98 -8.38
C ALA A 94 14.71 -4.25 -9.57
N LEU A 95 13.92 -3.38 -10.22
CA LEU A 95 14.42 -2.60 -11.34
C LEU A 95 15.39 -1.53 -10.84
N ARG A 96 15.23 -1.15 -9.56
CA ARG A 96 16.06 -0.15 -8.90
C ARG A 96 15.89 1.24 -9.53
N GLY A 97 16.44 1.44 -10.73
CA GLY A 97 16.33 2.73 -11.40
C GLY A 97 16.93 3.83 -10.55
N ARG A 98 16.17 4.89 -10.30
CA ARG A 98 16.67 5.97 -9.46
C ARG A 98 15.71 6.20 -8.29
N CYS A 99 16.13 5.73 -7.12
CA CYS A 99 15.33 5.88 -5.91
C CYS A 99 16.18 6.37 -4.74
N GLN A 100 15.87 7.57 -4.26
CA GLN A 100 16.62 8.17 -3.15
C GLN A 100 16.48 7.32 -1.88
N GLU A 101 15.26 6.97 -1.52
CA GLU A 101 15.01 6.17 -0.32
C GLU A 101 13.53 5.78 -0.20
N ALA A 102 13.21 5.02 0.85
CA ALA A 102 11.85 4.57 1.09
C ALA A 102 11.65 4.11 2.54
N TRP A 103 10.45 4.30 3.07
CA TRP A 103 10.15 3.92 4.44
C TRP A 103 8.81 3.18 4.53
N VAL A 104 8.57 2.52 5.67
CA VAL A 104 7.34 1.77 5.88
C VAL A 104 6.79 2.00 7.29
N LEU A 105 5.47 1.94 7.43
CA LEU A 105 4.81 2.16 8.72
C LEU A 105 3.63 1.19 8.90
N SER A 106 3.62 0.48 10.03
CA SER A 106 2.55 -0.47 10.34
C SER A 106 1.86 -0.10 11.64
N GLY A 107 0.52 -0.08 11.62
CA GLY A 107 -0.25 0.27 12.81
C GLY A 107 -1.73 0.01 12.65
N LYS A 108 -2.51 0.43 13.65
CA LYS A 108 -3.96 0.24 13.64
C LYS A 108 -4.67 1.46 14.24
N GLN A 109 -5.97 1.59 13.95
CA GLN A 109 -6.77 2.69 14.46
C GLN A 109 -8.14 2.20 14.92
N GLN A 110 -8.81 2.98 15.77
CA GLN A 110 -10.13 2.60 16.26
C GLN A 110 -11.20 3.42 15.54
N ILE A 111 -11.63 2.93 14.38
CA ILE A 111 -12.65 3.63 13.61
C ILE A 111 -14.05 3.38 14.14
N ALA A 112 -14.53 4.35 14.92
CA ALA A 112 -15.85 4.27 15.52
C ALA A 112 -16.94 4.56 14.47
N LYS A 113 -18.11 3.96 14.66
CA LYS A 113 -19.22 4.13 13.73
C LYS A 113 -20.17 5.23 14.21
N GLU A 114 -21.10 5.62 13.32
CA GLU A 114 -22.07 6.66 13.65
C GLU A 114 -22.88 6.27 14.89
N ASN A 115 -23.11 4.96 15.06
CA ASN A 115 -23.85 4.45 16.20
C ASN A 115 -22.98 4.49 17.47
N GLN A 116 -21.66 4.47 17.28
CA GLN A 116 -20.72 4.49 18.41
C GLN A 116 -20.83 3.21 19.24
N GLN A 117 -19.97 3.10 20.25
CA GLN A 117 -19.96 1.92 21.13
C GLN A 117 -19.50 0.66 20.37
N VAL A 118 -19.01 0.84 19.14
CA VAL A 118 -18.53 -0.27 18.32
C VAL A 118 -17.24 0.10 17.59
N ALA A 119 -16.16 -0.63 17.89
CA ALA A 119 -14.86 -0.38 17.27
C ALA A 119 -14.35 -1.60 16.51
N LYS A 120 -13.37 -1.38 15.62
CA LYS A 120 -12.79 -2.46 14.84
C LYS A 120 -11.31 -2.21 14.56
N ASP A 121 -10.47 -3.12 15.05
CA ASP A 121 -9.02 -3.01 14.87
C ASP A 121 -8.63 -3.34 13.43
N VAL A 122 -7.96 -2.41 12.77
CA VAL A 122 -7.53 -2.61 11.38
C VAL A 122 -6.01 -2.48 11.24
N THR A 123 -5.38 -3.56 10.78
CA THR A 123 -3.93 -3.57 10.60
C THR A 123 -3.58 -3.23 9.16
N LEU A 124 -3.27 -1.96 8.92
CA LEU A 124 -2.92 -1.50 7.58
C LEU A 124 -1.43 -1.21 7.47
N HIS A 125 -0.82 -1.70 6.39
CA HIS A 125 0.60 -1.50 6.14
C HIS A 125 0.81 -0.39 5.13
N GLN A 126 1.36 0.73 5.58
CA GLN A 126 1.61 1.87 4.71
C GLN A 126 3.10 2.02 4.39
N ALA A 127 3.41 2.34 3.13
CA ALA A 127 4.78 2.53 2.70
C ALA A 127 4.97 3.89 2.06
N LEU A 128 5.99 4.63 2.50
CA LEU A 128 6.27 5.96 1.98
C LEU A 128 7.57 5.98 1.17
N LEU A 129 7.45 6.19 -0.14
CA LEU A 129 8.62 6.25 -1.02
C LEU A 129 8.56 7.49 -1.89
N ARG A 130 9.41 8.47 -1.57
CA ARG A 130 9.45 9.73 -2.32
C ARG A 130 10.67 9.76 -3.23
N LEU A 131 10.45 10.18 -4.47
CA LEU A 131 11.53 10.26 -5.46
C LEU A 131 11.84 11.71 -5.79
N PRO A 132 13.14 12.06 -5.94
CA PRO A 132 13.57 13.42 -6.24
C PRO A 132 13.39 13.79 -7.72
N GLN A 133 12.75 12.91 -8.50
CA GLN A 133 12.51 13.18 -9.92
C GLN A 133 11.80 14.51 -10.11
N TYR A 134 10.89 14.82 -9.19
CA TYR A 134 10.12 16.07 -9.24
C TYR A 134 9.31 16.24 -7.95
N GLN A 135 9.88 15.81 -6.82
CA GLN A 135 9.20 15.90 -5.53
C GLN A 135 7.90 15.10 -5.58
N THR A 136 8.00 13.79 -5.57
CA THR A 136 6.83 12.92 -5.62
C THR A 136 6.68 12.11 -4.33
N ASP A 137 5.44 11.72 -4.03
CA ASP A 137 5.13 10.95 -2.84
C ASP A 137 4.23 9.75 -3.18
N LEU A 138 4.79 8.53 -3.05
CA LEU A 138 4.02 7.32 -3.33
C LEU A 138 3.62 6.60 -2.04
N LEU A 139 2.32 6.35 -1.90
CA LEU A 139 1.78 5.68 -0.71
C LEU A 139 0.98 4.43 -1.09
N LEU A 140 1.17 3.36 -0.33
CA LEU A 140 0.46 2.11 -0.57
C LEU A 140 0.00 1.49 0.75
N THR A 141 -1.27 1.07 0.79
CA THR A 141 -1.85 0.47 1.99
C THR A 141 -2.17 -1.01 1.77
N PHE A 142 -2.06 -1.79 2.85
CA PHE A 142 -2.33 -3.23 2.81
C PHE A 142 -3.41 -3.61 3.81
N ASN A 143 -4.54 -4.11 3.31
CA ASN A 143 -5.65 -4.52 4.18
C ASN A 143 -5.40 -5.91 4.76
N GLN A 144 -5.35 -5.99 6.09
CA GLN A 144 -5.12 -7.26 6.78
C GLN A 144 -5.86 -7.30 8.10
N PRO A 145 -6.99 -8.06 8.16
CA PRO A 145 -7.80 -8.19 9.37
C PRO A 145 -7.04 -8.90 10.50
N PRO A 146 -6.80 -8.18 11.62
CA PRO A 146 -6.08 -8.75 12.77
C PRO A 146 -6.93 -9.73 13.57
N PRO A 147 -6.50 -11.01 13.66
CA PRO A 147 -7.23 -12.05 14.39
C PRO A 147 -7.54 -11.65 15.83
N ASP A 148 -8.81 -11.77 16.22
CA ASP A 148 -9.25 -11.42 17.57
C ASP A 148 -9.51 -12.68 18.40
N ASN A 149 -8.69 -13.70 18.18
CA ASN A 149 -8.82 -14.97 18.92
C ASN A 149 -7.52 -15.29 19.66
N ARG A 150 -7.52 -16.39 20.43
CA ARG A 150 -6.34 -16.81 21.18
C ARG A 150 -5.53 -17.85 20.39
N SER A 151 -5.54 -17.72 19.06
CA SER A 151 -4.81 -18.64 18.19
C SER A 151 -3.84 -17.89 17.28
N SER A 152 -3.07 -18.64 16.49
CA SER A 152 -2.10 -18.06 15.56
C SER A 152 -1.85 -18.96 14.35
N LEU A 153 -1.72 -20.27 14.61
CA LEU A 153 -1.48 -21.26 13.56
C LEU A 153 -2.51 -21.17 12.43
N GLY A 154 -2.10 -21.59 11.22
CA GLY A 154 -2.99 -21.56 10.07
C GLY A 154 -2.54 -22.51 8.97
N PRO A 155 -3.44 -22.79 7.99
CA PRO A 155 -3.14 -23.69 6.88
C PRO A 155 -1.90 -23.26 6.07
N GLU A 156 -1.14 -24.25 5.60
CA GLU A 156 0.07 -24.01 4.81
C GLU A 156 1.19 -23.43 5.67
N ASN A 157 2.14 -24.28 6.05
CA ASN A 157 3.26 -23.86 6.88
C ASN A 157 4.56 -23.77 6.08
N LEU A 158 4.75 -24.69 5.14
CA LEU A 158 5.94 -24.71 4.31
C LEU A 158 5.79 -23.79 3.09
N SER A 159 4.55 -23.71 2.57
CA SER A 159 4.26 -22.88 1.41
C SER A 159 3.44 -21.65 1.80
N PRO A 160 3.86 -20.45 1.36
CA PRO A 160 3.16 -19.20 1.67
C PRO A 160 1.87 -19.02 0.86
N ALA A 161 0.77 -19.57 1.36
CA ALA A 161 -0.51 -19.48 0.68
C ALA A 161 -1.08 -18.05 0.73
N PRO A 162 -1.32 -17.51 1.95
CA PRO A 162 -1.86 -16.15 2.11
C PRO A 162 -0.83 -15.06 1.76
N TRP A 163 -1.20 -13.80 1.97
CA TRP A 163 -0.31 -12.68 1.68
C TRP A 163 0.24 -12.06 2.95
N SER A 164 1.56 -12.19 3.15
CA SER A 164 2.23 -11.65 4.33
C SER A 164 3.10 -10.43 3.95
N LEU A 165 4.11 -10.12 4.78
CA LEU A 165 5.00 -8.99 4.51
C LEU A 165 5.62 -9.07 3.12
N GLY A 166 5.84 -10.30 2.63
CA GLY A 166 6.42 -10.48 1.32
C GLY A 166 5.65 -9.76 0.23
N ASP A 167 4.32 -9.89 0.24
CA ASP A 167 3.47 -9.24 -0.75
C ASP A 167 3.58 -7.72 -0.65
N PHE A 168 3.73 -7.22 0.57
CA PHE A 168 3.86 -5.79 0.81
C PHE A 168 5.08 -5.22 0.06
N GLU A 169 6.21 -5.91 0.20
CA GLU A 169 7.45 -5.48 -0.46
C GLU A 169 7.26 -5.44 -1.98
N GLN A 170 6.41 -6.34 -2.49
CA GLN A 170 6.12 -6.41 -3.91
C GLN A 170 5.44 -5.11 -4.40
N LEU A 171 4.60 -4.52 -3.56
CA LEU A 171 3.91 -3.27 -3.91
C LEU A 171 4.92 -2.14 -4.07
N VAL A 172 6.00 -2.17 -3.30
CA VAL A 172 7.04 -1.15 -3.37
C VAL A 172 7.71 -1.20 -4.74
N THR A 173 7.93 -2.40 -5.25
CA THR A 173 8.55 -2.59 -6.56
C THR A 173 7.54 -2.33 -7.69
N SER A 174 6.27 -2.09 -7.32
CA SER A 174 5.23 -1.83 -8.29
C SER A 174 5.36 -0.43 -8.93
N LEU A 175 6.52 0.20 -8.79
CA LEU A 175 6.76 1.51 -9.38
C LEU A 175 8.03 1.50 -10.23
N THR A 176 8.33 0.36 -10.85
CA THR A 176 9.53 0.21 -11.68
C THR A 176 9.52 1.21 -12.84
N LEU A 177 10.54 2.08 -12.88
CA LEU A 177 10.65 3.09 -13.91
C LEU A 177 11.51 2.60 -15.08
N HIS A 178 10.89 2.44 -16.24
CA HIS A 178 11.60 1.99 -17.44
C HIS A 178 11.82 3.14 -18.41
N ASP A 179 10.73 3.71 -18.91
CA ASP A 179 10.82 4.82 -19.85
C ASP A 179 10.44 6.15 -19.18
N PRO A 180 11.41 7.05 -18.97
CA PRO A 180 11.19 8.35 -18.33
C PRO A 180 10.52 9.36 -19.27
N ASN A 181 9.37 8.99 -19.81
CA ASN A 181 8.62 9.87 -20.73
C ASN A 181 7.99 11.03 -19.98
N ILE A 182 7.64 10.81 -18.71
CA ILE A 182 7.03 11.83 -17.88
C ILE A 182 8.07 12.64 -17.09
N PHE A 183 9.27 12.78 -17.66
CA PHE A 183 10.34 13.53 -17.02
C PHE A 183 10.59 14.86 -17.71
N GLY A 184 10.39 14.88 -19.03
CA GLY A 184 10.59 16.11 -19.79
C GLY A 184 9.29 16.83 -20.07
N PRO A 185 8.47 16.31 -21.01
CA PRO A 185 7.17 16.92 -21.36
C PRO A 185 6.14 16.79 -20.23
N GLN A 186 6.38 15.89 -19.28
CA GLN A 186 5.47 15.70 -18.15
C GLN A 186 6.21 15.68 -16.82
N MET A 1 8.74 -19.45 -18.60
CA MET A 1 9.79 -19.76 -17.57
C MET A 1 9.80 -18.71 -16.44
N GLU A 2 9.61 -17.44 -16.80
CA GLU A 2 9.60 -16.36 -15.81
C GLU A 2 8.28 -15.58 -15.85
N PRO A 3 7.31 -15.95 -14.99
CA PRO A 3 6.00 -15.30 -14.93
C PRO A 3 6.05 -13.90 -14.33
N THR A 4 5.36 -12.97 -14.97
CA THR A 4 5.32 -11.57 -14.51
C THR A 4 4.21 -10.80 -15.23
N ARG A 5 3.16 -10.44 -14.50
CA ARG A 5 2.05 -9.69 -15.07
C ARG A 5 2.20 -8.20 -14.78
N ASP A 6 2.85 -7.49 -15.70
CA ASP A 6 3.08 -6.06 -15.55
C ASP A 6 1.89 -5.26 -16.10
N CYS A 7 1.48 -4.23 -15.36
CA CYS A 7 0.36 -3.39 -15.76
C CYS A 7 0.84 -1.99 -16.14
N PRO A 8 0.19 -1.36 -17.15
CA PRO A 8 0.54 -0.01 -17.62
C PRO A 8 0.15 1.07 -16.61
N LEU A 9 1.08 1.98 -16.33
CA LEU A 9 0.82 3.07 -15.38
C LEU A 9 0.87 4.42 -16.09
N PHE A 10 -0.30 5.07 -16.19
CA PHE A 10 -0.40 6.38 -16.83
C PHE A 10 0.13 6.34 -18.26
N GLY A 11 -0.39 5.40 -19.06
CA GLY A 11 0.03 5.27 -20.44
C GLY A 11 1.14 4.25 -20.64
N GLY A 12 1.81 3.86 -19.56
CA GLY A 12 2.89 2.88 -19.66
C GLY A 12 4.24 3.43 -19.21
N ALA A 13 4.23 4.41 -18.30
CA ALA A 13 5.46 5.00 -17.79
C ALA A 13 6.07 4.10 -16.70
N PHE A 14 5.20 3.42 -15.94
CA PHE A 14 5.63 2.53 -14.88
C PHE A 14 5.03 1.14 -15.08
N SER A 15 5.66 0.14 -14.48
CA SER A 15 5.20 -1.24 -14.58
C SER A 15 4.81 -1.78 -13.20
N ALA A 16 3.53 -2.10 -13.03
CA ALA A 16 3.03 -2.61 -11.76
C ALA A 16 2.82 -4.12 -11.79
N ILE A 17 3.24 -4.77 -10.72
CA ILE A 17 3.12 -6.22 -10.60
C ILE A 17 1.79 -6.60 -9.93
N LEU A 18 1.06 -7.50 -10.56
CA LEU A 18 -0.25 -7.95 -10.04
C LEU A 18 -0.35 -9.48 -10.09
N PRO A 19 -0.38 -10.14 -8.91
CA PRO A 19 -0.49 -11.60 -8.82
C PRO A 19 -1.90 -12.10 -9.13
N MET A 20 -2.07 -13.43 -9.14
CA MET A 20 -3.37 -14.04 -9.41
C MET A 20 -4.33 -13.84 -8.24
N GLY A 21 -5.16 -12.81 -8.32
CA GLY A 21 -6.10 -12.52 -7.25
C GLY A 21 -6.53 -11.07 -7.21
N ALA A 22 -5.60 -10.17 -7.50
CA ALA A 22 -5.88 -8.73 -7.50
C ALA A 22 -6.94 -8.36 -8.53
N ILE A 23 -8.02 -7.73 -8.06
CA ILE A 23 -9.12 -7.32 -8.93
C ILE A 23 -9.41 -5.83 -8.77
N ASP A 24 -9.54 -5.13 -9.91
CA ASP A 24 -9.81 -3.70 -9.91
C ASP A 24 -11.18 -3.39 -9.31
N VAL A 25 -11.19 -2.97 -8.04
CA VAL A 25 -12.44 -2.65 -7.35
C VAL A 25 -12.98 -1.27 -7.77
N SER A 26 -12.26 -0.57 -8.66
CA SER A 26 -12.68 0.74 -9.13
C SER A 26 -14.08 0.68 -9.75
N ASP A 27 -14.38 -0.44 -10.41
CA ASP A 27 -15.69 -0.64 -11.03
C ASP A 27 -16.80 -0.71 -9.98
N LEU A 28 -16.44 -1.17 -8.78
CA LEU A 28 -17.39 -1.29 -7.68
C LEU A 28 -17.40 -0.03 -6.80
N ARG A 29 -16.26 0.66 -6.73
CA ARG A 29 -16.14 1.87 -5.92
C ARG A 29 -15.32 2.95 -6.64
N PRO A 30 -15.82 4.21 -6.67
CA PRO A 30 -15.14 5.33 -7.34
C PRO A 30 -13.70 5.54 -6.83
N VAL A 31 -12.77 5.83 -7.75
CA VAL A 31 -11.36 6.05 -7.40
C VAL A 31 -10.72 7.12 -8.28
N PRO A 32 -9.94 8.04 -7.68
CA PRO A 32 -9.26 9.12 -8.42
C PRO A 32 -8.35 8.60 -9.54
N ASP A 33 -7.82 9.52 -10.35
CA ASP A 33 -6.95 9.17 -11.46
C ASP A 33 -5.51 8.85 -11.00
N ASN A 34 -5.09 9.46 -9.88
CA ASN A 34 -3.75 9.23 -9.35
C ASN A 34 -3.74 8.16 -8.25
N GLN A 35 -4.68 7.22 -8.34
CA GLN A 35 -4.76 6.15 -7.35
C GLN A 35 -4.99 4.80 -8.03
N GLU A 36 -4.63 3.72 -7.33
CA GLU A 36 -4.79 2.37 -7.86
C GLU A 36 -5.41 1.44 -6.80
N VAL A 37 -6.63 0.99 -7.06
CA VAL A 37 -7.32 0.09 -6.13
C VAL A 37 -7.25 -1.37 -6.59
N PHE A 38 -6.88 -2.25 -5.67
CA PHE A 38 -6.78 -3.68 -5.96
C PHE A 38 -7.28 -4.52 -4.79
N CYS A 39 -8.38 -5.23 -4.99
CA CYS A 39 -8.95 -6.08 -3.96
C CYS A 39 -8.61 -7.56 -4.19
N HIS A 40 -8.78 -8.37 -3.16
CA HIS A 40 -8.48 -9.80 -3.25
C HIS A 40 -9.66 -10.63 -2.76
N PRO A 41 -10.49 -11.15 -3.68
CA PRO A 41 -11.66 -11.97 -3.33
C PRO A 41 -11.29 -13.30 -2.65
N VAL A 42 -10.03 -13.71 -2.79
CA VAL A 42 -9.57 -14.96 -2.20
C VAL A 42 -9.36 -14.81 -0.69
N THR A 43 -8.46 -13.91 -0.29
CA THR A 43 -8.18 -13.67 1.12
C THR A 43 -9.04 -12.54 1.70
N ASP A 44 -9.87 -11.92 0.86
CA ASP A 44 -10.73 -10.82 1.28
C ASP A 44 -9.91 -9.62 1.78
N GLN A 45 -8.71 -9.46 1.21
CA GLN A 45 -7.82 -8.37 1.58
C GLN A 45 -8.03 -7.15 0.67
N SER A 46 -7.60 -5.98 1.14
CA SER A 46 -7.73 -4.75 0.36
C SER A 46 -6.38 -4.05 0.18
N LEU A 47 -6.10 -3.62 -1.05
CA LEU A 47 -4.85 -2.94 -1.37
C LEU A 47 -5.10 -1.72 -2.25
N ILE A 48 -4.45 -0.60 -1.92
CA ILE A 48 -4.61 0.64 -2.68
C ILE A 48 -3.29 1.41 -2.80
N VAL A 49 -2.97 1.85 -4.01
CA VAL A 49 -1.74 2.61 -4.27
C VAL A 49 -2.05 4.11 -4.34
N GLU A 50 -1.18 4.93 -3.74
CA GLU A 50 -1.37 6.38 -3.73
C GLU A 50 -0.23 7.09 -4.46
N LEU A 51 -0.56 8.19 -5.13
CA LEU A 51 0.43 8.98 -5.85
C LEU A 51 0.16 10.47 -5.67
N LEU A 52 1.12 11.17 -5.06
CA LEU A 52 1.00 12.60 -4.81
C LEU A 52 2.32 13.33 -5.03
N GLU A 53 2.29 14.66 -4.91
CA GLU A 53 3.49 15.48 -5.09
C GLU A 53 3.95 16.03 -3.74
N LEU A 54 5.27 16.00 -3.53
CA LEU A 54 5.87 16.49 -2.28
C LEU A 54 5.33 17.87 -1.90
N GLN A 55 4.72 17.95 -0.72
CA GLN A 55 4.16 19.21 -0.23
C GLN A 55 5.04 19.83 0.87
N ALA A 56 5.48 21.06 0.62
CA ALA A 56 6.33 21.79 1.57
C ALA A 56 7.68 21.09 1.76
N HIS A 57 7.73 20.10 2.67
CA HIS A 57 8.96 19.36 2.94
C HIS A 57 8.71 18.20 3.89
N VAL A 58 7.96 17.21 3.41
CA VAL A 58 7.63 16.03 4.22
C VAL A 58 8.00 14.73 3.50
N ARG A 59 8.80 13.89 4.16
CA ARG A 59 9.24 12.61 3.59
C ARG A 59 9.67 11.63 4.67
N GLY A 60 9.44 10.34 4.42
CA GLY A 60 9.83 9.31 5.37
C GLY A 60 8.92 9.25 6.58
N GLU A 61 9.53 9.22 7.77
CA GLU A 61 8.77 9.16 9.02
C GLU A 61 7.78 10.31 9.11
N ALA A 62 8.17 11.47 8.59
CA ALA A 62 7.32 12.65 8.60
C ALA A 62 6.18 12.50 7.59
N ALA A 63 6.50 11.96 6.41
CA ALA A 63 5.51 11.76 5.36
C ALA A 63 4.46 10.73 5.77
N ALA A 64 4.90 9.66 6.43
CA ALA A 64 4.00 8.60 6.88
C ALA A 64 3.01 9.14 7.93
N ARG A 65 3.55 9.66 9.03
CA ARG A 65 2.72 10.21 10.11
C ARG A 65 1.80 11.33 9.60
N TYR A 66 2.32 12.15 8.69
CA TYR A 66 1.54 13.26 8.13
C TYR A 66 0.27 12.75 7.44
N HIS A 67 0.44 11.93 6.40
CA HIS A 67 -0.69 11.38 5.66
C HIS A 67 -1.49 10.38 6.50
N PHE A 68 -0.82 9.70 7.43
CA PHE A 68 -1.47 8.74 8.31
C PHE A 68 -2.54 9.42 9.16
N GLU A 69 -2.20 10.58 9.71
CA GLU A 69 -3.13 11.34 10.54
C GLU A 69 -4.24 11.98 9.71
N ASP A 70 -3.91 12.35 8.47
CA ASP A 70 -4.89 12.98 7.58
C ASP A 70 -6.04 12.02 7.25
N VAL A 71 -5.73 10.73 7.16
CA VAL A 71 -6.75 9.72 6.86
C VAL A 71 -7.46 9.27 8.12
N GLY A 72 -6.69 8.87 9.14
CA GLY A 72 -7.28 8.42 10.39
C GLY A 72 -8.01 9.53 11.13
N GLY A 73 -7.81 10.78 10.71
CA GLY A 73 -8.46 11.91 11.35
C GLY A 73 -9.81 12.24 10.73
N VAL A 74 -9.96 11.97 9.43
CA VAL A 74 -11.21 12.25 8.73
C VAL A 74 -11.83 10.98 8.17
N GLN A 75 -12.35 10.13 9.06
CA GLN A 75 -12.99 8.87 8.67
C GLN A 75 -13.44 8.08 9.90
N GLY A 76 -12.56 8.00 10.91
CA GLY A 76 -12.87 7.28 12.14
C GLY A 76 -11.63 7.06 12.98
N ALA A 77 -11.42 5.80 13.41
CA ALA A 77 -10.25 5.45 14.22
C ALA A 77 -10.29 6.12 15.60
N ARG A 78 -10.52 5.32 16.64
CA ARG A 78 -10.58 5.83 18.01
C ARG A 78 -9.30 5.54 18.80
N ALA A 79 -8.58 4.50 18.40
CA ALA A 79 -7.34 4.12 19.06
C ALA A 79 -6.29 3.68 18.06
N VAL A 80 -5.29 4.52 17.83
CA VAL A 80 -4.22 4.22 16.87
C VAL A 80 -2.86 4.15 17.56
N HIS A 81 -2.25 2.98 17.52
CA HIS A 81 -0.94 2.78 18.12
C HIS A 81 0.13 2.55 17.04
N VAL A 82 1.39 2.52 17.46
CA VAL A 82 2.50 2.30 16.53
C VAL A 82 3.19 0.95 16.81
N GLU A 83 3.13 0.06 15.83
CA GLU A 83 3.74 -1.26 15.96
C GLU A 83 5.25 -1.19 15.75
N SER A 84 5.66 -0.67 14.59
CA SER A 84 7.07 -0.53 14.25
C SER A 84 7.26 0.08 12.86
N VAL A 85 8.46 0.57 12.59
CA VAL A 85 8.77 1.19 11.31
C VAL A 85 10.17 0.79 10.83
N GLN A 86 10.34 0.70 9.51
CA GLN A 86 11.63 0.33 8.94
C GLN A 86 11.89 1.07 7.63
N PRO A 87 13.10 1.63 7.46
CA PRO A 87 13.48 2.36 6.24
C PRO A 87 13.83 1.42 5.10
N LEU A 88 13.39 1.78 3.90
CA LEU A 88 13.67 0.98 2.71
C LEU A 88 14.80 1.58 1.89
N SER A 89 15.83 0.77 1.65
CA SER A 89 17.00 1.21 0.87
C SER A 89 16.74 1.08 -0.63
N LEU A 90 17.77 1.31 -1.44
CA LEU A 90 17.65 1.22 -2.89
C LEU A 90 17.74 -0.25 -3.38
N GLU A 91 17.91 -1.19 -2.45
CA GLU A 91 17.99 -2.60 -2.79
C GLU A 91 16.60 -3.22 -2.97
N ASN A 92 15.62 -2.72 -2.21
CA ASN A 92 14.25 -3.23 -2.28
C ASN A 92 13.69 -3.09 -3.70
N LEU A 93 14.17 -2.10 -4.44
CA LEU A 93 13.71 -1.91 -5.80
C LEU A 93 14.40 -2.91 -6.72
N ALA A 94 13.65 -3.91 -7.16
CA ALA A 94 14.16 -4.96 -8.03
C ALA A 94 15.11 -4.40 -9.08
N LEU A 95 14.58 -3.60 -10.00
CA LEU A 95 15.40 -2.98 -11.04
C LEU A 95 16.27 -1.86 -10.42
N ARG A 96 15.88 -1.42 -9.22
CA ARG A 96 16.60 -0.37 -8.48
C ARG A 96 17.02 0.77 -9.42
N GLY A 97 16.05 1.41 -10.06
CA GLY A 97 16.35 2.50 -10.97
C GLY A 97 16.99 3.67 -10.24
N ARG A 98 16.20 4.69 -9.92
CA ARG A 98 16.70 5.84 -9.19
C ARG A 98 15.75 6.21 -8.06
N CYS A 99 16.16 5.89 -6.83
CA CYS A 99 15.34 6.20 -5.66
C CYS A 99 16.17 6.93 -4.61
N GLN A 100 15.53 7.89 -3.93
CA GLN A 100 16.22 8.68 -2.91
C GLN A 100 16.10 8.01 -1.54
N GLU A 101 14.88 7.62 -1.16
CA GLU A 101 14.63 6.98 0.13
C GLU A 101 13.25 6.31 0.15
N ALA A 102 12.98 5.58 1.23
CA ALA A 102 11.69 4.90 1.40
C ALA A 102 11.41 4.65 2.88
N TRP A 103 10.13 4.79 3.25
CA TRP A 103 9.71 4.60 4.64
C TRP A 103 8.49 3.67 4.73
N VAL A 104 8.39 2.93 5.83
CA VAL A 104 7.28 2.00 6.03
C VAL A 104 6.74 2.12 7.46
N LEU A 105 5.41 2.23 7.56
CA LEU A 105 4.75 2.35 8.86
C LEU A 105 3.63 1.33 9.01
N SER A 106 3.74 0.48 10.04
CA SER A 106 2.73 -0.54 10.31
C SER A 106 2.08 -0.31 11.67
N GLY A 107 0.76 -0.49 11.73
CA GLY A 107 0.05 -0.29 12.98
C GLY A 107 -1.40 -0.73 12.90
N LYS A 108 -2.20 -0.27 13.86
CA LYS A 108 -3.63 -0.60 13.91
C LYS A 108 -4.44 0.55 14.51
N GLN A 109 -5.67 0.70 14.05
CA GLN A 109 -6.56 1.75 14.54
C GLN A 109 -7.92 1.17 14.92
N GLN A 110 -8.65 1.84 15.81
CA GLN A 110 -9.97 1.37 16.22
C GLN A 110 -11.05 2.08 15.43
N ILE A 111 -11.38 1.53 14.25
CA ILE A 111 -12.40 2.14 13.41
C ILE A 111 -13.80 1.78 13.90
N ALA A 112 -14.31 2.65 14.77
CA ALA A 112 -15.64 2.47 15.35
C ALA A 112 -16.72 2.63 14.28
N LYS A 113 -17.86 1.99 14.51
CA LYS A 113 -18.98 2.06 13.55
C LYS A 113 -20.06 3.02 14.02
N GLU A 114 -21.22 2.98 13.37
CA GLU A 114 -22.34 3.85 13.72
C GLU A 114 -22.71 3.69 15.19
N ASN A 115 -22.43 2.51 15.75
CA ASN A 115 -22.73 2.22 17.15
C ASN A 115 -21.69 2.87 18.07
N GLN A 116 -20.48 3.11 17.54
CA GLN A 116 -19.40 3.72 18.31
C GLN A 116 -19.04 2.88 19.55
N GLN A 117 -19.28 1.57 19.45
CA GLN A 117 -18.98 0.65 20.55
C GLN A 117 -18.07 -0.49 20.08
N VAL A 118 -18.39 -1.03 18.91
CA VAL A 118 -17.62 -2.13 18.32
C VAL A 118 -16.20 -1.68 17.96
N ALA A 119 -15.22 -2.47 18.37
CA ALA A 119 -13.82 -2.17 18.09
C ALA A 119 -13.22 -3.17 17.11
N LYS A 120 -12.20 -2.74 16.37
CA LYS A 120 -11.54 -3.59 15.39
C LYS A 120 -10.09 -3.17 15.19
N ASP A 121 -9.16 -3.98 15.69
CA ASP A 121 -7.73 -3.69 15.56
C ASP A 121 -7.24 -4.04 14.16
N VAL A 122 -7.76 -3.32 13.16
CA VAL A 122 -7.39 -3.55 11.77
C VAL A 122 -5.93 -3.22 11.53
N THR A 123 -5.19 -4.19 10.97
CA THR A 123 -3.77 -4.02 10.68
C THR A 123 -3.58 -3.52 9.26
N LEU A 124 -2.79 -2.45 9.11
CA LEU A 124 -2.53 -1.88 7.79
C LEU A 124 -1.04 -1.67 7.56
N HIS A 125 -0.63 -1.71 6.29
CA HIS A 125 0.76 -1.52 5.91
C HIS A 125 0.88 -0.43 4.87
N GLN A 126 1.43 0.72 5.27
CA GLN A 126 1.59 1.85 4.35
C GLN A 126 3.06 2.16 4.13
N ALA A 127 3.42 2.43 2.87
CA ALA A 127 4.79 2.75 2.50
C ALA A 127 4.88 4.17 1.95
N LEU A 128 6.04 4.81 2.15
CA LEU A 128 6.26 6.17 1.68
C LEU A 128 7.50 6.26 0.79
N LEU A 129 7.30 6.71 -0.44
CA LEU A 129 8.41 6.85 -1.40
C LEU A 129 8.69 8.32 -1.67
N ARG A 130 9.97 8.65 -1.88
CA ARG A 130 10.38 10.03 -2.15
C ARG A 130 11.41 10.10 -3.27
N LEU A 131 10.99 10.65 -4.41
CA LEU A 131 11.87 10.80 -5.57
C LEU A 131 12.03 12.28 -5.93
N PRO A 132 13.28 12.75 -6.12
CA PRO A 132 13.57 14.15 -6.45
C PRO A 132 13.32 14.50 -7.92
N GLN A 133 12.74 13.57 -8.69
CA GLN A 133 12.45 13.80 -10.11
C GLN A 133 11.67 15.11 -10.30
N TYR A 134 10.78 15.39 -9.35
CA TYR A 134 9.95 16.61 -9.40
C TYR A 134 9.11 16.72 -8.11
N GLN A 135 9.72 16.35 -6.97
CA GLN A 135 9.03 16.39 -5.69
C GLN A 135 7.79 15.52 -5.73
N THR A 136 7.98 14.20 -5.64
CA THR A 136 6.88 13.25 -5.68
C THR A 136 6.86 12.36 -4.44
N ASP A 137 5.67 11.84 -4.10
CA ASP A 137 5.51 10.98 -2.94
C ASP A 137 4.55 9.82 -3.24
N LEU A 138 5.10 8.62 -3.44
CA LEU A 138 4.30 7.43 -3.72
C LEU A 138 3.96 6.71 -2.43
N LEU A 139 2.66 6.54 -2.16
CA LEU A 139 2.21 5.87 -0.95
C LEU A 139 1.49 4.55 -1.28
N LEU A 140 1.41 3.67 -0.29
CA LEU A 140 0.74 2.37 -0.45
C LEU A 140 -0.15 2.07 0.75
N THR A 141 -1.17 1.23 0.54
CA THR A 141 -2.11 0.87 1.61
C THR A 141 -2.51 -0.61 1.53
N PHE A 142 -2.05 -1.38 2.51
CA PHE A 142 -2.36 -2.82 2.56
C PHE A 142 -3.17 -3.15 3.81
N ASN A 143 -4.46 -3.37 3.63
CA ASN A 143 -5.35 -3.71 4.75
C ASN A 143 -5.40 -5.21 4.97
N GLN A 144 -5.00 -5.66 6.16
CA GLN A 144 -5.01 -7.08 6.49
C GLN A 144 -5.30 -7.30 7.97
N PRO A 145 -6.50 -7.82 8.30
CA PRO A 145 -6.90 -8.08 9.69
C PRO A 145 -5.88 -8.94 10.44
N PRO A 146 -5.91 -8.91 11.79
CA PRO A 146 -4.97 -9.69 12.61
C PRO A 146 -5.18 -11.20 12.48
N PRO A 147 -4.12 -12.00 12.71
CA PRO A 147 -4.19 -13.46 12.61
C PRO A 147 -5.32 -14.06 13.43
N ASP A 148 -5.97 -15.10 12.89
CA ASP A 148 -7.08 -15.76 13.57
C ASP A 148 -6.57 -16.69 14.68
N ASN A 149 -6.59 -16.18 15.91
CA ASN A 149 -6.14 -16.94 17.09
C ASN A 149 -4.63 -17.24 17.01
N ARG A 150 -4.26 -18.23 16.20
CA ARG A 150 -2.86 -18.61 16.05
C ARG A 150 -2.63 -19.30 14.70
N SER A 151 -2.33 -18.50 13.68
CA SER A 151 -2.09 -19.03 12.34
C SER A 151 -0.80 -19.86 12.29
N SER A 152 -0.94 -21.13 11.95
CA SER A 152 0.20 -22.05 11.86
C SER A 152 0.72 -22.15 10.43
N LEU A 153 2.03 -22.24 10.29
CA LEU A 153 2.66 -22.34 8.98
C LEU A 153 2.57 -23.77 8.44
N GLY A 154 2.58 -23.91 7.11
CA GLY A 154 2.52 -25.22 6.50
C GLY A 154 3.81 -25.61 5.80
N PRO A 155 3.95 -26.88 5.39
CA PRO A 155 5.15 -27.37 4.70
C PRO A 155 5.53 -26.51 3.49
N GLU A 156 4.51 -26.01 2.77
CA GLU A 156 4.73 -25.16 1.61
C GLU A 156 3.44 -24.42 1.22
N ASN A 157 3.59 -23.29 0.52
CA ASN A 157 2.44 -22.50 0.09
C ASN A 157 2.17 -22.71 -1.40
N LEU A 158 1.07 -22.11 -1.88
CA LEU A 158 0.70 -22.23 -3.30
C LEU A 158 -0.49 -21.33 -3.62
N SER A 159 -1.53 -21.40 -2.77
CA SER A 159 -2.73 -20.59 -2.96
C SER A 159 -3.51 -20.44 -1.65
N PRO A 160 -3.99 -21.56 -1.06
CA PRO A 160 -4.75 -21.52 0.19
C PRO A 160 -3.98 -20.88 1.35
N ALA A 161 -2.65 -20.94 1.28
CA ALA A 161 -1.80 -20.36 2.33
C ALA A 161 -1.99 -18.85 2.44
N PRO A 162 -2.03 -18.32 3.68
CA PRO A 162 -2.20 -16.88 3.93
C PRO A 162 -1.12 -16.02 3.26
N TRP A 163 -1.32 -14.70 3.27
CA TRP A 163 -0.37 -13.77 2.68
C TRP A 163 0.29 -12.90 3.74
N SER A 164 1.59 -12.64 3.57
CA SER A 164 2.34 -11.82 4.51
C SER A 164 3.14 -10.72 3.77
N LEU A 165 4.26 -10.28 4.37
CA LEU A 165 5.10 -9.25 3.75
C LEU A 165 5.45 -9.59 2.31
N GLY A 166 5.53 -10.88 2.01
CA GLY A 166 5.85 -11.34 0.66
C GLY A 166 5.02 -10.64 -0.41
N ASP A 167 3.73 -10.47 -0.13
CA ASP A 167 2.82 -9.81 -1.06
C ASP A 167 3.08 -8.30 -1.08
N PHE A 168 3.12 -7.69 0.11
CA PHE A 168 3.37 -6.26 0.22
C PHE A 168 4.68 -5.88 -0.46
N GLU A 169 5.74 -6.67 -0.20
CA GLU A 169 7.05 -6.41 -0.80
C GLU A 169 6.95 -6.36 -2.32
N GLN A 170 6.14 -7.25 -2.89
CA GLN A 170 5.95 -7.29 -4.34
C GLN A 170 5.33 -5.99 -4.84
N LEU A 171 4.41 -5.42 -4.06
CA LEU A 171 3.76 -4.17 -4.42
C LEU A 171 4.78 -3.03 -4.44
N VAL A 172 5.81 -3.14 -3.61
CA VAL A 172 6.86 -2.12 -3.56
C VAL A 172 7.64 -2.12 -4.87
N THR A 173 7.76 -3.29 -5.49
CA THR A 173 8.47 -3.43 -6.77
C THR A 173 7.51 -3.18 -7.94
N SER A 174 6.25 -2.90 -7.64
CA SER A 174 5.25 -2.62 -8.67
C SER A 174 5.50 -1.28 -9.39
N LEU A 175 6.61 -0.62 -9.07
CA LEU A 175 6.94 0.64 -9.72
C LEU A 175 8.29 0.56 -10.43
N THR A 176 8.54 -0.60 -11.06
CA THR A 176 9.80 -0.83 -11.79
C THR A 176 9.92 0.12 -12.98
N LEU A 177 10.94 0.98 -12.93
CA LEU A 177 11.18 1.95 -14.00
C LEU A 177 11.67 1.26 -15.27
N HIS A 178 10.97 1.49 -16.37
CA HIS A 178 11.34 0.90 -17.66
C HIS A 178 11.39 1.97 -18.74
N ASP A 179 10.25 2.62 -18.97
CA ASP A 179 10.15 3.67 -19.97
C ASP A 179 9.68 4.98 -19.34
N PRO A 180 10.62 5.90 -19.04
CA PRO A 180 10.30 7.20 -18.42
C PRO A 180 9.57 8.13 -19.38
N ASN A 181 8.35 7.75 -19.76
CA ASN A 181 7.53 8.53 -20.68
C ASN A 181 7.10 9.86 -20.04
N ILE A 182 6.51 9.76 -18.85
CA ILE A 182 6.04 10.95 -18.13
C ILE A 182 7.13 11.51 -17.21
N PHE A 183 8.38 11.47 -17.67
CA PHE A 183 9.50 11.98 -16.88
C PHE A 183 9.89 13.40 -17.32
N GLY A 184 9.69 13.70 -18.60
CA GLY A 184 10.03 15.01 -19.12
C GLY A 184 9.14 16.11 -18.56
N PRO A 185 7.88 16.22 -19.05
CA PRO A 185 6.94 17.26 -18.59
C PRO A 185 6.63 17.13 -17.10
N GLN A 186 5.91 16.09 -16.71
CA GLN A 186 5.54 15.87 -15.31
C GLN A 186 4.94 14.49 -15.10
N MET A 1 8.86 -21.24 -8.05
CA MET A 1 7.73 -20.55 -8.72
C MET A 1 7.74 -19.05 -8.42
N GLU A 2 8.17 -18.26 -9.40
CA GLU A 2 8.24 -16.80 -9.24
C GLU A 2 7.55 -16.09 -10.41
N PRO A 3 6.22 -15.93 -10.33
CA PRO A 3 5.42 -15.27 -11.37
C PRO A 3 5.66 -13.76 -11.42
N THR A 4 5.40 -13.16 -12.58
CA THR A 4 5.59 -11.72 -12.76
C THR A 4 4.65 -11.18 -13.84
N ARG A 5 3.56 -10.53 -13.42
CA ARG A 5 2.60 -9.96 -14.36
C ARG A 5 2.47 -8.45 -14.14
N ASP A 6 3.25 -7.68 -14.91
CA ASP A 6 3.24 -6.22 -14.82
C ASP A 6 2.01 -5.64 -15.51
N CYS A 7 1.42 -4.62 -14.90
CA CYS A 7 0.22 -3.97 -15.44
C CYS A 7 0.52 -2.55 -15.89
N PRO A 8 0.42 -2.28 -17.22
CA PRO A 8 0.68 -0.94 -17.79
C PRO A 8 -0.12 0.17 -17.10
N LEU A 9 0.51 1.33 -16.95
CA LEU A 9 -0.14 2.47 -16.30
C LEU A 9 0.19 3.77 -17.03
N PHE A 10 -0.84 4.56 -17.34
CA PHE A 10 -0.68 5.84 -18.03
C PHE A 10 -0.03 5.66 -19.40
N GLY A 11 -0.28 4.52 -20.04
CA GLY A 11 0.29 4.26 -21.35
C GLY A 11 1.58 3.45 -21.31
N GLY A 12 2.10 3.18 -20.11
CA GLY A 12 3.33 2.42 -19.98
C GLY A 12 4.44 3.18 -19.28
N ALA A 13 4.11 4.30 -18.63
CA ALA A 13 5.12 5.08 -17.91
C ALA A 13 5.53 4.39 -16.62
N PHE A 14 4.56 3.71 -16.00
CA PHE A 14 4.80 2.99 -14.75
C PHE A 14 4.09 1.63 -14.79
N SER A 15 4.72 0.62 -14.19
CA SER A 15 4.13 -0.72 -14.17
C SER A 15 3.74 -1.07 -12.73
N ALA A 16 2.84 -2.05 -12.59
CA ALA A 16 2.38 -2.47 -11.27
C ALA A 16 2.06 -3.96 -11.24
N ILE A 17 2.83 -4.72 -10.45
CA ILE A 17 2.61 -6.16 -10.33
C ILE A 17 1.36 -6.44 -9.52
N LEU A 18 0.51 -7.35 -10.01
CA LEU A 18 -0.72 -7.70 -9.32
C LEU A 18 -0.78 -9.19 -9.01
N PRO A 19 -1.14 -9.54 -7.76
CA PRO A 19 -1.24 -10.95 -7.32
C PRO A 19 -2.35 -11.69 -8.06
N MET A 20 -2.26 -13.02 -8.05
CA MET A 20 -3.27 -13.85 -8.72
C MET A 20 -4.54 -13.91 -7.87
N GLY A 21 -5.45 -12.97 -8.13
CA GLY A 21 -6.70 -12.92 -7.37
C GLY A 21 -7.22 -11.50 -7.18
N ALA A 22 -6.33 -10.51 -7.29
CA ALA A 22 -6.71 -9.11 -7.11
C ALA A 22 -7.73 -8.66 -8.15
N ILE A 23 -8.45 -7.58 -7.84
CA ILE A 23 -9.48 -7.05 -8.73
C ILE A 23 -9.64 -5.53 -8.54
N ASP A 24 -9.69 -4.80 -9.65
CA ASP A 24 -9.84 -3.36 -9.62
C ASP A 24 -11.26 -2.97 -9.20
N VAL A 25 -11.40 -2.41 -8.01
CA VAL A 25 -12.71 -2.00 -7.49
C VAL A 25 -13.29 -0.83 -8.29
N SER A 26 -12.49 -0.24 -9.19
CA SER A 26 -12.95 0.87 -10.02
C SER A 26 -14.19 0.49 -10.84
N ASP A 27 -14.30 -0.79 -11.18
CA ASP A 27 -15.44 -1.29 -11.95
C ASP A 27 -16.73 -1.25 -11.11
N LEU A 28 -16.57 -1.31 -9.78
CA LEU A 28 -17.71 -1.29 -8.87
C LEU A 28 -17.91 0.10 -8.22
N ARG A 29 -16.83 0.90 -8.14
CA ARG A 29 -16.92 2.23 -7.53
C ARG A 29 -16.00 3.23 -8.25
N PRO A 30 -16.26 4.55 -8.09
CA PRO A 30 -15.45 5.61 -8.71
C PRO A 30 -14.08 5.79 -8.05
N VAL A 31 -13.04 5.89 -8.88
CA VAL A 31 -11.67 6.06 -8.37
C VAL A 31 -10.86 7.02 -9.25
N PRO A 32 -10.04 7.91 -8.62
CA PRO A 32 -9.20 8.88 -9.36
C PRO A 32 -8.24 8.20 -10.34
N ASP A 33 -7.55 9.03 -11.14
CA ASP A 33 -6.60 8.51 -12.12
C ASP A 33 -5.17 8.40 -11.56
N ASN A 34 -4.88 9.12 -10.47
CA ASN A 34 -3.55 9.08 -9.86
C ASN A 34 -3.47 8.02 -8.76
N GLN A 35 -4.21 6.92 -8.92
CA GLN A 35 -4.19 5.85 -7.93
C GLN A 35 -4.88 4.59 -8.46
N GLU A 36 -4.72 3.49 -7.73
CA GLU A 36 -5.32 2.21 -8.11
C GLU A 36 -5.77 1.43 -6.88
N VAL A 37 -7.09 1.28 -6.72
CA VAL A 37 -7.66 0.55 -5.59
C VAL A 37 -7.99 -0.88 -5.98
N PHE A 38 -7.33 -1.85 -5.35
CA PHE A 38 -7.55 -3.26 -5.63
C PHE A 38 -8.00 -4.00 -4.38
N CYS A 39 -8.58 -5.18 -4.57
CA CYS A 39 -9.06 -6.00 -3.45
C CYS A 39 -9.06 -7.48 -3.81
N HIS A 40 -8.78 -8.33 -2.82
CA HIS A 40 -8.76 -9.77 -3.02
C HIS A 40 -9.97 -10.43 -2.37
N PRO A 41 -10.94 -10.88 -3.18
CA PRO A 41 -12.16 -11.53 -2.67
C PRO A 41 -11.90 -12.90 -2.06
N VAL A 42 -10.78 -13.53 -2.42
CA VAL A 42 -10.43 -14.84 -1.89
C VAL A 42 -9.79 -14.74 -0.50
N THR A 43 -8.62 -14.12 -0.45
CA THR A 43 -7.88 -13.96 0.82
C THR A 43 -8.49 -12.85 1.67
N ASP A 44 -9.29 -11.97 1.06
CA ASP A 44 -9.94 -10.86 1.77
C ASP A 44 -8.91 -9.85 2.28
N GLN A 45 -8.59 -8.88 1.43
CA GLN A 45 -7.63 -7.83 1.77
C GLN A 45 -7.86 -6.58 0.93
N SER A 46 -7.02 -5.56 1.12
CA SER A 46 -7.15 -4.31 0.37
C SER A 46 -5.77 -3.72 0.06
N LEU A 47 -5.49 -3.54 -1.23
CA LEU A 47 -4.22 -2.97 -1.68
C LEU A 47 -4.47 -1.77 -2.60
N ILE A 48 -3.98 -0.59 -2.19
CA ILE A 48 -4.16 0.63 -2.97
C ILE A 48 -2.88 1.44 -3.07
N VAL A 49 -2.61 1.98 -4.26
CA VAL A 49 -1.44 2.81 -4.50
C VAL A 49 -1.86 4.23 -4.87
N GLU A 50 -1.45 5.21 -4.07
CA GLU A 50 -1.79 6.60 -4.30
C GLU A 50 -0.56 7.43 -4.69
N LEU A 51 -0.76 8.41 -5.57
CA LEU A 51 0.32 9.29 -6.02
C LEU A 51 0.04 10.74 -5.63
N LEU A 52 1.00 11.37 -4.97
CA LEU A 52 0.86 12.77 -4.54
C LEU A 52 2.15 13.56 -4.78
N GLU A 53 2.12 14.85 -4.46
CA GLU A 53 3.28 15.71 -4.64
C GLU A 53 3.77 16.23 -3.29
N LEU A 54 5.09 16.24 -3.09
CA LEU A 54 5.70 16.69 -1.85
C LEU A 54 5.16 18.06 -1.43
N GLN A 55 4.57 18.12 -0.24
CA GLN A 55 4.01 19.38 0.27
C GLN A 55 4.88 19.97 1.38
N ALA A 56 5.18 21.26 1.25
CA ALA A 56 6.00 21.99 2.23
C ALA A 56 7.42 21.41 2.32
N HIS A 57 7.59 20.37 3.14
CA HIS A 57 8.91 19.73 3.30
C HIS A 57 8.81 18.51 4.22
N VAL A 58 8.21 17.43 3.71
CA VAL A 58 8.06 16.20 4.48
C VAL A 58 8.60 15.00 3.71
N ARG A 59 9.68 14.40 4.22
CA ARG A 59 10.29 13.24 3.57
C ARG A 59 10.99 12.33 4.58
N GLY A 60 10.64 11.05 4.54
CA GLY A 60 11.22 10.08 5.43
C GLY A 60 10.25 9.59 6.49
N GLU A 61 10.77 9.31 7.68
CA GLU A 61 9.93 8.85 8.79
C GLU A 61 8.87 9.88 9.15
N ALA A 62 9.18 11.16 8.87
CA ALA A 62 8.25 12.25 9.14
C ALA A 62 7.13 12.30 8.11
N ALA A 63 7.50 12.02 6.85
CA ALA A 63 6.52 12.02 5.75
C ALA A 63 5.51 10.90 5.92
N ALA A 64 5.96 9.74 6.42
CA ALA A 64 5.09 8.59 6.63
C ALA A 64 3.93 8.95 7.56
N ARG A 65 4.25 9.62 8.67
CA ARG A 65 3.24 10.02 9.64
C ARG A 65 2.25 11.01 9.03
N TYR A 66 2.77 11.93 8.20
CA TYR A 66 1.94 12.93 7.54
C TYR A 66 0.81 12.27 6.75
N HIS A 67 1.15 11.25 5.96
CA HIS A 67 0.17 10.53 5.16
C HIS A 67 -0.66 9.57 6.02
N PHE A 68 -0.02 9.02 7.06
CA PHE A 68 -0.71 8.09 7.96
C PHE A 68 -1.91 8.76 8.62
N GLU A 69 -1.72 9.96 9.14
CA GLU A 69 -2.79 10.70 9.80
C GLU A 69 -3.88 11.11 8.78
N ASP A 70 -3.47 11.32 7.53
CA ASP A 70 -4.40 11.71 6.48
C ASP A 70 -5.42 10.60 6.20
N VAL A 71 -5.03 9.35 6.43
CA VAL A 71 -5.92 8.21 6.20
C VAL A 71 -6.79 7.94 7.42
N GLY A 72 -6.15 7.79 8.59
CA GLY A 72 -6.87 7.52 9.81
C GLY A 72 -7.70 8.70 10.29
N GLY A 73 -7.53 9.87 9.64
CA GLY A 73 -8.27 11.06 10.02
C GLY A 73 -9.55 11.27 9.23
N VAL A 74 -9.57 10.82 7.97
CA VAL A 74 -10.75 10.98 7.13
C VAL A 74 -11.89 10.07 7.58
N GLN A 75 -11.64 8.76 7.57
CA GLN A 75 -12.65 7.78 7.98
C GLN A 75 -12.66 7.64 9.51
N GLY A 76 -13.20 6.53 10.02
CA GLY A 76 -13.24 6.31 11.45
C GLY A 76 -11.86 6.09 12.03
N ALA A 77 -11.59 4.86 12.48
CA ALA A 77 -10.29 4.50 13.05
C ALA A 77 -9.79 5.58 14.02
N ARG A 78 -10.30 5.55 15.25
CA ARG A 78 -9.90 6.54 16.26
C ARG A 78 -8.53 6.20 16.84
N ALA A 79 -8.49 5.27 17.80
CA ALA A 79 -7.23 4.88 18.42
C ALA A 79 -6.33 4.14 17.42
N VAL A 80 -5.29 4.82 16.97
CA VAL A 80 -4.36 4.25 16.00
C VAL A 80 -2.92 4.30 16.52
N HIS A 81 -2.34 3.12 16.74
CA HIS A 81 -0.97 3.02 17.23
C HIS A 81 -0.02 2.55 16.15
N VAL A 82 1.28 2.57 16.44
CA VAL A 82 2.30 2.14 15.49
C VAL A 82 3.06 0.93 16.04
N GLU A 83 2.87 -0.22 15.39
CA GLU A 83 3.54 -1.44 15.81
C GLU A 83 5.07 -1.31 15.70
N SER A 84 5.53 -0.79 14.57
CA SER A 84 6.96 -0.58 14.34
C SER A 84 7.21 0.14 13.02
N VAL A 85 8.39 0.72 12.88
CA VAL A 85 8.76 1.44 11.66
C VAL A 85 10.14 1.01 11.18
N GLN A 86 10.26 0.73 9.88
CA GLN A 86 11.53 0.31 9.29
C GLN A 86 11.77 0.99 7.94
N PRO A 87 13.01 1.45 7.69
CA PRO A 87 13.37 2.13 6.44
C PRO A 87 13.53 1.15 5.29
N LEU A 88 13.54 1.68 4.07
CA LEU A 88 13.70 0.86 2.87
C LEU A 88 14.85 1.37 2.01
N SER A 89 15.91 0.57 1.90
CA SER A 89 17.08 0.95 1.10
C SER A 89 16.78 0.86 -0.40
N LEU A 90 17.74 1.29 -1.23
CA LEU A 90 17.58 1.26 -2.68
C LEU A 90 17.53 -0.17 -3.21
N GLU A 91 18.20 -1.10 -2.50
CA GLU A 91 18.22 -2.51 -2.91
C GLU A 91 16.81 -3.07 -3.00
N ASN A 92 15.89 -2.54 -2.19
CA ASN A 92 14.50 -3.00 -2.19
C ASN A 92 13.86 -2.83 -3.57
N LEU A 93 14.33 -1.85 -4.35
CA LEU A 93 13.80 -1.65 -5.68
C LEU A 93 14.36 -2.67 -6.64
N ALA A 94 13.53 -3.66 -6.99
CA ALA A 94 13.91 -4.73 -7.91
C ALA A 94 14.70 -4.18 -9.09
N LEU A 95 14.04 -3.37 -9.92
CA LEU A 95 14.70 -2.75 -11.06
C LEU A 95 15.74 -1.74 -10.56
N ARG A 96 15.50 -1.21 -9.36
CA ARG A 96 16.39 -0.23 -8.73
C ARG A 96 16.60 0.97 -9.65
N GLY A 97 15.51 1.67 -9.97
CA GLY A 97 15.60 2.84 -10.83
C GLY A 97 16.31 3.97 -10.12
N ARG A 98 15.56 4.99 -9.73
CA ARG A 98 16.14 6.11 -9.01
C ARG A 98 15.29 6.41 -7.78
N CYS A 99 15.80 6.02 -6.61
CA CYS A 99 15.09 6.25 -5.35
C CYS A 99 16.02 6.91 -4.34
N GLN A 100 15.58 8.05 -3.80
CA GLN A 100 16.38 8.78 -2.82
C GLN A 100 16.20 8.22 -1.41
N GLU A 101 14.98 7.77 -1.10
CA GLU A 101 14.68 7.23 0.22
C GLU A 101 13.35 6.48 0.23
N ALA A 102 13.11 5.72 1.31
CA ALA A 102 11.87 4.95 1.46
C ALA A 102 11.68 4.50 2.91
N TRP A 103 10.44 4.49 3.38
CA TRP A 103 10.12 4.09 4.75
C TRP A 103 8.84 3.27 4.81
N VAL A 104 8.64 2.53 5.91
CA VAL A 104 7.46 1.70 6.09
C VAL A 104 6.88 1.87 7.49
N LEU A 105 5.55 2.01 7.56
CA LEU A 105 4.85 2.17 8.84
C LEU A 105 3.75 1.13 8.99
N SER A 106 3.84 0.32 10.06
CA SER A 106 2.85 -0.72 10.33
C SER A 106 2.11 -0.45 11.63
N GLY A 107 0.84 -0.90 11.70
CA GLY A 107 0.05 -0.70 12.90
C GLY A 107 -1.39 -1.15 12.72
N LYS A 108 -2.29 -0.60 13.54
CA LYS A 108 -3.71 -0.94 13.49
C LYS A 108 -4.57 0.30 13.72
N GLN A 109 -5.82 0.24 13.26
CA GLN A 109 -6.76 1.35 13.40
C GLN A 109 -7.92 0.93 14.29
N GLN A 110 -8.45 1.86 15.09
CA GLN A 110 -9.57 1.54 15.96
C GLN A 110 -10.88 1.90 15.28
N ILE A 111 -11.39 0.98 14.47
CA ILE A 111 -12.64 1.21 13.78
C ILE A 111 -13.83 0.91 14.68
N ALA A 112 -14.22 1.92 15.45
CA ALA A 112 -15.33 1.79 16.38
C ALA A 112 -16.68 1.89 15.64
N LYS A 113 -17.76 1.50 16.33
CA LYS A 113 -19.10 1.55 15.75
C LYS A 113 -19.99 2.57 16.45
N GLU A 114 -21.17 2.83 15.88
CA GLU A 114 -22.12 3.77 16.46
C GLU A 114 -22.44 3.38 17.91
N ASN A 115 -22.47 2.08 18.17
CA ASN A 115 -22.74 1.57 19.51
C ASN A 115 -21.54 1.79 20.45
N GLN A 116 -20.34 1.87 19.86
CA GLN A 116 -19.11 2.07 20.62
C GLN A 116 -18.83 0.87 21.54
N GLN A 117 -19.26 -0.31 21.11
CA GLN A 117 -19.05 -1.54 21.87
C GLN A 117 -17.89 -2.35 21.27
N VAL A 118 -17.76 -2.29 19.95
CA VAL A 118 -16.69 -3.02 19.25
C VAL A 118 -15.83 -2.09 18.42
N ALA A 119 -14.59 -2.51 18.17
CA ALA A 119 -13.65 -1.74 17.37
C ALA A 119 -12.66 -2.65 16.64
N LYS A 120 -12.80 -2.72 15.31
CA LYS A 120 -11.92 -3.55 14.49
C LYS A 120 -10.48 -3.06 14.57
N ASP A 121 -9.54 -4.00 14.57
CA ASP A 121 -8.12 -3.68 14.64
C ASP A 121 -7.40 -4.10 13.35
N VAL A 122 -7.85 -3.54 12.22
CA VAL A 122 -7.25 -3.87 10.93
C VAL A 122 -5.78 -3.48 10.88
N THR A 123 -4.94 -4.42 10.46
CA THR A 123 -3.50 -4.18 10.37
C THR A 123 -3.17 -3.41 9.09
N LEU A 124 -2.71 -2.16 9.26
CA LEU A 124 -2.37 -1.32 8.12
C LEU A 124 -0.86 -1.24 7.91
N HIS A 125 -0.42 -1.61 6.71
CA HIS A 125 0.99 -1.57 6.35
C HIS A 125 1.21 -0.56 5.21
N GLN A 126 1.67 0.63 5.55
CA GLN A 126 1.89 1.68 4.56
C GLN A 126 3.38 1.89 4.26
N ALA A 127 3.69 2.16 3.00
CA ALA A 127 5.06 2.41 2.57
C ALA A 127 5.17 3.79 1.94
N LEU A 128 6.07 4.61 2.47
CA LEU A 128 6.28 5.96 1.95
C LEU A 128 7.44 5.99 0.97
N LEU A 129 7.14 6.33 -0.28
CA LEU A 129 8.16 6.41 -1.34
C LEU A 129 8.14 7.80 -1.97
N ARG A 130 9.22 8.56 -1.79
CA ARG A 130 9.32 9.91 -2.37
C ARG A 130 10.51 10.02 -3.31
N LEU A 131 10.27 10.61 -4.48
CA LEU A 131 11.30 10.79 -5.49
C LEU A 131 11.58 12.28 -5.71
N PRO A 132 12.86 12.69 -5.70
CA PRO A 132 13.24 14.09 -5.90
C PRO A 132 13.16 14.55 -7.35
N GLN A 133 12.63 13.70 -8.25
CA GLN A 133 12.50 14.05 -9.66
C GLN A 133 11.69 15.33 -9.82
N TYR A 134 10.66 15.49 -8.98
CA TYR A 134 9.80 16.67 -9.02
C TYR A 134 9.01 16.78 -7.71
N GLN A 135 9.59 16.33 -6.60
CA GLN A 135 8.93 16.38 -5.30
C GLN A 135 7.64 15.57 -5.35
N THR A 136 7.76 14.25 -5.37
CA THR A 136 6.59 13.37 -5.44
C THR A 136 6.46 12.52 -4.18
N ASP A 137 5.23 12.10 -3.89
CA ASP A 137 4.94 11.28 -2.71
C ASP A 137 4.08 10.07 -3.08
N LEU A 138 4.68 8.89 -3.10
CA LEU A 138 3.96 7.66 -3.43
C LEU A 138 3.49 6.95 -2.16
N LEU A 139 2.20 6.64 -2.11
CA LEU A 139 1.62 5.97 -0.96
C LEU A 139 1.13 4.57 -1.31
N LEU A 140 1.44 3.61 -0.45
CA LEU A 140 1.03 2.23 -0.66
C LEU A 140 0.26 1.72 0.56
N THR A 141 -1.08 1.74 0.45
CA THR A 141 -1.93 1.29 1.54
C THR A 141 -2.16 -0.21 1.49
N PHE A 142 -1.74 -0.91 2.53
CA PHE A 142 -1.88 -2.36 2.62
C PHE A 142 -2.69 -2.74 3.85
N ASN A 143 -3.97 -3.07 3.65
CA ASN A 143 -4.84 -3.46 4.75
C ASN A 143 -4.77 -4.96 5.01
N GLN A 144 -5.01 -5.36 6.26
CA GLN A 144 -4.98 -6.77 6.64
C GLN A 144 -5.99 -7.06 7.74
N PRO A 145 -6.61 -8.27 7.72
CA PRO A 145 -7.61 -8.66 8.72
C PRO A 145 -7.10 -8.53 10.15
N PRO A 146 -7.90 -7.91 11.04
CA PRO A 146 -7.54 -7.73 12.45
C PRO A 146 -7.19 -9.05 13.16
N PRO A 147 -8.04 -10.09 13.02
CA PRO A 147 -7.80 -11.38 13.66
C PRO A 147 -6.84 -12.27 12.87
N ASP A 148 -6.27 -13.27 13.54
CA ASP A 148 -5.35 -14.19 12.90
C ASP A 148 -5.98 -15.57 12.72
N ASN A 149 -6.65 -16.06 13.76
CA ASN A 149 -7.31 -17.36 13.72
C ASN A 149 -8.77 -17.24 14.19
N ARG A 150 -9.71 -17.40 13.25
CA ARG A 150 -11.13 -17.31 13.58
C ARG A 150 -11.64 -18.64 14.13
N SER A 151 -12.59 -18.56 15.07
CA SER A 151 -13.17 -19.76 15.67
C SER A 151 -14.53 -20.09 15.04
N SER A 152 -14.63 -19.89 13.72
CA SER A 152 -15.87 -20.16 13.00
C SER A 152 -15.72 -21.42 12.14
N LEU A 153 -16.85 -22.06 11.84
CA LEU A 153 -16.85 -23.28 11.03
C LEU A 153 -17.20 -22.97 9.57
N GLY A 154 -16.39 -23.50 8.65
CA GLY A 154 -16.63 -23.28 7.23
C GLY A 154 -15.83 -24.22 6.35
N PRO A 155 -16.17 -24.30 5.04
CA PRO A 155 -15.47 -25.18 4.09
C PRO A 155 -13.96 -24.98 4.10
N GLU A 156 -13.53 -23.72 4.13
CA GLU A 156 -12.11 -23.37 4.14
C GLU A 156 -11.37 -23.95 2.92
N ASN A 157 -11.51 -23.27 1.78
CA ASN A 157 -10.85 -23.71 0.55
C ASN A 157 -10.35 -22.52 -0.26
N LEU A 158 -9.62 -22.81 -1.36
CA LEU A 158 -9.07 -21.77 -2.23
C LEU A 158 -8.13 -20.83 -1.47
N SER A 159 -7.39 -21.39 -0.50
CA SER A 159 -6.46 -20.59 0.30
C SER A 159 -5.14 -21.33 0.50
N PRO A 160 -4.28 -21.37 -0.56
CA PRO A 160 -2.99 -22.05 -0.48
C PRO A 160 -2.13 -21.57 0.69
N ALA A 161 -2.17 -20.27 0.94
CA ALA A 161 -1.41 -19.67 2.04
C ALA A 161 -1.79 -18.20 2.23
N PRO A 162 -1.70 -17.69 3.47
CA PRO A 162 -2.02 -16.28 3.77
C PRO A 162 -0.99 -15.32 3.20
N TRP A 163 -1.29 -14.02 3.26
CA TRP A 163 -0.37 -13.00 2.75
C TRP A 163 0.41 -12.35 3.89
N SER A 164 1.72 -12.21 3.70
CA SER A 164 2.58 -11.60 4.70
C SER A 164 3.45 -10.50 4.07
N LEU A 165 4.57 -10.18 4.72
CA LEU A 165 5.49 -9.16 4.22
C LEU A 165 5.90 -9.43 2.77
N GLY A 166 5.96 -10.71 2.39
CA GLY A 166 6.34 -11.07 1.03
C GLY A 166 5.51 -10.38 -0.03
N ASP A 167 4.21 -10.30 0.19
CA ASP A 167 3.30 -9.64 -0.74
C ASP A 167 3.48 -8.12 -0.69
N PHE A 168 3.58 -7.58 0.52
CA PHE A 168 3.77 -6.14 0.70
C PHE A 168 5.03 -5.68 -0.03
N GLU A 169 6.14 -6.37 0.22
CA GLU A 169 7.41 -6.05 -0.43
C GLU A 169 7.25 -6.00 -1.95
N GLN A 170 6.48 -6.96 -2.49
CA GLN A 170 6.24 -7.02 -3.92
C GLN A 170 5.48 -5.79 -4.40
N LEU A 171 4.46 -5.38 -3.65
CA LEU A 171 3.67 -4.20 -4.01
C LEU A 171 4.52 -2.93 -3.94
N VAL A 172 5.47 -2.89 -3.00
CA VAL A 172 6.35 -1.73 -2.85
C VAL A 172 7.13 -1.49 -4.15
N THR A 173 7.51 -2.57 -4.82
CA THR A 173 8.23 -2.48 -6.09
C THR A 173 7.26 -2.40 -7.26
N SER A 174 5.99 -2.76 -7.00
CA SER A 174 4.96 -2.74 -8.04
C SER A 174 5.24 -1.65 -9.07
N LEU A 175 5.44 -0.42 -8.61
CA LEU A 175 5.73 0.72 -9.49
C LEU A 175 7.15 0.63 -10.10
N THR A 176 7.42 -0.48 -10.79
CA THR A 176 8.73 -0.68 -11.41
C THR A 176 8.93 0.33 -12.55
N LEU A 177 9.91 1.20 -12.38
CA LEU A 177 10.20 2.22 -13.39
C LEU A 177 11.02 1.64 -14.54
N HIS A 178 10.37 1.51 -15.70
CA HIS A 178 11.03 0.99 -16.90
C HIS A 178 11.48 2.14 -17.79
N ASP A 179 10.65 3.18 -17.87
CA ASP A 179 10.94 4.35 -18.70
C ASP A 179 10.31 5.61 -18.08
N PRO A 180 11.14 6.60 -17.69
CA PRO A 180 10.64 7.85 -17.09
C PRO A 180 9.96 8.76 -18.11
N ASN A 181 8.84 8.28 -18.65
CA ASN A 181 8.07 9.04 -19.64
C ASN A 181 7.19 10.08 -18.97
N ILE A 182 6.56 9.70 -17.85
CA ILE A 182 5.70 10.61 -17.09
C ILE A 182 6.46 11.28 -15.95
N PHE A 183 7.72 11.64 -16.22
CA PHE A 183 8.56 12.29 -15.22
C PHE A 183 8.66 13.78 -15.47
N GLY A 184 8.95 14.16 -16.71
CA GLY A 184 9.05 15.56 -17.07
C GLY A 184 7.71 16.27 -17.00
N PRO A 185 7.66 17.45 -16.34
CA PRO A 185 6.42 18.23 -16.21
C PRO A 185 5.85 18.66 -17.56
N GLN A 186 4.76 18.03 -17.97
CA GLN A 186 4.11 18.34 -19.24
C GLN A 186 3.09 19.46 -19.06
N MET A 1 6.56 -18.91 -4.24
CA MET A 1 7.20 -18.11 -5.31
C MET A 1 6.15 -17.38 -6.15
N GLU A 2 6.55 -16.24 -6.73
CA GLU A 2 5.63 -15.43 -7.55
C GLU A 2 6.40 -14.74 -8.68
N PRO A 3 6.09 -15.08 -9.94
CA PRO A 3 6.75 -14.49 -11.12
C PRO A 3 6.60 -12.96 -11.18
N THR A 4 7.22 -12.34 -12.18
CA THR A 4 7.16 -10.89 -12.34
C THR A 4 6.08 -10.49 -13.36
N ARG A 5 4.83 -10.41 -12.89
CA ARG A 5 3.71 -10.03 -13.74
C ARG A 5 3.49 -8.52 -13.67
N ASP A 6 4.17 -7.79 -14.56
CA ASP A 6 4.06 -6.34 -14.60
C ASP A 6 2.77 -5.90 -15.29
N CYS A 7 2.22 -4.78 -14.82
CA CYS A 7 0.97 -4.23 -15.37
C CYS A 7 1.13 -2.76 -15.76
N PRO A 8 0.41 -2.32 -16.81
CA PRO A 8 0.46 -0.94 -17.28
C PRO A 8 -0.20 0.04 -16.31
N LEU A 9 0.53 1.10 -15.97
CA LEU A 9 0.02 2.11 -15.05
C LEU A 9 0.08 3.51 -15.67
N PHE A 10 -1.07 4.16 -15.77
CA PHE A 10 -1.16 5.50 -16.34
C PHE A 10 -0.66 5.52 -17.79
N GLY A 11 -1.08 4.53 -18.57
CA GLY A 11 -0.67 4.44 -19.96
C GLY A 11 0.55 3.56 -20.18
N GLY A 12 1.24 3.20 -19.09
CA GLY A 12 2.41 2.35 -19.20
C GLY A 12 3.69 3.03 -18.75
N ALA A 13 3.57 4.06 -17.90
CA ALA A 13 4.73 4.78 -17.40
C ALA A 13 5.42 3.99 -16.28
N PHE A 14 4.61 3.27 -15.50
CA PHE A 14 5.12 2.46 -14.40
C PHE A 14 4.67 1.01 -14.56
N SER A 15 5.48 0.08 -14.05
CA SER A 15 5.16 -1.33 -14.12
C SER A 15 4.81 -1.87 -12.74
N ALA A 16 3.57 -2.32 -12.58
CA ALA A 16 3.10 -2.84 -11.31
C ALA A 16 3.04 -4.37 -11.31
N ILE A 17 3.70 -4.97 -10.32
CA ILE A 17 3.73 -6.42 -10.18
C ILE A 17 2.72 -6.90 -9.14
N LEU A 18 1.90 -7.88 -9.52
CA LEU A 18 0.89 -8.44 -8.63
C LEU A 18 0.06 -9.51 -9.34
N PRO A 19 -0.15 -10.68 -8.69
CA PRO A 19 -0.91 -11.78 -9.28
C PRO A 19 -2.33 -11.36 -9.70
N MET A 20 -2.98 -12.19 -10.52
CA MET A 20 -4.33 -11.89 -11.00
C MET A 20 -5.33 -11.75 -9.84
N GLY A 21 -4.98 -12.28 -8.67
CA GLY A 21 -5.86 -12.20 -7.51
C GLY A 21 -6.37 -10.78 -7.25
N ALA A 22 -5.56 -9.78 -7.60
CA ALA A 22 -5.95 -8.39 -7.41
C ALA A 22 -6.84 -7.91 -8.55
N ILE A 23 -8.13 -7.75 -8.25
CA ILE A 23 -9.10 -7.30 -9.24
C ILE A 23 -9.32 -5.79 -9.13
N ASP A 24 -9.39 -5.12 -10.28
CA ASP A 24 -9.60 -3.67 -10.31
C ASP A 24 -11.06 -3.31 -10.01
N VAL A 25 -11.29 -2.77 -8.81
CA VAL A 25 -12.63 -2.37 -8.39
C VAL A 25 -13.12 -1.12 -9.13
N SER A 26 -12.27 -0.52 -9.98
CA SER A 26 -12.64 0.67 -10.72
C SER A 26 -13.90 0.44 -11.56
N ASP A 27 -14.04 -0.77 -12.11
CA ASP A 27 -15.20 -1.12 -12.93
C ASP A 27 -16.48 -1.16 -12.08
N LEU A 28 -16.32 -1.34 -10.76
CA LEU A 28 -17.46 -1.41 -9.86
C LEU A 28 -17.67 -0.08 -9.11
N ARG A 29 -16.57 0.67 -8.88
CA ARG A 29 -16.65 1.95 -8.18
C ARG A 29 -15.69 2.99 -8.79
N PRO A 30 -16.03 4.29 -8.67
CA PRO A 30 -15.20 5.39 -9.21
C PRO A 30 -13.77 5.38 -8.67
N VAL A 31 -12.82 5.86 -9.47
CA VAL A 31 -11.41 5.91 -9.08
C VAL A 31 -10.72 7.16 -9.63
N PRO A 32 -9.96 7.88 -8.77
CA PRO A 32 -9.24 9.11 -9.17
C PRO A 32 -8.28 8.87 -10.34
N ASP A 33 -7.76 9.97 -10.89
CA ASP A 33 -6.83 9.89 -12.02
C ASP A 33 -5.36 9.89 -11.57
N ASN A 34 -5.13 9.76 -10.26
CA ASN A 34 -3.77 9.74 -9.73
C ASN A 34 -3.59 8.64 -8.69
N GLN A 35 -4.32 7.54 -8.86
CA GLN A 35 -4.24 6.41 -7.94
C GLN A 35 -4.98 5.19 -8.49
N GLU A 36 -4.92 4.10 -7.72
CA GLU A 36 -5.58 2.85 -8.11
C GLU A 36 -6.08 2.10 -6.89
N VAL A 37 -7.16 1.34 -7.07
CA VAL A 37 -7.75 0.55 -5.99
C VAL A 37 -7.96 -0.89 -6.42
N PHE A 38 -7.18 -1.79 -5.82
CA PHE A 38 -7.26 -3.23 -6.13
C PHE A 38 -7.75 -4.02 -4.93
N CYS A 39 -8.44 -5.13 -5.20
CA CYS A 39 -8.96 -5.98 -4.14
C CYS A 39 -8.69 -7.46 -4.42
N HIS A 40 -8.55 -8.25 -3.35
CA HIS A 40 -8.29 -9.68 -3.48
C HIS A 40 -9.44 -10.49 -2.88
N PRO A 41 -10.46 -10.81 -3.69
CA PRO A 41 -11.63 -11.58 -3.23
C PRO A 41 -11.25 -12.90 -2.55
N VAL A 42 -10.08 -13.44 -2.89
CA VAL A 42 -9.60 -14.68 -2.31
C VAL A 42 -9.24 -14.52 -0.82
N THR A 43 -8.24 -13.68 -0.56
CA THR A 43 -7.78 -13.44 0.81
C THR A 43 -8.61 -12.34 1.50
N ASP A 44 -9.54 -11.73 0.77
CA ASP A 44 -10.39 -10.67 1.31
C ASP A 44 -9.57 -9.46 1.74
N GLN A 45 -8.45 -9.22 1.05
CA GLN A 45 -7.58 -8.08 1.35
C GLN A 45 -7.76 -6.97 0.31
N SER A 46 -7.26 -5.78 0.61
CA SER A 46 -7.39 -4.65 -0.32
C SER A 46 -6.10 -3.84 -0.38
N LEU A 47 -5.73 -3.41 -1.59
CA LEU A 47 -4.52 -2.63 -1.80
C LEU A 47 -4.83 -1.31 -2.52
N ILE A 48 -4.33 -0.20 -1.97
CA ILE A 48 -4.54 1.12 -2.55
C ILE A 48 -3.22 1.86 -2.75
N VAL A 49 -3.04 2.43 -3.95
CA VAL A 49 -1.82 3.17 -4.28
C VAL A 49 -2.16 4.50 -4.95
N GLU A 50 -1.63 5.61 -4.42
CA GLU A 50 -1.90 6.93 -4.97
C GLU A 50 -0.61 7.74 -5.17
N LEU A 51 -0.66 8.69 -6.11
CA LEU A 51 0.48 9.54 -6.41
C LEU A 51 0.28 10.95 -5.83
N LEU A 52 1.28 11.44 -5.11
CA LEU A 52 1.23 12.76 -4.50
C LEU A 52 2.50 13.56 -4.78
N GLU A 53 2.52 14.83 -4.37
CA GLU A 53 3.67 15.69 -4.56
C GLU A 53 4.17 16.24 -3.22
N LEU A 54 5.48 16.22 -3.03
CA LEU A 54 6.11 16.70 -1.79
C LEU A 54 5.51 18.04 -1.33
N GLN A 55 4.94 18.03 -0.13
CA GLN A 55 4.33 19.23 0.44
C GLN A 55 5.08 19.69 1.69
N ALA A 56 5.36 20.98 1.77
CA ALA A 56 6.08 21.57 2.90
C ALA A 56 7.49 20.99 3.04
N HIS A 57 7.61 19.85 3.73
CA HIS A 57 8.90 19.21 3.94
C HIS A 57 8.74 17.83 4.60
N VAL A 58 7.69 17.10 4.21
CA VAL A 58 7.43 15.77 4.78
C VAL A 58 7.77 14.68 3.77
N ARG A 59 8.84 13.94 4.04
CA ARG A 59 9.28 12.87 3.15
C ARG A 59 9.66 11.62 3.94
N GLY A 60 9.22 10.45 3.44
CA GLY A 60 9.55 9.19 4.10
C GLY A 60 8.95 9.07 5.48
N GLU A 61 9.82 9.00 6.49
CA GLU A 61 9.37 8.88 7.88
C GLU A 61 8.48 10.06 8.27
N ALA A 62 8.79 11.24 7.72
CA ALA A 62 8.01 12.44 7.99
C ALA A 62 6.69 12.42 7.23
N ALA A 63 6.74 11.91 6.00
CA ALA A 63 5.56 11.83 5.15
C ALA A 63 4.58 10.78 5.66
N ALA A 64 5.11 9.59 5.99
CA ALA A 64 4.29 8.50 6.51
C ALA A 64 3.51 8.91 7.75
N ARG A 65 4.22 9.50 8.73
CA ARG A 65 3.58 9.94 9.97
C ARG A 65 2.54 11.03 9.68
N TYR A 66 2.88 11.96 8.78
CA TYR A 66 1.97 13.04 8.40
C TYR A 66 0.73 12.49 7.70
N HIS A 67 0.92 11.49 6.84
CA HIS A 67 -0.18 10.88 6.11
C HIS A 67 -0.98 9.93 7.00
N PHE A 68 -0.33 9.35 8.01
CA PHE A 68 -1.00 8.43 8.93
C PHE A 68 -2.20 9.10 9.59
N GLU A 69 -2.00 10.33 10.07
CA GLU A 69 -3.07 11.08 10.72
C GLU A 69 -4.18 11.41 9.71
N ASP A 70 -3.82 11.55 8.44
CA ASP A 70 -4.77 11.86 7.39
C ASP A 70 -5.78 10.71 7.21
N VAL A 71 -5.32 9.48 7.44
CA VAL A 71 -6.17 8.31 7.31
C VAL A 71 -7.08 8.13 8.52
N GLY A 72 -6.47 8.12 9.71
CA GLY A 72 -7.24 7.97 10.94
C GLY A 72 -8.11 9.19 11.25
N GLY A 73 -7.91 10.29 10.52
CA GLY A 73 -8.68 11.49 10.74
C GLY A 73 -9.99 11.52 9.96
N VAL A 74 -10.02 10.87 8.80
CA VAL A 74 -11.23 10.84 7.98
C VAL A 74 -12.34 10.04 8.64
N GLN A 75 -12.11 8.74 8.81
CA GLN A 75 -13.09 7.86 9.43
C GLN A 75 -13.01 7.96 10.97
N GLY A 76 -13.57 6.97 11.66
CA GLY A 76 -13.56 6.97 13.12
C GLY A 76 -12.16 6.87 13.68
N ALA A 77 -11.73 5.65 14.01
CA ALA A 77 -10.40 5.40 14.56
C ALA A 77 -10.18 6.18 15.85
N ARG A 78 -10.45 5.54 17.00
CA ARG A 78 -10.30 6.20 18.29
C ARG A 78 -9.07 5.71 19.05
N ALA A 79 -8.52 4.56 18.66
CA ALA A 79 -7.35 4.02 19.33
C ALA A 79 -6.31 3.57 18.31
N VAL A 80 -5.23 4.35 18.20
CA VAL A 80 -4.18 4.04 17.24
C VAL A 80 -2.80 4.01 17.90
N HIS A 81 -2.13 2.88 17.81
CA HIS A 81 -0.81 2.71 18.38
C HIS A 81 0.27 2.57 17.29
N VAL A 82 1.54 2.58 17.70
CA VAL A 82 2.64 2.45 16.77
C VAL A 82 3.43 1.17 17.03
N GLU A 83 3.50 0.29 16.04
CA GLU A 83 4.21 -0.97 16.18
C GLU A 83 5.72 -0.76 16.06
N SER A 84 6.18 -0.40 14.85
CA SER A 84 7.59 -0.15 14.59
C SER A 84 7.82 0.16 13.11
N VAL A 85 8.63 1.18 12.84
CA VAL A 85 8.93 1.58 11.47
C VAL A 85 10.27 1.02 11.02
N GLN A 86 10.35 0.59 9.76
CA GLN A 86 11.58 0.04 9.21
C GLN A 86 11.91 0.68 7.86
N PRO A 87 13.10 1.30 7.74
CA PRO A 87 13.55 1.96 6.51
C PRO A 87 14.00 0.95 5.45
N LEU A 88 13.59 1.18 4.20
CA LEU A 88 13.97 0.29 3.11
C LEU A 88 15.29 0.73 2.48
N SER A 89 15.79 -0.06 1.54
CA SER A 89 17.05 0.24 0.87
C SER A 89 16.88 0.27 -0.65
N LEU A 90 17.95 0.65 -1.37
CA LEU A 90 17.90 0.71 -2.83
C LEU A 90 17.72 -0.69 -3.41
N GLU A 91 18.28 -1.69 -2.75
CA GLU A 91 18.17 -3.08 -3.20
C GLU A 91 16.70 -3.49 -3.40
N ASN A 92 15.81 -2.93 -2.58
CA ASN A 92 14.39 -3.23 -2.67
C ASN A 92 13.83 -2.91 -4.05
N LEU A 93 14.43 -1.94 -4.74
CA LEU A 93 13.99 -1.58 -6.08
C LEU A 93 14.50 -2.61 -7.08
N ALA A 94 13.58 -3.46 -7.55
CA ALA A 94 13.91 -4.52 -8.50
C ALA A 94 14.90 -4.03 -9.56
N LEU A 95 14.45 -3.12 -10.42
CA LEU A 95 15.31 -2.56 -11.45
C LEU A 95 16.40 -1.70 -10.79
N ARG A 96 16.08 -1.16 -9.62
CA ARG A 96 17.01 -0.33 -8.85
C ARG A 96 17.41 0.91 -9.66
N GLY A 97 16.42 1.58 -10.25
CA GLY A 97 16.68 2.77 -11.04
C GLY A 97 17.19 3.91 -10.18
N ARG A 98 16.30 4.83 -9.80
CA ARG A 98 16.67 5.93 -8.95
C ARG A 98 15.61 6.19 -7.89
N CYS A 99 15.91 5.80 -6.66
CA CYS A 99 15.00 5.98 -5.54
C CYS A 99 15.72 6.62 -4.36
N GLN A 100 15.25 7.79 -3.93
CA GLN A 100 15.86 8.50 -2.81
C GLN A 100 15.91 7.63 -1.55
N GLU A 101 14.74 7.12 -1.15
CA GLU A 101 14.64 6.26 0.03
C GLU A 101 13.19 5.81 0.25
N ALA A 102 12.96 5.03 1.31
CA ALA A 102 11.62 4.54 1.62
C ALA A 102 11.49 4.20 3.10
N TRP A 103 10.29 4.44 3.65
CA TRP A 103 10.02 4.17 5.06
C TRP A 103 8.68 3.48 5.24
N VAL A 104 8.70 2.29 5.84
CA VAL A 104 7.49 1.51 6.08
C VAL A 104 6.97 1.72 7.50
N LEU A 105 5.67 1.96 7.61
CA LEU A 105 5.04 2.17 8.91
C LEU A 105 3.89 1.19 9.13
N SER A 106 3.97 0.42 10.21
CA SER A 106 2.93 -0.56 10.54
C SER A 106 2.25 -0.22 11.86
N GLY A 107 0.93 -0.41 11.91
CA GLY A 107 0.18 -0.11 13.11
C GLY A 107 -1.28 -0.54 13.02
N LYS A 108 -2.09 -0.08 13.97
CA LYS A 108 -3.51 -0.41 13.99
C LYS A 108 -4.32 0.70 14.64
N GLN A 109 -5.56 0.88 14.18
CA GLN A 109 -6.46 1.90 14.71
C GLN A 109 -7.77 1.28 15.17
N GLN A 110 -8.51 1.97 16.04
CA GLN A 110 -9.78 1.44 16.53
C GLN A 110 -10.95 2.07 15.78
N ILE A 111 -11.30 1.47 14.65
CA ILE A 111 -12.39 1.99 13.83
C ILE A 111 -13.74 1.54 14.40
N ALA A 112 -14.28 2.39 15.25
CA ALA A 112 -15.58 2.12 15.89
C ALA A 112 -16.58 3.22 15.56
N LYS A 113 -17.35 3.01 14.49
CA LYS A 113 -18.37 3.97 14.08
C LYS A 113 -19.74 3.31 13.93
N GLU A 114 -19.91 2.16 14.60
CA GLU A 114 -21.17 1.43 14.57
C GLU A 114 -21.94 1.64 15.87
N ASN A 115 -22.78 2.69 15.89
CA ASN A 115 -23.58 3.03 17.08
C ASN A 115 -22.68 3.35 18.28
N GLN A 116 -21.42 3.70 18.01
CA GLN A 116 -20.46 4.05 19.06
C GLN A 116 -20.44 3.01 20.17
N GLN A 117 -19.77 1.88 19.92
CA GLN A 117 -19.65 0.80 20.89
C GLN A 117 -18.69 -0.29 20.40
N VAL A 118 -18.74 -0.58 19.10
CA VAL A 118 -17.89 -1.60 18.50
C VAL A 118 -16.40 -1.21 18.59
N ALA A 119 -15.57 -2.02 17.95
CA ALA A 119 -14.12 -1.78 17.93
C ALA A 119 -13.39 -2.81 17.06
N LYS A 120 -12.25 -2.40 16.51
CA LYS A 120 -11.45 -3.28 15.64
C LYS A 120 -9.98 -2.88 15.67
N ASP A 121 -9.12 -3.79 15.19
CA ASP A 121 -7.68 -3.53 15.15
C ASP A 121 -7.12 -3.87 13.77
N VAL A 122 -7.64 -3.19 12.75
CA VAL A 122 -7.19 -3.41 11.37
C VAL A 122 -5.71 -3.07 11.21
N THR A 123 -4.96 -3.99 10.59
CA THR A 123 -3.53 -3.78 10.38
C THR A 123 -3.29 -2.94 9.13
N LEU A 124 -2.79 -1.72 9.33
CA LEU A 124 -2.51 -0.82 8.21
C LEU A 124 -1.01 -0.76 7.93
N HIS A 125 -0.59 -1.43 6.85
CA HIS A 125 0.81 -1.44 6.46
C HIS A 125 1.03 -0.57 5.24
N GLN A 126 1.55 0.63 5.46
CA GLN A 126 1.79 1.57 4.37
C GLN A 126 3.27 1.94 4.25
N ALA A 127 3.71 2.17 3.01
CA ALA A 127 5.09 2.54 2.74
C ALA A 127 5.17 3.89 2.04
N LEU A 128 6.17 4.69 2.42
CA LEU A 128 6.35 6.02 1.84
C LEU A 128 7.57 6.06 0.92
N LEU A 129 7.36 6.46 -0.33
CA LEU A 129 8.44 6.53 -1.31
C LEU A 129 8.54 7.96 -1.88
N ARG A 130 9.59 8.67 -1.50
CA ARG A 130 9.80 10.04 -1.97
C ARG A 130 10.96 10.10 -2.96
N LEU A 131 10.67 10.53 -4.18
CA LEU A 131 11.69 10.65 -5.23
C LEU A 131 11.99 12.12 -5.51
N PRO A 132 13.27 12.47 -5.73
CA PRO A 132 13.68 13.83 -6.01
C PRO A 132 13.51 14.25 -7.49
N GLN A 133 12.87 13.38 -8.29
CA GLN A 133 12.65 13.66 -9.70
C GLN A 133 11.92 14.99 -9.87
N TYR A 134 11.02 15.30 -8.94
CA TYR A 134 10.25 16.55 -8.97
C TYR A 134 9.48 16.73 -7.67
N GLN A 135 10.11 16.36 -6.53
CA GLN A 135 9.47 16.47 -5.23
C GLN A 135 8.15 15.68 -5.22
N THR A 136 8.26 14.35 -5.23
CA THR A 136 7.08 13.49 -5.24
C THR A 136 7.07 12.54 -4.04
N ASP A 137 5.89 12.02 -3.71
CA ASP A 137 5.74 11.09 -2.60
C ASP A 137 4.57 10.12 -2.85
N LEU A 138 4.92 8.89 -3.21
CA LEU A 138 3.91 7.86 -3.48
C LEU A 138 3.51 7.15 -2.21
N LEU A 139 2.20 6.93 -2.04
CA LEU A 139 1.69 6.26 -0.85
C LEU A 139 0.96 4.97 -1.19
N LEU A 140 1.16 3.95 -0.34
CA LEU A 140 0.53 2.65 -0.53
C LEU A 140 -0.16 2.20 0.75
N THR A 141 -1.42 1.80 0.65
CA THR A 141 -2.18 1.35 1.82
C THR A 141 -2.62 -0.11 1.67
N PHE A 142 -2.30 -0.92 2.69
CA PHE A 142 -2.66 -2.32 2.70
C PHE A 142 -3.73 -2.60 3.75
N ASN A 143 -4.88 -3.08 3.30
CA ASN A 143 -5.98 -3.39 4.20
C ASN A 143 -5.89 -4.83 4.71
N GLN A 144 -5.46 -4.99 5.96
CA GLN A 144 -5.32 -6.31 6.57
C GLN A 144 -6.32 -6.49 7.71
N PRO A 145 -7.40 -7.27 7.45
CA PRO A 145 -8.44 -7.53 8.46
C PRO A 145 -7.88 -8.09 9.77
N PRO A 146 -8.52 -7.76 10.90
CA PRO A 146 -8.06 -8.23 12.22
C PRO A 146 -8.35 -9.72 12.44
N PRO A 147 -7.55 -10.38 13.31
CA PRO A 147 -7.71 -11.81 13.61
C PRO A 147 -9.13 -12.17 14.07
N ASP A 148 -9.48 -13.45 13.95
CA ASP A 148 -10.80 -13.93 14.35
C ASP A 148 -10.71 -15.32 14.99
N ASN A 149 -11.72 -15.65 15.81
CA ASN A 149 -11.77 -16.95 16.48
C ASN A 149 -12.72 -17.90 15.74
N ARG A 150 -12.81 -17.74 14.42
CA ARG A 150 -13.67 -18.58 13.59
C ARG A 150 -13.07 -18.74 12.19
N SER A 151 -12.45 -19.89 11.94
CA SER A 151 -11.84 -20.16 10.63
C SER A 151 -12.83 -20.84 9.69
N SER A 152 -13.19 -22.08 10.01
CA SER A 152 -14.12 -22.84 9.18
C SER A 152 -13.63 -22.96 7.73
N LEU A 153 -12.34 -23.20 7.57
CA LEU A 153 -11.74 -23.33 6.24
C LEU A 153 -11.07 -24.70 6.09
N GLY A 154 -11.81 -25.66 5.54
CA GLY A 154 -11.27 -26.99 5.34
C GLY A 154 -11.05 -27.34 3.88
N PRO A 155 -10.20 -28.34 3.59
CA PRO A 155 -9.90 -28.77 2.22
C PRO A 155 -11.14 -29.23 1.47
N GLU A 156 -11.01 -29.36 0.15
CA GLU A 156 -12.11 -29.80 -0.70
C GLU A 156 -13.28 -28.83 -0.63
N ASN A 157 -12.97 -27.53 -0.51
CA ASN A 157 -13.99 -26.49 -0.43
C ASN A 157 -13.38 -25.11 -0.66
N LEU A 158 -12.33 -24.81 0.09
CA LEU A 158 -11.63 -23.53 -0.01
C LEU A 158 -10.12 -23.70 0.16
N SER A 159 -9.35 -22.99 -0.66
CA SER A 159 -7.89 -23.06 -0.60
C SER A 159 -7.32 -21.91 0.23
N PRO A 160 -6.42 -22.21 1.19
CA PRO A 160 -5.80 -21.20 2.05
C PRO A 160 -4.77 -20.34 1.32
N ALA A 161 -4.79 -19.04 1.59
CA ALA A 161 -3.85 -18.11 0.97
C ALA A 161 -3.54 -16.92 1.88
N PRO A 162 -2.97 -17.21 3.09
CA PRO A 162 -2.62 -16.16 4.05
C PRO A 162 -1.43 -15.31 3.59
N TRP A 163 -1.71 -14.10 3.13
CA TRP A 163 -0.67 -13.18 2.66
C TRP A 163 -0.02 -12.45 3.83
N SER A 164 1.31 -12.33 3.78
CA SER A 164 2.06 -11.65 4.84
C SER A 164 2.91 -10.52 4.25
N LEU A 165 3.95 -10.10 4.99
CA LEU A 165 4.84 -9.03 4.54
C LEU A 165 5.41 -9.33 3.16
N GLY A 166 5.58 -10.62 2.85
CA GLY A 166 6.10 -11.02 1.55
C GLY A 166 5.41 -10.32 0.40
N ASP A 167 4.07 -10.35 0.42
CA ASP A 167 3.27 -9.71 -0.62
C ASP A 167 3.54 -8.20 -0.64
N PHE A 168 3.48 -7.58 0.54
CA PHE A 168 3.73 -6.15 0.66
C PHE A 168 5.06 -5.76 0.01
N GLU A 169 6.10 -6.56 0.25
CA GLU A 169 7.41 -6.31 -0.32
C GLU A 169 7.34 -6.24 -1.85
N GLN A 170 6.59 -7.17 -2.45
CA GLN A 170 6.42 -7.22 -3.90
C GLN A 170 5.74 -5.94 -4.40
N LEU A 171 4.80 -5.41 -3.60
CA LEU A 171 4.08 -4.19 -3.98
C LEU A 171 5.06 -3.01 -4.11
N VAL A 172 6.10 -3.00 -3.28
CA VAL A 172 7.10 -1.93 -3.33
C VAL A 172 7.82 -1.95 -4.67
N THR A 173 8.08 -3.14 -5.19
CA THR A 173 8.73 -3.29 -6.48
C THR A 173 7.74 -3.10 -7.63
N SER A 174 6.46 -2.89 -7.29
CA SER A 174 5.42 -2.69 -8.29
C SER A 174 5.52 -1.33 -8.99
N LEU A 175 6.64 -0.63 -8.82
CA LEU A 175 6.83 0.66 -9.46
C LEU A 175 8.12 0.65 -10.31
N THR A 176 8.42 -0.52 -10.91
CA THR A 176 9.61 -0.67 -11.74
C THR A 176 9.57 0.26 -12.95
N LEU A 177 10.60 1.08 -13.11
CA LEU A 177 10.67 2.01 -14.23
C LEU A 177 11.08 1.30 -15.50
N HIS A 178 10.42 1.67 -16.59
CA HIS A 178 10.74 1.10 -17.89
C HIS A 178 10.44 2.12 -19.00
N ASP A 179 9.24 2.69 -18.96
CA ASP A 179 8.83 3.70 -19.94
C ASP A 179 8.60 5.06 -19.26
N PRO A 180 9.64 5.91 -19.21
CA PRO A 180 9.54 7.24 -18.58
C PRO A 180 8.68 8.21 -19.39
N ASN A 181 7.40 7.87 -19.53
CA ASN A 181 6.45 8.70 -20.28
C ASN A 181 6.06 9.93 -19.48
N ILE A 182 5.54 9.71 -18.26
CA ILE A 182 5.13 10.80 -17.39
C ILE A 182 6.24 11.18 -16.41
N PHE A 183 7.50 11.09 -16.87
CA PHE A 183 8.65 11.42 -16.04
C PHE A 183 9.10 12.87 -16.29
N GLY A 184 8.97 13.32 -17.53
CA GLY A 184 9.37 14.68 -17.87
C GLY A 184 8.32 15.70 -17.48
N PRO A 185 7.43 16.10 -18.40
CA PRO A 185 6.36 17.07 -18.13
C PRO A 185 5.49 16.67 -16.94
N GLN A 186 5.40 15.37 -16.68
CA GLN A 186 4.60 14.86 -15.56
C GLN A 186 5.48 14.33 -14.42
N MET A 1 8.25 -20.75 -14.71
CA MET A 1 9.37 -20.63 -13.73
C MET A 1 9.16 -19.42 -12.81
N GLU A 2 9.25 -18.22 -13.36
CA GLU A 2 9.06 -16.99 -12.58
C GLU A 2 8.13 -16.02 -13.29
N PRO A 3 6.83 -16.38 -13.42
CA PRO A 3 5.82 -15.54 -14.08
C PRO A 3 5.67 -14.16 -13.42
N THR A 4 4.98 -13.25 -14.12
CA THR A 4 4.76 -11.90 -13.60
C THR A 4 3.68 -11.17 -14.40
N ARG A 5 2.68 -10.64 -13.69
CA ARG A 5 1.58 -9.91 -14.31
C ARG A 5 1.74 -8.41 -14.10
N ASP A 6 2.39 -7.76 -15.05
CA ASP A 6 2.62 -6.31 -14.97
C ASP A 6 1.43 -5.53 -15.54
N CYS A 7 1.07 -4.44 -14.87
CA CYS A 7 -0.04 -3.61 -15.30
C CYS A 7 0.44 -2.24 -15.80
N PRO A 8 0.41 -2.03 -17.14
CA PRO A 8 0.85 -0.77 -17.75
C PRO A 8 0.16 0.45 -17.13
N LEU A 9 0.95 1.49 -16.87
CA LEU A 9 0.43 2.72 -16.27
C LEU A 9 0.67 3.92 -17.18
N PHE A 10 -0.39 4.67 -17.45
CA PHE A 10 -0.32 5.86 -18.31
C PHE A 10 0.21 5.50 -19.70
N GLY A 11 -0.17 4.32 -20.20
CA GLY A 11 0.27 3.90 -21.52
C GLY A 11 1.51 3.00 -21.49
N GLY A 12 1.98 2.65 -20.29
CA GLY A 12 3.15 1.79 -20.17
C GLY A 12 4.36 2.51 -19.59
N ALA A 13 4.14 3.58 -18.84
CA ALA A 13 5.23 4.33 -18.23
C ALA A 13 5.71 3.66 -16.94
N PHE A 14 4.75 3.15 -16.17
CA PHE A 14 5.04 2.47 -14.91
C PHE A 14 4.58 1.02 -14.99
N SER A 15 5.33 0.11 -14.34
CA SER A 15 4.98 -1.31 -14.34
C SER A 15 4.63 -1.78 -12.94
N ALA A 16 3.36 -2.12 -12.74
CA ALA A 16 2.89 -2.59 -11.44
C ALA A 16 2.71 -4.10 -11.43
N ILE A 17 3.23 -4.74 -10.39
CA ILE A 17 3.13 -6.18 -10.24
C ILE A 17 1.82 -6.57 -9.55
N LEU A 18 0.99 -7.34 -10.26
CA LEU A 18 -0.30 -7.77 -9.73
C LEU A 18 -0.44 -9.29 -9.77
N PRO A 19 -0.07 -9.98 -8.66
CA PRO A 19 -0.15 -11.45 -8.57
C PRO A 19 -1.55 -12.00 -8.83
N MET A 20 -1.65 -13.33 -8.97
CA MET A 20 -2.94 -13.98 -9.22
C MET A 20 -3.87 -13.83 -8.02
N GLY A 21 -4.91 -13.01 -8.18
CA GLY A 21 -5.86 -12.78 -7.10
C GLY A 21 -6.32 -11.34 -7.01
N ALA A 22 -5.41 -10.41 -7.31
CA ALA A 22 -5.72 -8.98 -7.26
C ALA A 22 -6.54 -8.54 -8.48
N ILE A 23 -7.60 -7.77 -8.21
CA ILE A 23 -8.48 -7.28 -9.27
C ILE A 23 -8.92 -5.84 -8.98
N ASP A 24 -8.77 -4.96 -9.97
CA ASP A 24 -9.13 -3.56 -9.82
C ASP A 24 -10.64 -3.39 -9.62
N VAL A 25 -11.02 -2.71 -8.53
CA VAL A 25 -12.44 -2.47 -8.24
C VAL A 25 -13.00 -1.29 -9.03
N SER A 26 -12.26 -0.82 -10.04
CA SER A 26 -12.71 0.30 -10.87
C SER A 26 -14.03 -0.04 -11.56
N ASP A 27 -14.22 -1.31 -11.90
CA ASP A 27 -15.44 -1.77 -12.56
C ASP A 27 -16.63 -1.70 -11.61
N LEU A 28 -16.38 -1.79 -10.31
CA LEU A 28 -17.42 -1.73 -9.30
C LEU A 28 -17.65 -0.30 -8.81
N ARG A 29 -16.58 0.49 -8.74
CA ARG A 29 -16.66 1.88 -8.29
C ARG A 29 -15.65 2.77 -9.01
N PRO A 30 -15.85 4.11 -8.98
CA PRO A 30 -14.95 5.07 -9.64
C PRO A 30 -13.50 4.95 -9.17
N VAL A 31 -12.56 5.35 -10.03
CA VAL A 31 -11.14 5.28 -9.71
C VAL A 31 -10.36 6.44 -10.34
N PRO A 32 -9.53 7.15 -9.53
CA PRO A 32 -8.74 8.28 -10.03
C PRO A 32 -7.71 7.86 -11.09
N ASP A 33 -7.01 8.85 -11.65
CA ASP A 33 -6.01 8.58 -12.69
C ASP A 33 -4.60 8.42 -12.10
N ASN A 34 -4.38 8.95 -10.90
CA ASN A 34 -3.07 8.86 -10.25
C ASN A 34 -3.05 7.79 -9.16
N GLN A 35 -3.93 6.78 -9.26
CA GLN A 35 -3.96 5.71 -8.27
C GLN A 35 -4.75 4.50 -8.78
N GLU A 36 -4.72 3.44 -7.98
CA GLU A 36 -5.43 2.20 -8.31
C GLU A 36 -5.89 1.48 -7.05
N VAL A 37 -7.13 1.00 -7.06
CA VAL A 37 -7.70 0.27 -5.93
C VAL A 37 -7.97 -1.19 -6.30
N PHE A 38 -7.16 -2.09 -5.74
CA PHE A 38 -7.30 -3.52 -6.02
C PHE A 38 -7.83 -4.26 -4.80
N CYS A 39 -8.26 -5.52 -5.00
CA CYS A 39 -8.80 -6.34 -3.92
C CYS A 39 -8.60 -7.83 -4.20
N HIS A 40 -8.53 -8.63 -3.13
CA HIS A 40 -8.34 -10.07 -3.26
C HIS A 40 -9.56 -10.82 -2.72
N PRO A 41 -10.24 -11.59 -3.58
CA PRO A 41 -11.44 -12.35 -3.20
C PRO A 41 -11.10 -13.71 -2.57
N VAL A 42 -10.13 -13.71 -1.64
CA VAL A 42 -9.72 -14.93 -0.95
C VAL A 42 -9.56 -14.68 0.54
N THR A 43 -8.70 -13.73 0.88
CA THR A 43 -8.44 -13.36 2.27
C THR A 43 -9.14 -12.04 2.64
N ASP A 44 -9.84 -11.45 1.68
CA ASP A 44 -10.55 -10.18 1.88
C ASP A 44 -9.57 -9.04 2.17
N GLN A 45 -8.62 -8.86 1.26
CA GLN A 45 -7.61 -7.81 1.39
C GLN A 45 -7.90 -6.67 0.42
N SER A 46 -7.32 -5.50 0.71
CA SER A 46 -7.49 -4.32 -0.13
C SER A 46 -6.19 -3.53 -0.24
N LEU A 47 -5.83 -3.14 -1.47
CA LEU A 47 -4.61 -2.38 -1.71
C LEU A 47 -4.91 -1.04 -2.37
N ILE A 48 -4.26 0.02 -1.91
CA ILE A 48 -4.46 1.37 -2.45
C ILE A 48 -3.14 2.10 -2.67
N VAL A 49 -2.80 2.34 -3.94
CA VAL A 49 -1.58 3.04 -4.31
C VAL A 49 -1.92 4.39 -4.93
N GLU A 50 -1.70 5.47 -4.19
CA GLU A 50 -2.00 6.82 -4.68
C GLU A 50 -0.75 7.67 -4.88
N LEU A 51 -0.82 8.60 -5.83
CA LEU A 51 0.28 9.50 -6.14
C LEU A 51 0.02 10.89 -5.56
N LEU A 52 1.00 11.45 -4.86
CA LEU A 52 0.87 12.77 -4.26
C LEU A 52 2.11 13.64 -4.54
N GLU A 53 2.03 14.91 -4.15
CA GLU A 53 3.15 15.84 -4.35
C GLU A 53 3.67 16.36 -3.01
N LEU A 54 4.99 16.37 -2.87
CA LEU A 54 5.66 16.83 -1.64
C LEU A 54 5.08 18.16 -1.15
N GLN A 55 4.40 18.12 0.00
CA GLN A 55 3.79 19.33 0.58
C GLN A 55 4.65 19.89 1.70
N ALA A 56 5.35 20.99 1.40
CA ALA A 56 6.23 21.66 2.37
C ALA A 56 7.40 20.77 2.79
N HIS A 57 7.16 19.81 3.68
CA HIS A 57 8.21 18.91 4.15
C HIS A 57 7.63 17.59 4.63
N VAL A 58 7.45 16.66 3.70
CA VAL A 58 6.90 15.34 4.03
C VAL A 58 7.62 14.22 3.26
N ARG A 59 8.58 13.59 3.93
CA ARG A 59 9.33 12.49 3.31
C ARG A 59 10.22 11.80 4.34
N GLY A 60 10.37 10.48 4.17
CA GLY A 60 11.19 9.70 5.09
C GLY A 60 10.36 9.04 6.18
N GLU A 61 10.83 9.16 7.42
CA GLU A 61 10.14 8.57 8.57
C GLU A 61 8.97 9.43 9.03
N ALA A 62 9.05 10.74 8.77
CA ALA A 62 7.99 11.67 9.17
C ALA A 62 6.84 11.64 8.17
N ALA A 63 7.15 11.31 6.91
CA ALA A 63 6.14 11.24 5.86
C ALA A 63 5.07 10.19 6.18
N ALA A 64 5.52 9.01 6.63
CA ALA A 64 4.61 7.92 6.96
C ALA A 64 3.60 8.36 8.02
N ARG A 65 4.09 8.89 9.13
CA ARG A 65 3.23 9.36 10.21
C ARG A 65 2.34 10.51 9.75
N TYR A 66 2.90 11.41 8.95
CA TYR A 66 2.15 12.55 8.42
C TYR A 66 0.91 12.10 7.68
N HIS A 67 1.04 11.06 6.87
CA HIS A 67 -0.09 10.52 6.11
C HIS A 67 -0.99 9.65 6.99
N PHE A 68 -0.37 8.93 7.93
CA PHE A 68 -1.11 8.05 8.85
C PHE A 68 -2.01 8.88 9.76
N GLU A 69 -1.45 9.94 10.35
CA GLU A 69 -2.21 10.82 11.25
C GLU A 69 -3.34 11.54 10.51
N ASP A 70 -3.10 11.89 9.24
CA ASP A 70 -4.11 12.58 8.44
C ASP A 70 -5.36 11.72 8.29
N VAL A 71 -5.16 10.41 8.14
CA VAL A 71 -6.27 9.47 7.98
C VAL A 71 -6.90 9.14 9.33
N GLY A 72 -6.07 8.68 10.27
CA GLY A 72 -6.57 8.34 11.59
C GLY A 72 -7.08 9.55 12.37
N GLY A 73 -6.80 10.75 11.88
CA GLY A 73 -7.24 11.96 12.55
C GLY A 73 -8.50 12.54 11.93
N VAL A 74 -8.60 12.48 10.60
CA VAL A 74 -9.75 13.03 9.89
C VAL A 74 -10.61 11.89 9.30
N GLN A 75 -10.94 10.91 10.14
CA GLN A 75 -11.76 9.78 9.70
C GLN A 75 -12.37 9.05 10.91
N GLY A 76 -11.51 8.68 11.87
CA GLY A 76 -11.96 7.99 13.07
C GLY A 76 -10.80 7.55 13.92
N ALA A 77 -10.71 6.24 14.19
CA ALA A 77 -9.62 5.67 15.00
C ALA A 77 -9.59 6.26 16.41
N ARG A 78 -10.12 5.50 17.38
CA ARG A 78 -10.14 5.95 18.77
C ARG A 78 -8.92 5.48 19.56
N ALA A 79 -8.29 4.40 19.09
CA ALA A 79 -7.10 3.85 19.75
C ALA A 79 -6.09 3.37 18.71
N VAL A 80 -5.00 4.12 18.56
CA VAL A 80 -3.97 3.78 17.59
C VAL A 80 -2.60 3.65 18.24
N HIS A 81 -1.96 2.49 18.04
CA HIS A 81 -0.64 2.24 18.59
C HIS A 81 0.40 2.13 17.47
N VAL A 82 1.68 2.06 17.85
CA VAL A 82 2.76 1.94 16.89
C VAL A 82 3.53 0.63 17.08
N GLU A 83 3.54 -0.18 16.02
CA GLU A 83 4.24 -1.47 16.07
C GLU A 83 5.73 -1.30 15.85
N SER A 84 6.10 -0.77 14.69
CA SER A 84 7.52 -0.55 14.35
C SER A 84 7.66 0.09 12.97
N VAL A 85 8.84 0.64 12.69
CA VAL A 85 9.11 1.27 11.41
C VAL A 85 10.11 0.45 10.60
N GLN A 86 9.76 0.14 9.36
CA GLN A 86 10.62 -0.64 8.48
C GLN A 86 11.27 0.25 7.41
N PRO A 87 12.51 0.68 7.65
CA PRO A 87 13.24 1.54 6.71
C PRO A 87 13.66 0.78 5.45
N LEU A 88 13.32 1.34 4.29
CA LEU A 88 13.65 0.73 3.01
C LEU A 88 14.82 1.47 2.33
N SER A 89 15.18 1.04 1.12
CA SER A 89 16.28 1.66 0.39
C SER A 89 16.16 1.39 -1.12
N LEU A 90 17.18 1.80 -1.88
CA LEU A 90 17.19 1.60 -3.34
C LEU A 90 17.26 0.12 -3.68
N GLU A 91 18.02 -0.64 -2.88
CA GLU A 91 18.16 -2.08 -3.09
C GLU A 91 16.81 -2.79 -3.20
N ASN A 92 15.83 -2.30 -2.43
CA ASN A 92 14.48 -2.88 -2.44
C ASN A 92 13.82 -2.74 -3.82
N LEU A 93 14.25 -1.76 -4.62
CA LEU A 93 13.70 -1.58 -5.94
C LEU A 93 14.33 -2.58 -6.91
N ALA A 94 13.53 -3.60 -7.27
CA ALA A 94 13.97 -4.65 -8.19
C ALA A 94 14.72 -4.06 -9.37
N LEU A 95 14.02 -3.26 -10.19
CA LEU A 95 14.65 -2.61 -11.33
C LEU A 95 15.69 -1.62 -10.82
N ARG A 96 15.43 -1.08 -9.62
CA ARG A 96 16.34 -0.13 -8.99
C ARG A 96 16.60 1.09 -9.89
N GLY A 97 15.53 1.77 -10.27
CA GLY A 97 15.66 2.94 -11.13
C GLY A 97 16.30 4.09 -10.40
N ARG A 98 15.52 5.11 -10.06
CA ARG A 98 16.05 6.24 -9.31
C ARG A 98 15.14 6.55 -8.12
N CYS A 99 15.60 6.17 -6.93
CA CYS A 99 14.85 6.39 -5.70
C CYS A 99 15.74 7.01 -4.63
N GLN A 100 15.25 8.06 -3.98
CA GLN A 100 16.01 8.75 -2.93
C GLN A 100 16.00 7.93 -1.64
N GLU A 101 14.82 7.41 -1.28
CA GLU A 101 14.67 6.61 -0.07
C GLU A 101 13.29 5.95 -0.02
N ALA A 102 13.04 5.17 1.04
CA ALA A 102 11.77 4.48 1.21
C ALA A 102 11.54 4.10 2.67
N TRP A 103 10.30 4.20 3.14
CA TRP A 103 9.97 3.86 4.52
C TRP A 103 8.62 3.14 4.62
N VAL A 104 8.46 2.34 5.68
CA VAL A 104 7.22 1.59 5.89
C VAL A 104 6.78 1.65 7.36
N LEU A 105 5.50 1.95 7.56
CA LEU A 105 4.93 2.03 8.90
C LEU A 105 3.79 1.03 9.07
N SER A 106 3.80 0.31 10.19
CA SER A 106 2.77 -0.70 10.48
C SER A 106 2.15 -0.46 11.84
N GLY A 107 0.82 -0.58 11.92
CA GLY A 107 0.12 -0.38 13.18
C GLY A 107 -1.35 -0.76 13.10
N LYS A 108 -2.11 -0.33 14.12
CA LYS A 108 -3.54 -0.63 14.20
C LYS A 108 -4.29 0.51 14.91
N GLN A 109 -5.52 0.76 14.48
CA GLN A 109 -6.36 1.81 15.07
C GLN A 109 -7.76 1.28 15.38
N GLN A 110 -8.49 1.97 16.25
CA GLN A 110 -9.84 1.55 16.61
C GLN A 110 -10.85 2.42 15.89
N ILE A 111 -11.20 2.03 14.66
CA ILE A 111 -12.16 2.79 13.87
C ILE A 111 -13.59 2.47 14.29
N ALA A 112 -14.06 3.24 15.25
CA ALA A 112 -15.41 3.09 15.79
C ALA A 112 -16.46 3.55 14.79
N LYS A 113 -17.69 3.02 14.91
CA LYS A 113 -18.78 3.38 14.00
C LYS A 113 -19.44 4.69 14.42
N GLU A 114 -20.42 5.13 13.63
CA GLU A 114 -21.14 6.37 13.92
C GLU A 114 -21.70 6.35 15.33
N ASN A 115 -22.22 5.19 15.75
CA ASN A 115 -22.77 5.02 17.08
C ASN A 115 -21.67 5.07 18.14
N GLN A 116 -20.42 4.80 17.73
CA GLN A 116 -19.28 4.80 18.64
C GLN A 116 -19.39 3.69 19.68
N GLN A 117 -20.09 2.61 19.32
CA GLN A 117 -20.27 1.47 20.21
C GLN A 117 -19.37 0.31 19.79
N VAL A 118 -19.12 0.20 18.48
CA VAL A 118 -18.28 -0.87 17.94
C VAL A 118 -16.80 -0.49 17.99
N ALA A 119 -15.95 -1.51 18.01
CA ALA A 119 -14.49 -1.30 18.06
C ALA A 119 -13.75 -2.39 17.28
N LYS A 120 -12.55 -2.04 16.79
CA LYS A 120 -11.73 -2.98 16.03
C LYS A 120 -10.25 -2.61 16.09
N ASP A 121 -9.39 -3.50 15.58
CA ASP A 121 -7.95 -3.28 15.58
C ASP A 121 -7.33 -3.79 14.28
N VAL A 122 -7.78 -3.23 13.16
CA VAL A 122 -7.27 -3.61 11.84
C VAL A 122 -5.82 -3.17 11.67
N THR A 123 -5.05 -3.97 10.93
CA THR A 123 -3.64 -3.65 10.69
C THR A 123 -3.46 -3.10 9.27
N LEU A 124 -2.97 -1.86 9.19
CA LEU A 124 -2.75 -1.20 7.90
C LEU A 124 -1.27 -0.93 7.66
N HIS A 125 -0.71 -1.58 6.64
CA HIS A 125 0.70 -1.39 6.28
C HIS A 125 0.85 -0.22 5.31
N GLN A 126 1.45 0.87 5.77
CA GLN A 126 1.64 2.05 4.93
C GLN A 126 3.10 2.20 4.50
N ALA A 127 3.29 2.46 3.21
CA ALA A 127 4.63 2.65 2.64
C ALA A 127 4.76 4.02 2.01
N LEU A 128 5.92 4.67 2.23
CA LEU A 128 6.16 6.00 1.68
C LEU A 128 7.37 6.00 0.75
N LEU A 129 7.16 6.42 -0.49
CA LEU A 129 8.23 6.49 -1.49
C LEU A 129 8.37 7.92 -2.00
N ARG A 130 9.38 8.63 -1.50
CA ARG A 130 9.61 10.02 -1.90
C ARG A 130 10.67 10.11 -3.00
N LEU A 131 10.29 10.71 -4.13
CA LEU A 131 11.18 10.88 -5.27
C LEU A 131 11.42 12.36 -5.56
N PRO A 132 12.69 12.76 -5.76
CA PRO A 132 13.04 14.16 -6.03
C PRO A 132 12.85 14.57 -7.49
N GLN A 133 12.20 13.72 -8.29
CA GLN A 133 11.94 14.01 -9.71
C GLN A 133 11.21 15.34 -9.85
N TYR A 134 10.31 15.61 -8.90
CA TYR A 134 9.52 16.84 -8.87
C TYR A 134 8.78 16.97 -7.54
N GLN A 135 9.44 16.57 -6.45
CA GLN A 135 8.85 16.62 -5.11
C GLN A 135 7.55 15.80 -5.08
N THR A 136 7.68 14.48 -4.99
CA THR A 136 6.53 13.58 -4.96
C THR A 136 6.58 12.62 -3.78
N ASP A 137 5.42 12.04 -3.45
CA ASP A 137 5.32 11.09 -2.36
C ASP A 137 4.21 10.05 -2.63
N LEU A 138 4.63 8.81 -2.90
CA LEU A 138 3.69 7.74 -3.19
C LEU A 138 3.18 7.08 -1.91
N LEU A 139 1.88 6.78 -1.88
CA LEU A 139 1.27 6.14 -0.71
C LEU A 139 0.82 4.72 -1.02
N LEU A 140 1.08 3.81 -0.08
CA LEU A 140 0.70 2.40 -0.23
C LEU A 140 -0.08 1.92 0.99
N THR A 141 -1.41 2.04 0.93
CA THR A 141 -2.27 1.63 2.03
C THR A 141 -2.74 0.19 1.84
N PHE A 142 -2.46 -0.66 2.83
CA PHE A 142 -2.86 -2.06 2.78
C PHE A 142 -3.92 -2.35 3.85
N ASN A 143 -5.03 -2.95 3.44
CA ASN A 143 -6.11 -3.29 4.36
C ASN A 143 -6.11 -4.78 4.68
N GLN A 144 -5.67 -5.12 5.89
CA GLN A 144 -5.60 -6.50 6.33
C GLN A 144 -6.10 -6.65 7.77
N PRO A 145 -7.32 -7.16 7.95
CA PRO A 145 -7.92 -7.34 9.28
C PRO A 145 -7.50 -8.66 9.93
N PRO A 146 -7.26 -8.65 11.26
CA PRO A 146 -6.86 -9.85 12.01
C PRO A 146 -7.85 -11.02 11.82
N PRO A 147 -9.18 -10.77 11.95
CA PRO A 147 -10.18 -11.81 11.79
C PRO A 147 -10.54 -12.09 10.33
N ASP A 148 -10.00 -13.17 9.78
CA ASP A 148 -10.28 -13.55 8.40
C ASP A 148 -10.43 -15.07 8.26
N ASN A 149 -9.48 -15.83 8.82
CA ASN A 149 -9.55 -17.29 8.76
C ASN A 149 -10.15 -17.86 10.03
N ARG A 150 -9.91 -17.19 11.16
CA ARG A 150 -10.44 -17.63 12.45
C ARG A 150 -11.62 -16.76 12.88
N SER A 151 -12.80 -17.38 12.96
CA SER A 151 -14.01 -16.66 13.36
C SER A 151 -15.06 -17.63 13.93
N SER A 152 -15.43 -18.63 13.13
CA SER A 152 -16.41 -19.62 13.55
C SER A 152 -15.72 -20.86 14.12
N LEU A 153 -14.82 -21.45 13.32
CA LEU A 153 -14.08 -22.63 13.75
C LEU A 153 -12.98 -22.98 12.74
N GLY A 154 -13.33 -22.99 11.46
CA GLY A 154 -12.37 -23.29 10.42
C GLY A 154 -12.49 -22.36 9.22
N PRO A 155 -11.43 -22.24 8.42
CA PRO A 155 -11.40 -21.37 7.23
C PRO A 155 -12.63 -21.54 6.33
N GLU A 156 -13.14 -20.42 5.83
CA GLU A 156 -14.32 -20.43 4.95
C GLU A 156 -13.92 -20.37 3.47
N ASN A 157 -12.83 -19.65 3.17
CA ASN A 157 -12.36 -19.52 1.79
C ASN A 157 -11.14 -20.40 1.53
N LEU A 158 -10.73 -20.49 0.26
CA LEU A 158 -9.58 -21.30 -0.12
C LEU A 158 -8.28 -20.49 -0.03
N SER A 159 -7.67 -20.49 1.17
CA SER A 159 -6.43 -19.76 1.38
C SER A 159 -5.47 -20.57 2.24
N PRO A 160 -4.65 -21.45 1.61
CA PRO A 160 -3.68 -22.28 2.32
C PRO A 160 -2.51 -21.47 2.89
N ALA A 161 -2.17 -20.37 2.22
CA ALA A 161 -1.08 -19.50 2.66
C ALA A 161 -1.57 -18.07 2.85
N PRO A 162 -1.53 -17.57 4.10
CA PRO A 162 -1.97 -16.20 4.41
C PRO A 162 -1.03 -15.13 3.85
N TRP A 163 -1.60 -14.00 3.42
CA TRP A 163 -0.81 -12.91 2.87
C TRP A 163 -0.15 -12.10 3.99
N SER A 164 1.17 -11.94 3.89
CA SER A 164 1.94 -11.19 4.89
C SER A 164 2.78 -10.11 4.22
N LEU A 165 3.80 -9.61 4.93
CA LEU A 165 4.67 -8.56 4.39
C LEU A 165 5.27 -8.97 3.04
N GLY A 166 5.46 -10.28 2.84
CA GLY A 166 6.02 -10.76 1.59
C GLY A 166 5.31 -10.20 0.37
N ASP A 167 3.98 -10.28 0.37
CA ASP A 167 3.18 -9.77 -0.74
C ASP A 167 3.29 -8.24 -0.82
N PHE A 168 3.34 -7.59 0.35
CA PHE A 168 3.46 -6.14 0.42
C PHE A 168 4.74 -5.67 -0.26
N GLU A 169 5.85 -6.37 0.01
CA GLU A 169 7.14 -6.03 -0.58
C GLU A 169 7.05 -5.99 -2.11
N GLN A 170 6.26 -6.91 -2.67
CA GLN A 170 6.07 -6.96 -4.13
C GLN A 170 5.41 -5.68 -4.64
N LEU A 171 4.52 -5.09 -3.83
CA LEU A 171 3.85 -3.86 -4.21
C LEU A 171 4.85 -2.69 -4.31
N VAL A 172 5.90 -2.73 -3.49
CA VAL A 172 6.92 -1.70 -3.52
C VAL A 172 7.66 -1.73 -4.85
N THR A 173 7.82 -2.94 -5.40
CA THR A 173 8.47 -3.13 -6.68
C THR A 173 7.48 -2.94 -7.84
N SER A 174 6.22 -2.67 -7.50
CA SER A 174 5.18 -2.46 -8.51
C SER A 174 5.32 -1.09 -9.20
N LEU A 175 6.45 -0.41 -9.01
CA LEU A 175 6.67 0.89 -9.65
C LEU A 175 8.02 0.91 -10.38
N THR A 176 8.39 -0.24 -10.94
CA THR A 176 9.66 -0.36 -11.67
C THR A 176 9.68 0.56 -12.89
N LEU A 177 10.69 1.44 -12.94
CA LEU A 177 10.84 2.39 -14.04
C LEU A 177 11.72 1.80 -15.15
N HIS A 178 11.16 1.74 -16.36
CA HIS A 178 11.88 1.22 -17.51
C HIS A 178 12.06 2.31 -18.58
N ASP A 179 10.97 3.03 -18.87
CA ASP A 179 10.98 4.11 -19.84
C ASP A 179 10.27 5.34 -19.32
N PRO A 180 11.00 6.45 -19.07
CA PRO A 180 10.43 7.70 -18.56
C PRO A 180 9.62 8.45 -19.61
N ASN A 181 8.51 7.86 -20.04
CA ASN A 181 7.64 8.46 -21.05
C ASN A 181 6.67 9.46 -20.42
N ILE A 182 6.45 9.36 -19.11
CA ILE A 182 5.53 10.26 -18.40
C ILE A 182 6.29 11.19 -17.45
N PHE A 183 7.43 11.71 -17.91
CA PHE A 183 8.24 12.60 -17.10
C PHE A 183 8.22 14.02 -17.66
N GLY A 184 8.40 14.14 -18.97
CA GLY A 184 8.39 15.46 -19.60
C GLY A 184 7.03 15.82 -20.15
N PRO A 185 6.91 16.98 -20.84
CA PRO A 185 5.63 17.44 -21.41
C PRO A 185 5.06 16.43 -22.41
N GLN A 186 4.21 15.53 -21.90
CA GLN A 186 3.58 14.52 -22.74
C GLN A 186 2.22 14.98 -23.25
N MET A 1 9.71 -20.00 -12.02
CA MET A 1 9.71 -19.45 -13.41
C MET A 1 9.99 -17.94 -13.42
N GLU A 2 9.62 -17.26 -12.33
CA GLU A 2 9.82 -15.81 -12.22
C GLU A 2 9.05 -15.05 -13.30
N PRO A 3 7.71 -15.15 -13.28
CA PRO A 3 6.85 -14.47 -14.26
C PRO A 3 6.79 -12.95 -14.04
N THR A 4 6.07 -12.26 -14.92
CA THR A 4 5.93 -10.81 -14.83
C THR A 4 4.47 -10.37 -14.97
N ARG A 5 3.86 -9.98 -13.85
CA ARG A 5 2.48 -9.53 -13.84
C ARG A 5 2.40 -8.01 -13.75
N ASP A 6 3.18 -7.34 -14.58
CA ASP A 6 3.22 -5.87 -14.61
C ASP A 6 1.93 -5.32 -15.24
N CYS A 7 1.34 -4.33 -14.58
CA CYS A 7 0.10 -3.71 -15.06
C CYS A 7 0.38 -2.31 -15.60
N PRO A 8 -0.04 -2.03 -16.85
CA PRO A 8 0.16 -0.71 -17.48
C PRO A 8 -0.39 0.43 -16.63
N LEU A 9 0.43 1.46 -16.44
CA LEU A 9 0.03 2.62 -15.63
C LEU A 9 0.36 3.93 -16.34
N PHE A 10 -0.66 4.78 -16.51
CA PHE A 10 -0.50 6.07 -17.18
C PHE A 10 0.03 5.89 -18.61
N GLY A 11 -0.47 4.86 -19.29
CA GLY A 11 -0.04 4.60 -20.66
C GLY A 11 1.23 3.76 -20.76
N GLY A 12 1.82 3.41 -19.63
CA GLY A 12 3.04 2.60 -19.63
C GLY A 12 4.23 3.30 -19.00
N ALA A 13 3.98 4.36 -18.23
CA ALA A 13 5.07 5.09 -17.56
C ALA A 13 5.58 4.31 -16.37
N PHE A 14 4.69 3.56 -15.72
CA PHE A 14 5.04 2.75 -14.56
C PHE A 14 4.49 1.34 -14.70
N SER A 15 5.13 0.38 -14.05
CA SER A 15 4.70 -1.01 -14.10
C SER A 15 4.38 -1.52 -12.70
N ALA A 16 3.12 -1.96 -12.52
CA ALA A 16 2.68 -2.47 -11.22
C ALA A 16 2.60 -3.99 -11.23
N ILE A 17 3.38 -4.61 -10.34
CA ILE A 17 3.41 -6.06 -10.24
C ILE A 17 2.49 -6.55 -9.12
N LEU A 18 1.66 -7.54 -9.44
CA LEU A 18 0.71 -8.11 -8.47
C LEU A 18 -0.03 -9.30 -9.06
N PRO A 19 -0.49 -10.24 -8.20
CA PRO A 19 -1.23 -11.42 -8.66
C PRO A 19 -2.60 -11.08 -9.20
N MET A 20 -3.13 -11.93 -10.08
CA MET A 20 -4.44 -11.71 -10.69
C MET A 20 -5.54 -11.62 -9.62
N GLY A 21 -5.29 -12.20 -8.44
CA GLY A 21 -6.27 -12.16 -7.36
C GLY A 21 -6.73 -10.75 -7.03
N ALA A 22 -5.86 -9.76 -7.27
CA ALA A 22 -6.19 -8.36 -7.00
C ALA A 22 -7.24 -7.85 -7.97
N ILE A 23 -8.50 -7.86 -7.52
CA ILE A 23 -9.61 -7.41 -8.35
C ILE A 23 -9.72 -5.89 -8.32
N ASP A 24 -9.94 -5.29 -9.49
CA ASP A 24 -10.07 -3.84 -9.62
C ASP A 24 -11.48 -3.39 -9.25
N VAL A 25 -11.59 -2.76 -8.08
CA VAL A 25 -12.89 -2.27 -7.61
C VAL A 25 -13.39 -1.08 -8.44
N SER A 26 -12.56 -0.59 -9.37
CA SER A 26 -12.94 0.54 -10.22
C SER A 26 -14.25 0.26 -10.96
N ASP A 27 -14.45 -0.99 -11.37
CA ASP A 27 -15.66 -1.39 -12.08
C ASP A 27 -16.89 -1.29 -11.17
N LEU A 28 -16.67 -1.41 -9.86
CA LEU A 28 -17.75 -1.35 -8.88
C LEU A 28 -17.92 0.07 -8.32
N ARG A 29 -16.84 0.86 -8.32
CA ARG A 29 -16.89 2.23 -7.81
C ARG A 29 -15.87 3.13 -8.52
N PRO A 30 -16.19 4.44 -8.65
CA PRO A 30 -15.29 5.42 -9.31
C PRO A 30 -13.89 5.47 -8.68
N VAL A 31 -12.86 5.62 -9.53
CA VAL A 31 -11.48 5.67 -9.05
C VAL A 31 -10.68 6.72 -9.83
N PRO A 32 -10.03 7.66 -9.12
CA PRO A 32 -9.21 8.72 -9.74
C PRO A 32 -8.09 8.17 -10.60
N ASP A 33 -7.41 9.06 -11.33
CA ASP A 33 -6.30 8.67 -12.21
C ASP A 33 -4.97 8.66 -11.47
N ASN A 34 -4.86 9.44 -10.39
CA ASN A 34 -3.63 9.51 -9.61
C ASN A 34 -3.64 8.52 -8.45
N GLN A 35 -4.38 7.42 -8.60
CA GLN A 35 -4.46 6.40 -7.56
C GLN A 35 -5.21 5.16 -8.03
N GLU A 36 -5.03 4.05 -7.31
CA GLU A 36 -5.68 2.79 -7.65
C GLU A 36 -6.22 2.09 -6.39
N VAL A 37 -7.24 1.26 -6.59
CA VAL A 37 -7.83 0.51 -5.48
C VAL A 37 -7.98 -0.96 -5.85
N PHE A 38 -7.14 -1.81 -5.26
CA PHE A 38 -7.17 -3.24 -5.53
C PHE A 38 -7.62 -4.00 -4.28
N CYS A 39 -8.31 -5.12 -4.49
CA CYS A 39 -8.80 -5.94 -3.38
C CYS A 39 -8.70 -7.43 -3.70
N HIS A 40 -8.36 -8.22 -2.69
CA HIS A 40 -8.23 -9.67 -2.85
C HIS A 40 -9.40 -10.39 -2.18
N PRO A 41 -10.27 -11.05 -2.97
CA PRO A 41 -11.44 -11.77 -2.43
C PRO A 41 -11.04 -13.01 -1.61
N VAL A 42 -10.10 -13.79 -2.15
CA VAL A 42 -9.64 -15.02 -1.47
C VAL A 42 -9.06 -14.72 -0.09
N THR A 43 -8.08 -13.83 -0.03
CA THR A 43 -7.43 -13.46 1.23
C THR A 43 -8.24 -12.39 1.98
N ASP A 44 -9.19 -11.76 1.30
CA ASP A 44 -10.01 -10.70 1.89
C ASP A 44 -9.15 -9.51 2.29
N GLN A 45 -8.09 -9.27 1.53
CA GLN A 45 -7.18 -8.15 1.78
C GLN A 45 -7.52 -6.96 0.89
N SER A 46 -6.89 -5.82 1.15
CA SER A 46 -7.13 -4.61 0.37
C SER A 46 -5.85 -3.83 0.14
N LEU A 47 -5.58 -3.47 -1.12
CA LEU A 47 -4.38 -2.73 -1.49
C LEU A 47 -4.75 -1.44 -2.22
N ILE A 48 -4.20 -0.31 -1.74
CA ILE A 48 -4.48 0.99 -2.35
C ILE A 48 -3.19 1.78 -2.61
N VAL A 49 -3.11 2.39 -3.79
CA VAL A 49 -1.94 3.20 -4.16
C VAL A 49 -2.37 4.58 -4.64
N GLU A 50 -1.60 5.62 -4.27
CA GLU A 50 -1.93 6.98 -4.66
C GLU A 50 -0.66 7.80 -4.95
N LEU A 51 -0.78 8.74 -5.90
CA LEU A 51 0.35 9.60 -6.28
C LEU A 51 0.22 10.96 -5.60
N LEU A 52 1.30 11.38 -4.96
CA LEU A 52 1.35 12.68 -4.27
C LEU A 52 2.60 13.47 -4.65
N GLU A 53 2.68 14.71 -4.17
CA GLU A 53 3.81 15.58 -4.44
C GLU A 53 4.54 15.95 -3.14
N LEU A 54 5.82 16.28 -3.25
CA LEU A 54 6.62 16.66 -2.08
C LEU A 54 6.02 17.87 -1.37
N GLN A 55 5.19 17.59 -0.38
CA GLN A 55 4.54 18.63 0.41
C GLN A 55 5.47 19.12 1.52
N ALA A 56 5.39 20.41 1.85
CA ALA A 56 6.23 21.00 2.89
C ALA A 56 6.44 20.05 4.06
N HIS A 57 7.71 19.68 4.28
CA HIS A 57 8.10 18.77 5.35
C HIS A 57 7.23 17.50 5.39
N VAL A 58 6.97 16.91 4.21
CA VAL A 58 6.16 15.70 4.13
C VAL A 58 6.87 14.64 3.28
N ARG A 59 7.76 13.87 3.91
CA ARG A 59 8.50 12.82 3.20
C ARG A 59 8.90 11.67 4.14
N GLY A 60 8.59 10.44 3.71
CA GLY A 60 8.93 9.26 4.50
C GLY A 60 8.29 9.26 5.88
N GLU A 61 9.13 9.25 6.91
CA GLU A 61 8.65 9.26 8.29
C GLU A 61 7.71 10.43 8.54
N ALA A 62 8.06 11.58 7.97
CA ALA A 62 7.24 12.79 8.12
C ALA A 62 5.96 12.69 7.30
N ALA A 63 6.06 12.11 6.11
CA ALA A 63 4.91 11.94 5.22
C ALA A 63 3.94 10.90 5.77
N ALA A 64 4.49 9.79 6.27
CA ALA A 64 3.67 8.71 6.83
C ALA A 64 2.76 9.21 7.94
N ARG A 65 3.35 9.89 8.93
CA ARG A 65 2.59 10.41 10.06
C ARG A 65 1.58 11.47 9.60
N TYR A 66 2.00 12.32 8.65
CA TYR A 66 1.14 13.37 8.11
C TYR A 66 -0.05 12.77 7.35
N HIS A 67 0.20 11.70 6.60
CA HIS A 67 -0.85 11.05 5.82
C HIS A 67 -1.64 10.03 6.65
N PHE A 68 -1.02 9.50 7.70
CA PHE A 68 -1.68 8.51 8.57
C PHE A 68 -2.70 9.18 9.49
N GLU A 69 -2.36 10.36 9.99
CA GLU A 69 -3.24 11.10 10.89
C GLU A 69 -4.39 11.74 10.13
N ASP A 70 -4.15 12.14 8.89
CA ASP A 70 -5.18 12.77 8.06
C ASP A 70 -6.25 11.77 7.63
N VAL A 71 -5.83 10.52 7.40
CA VAL A 71 -6.75 9.47 6.98
C VAL A 71 -7.45 8.83 8.18
N GLY A 72 -6.66 8.28 9.10
CA GLY A 72 -7.20 7.64 10.28
C GLY A 72 -7.99 8.60 11.18
N GLY A 73 -7.82 9.90 10.95
CA GLY A 73 -8.53 10.89 11.76
C GLY A 73 -9.93 11.19 11.27
N VAL A 74 -10.22 10.89 10.00
CA VAL A 74 -11.53 11.16 9.43
C VAL A 74 -12.27 9.86 9.07
N GLN A 75 -12.26 8.90 10.00
CA GLN A 75 -12.94 7.62 9.79
C GLN A 75 -12.80 6.72 11.02
N GLY A 76 -13.44 7.12 12.12
CA GLY A 76 -13.36 6.35 13.34
C GLY A 76 -11.94 6.16 13.82
N ALA A 77 -11.61 4.93 14.23
CA ALA A 77 -10.26 4.61 14.69
C ALA A 77 -9.81 5.54 15.82
N ARG A 78 -10.19 5.22 17.06
CA ARG A 78 -9.83 6.04 18.20
C ARG A 78 -8.42 5.70 18.70
N ALA A 79 -8.30 4.60 19.43
CA ALA A 79 -6.99 4.18 19.94
C ALA A 79 -6.10 3.65 18.82
N VAL A 80 -5.10 4.44 18.44
CA VAL A 80 -4.18 4.06 17.37
C VAL A 80 -2.74 3.98 17.87
N HIS A 81 -2.13 2.81 17.70
CA HIS A 81 -0.75 2.60 18.13
C HIS A 81 0.18 2.42 16.94
N VAL A 82 1.49 2.38 17.20
CA VAL A 82 2.48 2.19 16.15
C VAL A 82 3.22 0.87 16.33
N GLU A 83 3.13 0.00 15.32
CA GLU A 83 3.79 -1.30 15.36
C GLU A 83 5.31 -1.16 15.27
N SER A 84 5.80 -0.80 14.09
CA SER A 84 7.24 -0.62 13.86
C SER A 84 7.51 -0.12 12.45
N VAL A 85 8.46 0.80 12.33
CA VAL A 85 8.83 1.37 11.04
C VAL A 85 10.25 0.98 10.64
N GLN A 86 10.49 0.85 9.34
CA GLN A 86 11.81 0.47 8.84
C GLN A 86 12.06 1.02 7.44
N PRO A 87 13.29 1.49 7.16
CA PRO A 87 13.65 2.04 5.85
C PRO A 87 13.93 0.95 4.83
N LEU A 88 13.39 1.12 3.62
CA LEU A 88 13.59 0.14 2.55
C LEU A 88 14.85 0.48 1.73
N SER A 89 15.83 -0.42 1.77
CA SER A 89 17.09 -0.22 1.04
C SER A 89 16.85 -0.15 -0.47
N LEU A 90 17.78 0.49 -1.18
CA LEU A 90 17.67 0.62 -2.63
C LEU A 90 17.59 -0.75 -3.31
N GLU A 91 18.28 -1.73 -2.74
CA GLU A 91 18.27 -3.09 -3.28
C GLU A 91 16.85 -3.66 -3.32
N ASN A 92 15.98 -3.20 -2.43
CA ASN A 92 14.60 -3.66 -2.38
C ASN A 92 13.88 -3.42 -3.70
N LEU A 93 14.27 -2.35 -4.42
CA LEU A 93 13.68 -2.04 -5.70
C LEU A 93 14.28 -2.93 -6.78
N ALA A 94 13.51 -3.93 -7.19
CA ALA A 94 13.94 -4.88 -8.23
C ALA A 94 14.61 -4.17 -9.39
N LEU A 95 13.86 -3.29 -10.06
CA LEU A 95 14.38 -2.51 -11.17
C LEU A 95 15.37 -1.47 -10.64
N ARG A 96 15.16 -1.07 -9.39
CA ARG A 96 16.01 -0.08 -8.71
C ARG A 96 15.89 1.30 -9.36
N GLY A 97 16.48 1.47 -10.55
CA GLY A 97 16.43 2.75 -11.23
C GLY A 97 17.02 3.85 -10.38
N ARG A 98 16.27 4.94 -10.19
CA ARG A 98 16.75 6.01 -9.34
C ARG A 98 15.76 6.26 -8.21
N CYS A 99 16.12 5.79 -7.02
CA CYS A 99 15.27 5.95 -5.83
C CYS A 99 16.02 6.70 -4.73
N GLN A 100 15.40 7.77 -4.22
CA GLN A 100 15.99 8.56 -3.15
C GLN A 100 16.00 7.81 -1.83
N GLU A 101 14.81 7.37 -1.40
CA GLU A 101 14.68 6.62 -0.16
C GLU A 101 13.29 5.98 -0.04
N ALA A 102 13.19 4.97 0.82
CA ALA A 102 11.92 4.27 1.02
C ALA A 102 11.58 4.15 2.51
N TRP A 103 10.32 4.42 2.84
CA TRP A 103 9.84 4.35 4.21
C TRP A 103 8.67 3.39 4.34
N VAL A 104 8.57 2.73 5.50
CA VAL A 104 7.49 1.79 5.75
C VAL A 104 6.94 1.98 7.16
N LEU A 105 5.61 2.02 7.26
CA LEU A 105 4.92 2.18 8.54
C LEU A 105 3.78 1.19 8.68
N SER A 106 3.69 0.54 9.84
CA SER A 106 2.63 -0.43 10.11
C SER A 106 2.05 -0.24 11.50
N GLY A 107 0.79 -0.63 11.67
CA GLY A 107 0.13 -0.49 12.96
C GLY A 107 -1.34 -0.86 12.91
N LYS A 108 -2.09 -0.41 13.92
CA LYS A 108 -3.52 -0.67 14.01
C LYS A 108 -4.24 0.44 14.77
N GLN A 109 -5.58 0.41 14.72
CA GLN A 109 -6.39 1.41 15.39
C GLN A 109 -7.66 0.77 15.97
N GLN A 110 -8.36 1.51 16.83
CA GLN A 110 -9.59 1.01 17.43
C GLN A 110 -10.80 1.58 16.72
N ILE A 111 -11.29 0.85 15.72
CA ILE A 111 -12.46 1.27 14.97
C ILE A 111 -13.73 0.92 15.72
N ALA A 112 -14.14 1.82 16.62
CA ALA A 112 -15.33 1.63 17.43
C ALA A 112 -16.15 2.92 17.51
N LYS A 113 -17.41 2.84 17.07
CA LYS A 113 -18.31 4.00 17.09
C LYS A 113 -19.76 3.59 16.86
N GLU A 114 -20.65 4.58 16.68
CA GLU A 114 -22.07 4.33 16.46
C GLU A 114 -22.73 3.71 17.69
N ASN A 115 -22.58 2.39 17.85
CA ASN A 115 -23.14 1.68 18.99
C ASN A 115 -22.24 1.78 20.22
N GLN A 116 -20.96 2.11 19.99
CA GLN A 116 -19.99 2.24 21.08
C GLN A 116 -19.77 0.89 21.79
N GLN A 117 -20.01 -0.20 21.07
CA GLN A 117 -19.84 -1.54 21.62
C GLN A 117 -18.88 -2.36 20.74
N VAL A 118 -19.08 -2.29 19.42
CA VAL A 118 -18.24 -3.01 18.48
C VAL A 118 -16.91 -2.28 18.23
N ALA A 119 -15.86 -3.05 17.96
CA ALA A 119 -14.53 -2.48 17.71
C ALA A 119 -13.76 -3.30 16.67
N LYS A 120 -12.69 -2.71 16.14
CA LYS A 120 -11.85 -3.38 15.14
C LYS A 120 -10.39 -2.97 15.28
N ASP A 121 -9.48 -3.85 14.86
CA ASP A 121 -8.05 -3.58 14.94
C ASP A 121 -7.33 -4.03 13.65
N VAL A 122 -7.74 -3.43 12.53
CA VAL A 122 -7.16 -3.77 11.23
C VAL A 122 -5.72 -3.25 11.12
N THR A 123 -4.88 -3.98 10.38
CA THR A 123 -3.49 -3.59 10.19
C THR A 123 -3.33 -2.82 8.88
N LEU A 124 -2.77 -1.61 8.98
CA LEU A 124 -2.56 -0.77 7.80
C LEU A 124 -1.07 -0.60 7.50
N HIS A 125 -0.61 -1.30 6.46
CA HIS A 125 0.79 -1.26 6.04
C HIS A 125 1.00 -0.14 5.01
N GLN A 126 1.68 0.94 5.42
CA GLN A 126 1.93 2.07 4.53
C GLN A 126 3.39 2.13 4.12
N ALA A 127 3.63 2.50 2.86
CA ALA A 127 4.97 2.63 2.31
C ALA A 127 5.15 3.97 1.60
N LEU A 128 6.16 4.74 2.01
CA LEU A 128 6.43 6.04 1.41
C LEU A 128 7.69 6.00 0.55
N LEU A 129 7.55 6.36 -0.72
CA LEU A 129 8.68 6.37 -1.65
C LEU A 129 8.89 7.78 -2.21
N ARG A 130 9.98 8.40 -1.80
CA ARG A 130 10.31 9.76 -2.26
C ARG A 130 11.28 9.71 -3.44
N LEU A 131 10.86 10.26 -4.57
CA LEU A 131 11.69 10.27 -5.78
C LEU A 131 12.04 11.70 -6.17
N PRO A 132 13.31 11.95 -6.54
CA PRO A 132 13.77 13.29 -6.94
C PRO A 132 13.39 13.64 -8.39
N GLN A 133 12.63 12.77 -9.06
CA GLN A 133 12.21 13.00 -10.44
C GLN A 133 11.57 14.38 -10.59
N TYR A 134 10.82 14.79 -9.57
CA TYR A 134 10.14 16.09 -9.57
C TYR A 134 9.50 16.34 -8.21
N GLN A 135 10.21 15.95 -7.13
CA GLN A 135 9.69 16.13 -5.78
C GLN A 135 8.33 15.44 -5.65
N THR A 136 8.34 14.11 -5.74
CA THR A 136 7.10 13.33 -5.67
C THR A 136 7.06 12.45 -4.41
N ASP A 137 5.84 12.11 -3.99
CA ASP A 137 5.63 11.27 -2.81
C ASP A 137 4.66 10.13 -3.15
N LEU A 138 5.13 8.89 -2.97
CA LEU A 138 4.28 7.72 -3.25
C LEU A 138 3.66 7.19 -1.96
N LEU A 139 2.36 6.91 -2.00
CA LEU A 139 1.64 6.40 -0.83
C LEU A 139 1.01 5.04 -1.11
N LEU A 140 1.29 4.07 -0.24
CA LEU A 140 0.75 2.73 -0.38
C LEU A 140 -0.06 2.33 0.86
N THR A 141 -1.08 1.49 0.65
CA THR A 141 -1.94 1.03 1.75
C THR A 141 -2.18 -0.47 1.66
N PHE A 142 -1.76 -1.19 2.70
CA PHE A 142 -1.94 -2.65 2.76
C PHE A 142 -2.82 -3.03 3.94
N ASN A 143 -3.99 -3.59 3.65
CA ASN A 143 -4.94 -3.99 4.70
C ASN A 143 -4.78 -5.46 5.03
N GLN A 144 -4.53 -5.75 6.31
CA GLN A 144 -4.35 -7.14 6.77
C GLN A 144 -5.16 -7.39 8.04
N PRO A 145 -5.81 -8.57 8.14
CA PRO A 145 -6.61 -8.93 9.32
C PRO A 145 -5.73 -9.33 10.51
N PRO A 146 -5.96 -8.70 11.69
CA PRO A 146 -5.20 -8.99 12.91
C PRO A 146 -4.99 -10.49 13.14
N PRO A 147 -6.08 -11.30 13.20
CA PRO A 147 -5.96 -12.74 13.42
C PRO A 147 -5.36 -13.48 12.22
N ASP A 148 -4.30 -14.24 12.47
CA ASP A 148 -3.63 -14.99 11.41
C ASP A 148 -3.53 -16.47 11.78
N ASN A 149 -3.08 -16.75 13.00
CA ASN A 149 -2.94 -18.12 13.49
C ASN A 149 -4.27 -18.66 13.99
N ARG A 150 -4.57 -19.90 13.63
CA ARG A 150 -5.82 -20.54 14.05
C ARG A 150 -5.61 -22.05 14.26
N SER A 151 -5.09 -22.71 13.23
CA SER A 151 -4.82 -24.15 13.29
C SER A 151 -3.44 -24.47 12.74
N SER A 152 -3.21 -24.08 11.48
CA SER A 152 -1.92 -24.31 10.82
C SER A 152 -1.64 -25.81 10.64
N LEU A 153 -1.83 -26.30 9.42
CA LEU A 153 -1.59 -27.71 9.10
C LEU A 153 -0.94 -27.87 7.73
N GLY A 154 -1.51 -27.21 6.72
CA GLY A 154 -0.99 -27.29 5.37
C GLY A 154 -2.09 -27.18 4.32
N PRO A 155 -1.72 -27.02 3.03
CA PRO A 155 -2.70 -26.90 1.93
C PRO A 155 -3.64 -28.11 1.87
N GLU A 156 -4.74 -28.01 2.61
CA GLU A 156 -5.73 -29.09 2.65
C GLU A 156 -7.11 -28.59 2.18
N ASN A 157 -7.50 -27.42 2.68
CA ASN A 157 -8.79 -26.83 2.31
C ASN A 157 -8.64 -25.92 1.09
N LEU A 158 -8.77 -26.52 -0.11
CA LEU A 158 -8.64 -25.76 -1.37
C LEU A 158 -7.23 -25.20 -1.55
N SER A 159 -6.25 -25.73 -0.82
CA SER A 159 -4.86 -25.29 -0.91
C SER A 159 -4.76 -23.76 -0.78
N PRO A 160 -4.98 -23.23 0.43
CA PRO A 160 -4.92 -21.78 0.69
C PRO A 160 -3.57 -21.17 0.36
N ALA A 161 -3.53 -19.84 0.24
CA ALA A 161 -2.29 -19.13 -0.09
C ALA A 161 -2.16 -17.82 0.70
N PRO A 162 -1.96 -17.91 2.04
CA PRO A 162 -1.82 -16.74 2.91
C PRO A 162 -0.72 -15.79 2.44
N TRP A 163 -0.94 -14.49 2.62
CA TRP A 163 0.04 -13.48 2.21
C TRP A 163 0.49 -12.64 3.41
N SER A 164 1.82 -12.51 3.57
CA SER A 164 2.39 -11.75 4.68
C SER A 164 3.22 -10.57 4.15
N LEU A 165 4.25 -10.15 4.90
CA LEU A 165 5.12 -9.03 4.51
C LEU A 165 5.64 -9.21 3.09
N GLY A 166 5.86 -10.47 2.68
CA GLY A 166 6.36 -10.75 1.34
C GLY A 166 5.51 -10.11 0.26
N ASP A 167 4.20 -10.07 0.48
CA ASP A 167 3.27 -9.47 -0.47
C ASP A 167 3.40 -7.94 -0.48
N PHE A 168 3.53 -7.35 0.72
CA PHE A 168 3.67 -5.90 0.84
C PHE A 168 4.92 -5.42 0.11
N GLU A 169 6.05 -6.06 0.39
CA GLU A 169 7.32 -5.70 -0.25
C GLU A 169 7.18 -5.75 -1.77
N GLN A 170 6.38 -6.70 -2.26
CA GLN A 170 6.16 -6.85 -3.69
C GLN A 170 5.43 -5.64 -4.26
N LEU A 171 4.43 -5.14 -3.53
CA LEU A 171 3.69 -3.96 -3.98
C LEU A 171 4.60 -2.75 -4.07
N VAL A 172 5.64 -2.71 -3.23
CA VAL A 172 6.59 -1.60 -3.25
C VAL A 172 7.37 -1.61 -4.55
N THR A 173 7.66 -2.80 -5.07
CA THR A 173 8.38 -2.94 -6.33
C THR A 173 7.42 -2.78 -7.51
N SER A 174 6.12 -2.59 -7.22
CA SER A 174 5.13 -2.42 -8.27
C SER A 174 5.21 -1.04 -8.93
N LEU A 175 6.31 -0.32 -8.73
CA LEU A 175 6.50 0.99 -9.35
C LEU A 175 7.81 1.03 -10.14
N THR A 176 8.17 -0.12 -10.73
CA THR A 176 9.40 -0.24 -11.51
C THR A 176 9.40 0.71 -12.71
N LEU A 177 10.42 1.57 -12.79
CA LEU A 177 10.53 2.54 -13.87
C LEU A 177 11.23 1.91 -15.09
N HIS A 178 10.44 1.49 -16.06
CA HIS A 178 10.98 0.88 -17.28
C HIS A 178 11.32 1.95 -18.32
N ASP A 179 10.29 2.63 -18.82
CA ASP A 179 10.48 3.68 -19.82
C ASP A 179 10.17 5.06 -19.22
N PRO A 180 11.16 5.97 -19.22
CA PRO A 180 11.01 7.32 -18.68
C PRO A 180 10.25 8.25 -19.63
N ASN A 181 9.04 7.82 -20.03
CA ASN A 181 8.21 8.63 -20.93
C ASN A 181 7.48 9.74 -20.19
N ILE A 182 7.66 9.81 -18.87
CA ILE A 182 7.01 10.84 -18.06
C ILE A 182 8.07 11.72 -17.36
N PHE A 183 9.13 12.04 -18.09
CA PHE A 183 10.21 12.87 -17.55
C PHE A 183 10.34 14.18 -18.32
N GLY A 184 10.25 14.09 -19.65
CA GLY A 184 10.35 15.28 -20.49
C GLY A 184 9.00 15.71 -21.05
N PRO A 185 9.00 16.45 -22.18
CA PRO A 185 7.76 16.92 -22.81
C PRO A 185 6.97 15.78 -23.44
N GLN A 186 6.18 15.10 -22.62
CA GLN A 186 5.37 13.97 -23.09
C GLN A 186 3.95 14.02 -22.51
N MET A 1 1.45 -20.50 -12.64
CA MET A 1 0.21 -19.68 -12.82
C MET A 1 0.54 -18.28 -13.35
N GLU A 2 1.56 -18.18 -14.21
CA GLU A 2 1.98 -16.90 -14.79
C GLU A 2 2.33 -15.88 -13.71
N PRO A 3 3.52 -16.02 -13.08
CA PRO A 3 3.97 -15.09 -12.03
C PRO A 3 4.42 -13.74 -12.59
N THR A 4 4.71 -12.80 -11.69
CA THR A 4 5.15 -11.45 -12.05
C THR A 4 4.34 -10.87 -13.22
N ARG A 5 3.20 -10.27 -12.89
CA ARG A 5 2.33 -9.67 -13.91
C ARG A 5 2.27 -8.15 -13.74
N ASP A 6 3.14 -7.45 -14.46
CA ASP A 6 3.17 -5.98 -14.39
C ASP A 6 1.98 -5.38 -15.12
N CYS A 7 1.61 -4.17 -14.73
CA CYS A 7 0.48 -3.47 -15.33
C CYS A 7 0.85 -2.04 -15.71
N PRO A 8 0.53 -1.62 -16.96
CA PRO A 8 0.83 -0.25 -17.46
C PRO A 8 0.26 0.83 -16.56
N LEU A 9 1.07 1.85 -16.27
CA LEU A 9 0.65 2.96 -15.42
C LEU A 9 0.64 4.27 -16.21
N PHE A 10 -0.56 4.82 -16.41
CA PHE A 10 -0.72 6.08 -17.16
C PHE A 10 -0.15 5.96 -18.57
N GLY A 11 -0.55 4.91 -19.28
CA GLY A 11 -0.08 4.71 -20.64
C GLY A 11 1.10 3.74 -20.74
N GLY A 12 1.67 3.37 -19.59
CA GLY A 12 2.81 2.46 -19.58
C GLY A 12 4.09 3.11 -19.10
N ALA A 13 3.98 4.14 -18.25
CA ALA A 13 5.15 4.83 -17.71
C ALA A 13 5.77 4.01 -16.58
N PHE A 14 4.91 3.37 -15.78
CA PHE A 14 5.36 2.55 -14.67
C PHE A 14 4.77 1.14 -14.77
N SER A 15 5.49 0.17 -14.22
CA SER A 15 5.03 -1.22 -14.25
C SER A 15 4.70 -1.70 -12.84
N ALA A 16 3.42 -1.93 -12.59
CA ALA A 16 2.96 -2.37 -11.27
C ALA A 16 2.65 -3.86 -11.25
N ILE A 17 3.36 -4.58 -10.39
CA ILE A 17 3.18 -6.02 -10.24
C ILE A 17 1.96 -6.34 -9.36
N LEU A 18 1.12 -7.24 -9.83
CA LEU A 18 -0.09 -7.63 -9.09
C LEU A 18 -0.12 -9.14 -8.86
N PRO A 19 -0.72 -9.59 -7.73
CA PRO A 19 -0.80 -11.02 -7.40
C PRO A 19 -1.89 -11.74 -8.20
N MET A 20 -1.94 -13.06 -8.08
CA MET A 20 -2.94 -13.86 -8.79
C MET A 20 -4.27 -13.85 -8.04
N GLY A 21 -5.19 -13.01 -8.50
CA GLY A 21 -6.49 -12.90 -7.85
C GLY A 21 -6.94 -11.46 -7.65
N ALA A 22 -6.00 -10.52 -7.70
CA ALA A 22 -6.30 -9.10 -7.51
C ALA A 22 -7.19 -8.56 -8.63
N ILE A 23 -8.18 -7.74 -8.25
CA ILE A 23 -9.09 -7.14 -9.21
C ILE A 23 -9.31 -5.66 -8.92
N ASP A 24 -9.49 -4.88 -9.97
CA ASP A 24 -9.71 -3.43 -9.84
C ASP A 24 -11.16 -3.16 -9.46
N VAL A 25 -11.36 -2.50 -8.31
CA VAL A 25 -12.70 -2.18 -7.82
C VAL A 25 -13.35 -1.05 -8.62
N SER A 26 -12.67 -0.56 -9.67
CA SER A 26 -13.23 0.53 -10.50
C SER A 26 -14.60 0.16 -11.05
N ASP A 27 -14.84 -1.15 -11.27
CA ASP A 27 -16.13 -1.61 -11.79
C ASP A 27 -17.20 -1.58 -10.70
N LEU A 28 -16.79 -1.84 -9.46
CA LEU A 28 -17.71 -1.85 -8.32
C LEU A 28 -17.88 -0.45 -7.72
N ARG A 29 -16.82 0.37 -7.77
CA ARG A 29 -16.85 1.72 -7.22
C ARG A 29 -15.93 2.67 -8.00
N PRO A 30 -16.18 3.99 -7.93
CA PRO A 30 -15.38 4.99 -8.64
C PRO A 30 -13.97 5.15 -8.05
N VAL A 31 -12.97 5.29 -8.91
CA VAL A 31 -11.58 5.46 -8.48
C VAL A 31 -10.85 6.47 -9.36
N PRO A 32 -10.25 7.52 -8.75
CA PRO A 32 -9.51 8.56 -9.48
C PRO A 32 -8.36 7.97 -10.31
N ASP A 33 -8.09 8.58 -11.46
CA ASP A 33 -7.01 8.12 -12.35
C ASP A 33 -5.68 8.05 -11.61
N ASN A 34 -5.47 8.97 -10.67
CA ASN A 34 -4.22 9.00 -9.90
C ASN A 34 -4.32 8.12 -8.64
N GLN A 35 -4.97 6.96 -8.79
CA GLN A 35 -5.12 6.02 -7.67
C GLN A 35 -5.18 4.58 -8.16
N GLU A 36 -5.22 3.65 -7.21
CA GLU A 36 -5.28 2.22 -7.50
C GLU A 36 -5.78 1.43 -6.31
N VAL A 37 -6.94 0.80 -6.45
CA VAL A 37 -7.54 0.01 -5.38
C VAL A 37 -7.83 -1.41 -5.84
N PHE A 38 -7.01 -2.36 -5.40
CA PHE A 38 -7.19 -3.77 -5.78
C PHE A 38 -7.69 -4.58 -4.60
N CYS A 39 -8.55 -5.56 -4.88
CA CYS A 39 -9.10 -6.41 -3.83
C CYS A 39 -9.10 -7.89 -4.24
N HIS A 40 -8.81 -8.77 -3.29
CA HIS A 40 -8.77 -10.21 -3.53
C HIS A 40 -9.94 -10.89 -2.85
N PRO A 41 -10.79 -11.61 -3.62
CA PRO A 41 -11.96 -12.31 -3.07
C PRO A 41 -11.58 -13.55 -2.24
N VAL A 42 -10.54 -14.26 -2.67
CA VAL A 42 -10.08 -15.47 -2.00
C VAL A 42 -9.79 -15.25 -0.52
N THR A 43 -9.04 -14.19 -0.21
CA THR A 43 -8.68 -13.87 1.17
C THR A 43 -9.39 -12.61 1.67
N ASP A 44 -10.12 -11.92 0.78
CA ASP A 44 -10.84 -10.70 1.14
C ASP A 44 -9.88 -9.58 1.54
N GLN A 45 -8.72 -9.53 0.88
CA GLN A 45 -7.71 -8.50 1.16
C GLN A 45 -7.81 -7.36 0.15
N SER A 46 -7.19 -6.22 0.47
CA SER A 46 -7.23 -5.06 -0.42
C SER A 46 -5.92 -4.26 -0.36
N LEU A 47 -5.51 -3.75 -1.52
CA LEU A 47 -4.28 -2.95 -1.64
C LEU A 47 -4.60 -1.58 -2.24
N ILE A 48 -4.02 -0.53 -1.66
CA ILE A 48 -4.25 0.83 -2.12
C ILE A 48 -2.97 1.51 -2.61
N VAL A 49 -3.10 2.38 -3.61
CA VAL A 49 -1.96 3.10 -4.17
C VAL A 49 -2.40 4.48 -4.68
N GLU A 50 -1.87 5.55 -4.08
CA GLU A 50 -2.24 6.91 -4.47
C GLU A 50 -1.00 7.75 -4.78
N LEU A 51 -1.15 8.69 -5.72
CA LEU A 51 -0.07 9.58 -6.11
C LEU A 51 -0.19 10.92 -5.39
N LEU A 52 0.94 11.41 -4.86
CA LEU A 52 0.96 12.68 -4.14
C LEU A 52 2.23 13.48 -4.46
N GLU A 53 2.27 14.72 -3.96
CA GLU A 53 3.41 15.59 -4.17
C GLU A 53 3.98 16.06 -2.82
N LEU A 54 5.31 16.15 -2.75
CA LEU A 54 5.99 16.59 -1.51
C LEU A 54 5.37 17.88 -0.98
N GLN A 55 4.58 17.77 0.09
CA GLN A 55 3.92 18.93 0.68
C GLN A 55 4.85 19.63 1.68
N ALA A 56 5.20 20.88 1.36
CA ALA A 56 6.09 21.69 2.20
C ALA A 56 7.47 21.05 2.33
N HIS A 57 7.61 20.09 3.25
CA HIS A 57 8.89 19.40 3.46
C HIS A 57 8.71 18.16 4.32
N VAL A 58 7.56 17.48 4.16
CA VAL A 58 7.28 16.27 4.92
C VAL A 58 7.90 15.05 4.25
N ARG A 59 9.11 14.69 4.70
CA ARG A 59 9.82 13.54 4.15
C ARG A 59 10.56 12.78 5.24
N GLY A 60 10.95 11.54 4.93
CA GLY A 60 11.66 10.73 5.88
C GLY A 60 10.72 9.90 6.74
N GLU A 61 11.16 9.62 7.98
CA GLU A 61 10.35 8.84 8.92
C GLU A 61 9.13 9.61 9.40
N ALA A 62 9.20 10.95 9.33
CA ALA A 62 8.08 11.79 9.77
C ALA A 62 6.97 11.80 8.73
N ALA A 63 7.34 11.59 7.46
CA ALA A 63 6.38 11.58 6.37
C ALA A 63 5.39 10.42 6.53
N ALA A 64 5.87 9.27 6.98
CA ALA A 64 5.03 8.10 7.19
C ALA A 64 3.92 8.38 8.20
N ARG A 65 4.32 8.82 9.40
CA ARG A 65 3.37 9.14 10.46
C ARG A 65 2.49 10.34 10.08
N TYR A 66 3.08 11.33 9.40
CA TYR A 66 2.35 12.51 8.96
C TYR A 66 1.19 12.12 8.04
N HIS A 67 1.50 11.41 6.97
CA HIS A 67 0.49 10.96 6.01
C HIS A 67 -0.50 9.99 6.67
N PHE A 68 -0.02 9.22 7.64
CA PHE A 68 -0.86 8.26 8.35
C PHE A 68 -2.05 8.97 9.01
N GLU A 69 -1.77 10.06 9.72
CA GLU A 69 -2.82 10.84 10.38
C GLU A 69 -3.87 11.31 9.38
N ASP A 70 -3.42 11.60 8.16
CA ASP A 70 -4.33 12.04 7.10
C ASP A 70 -5.31 10.93 6.71
N VAL A 71 -4.82 9.69 6.74
CA VAL A 71 -5.65 8.54 6.40
C VAL A 71 -6.58 8.18 7.55
N GLY A 72 -6.00 8.03 8.74
CA GLY A 72 -6.79 7.70 9.93
C GLY A 72 -7.64 8.87 10.42
N GLY A 73 -7.59 10.00 9.72
CA GLY A 73 -8.36 11.16 10.12
C GLY A 73 -9.44 11.52 9.10
N VAL A 74 -9.16 11.27 7.82
CA VAL A 74 -10.11 11.57 6.76
C VAL A 74 -11.33 10.65 6.79
N GLN A 75 -11.17 9.41 7.27
CA GLN A 75 -12.28 8.46 7.35
C GLN A 75 -12.85 8.37 8.77
N GLY A 76 -12.18 7.59 9.63
CA GLY A 76 -12.63 7.44 11.01
C GLY A 76 -11.48 7.21 11.96
N ALA A 77 -11.33 5.96 12.44
CA ALA A 77 -10.24 5.60 13.35
C ALA A 77 -10.28 6.41 14.65
N ARG A 78 -10.71 5.77 15.74
CA ARG A 78 -10.79 6.43 17.04
C ARG A 78 -9.61 6.08 17.95
N ALA A 79 -8.94 4.96 17.65
CA ALA A 79 -7.79 4.51 18.44
C ALA A 79 -6.73 3.90 17.54
N VAL A 80 -5.63 4.62 17.34
CA VAL A 80 -4.54 4.15 16.48
C VAL A 80 -3.21 4.10 17.24
N HIS A 81 -2.56 2.95 17.18
CA HIS A 81 -1.26 2.77 17.84
C HIS A 81 -0.15 2.58 16.80
N VAL A 82 1.09 2.58 17.26
CA VAL A 82 2.24 2.39 16.37
C VAL A 82 3.00 1.12 16.70
N GLU A 83 3.08 0.20 15.73
CA GLU A 83 3.78 -1.06 15.92
C GLU A 83 5.29 -0.85 15.93
N SER A 84 5.84 -0.43 14.79
CA SER A 84 7.27 -0.18 14.66
C SER A 84 7.60 0.37 13.27
N VAL A 85 8.29 1.51 13.24
CA VAL A 85 8.68 2.14 11.98
C VAL A 85 10.07 1.68 11.54
N GLN A 86 10.19 1.35 10.25
CA GLN A 86 11.47 0.88 9.70
C GLN A 86 11.74 1.49 8.32
N PRO A 87 12.98 1.95 8.09
CA PRO A 87 13.38 2.56 6.81
C PRO A 87 13.58 1.51 5.71
N LEU A 88 13.80 1.98 4.48
CA LEU A 88 14.00 1.10 3.33
C LEU A 88 15.23 1.54 2.53
N SER A 89 15.60 0.74 1.53
CA SER A 89 16.75 1.04 0.69
C SER A 89 16.39 1.02 -0.79
N LEU A 90 17.36 1.34 -1.65
CA LEU A 90 17.15 1.36 -3.09
C LEU A 90 17.14 -0.07 -3.65
N GLU A 91 17.84 -0.98 -2.98
CA GLU A 91 17.92 -2.38 -3.41
C GLU A 91 16.51 -2.97 -3.56
N ASN A 92 15.58 -2.53 -2.72
CA ASN A 92 14.20 -3.02 -2.75
C ASN A 92 13.56 -2.76 -4.11
N LEU A 93 14.06 -1.77 -4.85
CA LEU A 93 13.53 -1.46 -6.16
C LEU A 93 14.05 -2.47 -7.18
N ALA A 94 13.18 -3.37 -7.59
CA ALA A 94 13.52 -4.43 -8.57
C ALA A 94 14.40 -3.88 -9.69
N LEU A 95 13.82 -2.98 -10.50
CA LEU A 95 14.58 -2.36 -11.58
C LEU A 95 15.65 -1.44 -11.00
N ARG A 96 15.40 -0.94 -9.79
CA ARG A 96 16.32 -0.06 -9.10
C ARG A 96 16.59 1.21 -9.92
N GLY A 97 15.52 1.96 -10.20
CA GLY A 97 15.67 3.19 -10.96
C GLY A 97 16.36 4.24 -10.14
N ARG A 98 15.61 5.25 -9.72
CA ARG A 98 16.16 6.31 -8.88
C ARG A 98 15.27 6.52 -7.67
N CYS A 99 15.73 6.03 -6.52
CA CYS A 99 14.97 6.17 -5.28
C CYS A 99 15.85 6.78 -4.19
N GLN A 100 15.73 8.09 -3.99
CA GLN A 100 16.51 8.80 -2.98
C GLN A 100 16.41 8.13 -1.61
N GLU A 101 15.19 7.70 -1.25
CA GLU A 101 14.97 7.04 0.04
C GLU A 101 13.56 6.43 0.12
N ALA A 102 13.32 5.67 1.18
CA ALA A 102 12.03 5.02 1.41
C ALA A 102 11.87 4.60 2.86
N TRP A 103 10.64 4.63 3.36
CA TRP A 103 10.37 4.25 4.75
C TRP A 103 9.05 3.48 4.85
N VAL A 104 8.93 2.63 5.88
CA VAL A 104 7.72 1.83 6.07
C VAL A 104 7.11 2.05 7.46
N LEU A 105 5.78 1.94 7.53
CA LEU A 105 5.05 2.12 8.79
C LEU A 105 3.79 1.25 8.84
N SER A 106 3.63 0.52 9.94
CA SER A 106 2.46 -0.36 10.11
C SER A 106 1.84 -0.18 11.50
N GLY A 107 0.56 -0.51 11.61
CA GLY A 107 -0.14 -0.39 12.88
C GLY A 107 -1.60 -0.82 12.80
N LYS A 108 -2.44 -0.19 13.62
CA LYS A 108 -3.86 -0.50 13.65
C LYS A 108 -4.67 0.72 14.10
N GLN A 109 -5.96 0.76 13.74
CA GLN A 109 -6.84 1.86 14.13
C GLN A 109 -8.23 1.35 14.47
N GLN A 110 -8.99 2.13 15.24
CA GLN A 110 -10.34 1.74 15.63
C GLN A 110 -11.36 2.45 14.74
N ILE A 111 -11.67 1.85 13.60
CA ILE A 111 -12.62 2.46 12.67
C ILE A 111 -14.05 2.21 13.13
N ALA A 112 -14.56 3.16 13.90
CA ALA A 112 -15.91 3.11 14.43
C ALA A 112 -16.64 4.43 14.24
N LYS A 113 -17.33 4.57 13.11
CA LYS A 113 -18.07 5.80 12.80
C LYS A 113 -19.56 5.50 12.59
N GLU A 114 -20.34 6.56 12.33
CA GLU A 114 -21.79 6.42 12.12
C GLU A 114 -22.50 5.99 13.40
N ASN A 115 -22.38 4.71 13.73
CA ASN A 115 -23.01 4.17 14.94
C ASN A 115 -22.18 4.46 16.19
N GLN A 116 -20.85 4.56 16.01
CA GLN A 116 -19.94 4.82 17.12
C GLN A 116 -20.00 3.71 18.16
N GLN A 117 -20.27 2.48 17.72
CA GLN A 117 -20.35 1.33 18.61
C GLN A 117 -19.49 0.18 18.10
N VAL A 118 -19.62 -0.12 16.82
CA VAL A 118 -18.85 -1.20 16.20
C VAL A 118 -17.41 -0.77 15.87
N ALA A 119 -16.44 -1.44 16.51
CA ALA A 119 -15.03 -1.14 16.30
C ALA A 119 -14.23 -2.40 15.96
N LYS A 120 -13.06 -2.22 15.36
CA LYS A 120 -12.19 -3.32 14.98
C LYS A 120 -10.73 -2.89 14.88
N ASP A 121 -9.82 -3.78 15.26
CA ASP A 121 -8.39 -3.48 15.22
C ASP A 121 -7.82 -3.81 13.83
N VAL A 122 -8.24 -3.05 12.82
CA VAL A 122 -7.78 -3.27 11.45
C VAL A 122 -6.30 -2.90 11.29
N THR A 123 -5.53 -3.79 10.66
CA THR A 123 -4.11 -3.56 10.44
C THR A 123 -3.87 -2.77 9.17
N LEU A 124 -2.97 -1.79 9.24
CA LEU A 124 -2.63 -0.97 8.08
C LEU A 124 -1.13 -0.92 7.85
N HIS A 125 -0.68 -1.58 6.78
CA HIS A 125 0.74 -1.61 6.43
C HIS A 125 0.97 -0.83 5.15
N GLN A 126 1.70 0.29 5.25
CA GLN A 126 1.98 1.12 4.09
C GLN A 126 3.42 1.62 4.09
N ALA A 127 3.95 1.86 2.90
CA ALA A 127 5.31 2.36 2.73
C ALA A 127 5.32 3.70 1.99
N LEU A 128 6.32 4.52 2.30
CA LEU A 128 6.45 5.83 1.67
C LEU A 128 7.72 5.92 0.84
N LEU A 129 7.58 6.33 -0.42
CA LEU A 129 8.71 6.46 -1.33
C LEU A 129 8.64 7.78 -2.10
N ARG A 130 9.42 8.75 -1.66
CA ARG A 130 9.45 10.06 -2.32
C ARG A 130 10.63 10.18 -3.28
N LEU A 131 10.35 10.64 -4.50
CA LEU A 131 11.37 10.80 -5.52
C LEU A 131 11.69 12.28 -5.75
N PRO A 132 12.98 12.64 -5.84
CA PRO A 132 13.42 14.02 -6.05
C PRO A 132 13.20 14.51 -7.49
N GLN A 133 12.58 13.67 -8.34
CA GLN A 133 12.32 14.03 -9.73
C GLN A 133 11.59 15.38 -9.80
N TYR A 134 10.69 15.60 -8.85
CA TYR A 134 9.92 16.85 -8.78
C TYR A 134 9.17 16.94 -7.44
N GLN A 135 9.78 16.42 -6.38
CA GLN A 135 9.16 16.44 -5.05
C GLN A 135 7.84 15.67 -5.08
N THR A 136 7.94 14.35 -5.27
CA THR A 136 6.74 13.49 -5.32
C THR A 136 6.66 12.58 -4.10
N ASP A 137 5.46 12.10 -3.82
CA ASP A 137 5.21 11.21 -2.68
C ASP A 137 4.25 10.08 -3.06
N LEU A 138 4.78 8.86 -3.21
CA LEU A 138 3.96 7.71 -3.57
C LEU A 138 3.70 6.84 -2.33
N LEU A 139 2.42 6.56 -2.06
CA LEU A 139 2.05 5.75 -0.91
C LEU A 139 1.23 4.52 -1.32
N LEU A 140 1.42 3.43 -0.58
CA LEU A 140 0.70 2.19 -0.85
C LEU A 140 0.17 1.56 0.44
N THR A 141 -1.13 1.30 0.48
CA THR A 141 -1.76 0.71 1.67
C THR A 141 -2.01 -0.80 1.47
N PHE A 142 -1.84 -1.55 2.55
CA PHE A 142 -2.06 -3.00 2.52
C PHE A 142 -2.98 -3.41 3.66
N ASN A 143 -4.26 -3.59 3.34
CA ASN A 143 -5.26 -3.98 4.35
C ASN A 143 -5.23 -5.49 4.57
N GLN A 144 -5.04 -5.89 5.83
CA GLN A 144 -4.99 -7.31 6.17
C GLN A 144 -5.57 -7.56 7.58
N PRO A 145 -6.65 -8.37 7.67
CA PRO A 145 -7.30 -8.69 8.94
C PRO A 145 -6.31 -9.27 9.97
N PRO A 146 -6.66 -9.21 11.27
CA PRO A 146 -5.81 -9.72 12.35
C PRO A 146 -5.72 -11.26 12.34
N PRO A 147 -4.51 -11.81 12.56
CA PRO A 147 -4.29 -13.26 12.58
C PRO A 147 -4.83 -13.91 13.85
N ASP A 148 -5.20 -15.19 13.74
CA ASP A 148 -5.74 -15.94 14.87
C ASP A 148 -4.90 -17.18 15.19
N ASN A 149 -3.61 -17.16 14.81
CA ASN A 149 -2.70 -18.27 15.06
C ASN A 149 -3.15 -19.53 14.30
N ARG A 150 -2.65 -19.68 13.06
CA ARG A 150 -2.98 -20.82 12.21
C ARG A 150 -4.46 -20.78 11.80
N SER A 151 -4.75 -20.09 10.70
CA SER A 151 -6.11 -19.97 10.20
C SER A 151 -6.49 -21.18 9.34
N SER A 152 -7.17 -22.15 9.96
CA SER A 152 -7.61 -23.35 9.26
C SER A 152 -8.88 -23.92 9.88
N LEU A 153 -9.47 -24.91 9.21
CA LEU A 153 -10.70 -25.56 9.70
C LEU A 153 -11.06 -26.77 8.86
N GLY A 154 -10.99 -26.62 7.54
CA GLY A 154 -11.31 -27.72 6.65
C GLY A 154 -10.08 -28.37 6.06
N PRO A 155 -10.22 -29.58 5.47
CA PRO A 155 -9.10 -30.30 4.86
C PRO A 155 -8.33 -29.47 3.83
N GLU A 156 -9.07 -28.65 3.07
CA GLU A 156 -8.45 -27.80 2.05
C GLU A 156 -8.11 -26.41 2.58
N ASN A 157 -8.45 -26.14 3.85
CA ASN A 157 -8.17 -24.85 4.48
C ASN A 157 -8.93 -23.72 3.77
N LEU A 158 -8.75 -22.50 4.26
CA LEU A 158 -9.41 -21.34 3.66
C LEU A 158 -8.50 -20.64 2.65
N SER A 159 -7.20 -20.59 2.96
CA SER A 159 -6.22 -19.96 2.08
C SER A 159 -4.80 -20.23 2.58
N PRO A 160 -4.23 -21.42 2.26
CA PRO A 160 -2.87 -21.79 2.67
C PRO A 160 -1.84 -20.72 2.33
N ALA A 161 -0.97 -20.42 3.30
CA ALA A 161 0.07 -19.40 3.13
C ALA A 161 -0.55 -18.02 2.90
N PRO A 162 -1.12 -17.42 3.96
CA PRO A 162 -1.76 -16.09 3.89
C PRO A 162 -0.81 -14.99 3.43
N TRP A 163 -1.33 -13.77 3.29
CA TRP A 163 -0.54 -12.64 2.84
C TRP A 163 0.13 -11.92 4.02
N SER A 164 1.46 -11.85 3.97
CA SER A 164 2.24 -11.20 5.01
C SER A 164 3.16 -10.12 4.40
N LEU A 165 4.24 -9.79 5.10
CA LEU A 165 5.19 -8.78 4.62
C LEU A 165 5.70 -9.12 3.21
N GLY A 166 5.80 -10.42 2.91
CA GLY A 166 6.28 -10.85 1.60
C GLY A 166 5.56 -10.17 0.46
N ASP A 167 4.23 -10.20 0.49
CA ASP A 167 3.41 -9.56 -0.56
C ASP A 167 3.64 -8.05 -0.56
N PHE A 168 3.79 -7.46 0.62
CA PHE A 168 4.01 -6.03 0.76
C PHE A 168 5.29 -5.63 0.02
N GLU A 169 6.36 -6.40 0.22
CA GLU A 169 7.64 -6.12 -0.43
C GLU A 169 7.48 -6.10 -1.95
N GLN A 170 6.65 -7.00 -2.46
CA GLN A 170 6.40 -7.07 -3.91
C GLN A 170 5.78 -5.77 -4.42
N LEU A 171 4.98 -5.11 -3.58
CA LEU A 171 4.34 -3.84 -3.95
C LEU A 171 5.40 -2.78 -4.20
N VAL A 172 6.53 -2.85 -3.48
CA VAL A 172 7.60 -1.88 -3.66
C VAL A 172 8.22 -2.00 -5.05
N THR A 173 8.35 -3.23 -5.53
CA THR A 173 8.91 -3.49 -6.86
C THR A 173 7.89 -3.20 -7.96
N SER A 174 6.65 -2.90 -7.55
CA SER A 174 5.57 -2.60 -8.49
C SER A 174 5.76 -1.21 -9.16
N LEU A 175 6.95 -0.64 -9.05
CA LEU A 175 7.21 0.66 -9.66
C LEU A 175 8.47 0.58 -10.55
N THR A 176 8.70 -0.57 -11.17
CA THR A 176 9.86 -0.78 -12.05
C THR A 176 9.83 0.17 -13.24
N LEU A 177 10.88 0.97 -13.39
CA LEU A 177 10.97 1.93 -14.50
C LEU A 177 11.47 1.27 -15.77
N HIS A 178 10.85 1.63 -16.89
CA HIS A 178 11.24 1.11 -18.19
C HIS A 178 10.97 2.16 -19.27
N ASP A 179 9.75 2.68 -19.30
CA ASP A 179 9.34 3.69 -20.27
C ASP A 179 9.08 5.03 -19.58
N PRO A 180 10.10 5.91 -19.50
CA PRO A 180 9.96 7.22 -18.86
C PRO A 180 9.12 8.20 -19.70
N ASN A 181 7.85 7.86 -19.88
CA ASN A 181 6.94 8.70 -20.66
C ASN A 181 6.21 9.71 -19.77
N ILE A 182 6.48 9.68 -18.46
CA ILE A 182 5.85 10.60 -17.53
C ILE A 182 6.91 11.35 -16.71
N PHE A 183 8.03 11.65 -17.34
CA PHE A 183 9.12 12.36 -16.67
C PHE A 183 9.40 13.72 -17.32
N GLY A 184 9.24 13.80 -18.65
CA GLY A 184 9.48 15.05 -19.36
C GLY A 184 8.36 16.06 -19.15
N PRO A 185 7.83 16.65 -20.24
CA PRO A 185 6.74 17.64 -20.15
C PRO A 185 5.42 17.02 -19.67
N GLN A 186 5.22 15.74 -19.97
CA GLN A 186 4.00 15.03 -19.56
C GLN A 186 4.34 13.69 -18.90
N MET A 1 10.02 -21.14 -16.68
CA MET A 1 10.61 -19.77 -16.68
C MET A 1 10.08 -18.94 -15.51
N GLU A 2 10.51 -17.68 -15.44
CA GLU A 2 10.08 -16.78 -14.38
C GLU A 2 9.18 -15.67 -14.94
N PRO A 3 7.87 -15.96 -15.09
CA PRO A 3 6.91 -14.99 -15.63
C PRO A 3 6.57 -13.89 -14.63
N THR A 4 5.74 -12.94 -15.06
CA THR A 4 5.33 -11.83 -14.19
C THR A 4 4.22 -11.01 -14.85
N ARG A 5 3.13 -10.79 -14.11
CA ARG A 5 1.99 -10.03 -14.62
C ARG A 5 2.10 -8.56 -14.20
N ASP A 6 2.76 -7.77 -15.05
CA ASP A 6 2.94 -6.34 -14.78
C ASP A 6 1.77 -5.52 -15.32
N CYS A 7 1.36 -4.50 -14.57
CA CYS A 7 0.25 -3.64 -14.97
C CYS A 7 0.76 -2.25 -15.36
N PRO A 8 0.17 -1.66 -16.42
CA PRO A 8 0.56 -0.33 -16.90
C PRO A 8 0.07 0.79 -15.99
N LEU A 9 0.92 1.78 -15.76
CA LEU A 9 0.58 2.91 -14.90
C LEU A 9 0.60 4.21 -15.69
N PHE A 10 -0.56 4.86 -15.80
CA PHE A 10 -0.67 6.13 -16.54
C PHE A 10 -0.26 5.95 -18.00
N GLY A 11 -0.73 4.89 -18.64
CA GLY A 11 -0.40 4.64 -20.03
C GLY A 11 0.81 3.75 -20.22
N GLY A 12 1.43 3.31 -19.12
CA GLY A 12 2.60 2.45 -19.21
C GLY A 12 3.87 3.12 -18.72
N ALA A 13 3.75 4.11 -17.85
CA ALA A 13 4.90 4.82 -17.31
C ALA A 13 5.59 3.98 -16.22
N PHE A 14 4.78 3.22 -15.49
CA PHE A 14 5.29 2.36 -14.41
C PHE A 14 4.74 0.95 -14.56
N SER A 15 5.47 -0.03 -14.02
CA SER A 15 5.05 -1.42 -14.10
C SER A 15 4.84 -2.00 -12.70
N ALA A 16 3.59 -2.35 -12.40
CA ALA A 16 3.23 -2.90 -11.10
C ALA A 16 3.03 -4.41 -11.16
N ILE A 17 3.52 -5.11 -10.15
CA ILE A 17 3.38 -6.55 -10.07
C ILE A 17 2.06 -6.94 -9.42
N LEU A 18 1.21 -7.65 -10.17
CA LEU A 18 -0.09 -8.08 -9.66
C LEU A 18 -0.25 -9.60 -9.79
N PRO A 19 -0.34 -10.32 -8.65
CA PRO A 19 -0.49 -11.78 -8.65
C PRO A 19 -1.88 -12.21 -9.13
N MET A 20 -2.02 -13.51 -9.44
CA MET A 20 -3.30 -14.04 -9.90
C MET A 20 -4.35 -13.96 -8.79
N GLY A 21 -5.17 -12.92 -8.84
CA GLY A 21 -6.20 -12.73 -7.83
C GLY A 21 -6.66 -11.29 -7.74
N ALA A 22 -5.75 -10.36 -8.01
CA ALA A 22 -6.06 -8.93 -7.96
C ALA A 22 -7.07 -8.53 -9.03
N ILE A 23 -7.75 -7.40 -8.80
CA ILE A 23 -8.75 -6.90 -9.73
C ILE A 23 -9.10 -5.43 -9.43
N ASP A 24 -9.05 -4.59 -10.46
CA ASP A 24 -9.34 -3.17 -10.30
C ASP A 24 -10.81 -2.93 -9.94
N VAL A 25 -11.04 -2.45 -8.72
CA VAL A 25 -12.38 -2.19 -8.23
C VAL A 25 -12.93 -0.85 -8.76
N SER A 26 -12.18 -0.19 -9.65
CA SER A 26 -12.62 1.09 -10.22
C SER A 26 -13.92 0.92 -11.02
N ASP A 27 -14.09 -0.25 -11.63
CA ASP A 27 -15.29 -0.54 -12.41
C ASP A 27 -16.52 -0.69 -11.50
N LEU A 28 -16.28 -1.02 -10.23
CA LEU A 28 -17.36 -1.20 -9.27
C LEU A 28 -17.51 0.02 -8.34
N ARG A 29 -16.40 0.75 -8.13
CA ARG A 29 -16.42 1.92 -7.25
C ARG A 29 -15.58 3.06 -7.84
N PRO A 30 -15.89 4.33 -7.48
CA PRO A 30 -15.16 5.50 -7.97
C PRO A 30 -13.74 5.60 -7.41
N VAL A 31 -12.75 5.75 -8.31
CA VAL A 31 -11.36 5.84 -7.91
C VAL A 31 -10.63 6.94 -8.68
N PRO A 32 -9.74 7.71 -8.00
CA PRO A 32 -8.98 8.81 -8.62
C PRO A 32 -8.12 8.32 -9.80
N ASP A 33 -7.56 9.29 -10.53
CA ASP A 33 -6.71 8.99 -11.68
C ASP A 33 -5.27 8.73 -11.28
N ASN A 34 -4.86 9.26 -10.12
CA ASN A 34 -3.48 9.07 -9.63
C ASN A 34 -3.38 7.92 -8.62
N GLN A 35 -4.51 7.34 -8.23
CA GLN A 35 -4.51 6.24 -7.27
C GLN A 35 -4.74 4.90 -7.94
N GLU A 36 -4.87 3.86 -7.12
CA GLU A 36 -5.11 2.50 -7.59
C GLU A 36 -5.57 1.62 -6.44
N VAL A 37 -6.80 1.13 -6.54
CA VAL A 37 -7.37 0.26 -5.51
C VAL A 37 -7.66 -1.13 -6.05
N PHE A 38 -6.93 -2.12 -5.56
CA PHE A 38 -7.10 -3.50 -5.99
C PHE A 38 -7.62 -4.37 -4.86
N CYS A 39 -8.22 -5.52 -5.20
CA CYS A 39 -8.77 -6.43 -4.21
C CYS A 39 -8.54 -7.88 -4.59
N HIS A 40 -8.42 -8.75 -3.58
CA HIS A 40 -8.21 -10.18 -3.79
C HIS A 40 -9.35 -10.98 -3.19
N PRO A 41 -10.02 -11.84 -3.98
CA PRO A 41 -11.14 -12.67 -3.51
C PRO A 41 -10.70 -13.81 -2.58
N VAL A 42 -9.45 -14.26 -2.74
CA VAL A 42 -8.92 -15.36 -1.94
C VAL A 42 -8.85 -15.01 -0.45
N THR A 43 -8.33 -13.82 -0.14
CA THR A 43 -8.20 -13.38 1.24
C THR A 43 -9.13 -12.20 1.56
N ASP A 44 -9.78 -11.64 0.53
CA ASP A 44 -10.68 -10.50 0.71
C ASP A 44 -9.92 -9.28 1.21
N GLN A 45 -8.70 -9.09 0.71
CA GLN A 45 -7.86 -7.96 1.10
C GLN A 45 -7.92 -6.84 0.07
N SER A 46 -7.35 -5.68 0.39
CA SER A 46 -7.36 -4.54 -0.52
C SER A 46 -6.06 -3.75 -0.44
N LEU A 47 -5.47 -3.45 -1.61
CA LEU A 47 -4.22 -2.71 -1.68
C LEU A 47 -4.46 -1.27 -2.16
N ILE A 48 -3.57 -0.35 -1.78
CA ILE A 48 -3.69 1.06 -2.17
C ILE A 48 -2.39 1.61 -2.74
N VAL A 49 -2.48 2.28 -3.89
CA VAL A 49 -1.32 2.89 -4.54
C VAL A 49 -1.66 4.31 -5.01
N GLU A 50 -1.25 5.31 -4.22
CA GLU A 50 -1.53 6.71 -4.55
C GLU A 50 -0.26 7.46 -4.98
N LEU A 51 -0.45 8.47 -5.83
CA LEU A 51 0.65 9.28 -6.33
C LEU A 51 0.38 10.77 -6.06
N LEU A 52 1.27 11.40 -5.30
CA LEU A 52 1.12 12.82 -4.95
C LEU A 52 2.44 13.57 -5.13
N GLU A 53 2.40 14.88 -4.89
CA GLU A 53 3.58 15.73 -5.00
C GLU A 53 3.98 16.27 -3.62
N LEU A 54 5.28 16.25 -3.33
CA LEU A 54 5.81 16.72 -2.05
C LEU A 54 5.21 18.08 -1.67
N GLN A 55 4.57 18.13 -0.50
CA GLN A 55 3.96 19.36 0.00
C GLN A 55 4.77 19.97 1.14
N ALA A 56 5.01 21.28 1.07
CA ALA A 56 5.77 22.00 2.08
C ALA A 56 7.21 21.47 2.17
N HIS A 57 7.41 20.42 2.96
CA HIS A 57 8.74 19.82 3.13
C HIS A 57 8.66 18.50 3.90
N VAL A 58 7.60 17.74 3.69
CA VAL A 58 7.42 16.46 4.38
C VAL A 58 7.58 15.30 3.41
N ARG A 59 8.55 14.43 3.71
CA ARG A 59 8.83 13.27 2.88
C ARG A 59 9.45 12.14 3.70
N GLY A 60 9.15 10.90 3.31
CA GLY A 60 9.68 9.75 4.00
C GLY A 60 8.99 9.48 5.32
N GLU A 61 9.78 9.14 6.35
CA GLU A 61 9.25 8.85 7.67
C GLU A 61 8.41 10.02 8.19
N ALA A 62 8.86 11.24 7.89
CA ALA A 62 8.17 12.44 8.32
C ALA A 62 6.83 12.58 7.59
N ALA A 63 6.85 12.31 6.28
CA ALA A 63 5.64 12.39 5.47
C ALA A 63 4.62 11.32 5.87
N ALA A 64 5.13 10.12 6.19
CA ALA A 64 4.27 9.01 6.58
C ALA A 64 3.36 9.40 7.75
N ARG A 65 3.95 9.93 8.81
CA ARG A 65 3.19 10.34 9.99
C ARG A 65 2.22 11.47 9.65
N TYR A 66 2.69 12.44 8.87
CA TYR A 66 1.87 13.58 8.45
C TYR A 66 0.61 13.12 7.73
N HIS A 67 0.78 12.22 6.76
CA HIS A 67 -0.35 11.71 5.98
C HIS A 67 -1.15 10.68 6.78
N PHE A 68 -0.46 9.91 7.62
CA PHE A 68 -1.09 8.89 8.45
C PHE A 68 -2.22 9.50 9.29
N GLU A 69 -1.94 10.67 9.87
CA GLU A 69 -2.93 11.36 10.70
C GLU A 69 -4.09 11.90 9.87
N ASP A 70 -3.84 12.17 8.58
CA ASP A 70 -4.86 12.70 7.69
C ASP A 70 -5.82 11.60 7.21
N VAL A 71 -5.42 10.33 7.37
CA VAL A 71 -6.26 9.20 6.96
C VAL A 71 -7.05 8.66 8.14
N GLY A 72 -6.34 8.33 9.21
CA GLY A 72 -6.98 7.79 10.40
C GLY A 72 -7.51 8.87 11.33
N GLY A 73 -7.49 10.13 10.86
CA GLY A 73 -7.97 11.24 11.67
C GLY A 73 -9.22 11.88 11.12
N VAL A 74 -9.36 11.88 9.80
CA VAL A 74 -10.52 12.49 9.15
C VAL A 74 -11.74 11.57 9.21
N GLN A 75 -11.53 10.26 9.25
CA GLN A 75 -12.64 9.31 9.31
C GLN A 75 -12.27 8.08 10.16
N GLY A 76 -12.96 7.93 11.29
CA GLY A 76 -12.71 6.81 12.18
C GLY A 76 -11.26 6.72 12.63
N ALA A 77 -10.82 5.51 12.98
CA ALA A 77 -9.45 5.30 13.43
C ALA A 77 -9.09 6.23 14.59
N ARG A 78 -9.92 6.21 15.63
CA ARG A 78 -9.69 7.07 16.80
C ARG A 78 -8.41 6.67 17.53
N ALA A 79 -8.45 5.57 18.27
CA ALA A 79 -7.28 5.10 19.00
C ALA A 79 -6.31 4.40 18.04
N VAL A 80 -5.20 5.07 17.75
CA VAL A 80 -4.20 4.54 16.83
C VAL A 80 -2.83 4.46 17.49
N HIS A 81 -2.24 3.27 17.46
CA HIS A 81 -0.91 3.06 18.02
C HIS A 81 0.13 2.81 16.93
N VAL A 82 1.39 2.76 17.31
CA VAL A 82 2.47 2.52 16.35
C VAL A 82 3.27 1.27 16.72
N GLU A 83 3.30 0.31 15.80
CA GLU A 83 4.03 -0.94 16.03
C GLU A 83 5.53 -0.75 15.78
N SER A 84 5.89 -0.42 14.54
CA SER A 84 7.29 -0.20 14.18
C SER A 84 7.43 0.26 12.72
N VAL A 85 8.62 0.73 12.37
CA VAL A 85 8.88 1.19 11.01
C VAL A 85 9.99 0.37 10.35
N GLN A 86 9.73 -0.08 9.12
CA GLN A 86 10.71 -0.87 8.38
C GLN A 86 11.34 -0.05 7.25
N PRO A 87 12.54 0.50 7.48
CA PRO A 87 13.24 1.30 6.47
C PRO A 87 13.76 0.45 5.32
N LEU A 88 13.45 0.86 4.09
CA LEU A 88 13.88 0.13 2.89
C LEU A 88 15.03 0.85 2.19
N SER A 89 15.87 0.07 1.49
CA SER A 89 17.01 0.62 0.77
C SER A 89 16.79 0.55 -0.75
N LEU A 90 17.82 0.94 -1.51
CA LEU A 90 17.73 0.92 -2.98
C LEU A 90 17.66 -0.51 -3.50
N GLU A 91 18.34 -1.44 -2.81
CA GLU A 91 18.35 -2.85 -3.22
C GLU A 91 16.94 -3.42 -3.31
N ASN A 92 16.02 -2.88 -2.50
CA ASN A 92 14.64 -3.34 -2.51
C ASN A 92 13.97 -3.09 -3.86
N LEU A 93 14.46 -2.10 -4.60
CA LEU A 93 13.89 -1.81 -5.91
C LEU A 93 14.40 -2.81 -6.94
N ALA A 94 13.54 -3.73 -7.32
CA ALA A 94 13.86 -4.77 -8.30
C ALA A 94 14.66 -4.19 -9.46
N LEU A 95 14.04 -3.30 -10.23
CA LEU A 95 14.71 -2.65 -11.35
C LEU A 95 15.82 -1.73 -10.81
N ARG A 96 15.62 -1.25 -9.58
CA ARG A 96 16.58 -0.37 -8.91
C ARG A 96 16.84 0.90 -9.76
N GLY A 97 15.75 1.59 -10.11
CA GLY A 97 15.89 2.82 -10.91
C GLY A 97 16.52 3.92 -10.09
N ARG A 98 15.70 4.89 -9.67
CA ARG A 98 16.21 5.98 -8.84
C ARG A 98 15.27 6.22 -7.66
N CYS A 99 15.70 5.79 -6.47
CA CYS A 99 14.91 5.95 -5.26
C CYS A 99 15.72 6.63 -4.16
N GLN A 100 15.25 7.80 -3.72
CA GLN A 100 15.94 8.56 -2.67
C GLN A 100 15.89 7.81 -1.35
N GLU A 101 14.69 7.39 -0.94
CA GLU A 101 14.50 6.67 0.32
C GLU A 101 13.20 5.87 0.31
N ALA A 102 12.96 5.12 1.38
CA ALA A 102 11.75 4.30 1.50
C ALA A 102 11.47 3.94 2.95
N TRP A 103 10.22 4.10 3.38
CA TRP A 103 9.83 3.79 4.76
C TRP A 103 8.49 3.05 4.80
N VAL A 104 8.34 2.17 5.80
CA VAL A 104 7.11 1.39 5.96
C VAL A 104 6.57 1.52 7.38
N LEU A 105 5.27 1.83 7.49
CA LEU A 105 4.61 1.97 8.78
C LEU A 105 3.51 0.93 8.93
N SER A 106 3.57 0.16 10.03
CA SER A 106 2.59 -0.87 10.31
C SER A 106 1.96 -0.65 11.68
N GLY A 107 0.63 -0.71 11.73
CA GLY A 107 -0.06 -0.52 13.00
C GLY A 107 -1.55 -0.84 12.90
N LYS A 108 -2.31 -0.29 13.84
CA LYS A 108 -3.75 -0.51 13.90
C LYS A 108 -4.45 0.71 14.50
N GLN A 109 -5.75 0.85 14.22
CA GLN A 109 -6.53 1.95 14.75
C GLN A 109 -7.87 1.47 15.28
N GLN A 110 -8.55 2.32 16.04
CA GLN A 110 -9.84 1.97 16.61
C GLN A 110 -10.96 2.70 15.90
N ILE A 111 -11.46 2.11 14.83
CA ILE A 111 -12.54 2.72 14.06
C ILE A 111 -13.90 2.43 14.70
N ALA A 112 -14.42 3.46 15.37
CA ALA A 112 -15.71 3.37 16.06
C ALA A 112 -16.48 4.68 15.98
N LYS A 113 -17.79 4.59 15.75
CA LYS A 113 -18.65 5.78 15.66
C LYS A 113 -20.11 5.42 15.92
N GLU A 114 -20.94 6.45 16.16
CA GLU A 114 -22.38 6.27 16.43
C GLU A 114 -22.61 5.50 17.72
N ASN A 115 -22.48 4.17 17.64
CA ASN A 115 -22.68 3.31 18.81
C ASN A 115 -21.54 3.47 19.82
N GLN A 116 -20.35 3.83 19.33
CA GLN A 116 -19.18 4.01 20.18
C GLN A 116 -18.83 2.71 20.90
N GLN A 117 -19.09 1.58 20.24
CA GLN A 117 -18.81 0.26 20.80
C GLN A 117 -18.16 -0.64 19.75
N VAL A 118 -18.78 -0.69 18.57
CA VAL A 118 -18.27 -1.51 17.47
C VAL A 118 -16.97 -0.95 16.91
N ALA A 119 -15.95 -1.80 16.82
CA ALA A 119 -14.65 -1.39 16.30
C ALA A 119 -13.83 -2.60 15.85
N LYS A 120 -12.63 -2.35 15.33
CA LYS A 120 -11.75 -3.42 14.86
C LYS A 120 -10.33 -2.91 14.63
N ASP A 121 -9.36 -3.54 15.27
CA ASP A 121 -7.95 -3.16 15.12
C ASP A 121 -7.38 -3.73 13.83
N VAL A 122 -7.87 -3.23 12.71
CA VAL A 122 -7.42 -3.68 11.39
C VAL A 122 -5.94 -3.31 11.18
N THR A 123 -5.19 -4.23 10.57
CA THR A 123 -3.78 -3.99 10.31
C THR A 123 -3.60 -3.27 8.99
N LEU A 124 -2.88 -2.15 9.03
CA LEU A 124 -2.63 -1.35 7.84
C LEU A 124 -1.14 -1.16 7.60
N HIS A 125 -0.63 -1.77 6.55
CA HIS A 125 0.79 -1.68 6.20
C HIS A 125 0.99 -0.62 5.12
N GLN A 126 1.40 0.58 5.53
CA GLN A 126 1.62 1.67 4.59
C GLN A 126 3.10 1.88 4.29
N ALA A 127 3.41 2.14 3.03
CA ALA A 127 4.77 2.38 2.58
C ALA A 127 4.89 3.71 1.86
N LEU A 128 5.95 4.46 2.15
CA LEU A 128 6.15 5.77 1.52
C LEU A 128 7.42 5.79 0.69
N LEU A 129 7.28 6.14 -0.59
CA LEU A 129 8.41 6.22 -1.51
C LEU A 129 8.48 7.61 -2.14
N ARG A 130 9.38 8.44 -1.63
CA ARG A 130 9.55 9.80 -2.13
C ARG A 130 10.73 9.89 -3.09
N LEU A 131 10.47 10.44 -4.28
CA LEU A 131 11.52 10.60 -5.29
C LEU A 131 11.77 12.08 -5.57
N PRO A 132 13.05 12.47 -5.72
CA PRO A 132 13.41 13.87 -5.97
C PRO A 132 13.34 14.25 -7.45
N GLN A 133 12.80 13.35 -8.28
CA GLN A 133 12.68 13.62 -9.72
C GLN A 133 11.87 14.88 -9.97
N TYR A 134 10.87 15.12 -9.12
CA TYR A 134 10.01 16.29 -9.23
C TYR A 134 9.20 16.49 -7.95
N GLN A 135 9.79 16.13 -6.80
CA GLN A 135 9.11 16.25 -5.52
C GLN A 135 7.82 15.42 -5.54
N THR A 136 7.96 14.10 -5.50
CA THR A 136 6.80 13.20 -5.54
C THR A 136 6.68 12.39 -4.25
N ASP A 137 5.46 11.93 -3.97
CA ASP A 137 5.19 11.14 -2.77
C ASP A 137 4.33 9.92 -3.11
N LEU A 138 4.95 8.74 -3.12
CA LEU A 138 4.25 7.49 -3.44
C LEU A 138 3.64 6.87 -2.19
N LEU A 139 2.33 6.60 -2.23
CA LEU A 139 1.62 6.00 -1.11
C LEU A 139 1.26 4.55 -1.40
N LEU A 140 1.68 3.64 -0.52
CA LEU A 140 1.41 2.22 -0.68
C LEU A 140 0.77 1.65 0.59
N THR A 141 -0.56 1.69 0.66
CA THR A 141 -1.29 1.18 1.83
C THR A 141 -1.72 -0.27 1.62
N PHE A 142 -1.67 -1.05 2.70
CA PHE A 142 -2.05 -2.46 2.67
C PHE A 142 -3.14 -2.75 3.71
N ASN A 143 -4.37 -2.94 3.24
CA ASN A 143 -5.49 -3.21 4.13
C ASN A 143 -5.65 -4.71 4.38
N GLN A 144 -5.51 -5.13 5.63
CA GLN A 144 -5.63 -6.54 5.99
C GLN A 144 -6.23 -6.71 7.39
N PRO A 145 -7.53 -7.09 7.45
CA PRO A 145 -8.23 -7.28 8.73
C PRO A 145 -7.98 -8.67 9.33
N PRO A 146 -8.32 -8.85 10.63
CA PRO A 146 -8.12 -10.13 11.33
C PRO A 146 -9.11 -11.20 10.85
N PRO A 147 -8.59 -12.29 10.24
CA PRO A 147 -9.43 -13.38 9.73
C PRO A 147 -10.10 -14.18 10.85
N ASP A 148 -11.37 -14.55 10.63
CA ASP A 148 -12.11 -15.32 11.61
C ASP A 148 -12.58 -16.65 11.03
N ASN A 149 -11.65 -17.63 11.00
CA ASN A 149 -11.95 -18.96 10.47
C ASN A 149 -10.89 -19.97 10.89
N ARG A 150 -9.63 -19.62 10.70
CA ARG A 150 -8.52 -20.50 11.07
C ARG A 150 -8.33 -20.54 12.59
N SER A 151 -7.82 -21.66 13.09
CA SER A 151 -7.59 -21.83 14.53
C SER A 151 -6.13 -22.18 14.82
N SER A 152 -5.67 -21.82 16.01
CA SER A 152 -4.29 -22.10 16.42
C SER A 152 -4.25 -23.18 17.50
N LEU A 153 -5.06 -24.23 17.32
CA LEU A 153 -5.11 -25.33 18.28
C LEU A 153 -4.81 -26.66 17.59
N GLY A 154 -3.81 -27.39 18.10
CA GLY A 154 -3.43 -28.66 17.52
C GLY A 154 -2.60 -28.52 16.26
N PRO A 155 -1.96 -29.61 15.81
CA PRO A 155 -1.10 -29.60 14.60
C PRO A 155 -1.83 -29.05 13.36
N GLU A 156 -1.40 -27.89 12.89
CA GLU A 156 -1.99 -27.26 11.71
C GLU A 156 -1.05 -27.28 10.50
N ASN A 157 0.20 -27.70 10.73
CA ASN A 157 1.20 -27.77 9.66
C ASN A 157 1.60 -26.37 9.18
N LEU A 158 0.78 -25.78 8.33
CA LEU A 158 1.02 -24.44 7.79
C LEU A 158 -0.12 -24.00 6.88
N SER A 159 -0.09 -22.74 6.46
CA SER A 159 -1.12 -22.20 5.58
C SER A 159 -0.50 -21.36 4.46
N PRO A 160 -0.17 -22.01 3.33
CA PRO A 160 0.44 -21.32 2.18
C PRO A 160 -0.48 -20.26 1.57
N ALA A 161 -1.80 -20.45 1.73
CA ALA A 161 -2.79 -19.53 1.18
C ALA A 161 -2.56 -18.10 1.71
N PRO A 162 -2.69 -17.89 3.03
CA PRO A 162 -2.49 -16.56 3.63
C PRO A 162 -1.05 -16.07 3.47
N TRP A 163 -0.90 -14.83 3.00
CA TRP A 163 0.42 -14.25 2.78
C TRP A 163 0.75 -13.23 3.89
N SER A 164 2.03 -12.88 3.98
CA SER A 164 2.50 -11.93 4.98
C SER A 164 3.28 -10.77 4.32
N LEU A 165 4.27 -10.21 5.04
CA LEU A 165 5.07 -9.11 4.52
C LEU A 165 5.67 -9.44 3.16
N GLY A 166 5.89 -10.74 2.90
CA GLY A 166 6.45 -11.18 1.63
C GLY A 166 5.74 -10.58 0.43
N ASP A 167 4.41 -10.70 0.40
CA ASP A 167 3.62 -10.15 -0.70
C ASP A 167 3.74 -8.62 -0.72
N PHE A 168 3.66 -8.01 0.46
CA PHE A 168 3.78 -6.56 0.58
C PHE A 168 5.09 -6.08 -0.07
N GLU A 169 6.17 -6.83 0.19
CA GLU A 169 7.48 -6.50 -0.37
C GLU A 169 7.42 -6.45 -1.89
N GLN A 170 6.71 -7.41 -2.49
CA GLN A 170 6.57 -7.47 -3.94
C GLN A 170 5.86 -6.21 -4.46
N LEU A 171 4.94 -5.67 -3.66
CA LEU A 171 4.21 -4.47 -4.03
C LEU A 171 5.16 -3.27 -4.12
N VAL A 172 6.26 -3.31 -3.37
CA VAL A 172 7.24 -2.22 -3.40
C VAL A 172 7.96 -2.22 -4.74
N THR A 173 8.23 -3.41 -5.27
CA THR A 173 8.89 -3.55 -6.56
C THR A 173 7.91 -3.29 -7.71
N SER A 174 6.64 -3.11 -7.36
CA SER A 174 5.59 -2.85 -8.35
C SER A 174 5.72 -1.46 -9.01
N LEU A 175 6.86 -0.78 -8.81
CA LEU A 175 7.06 0.52 -9.42
C LEU A 175 8.34 0.53 -10.26
N THR A 176 8.65 -0.61 -10.88
CA THR A 176 9.84 -0.74 -11.73
C THR A 176 9.79 0.25 -12.89
N LEU A 177 10.79 1.13 -12.96
CA LEU A 177 10.86 2.13 -14.03
C LEU A 177 11.33 1.53 -15.33
N HIS A 178 10.70 1.94 -16.42
CA HIS A 178 11.07 1.48 -17.74
C HIS A 178 10.78 2.57 -18.78
N ASP A 179 9.57 3.12 -18.73
CA ASP A 179 9.17 4.19 -19.64
C ASP A 179 8.84 5.46 -18.85
N PRO A 180 9.80 6.39 -18.74
CA PRO A 180 9.60 7.65 -18.00
C PRO A 180 8.68 8.63 -18.75
N ASN A 181 7.43 8.22 -18.95
CA ASN A 181 6.45 9.05 -19.64
C ASN A 181 5.65 9.90 -18.66
N ILE A 182 5.82 9.66 -17.36
CA ILE A 182 5.10 10.42 -16.34
C ILE A 182 6.09 11.14 -15.40
N PHE A 183 7.24 11.52 -15.93
CA PHE A 183 8.26 12.23 -15.15
C PHE A 183 8.36 13.70 -15.58
N GLY A 184 8.29 13.93 -16.89
CA GLY A 184 8.37 15.29 -17.40
C GLY A 184 7.01 15.96 -17.46
N PRO A 185 6.84 17.00 -18.31
CA PRO A 185 5.57 17.72 -18.43
C PRO A 185 4.42 16.78 -18.78
N GLN A 186 3.73 16.30 -17.76
CA GLN A 186 2.60 15.38 -17.94
C GLN A 186 1.59 15.54 -16.81
N MET A 1 6.90 -14.80 -22.92
CA MET A 1 7.65 -15.70 -22.00
C MET A 1 7.06 -15.68 -20.59
N GLU A 2 5.75 -15.39 -20.49
CA GLU A 2 5.05 -15.33 -19.21
C GLU A 2 5.69 -14.31 -18.27
N PRO A 3 5.23 -13.05 -18.32
CA PRO A 3 5.76 -11.98 -17.48
C PRO A 3 5.43 -12.17 -15.99
N THR A 4 5.72 -11.14 -15.19
CA THR A 4 5.45 -11.20 -13.75
C THR A 4 4.08 -10.61 -13.41
N ARG A 5 3.12 -10.75 -14.33
CA ARG A 5 1.77 -10.22 -14.12
C ARG A 5 1.78 -8.70 -13.92
N ASP A 6 2.75 -8.03 -14.54
CA ASP A 6 2.87 -6.57 -14.44
C ASP A 6 1.69 -5.87 -15.11
N CYS A 7 1.29 -4.74 -14.55
CA CYS A 7 0.17 -3.98 -15.07
C CYS A 7 0.62 -2.57 -15.51
N PRO A 8 0.09 -2.09 -16.66
CA PRO A 8 0.44 -0.76 -17.19
C PRO A 8 -0.19 0.36 -16.38
N LEU A 9 0.63 1.36 -16.02
CA LEU A 9 0.16 2.51 -15.24
C LEU A 9 0.35 3.81 -16.03
N PHE A 10 -0.74 4.55 -16.19
CA PHE A 10 -0.72 5.81 -16.93
C PHE A 10 -0.23 5.60 -18.37
N GLY A 11 -0.71 4.54 -19.00
CA GLY A 11 -0.33 4.24 -20.37
C GLY A 11 0.89 3.32 -20.48
N GLY A 12 1.48 2.96 -19.34
CA GLY A 12 2.64 2.08 -19.36
C GLY A 12 3.91 2.74 -18.84
N ALA A 13 3.76 3.79 -18.03
CA ALA A 13 4.91 4.50 -17.46
C ALA A 13 5.53 3.71 -16.31
N PHE A 14 4.68 3.01 -15.56
CA PHE A 14 5.13 2.21 -14.44
C PHE A 14 4.62 0.77 -14.56
N SER A 15 5.38 -0.18 -14.02
CA SER A 15 5.00 -1.58 -14.06
C SER A 15 4.63 -2.06 -12.67
N ALA A 16 3.35 -2.39 -12.50
CA ALA A 16 2.84 -2.85 -11.21
C ALA A 16 2.57 -4.35 -11.21
N ILE A 17 3.30 -5.06 -10.37
CA ILE A 17 3.15 -6.50 -10.25
C ILE A 17 2.00 -6.84 -9.30
N LEU A 18 1.10 -7.70 -9.76
CA LEU A 18 -0.07 -8.10 -8.96
C LEU A 18 -0.20 -9.62 -8.93
N PRO A 19 -0.61 -10.19 -7.77
CA PRO A 19 -0.79 -11.65 -7.62
C PRO A 19 -1.88 -12.20 -8.54
N MET A 20 -1.99 -13.52 -8.60
CA MET A 20 -3.00 -14.17 -9.44
C MET A 20 -4.38 -14.05 -8.80
N GLY A 21 -5.22 -13.19 -9.40
CA GLY A 21 -6.57 -12.98 -8.88
C GLY A 21 -6.88 -11.52 -8.59
N ALA A 22 -5.95 -10.62 -8.92
CA ALA A 22 -6.16 -9.18 -8.69
C ALA A 22 -7.33 -8.63 -9.51
N ILE A 23 -7.83 -7.47 -9.12
CA ILE A 23 -8.96 -6.84 -9.81
C ILE A 23 -9.04 -5.34 -9.49
N ASP A 24 -9.47 -4.55 -10.47
CA ASP A 24 -9.61 -3.11 -10.30
C ASP A 24 -11.03 -2.75 -9.88
N VAL A 25 -11.18 -2.25 -8.65
CA VAL A 25 -12.49 -1.87 -8.13
C VAL A 25 -13.08 -0.66 -8.86
N SER A 26 -12.28 -0.02 -9.71
CA SER A 26 -12.74 1.15 -10.47
C SER A 26 -13.98 0.82 -11.30
N ASP A 27 -14.05 -0.43 -11.78
CA ASP A 27 -15.18 -0.89 -12.60
C ASP A 27 -16.48 -0.91 -11.77
N LEU A 28 -16.33 -1.04 -10.45
CA LEU A 28 -17.47 -1.08 -9.54
C LEU A 28 -17.82 0.32 -9.01
N ARG A 29 -16.81 1.18 -8.87
CA ARG A 29 -17.02 2.54 -8.35
C ARG A 29 -15.98 3.52 -8.92
N PRO A 30 -16.32 4.82 -8.98
CA PRO A 30 -15.40 5.87 -9.50
C PRO A 30 -14.12 6.01 -8.66
N VAL A 31 -12.96 6.03 -9.34
CA VAL A 31 -11.68 6.16 -8.65
C VAL A 31 -10.71 7.04 -9.46
N PRO A 32 -9.99 7.97 -8.78
CA PRO A 32 -9.03 8.87 -9.44
C PRO A 32 -7.93 8.13 -10.21
N ASP A 33 -7.18 8.88 -11.03
CA ASP A 33 -6.09 8.30 -11.81
C ASP A 33 -4.77 8.31 -11.05
N ASN A 34 -4.50 9.41 -10.33
CA ASN A 34 -3.27 9.52 -9.55
C ASN A 34 -3.11 8.37 -8.55
N GLN A 35 -4.23 7.78 -8.13
CA GLN A 35 -4.21 6.68 -7.19
C GLN A 35 -4.77 5.39 -7.81
N GLU A 36 -4.46 4.27 -7.16
CA GLU A 36 -4.92 2.96 -7.62
C GLU A 36 -5.48 2.15 -6.46
N VAL A 37 -6.56 1.40 -6.73
CA VAL A 37 -7.19 0.57 -5.70
C VAL A 37 -7.45 -0.83 -6.25
N PHE A 38 -6.62 -1.79 -5.85
CA PHE A 38 -6.77 -3.16 -6.29
C PHE A 38 -7.29 -4.05 -5.16
N CYS A 39 -7.98 -5.14 -5.54
CA CYS A 39 -8.54 -6.06 -4.55
C CYS A 39 -8.24 -7.52 -4.93
N HIS A 40 -8.20 -8.39 -3.92
CA HIS A 40 -7.93 -9.80 -4.13
C HIS A 40 -9.09 -10.65 -3.61
N PRO A 41 -10.10 -10.91 -4.46
CA PRO A 41 -11.28 -11.71 -4.08
C PRO A 41 -10.92 -13.05 -3.44
N VAL A 42 -9.73 -13.57 -3.78
CA VAL A 42 -9.27 -14.85 -3.23
C VAL A 42 -8.99 -14.74 -1.72
N THR A 43 -8.03 -13.88 -1.38
CA THR A 43 -7.64 -13.68 0.02
C THR A 43 -8.52 -12.64 0.72
N ASP A 44 -9.43 -12.00 -0.03
CA ASP A 44 -10.31 -10.98 0.52
C ASP A 44 -9.52 -9.78 1.04
N GLN A 45 -8.34 -9.55 0.46
CA GLN A 45 -7.48 -8.44 0.86
C GLN A 45 -7.69 -7.25 -0.07
N SER A 46 -7.24 -6.07 0.36
CA SER A 46 -7.37 -4.86 -0.45
C SER A 46 -6.12 -3.99 -0.34
N LEU A 47 -5.63 -3.51 -1.50
CA LEU A 47 -4.45 -2.67 -1.55
C LEU A 47 -4.76 -1.31 -2.16
N ILE A 48 -4.11 -0.25 -1.63
CA ILE A 48 -4.33 1.11 -2.13
C ILE A 48 -3.00 1.81 -2.45
N VAL A 49 -3.00 2.60 -3.52
CA VAL A 49 -1.83 3.34 -3.94
C VAL A 49 -2.18 4.81 -4.20
N GLU A 50 -1.58 5.73 -3.43
CA GLU A 50 -1.86 7.15 -3.58
C GLU A 50 -0.62 7.93 -4.00
N LEU A 51 -0.73 8.68 -5.10
CA LEU A 51 0.37 9.49 -5.60
C LEU A 51 0.15 10.97 -5.29
N LEU A 52 1.15 11.59 -4.66
CA LEU A 52 1.06 13.01 -4.28
C LEU A 52 2.36 13.74 -4.61
N GLU A 53 2.33 15.07 -4.45
CA GLU A 53 3.50 15.91 -4.71
C GLU A 53 4.06 16.48 -3.41
N LEU A 54 5.39 16.42 -3.27
CA LEU A 54 6.06 16.94 -2.08
C LEU A 54 5.74 18.41 -1.85
N GLN A 55 5.45 18.77 -0.60
CA GLN A 55 5.11 20.14 -0.25
C GLN A 55 5.77 20.55 1.07
N ALA A 56 6.31 21.77 1.11
CA ALA A 56 6.97 22.31 2.31
C ALA A 56 8.19 21.47 2.68
N HIS A 57 7.96 20.38 3.42
CA HIS A 57 9.04 19.49 3.83
C HIS A 57 8.50 18.16 4.35
N VAL A 58 7.39 17.71 3.78
CA VAL A 58 6.77 16.45 4.18
C VAL A 58 7.31 15.29 3.37
N ARG A 59 8.32 14.61 3.93
CA ARG A 59 8.93 13.47 3.25
C ARG A 59 9.83 12.68 4.21
N GLY A 60 9.91 11.38 3.99
CA GLY A 60 10.73 10.53 4.84
C GLY A 60 9.93 9.86 5.93
N GLU A 61 10.40 9.98 7.17
CA GLU A 61 9.73 9.38 8.32
C GLU A 61 8.61 10.28 8.85
N ALA A 62 8.77 11.60 8.66
CA ALA A 62 7.76 12.56 9.11
C ALA A 62 6.57 12.58 8.17
N ALA A 63 6.82 12.29 6.89
CA ALA A 63 5.77 12.27 5.88
C ALA A 63 4.74 11.18 6.18
N ALA A 64 5.22 10.03 6.69
CA ALA A 64 4.34 8.91 7.02
C ALA A 64 3.31 9.32 8.07
N ARG A 65 3.79 9.87 9.20
CA ARG A 65 2.89 10.31 10.27
C ARG A 65 1.92 11.38 9.78
N TYR A 66 2.41 12.28 8.93
CA TYR A 66 1.58 13.36 8.37
C TYR A 66 0.36 12.80 7.64
N HIS A 67 0.61 12.00 6.60
CA HIS A 67 -0.47 11.41 5.82
C HIS A 67 -1.28 10.42 6.64
N PHE A 68 -0.59 9.66 7.50
CA PHE A 68 -1.25 8.66 8.35
C PHE A 68 -2.33 9.32 9.21
N GLU A 69 -1.96 10.40 9.91
CA GLU A 69 -2.89 11.11 10.77
C GLU A 69 -4.01 11.76 9.96
N ASP A 70 -3.70 12.12 8.70
CA ASP A 70 -4.69 12.73 7.82
C ASP A 70 -5.81 11.75 7.46
N VAL A 71 -5.44 10.48 7.31
CA VAL A 71 -6.40 9.44 6.96
C VAL A 71 -7.09 8.88 8.21
N GLY A 72 -6.29 8.42 9.16
CA GLY A 72 -6.83 7.87 10.39
C GLY A 72 -7.49 8.91 11.28
N GLY A 73 -7.28 10.18 10.97
CA GLY A 73 -7.87 11.26 11.76
C GLY A 73 -9.23 11.69 11.26
N VAL A 74 -9.47 11.56 9.96
CA VAL A 74 -10.74 11.96 9.36
C VAL A 74 -11.57 10.75 8.91
N GLN A 75 -11.38 9.60 9.58
CA GLN A 75 -12.11 8.39 9.24
C GLN A 75 -12.12 7.42 10.43
N GLY A 76 -12.81 6.28 10.26
CA GLY A 76 -12.88 5.28 11.32
C GLY A 76 -11.52 4.78 11.72
N ALA A 77 -11.09 5.13 12.93
CA ALA A 77 -9.80 4.74 13.47
C ALA A 77 -9.45 5.61 14.68
N ARG A 78 -10.23 5.46 15.75
CA ARG A 78 -10.02 6.24 16.96
C ARG A 78 -8.70 5.87 17.64
N ALA A 79 -8.69 4.75 18.36
CA ALA A 79 -7.48 4.31 19.04
C ALA A 79 -6.46 3.79 18.04
N VAL A 80 -5.41 4.57 17.80
CA VAL A 80 -4.37 4.19 16.85
C VAL A 80 -3.00 4.15 17.50
N HIS A 81 -2.36 2.99 17.44
CA HIS A 81 -1.03 2.82 18.01
C HIS A 81 0.02 2.61 16.92
N VAL A 82 1.29 2.61 17.30
CA VAL A 82 2.39 2.42 16.35
C VAL A 82 3.15 1.14 16.65
N GLU A 83 3.15 0.20 15.69
CA GLU A 83 3.84 -1.07 15.86
C GLU A 83 5.35 -0.89 15.64
N SER A 84 5.72 -0.51 14.42
CA SER A 84 7.13 -0.31 14.06
C SER A 84 7.26 0.19 12.62
N VAL A 85 8.43 0.74 12.29
CA VAL A 85 8.69 1.24 10.94
C VAL A 85 9.87 0.52 10.31
N GLN A 86 9.69 0.09 9.06
CA GLN A 86 10.74 -0.62 8.33
C GLN A 86 11.38 0.28 7.27
N PRO A 87 12.59 0.80 7.56
CA PRO A 87 13.31 1.68 6.62
C PRO A 87 13.78 0.94 5.37
N LEU A 88 13.40 1.44 4.20
CA LEU A 88 13.79 0.82 2.93
C LEU A 88 15.05 1.48 2.36
N SER A 89 15.50 0.98 1.20
CA SER A 89 16.69 1.52 0.54
C SER A 89 16.68 1.19 -0.96
N LEU A 90 17.77 1.55 -1.64
CA LEU A 90 17.90 1.28 -3.08
C LEU A 90 18.06 -0.22 -3.37
N GLU A 91 18.36 -1.00 -2.33
CA GLU A 91 18.54 -2.45 -2.48
C GLU A 91 17.20 -3.20 -2.47
N ASN A 92 16.08 -2.46 -2.40
CA ASN A 92 14.76 -3.08 -2.38
C ASN A 92 14.05 -2.95 -3.73
N LEU A 93 14.48 -2.00 -4.57
CA LEU A 93 13.89 -1.82 -5.87
C LEU A 93 14.38 -2.89 -6.84
N ALA A 94 13.52 -3.87 -7.13
CA ALA A 94 13.85 -4.98 -8.03
C ALA A 94 14.60 -4.48 -9.25
N LEU A 95 13.92 -3.67 -10.08
CA LEU A 95 14.56 -3.10 -11.27
C LEU A 95 15.66 -2.14 -10.84
N ARG A 96 15.48 -1.55 -9.64
CA ARG A 96 16.45 -0.62 -9.07
C ARG A 96 16.69 0.57 -10.01
N GLY A 97 15.62 1.27 -10.36
CA GLY A 97 15.73 2.42 -11.24
C GLY A 97 16.44 3.56 -10.54
N ARG A 98 15.67 4.59 -10.17
CA ARG A 98 16.24 5.72 -9.45
C ARG A 98 15.40 6.02 -8.21
N CYS A 99 15.94 5.65 -7.05
CA CYS A 99 15.23 5.88 -5.79
C CYS A 99 16.13 6.60 -4.78
N GLN A 100 15.63 7.72 -4.25
CA GLN A 100 16.38 8.51 -3.28
C GLN A 100 16.24 7.92 -1.87
N GLU A 101 15.01 7.54 -1.50
CA GLU A 101 14.75 6.95 -0.19
C GLU A 101 13.37 6.28 -0.14
N ALA A 102 13.08 5.62 0.98
CA ALA A 102 11.80 4.93 1.17
C ALA A 102 11.60 4.52 2.62
N TRP A 103 10.36 4.61 3.10
CA TRP A 103 10.04 4.25 4.49
C TRP A 103 8.75 3.43 4.57
N VAL A 104 8.61 2.65 5.66
CA VAL A 104 7.43 1.83 5.87
C VAL A 104 6.90 1.99 7.30
N LEU A 105 5.58 2.18 7.42
CA LEU A 105 4.94 2.35 8.73
C LEU A 105 3.82 1.33 8.91
N SER A 106 4.01 0.40 9.84
CA SER A 106 3.00 -0.64 10.12
C SER A 106 2.36 -0.41 11.48
N GLY A 107 1.05 -0.65 11.54
CA GLY A 107 0.31 -0.47 12.78
C GLY A 107 -1.15 -0.85 12.67
N LYS A 108 -1.94 -0.46 13.68
CA LYS A 108 -3.37 -0.75 13.70
C LYS A 108 -4.16 0.40 14.32
N GLN A 109 -5.47 0.42 14.09
CA GLN A 109 -6.33 1.46 14.63
C GLN A 109 -7.67 0.88 15.06
N GLN A 110 -8.44 1.68 15.82
CA GLN A 110 -9.74 1.24 16.29
C GLN A 110 -10.86 1.93 15.51
N ILE A 111 -11.26 1.32 14.41
CA ILE A 111 -12.30 1.88 13.56
C ILE A 111 -13.68 1.61 14.14
N ALA A 112 -14.23 2.62 14.82
CA ALA A 112 -15.55 2.52 15.44
C ALA A 112 -16.49 3.61 14.91
N LYS A 113 -17.79 3.35 14.98
CA LYS A 113 -18.79 4.30 14.50
C LYS A 113 -20.20 3.90 14.96
N GLU A 114 -21.12 4.88 14.97
CA GLU A 114 -22.51 4.66 15.38
C GLU A 114 -22.60 4.26 16.86
N ASN A 115 -22.33 2.99 17.16
CA ASN A 115 -22.39 2.49 18.53
C ASN A 115 -21.22 3.01 19.35
N GLN A 116 -20.11 3.37 18.68
CA GLN A 116 -18.92 3.86 19.36
C GLN A 116 -18.36 2.83 20.35
N GLN A 117 -18.55 1.54 20.02
CA GLN A 117 -18.07 0.45 20.85
C GLN A 117 -17.47 -0.65 19.99
N VAL A 118 -18.24 -1.08 18.98
CA VAL A 118 -17.80 -2.14 18.07
C VAL A 118 -16.63 -1.66 17.20
N ALA A 119 -15.51 -2.37 17.30
CA ALA A 119 -14.31 -2.03 16.54
C ALA A 119 -13.41 -3.25 16.35
N LYS A 120 -12.21 -3.02 15.81
CA LYS A 120 -11.23 -4.08 15.59
C LYS A 120 -9.86 -3.50 15.30
N ASP A 121 -8.81 -4.14 15.83
CA ASP A 121 -7.45 -3.68 15.63
C ASP A 121 -6.97 -4.02 14.21
N VAL A 122 -7.57 -3.37 13.23
CA VAL A 122 -7.23 -3.60 11.82
C VAL A 122 -5.79 -3.20 11.52
N THR A 123 -5.06 -4.09 10.86
CA THR A 123 -3.66 -3.86 10.50
C THR A 123 -3.56 -2.96 9.27
N LEU A 124 -2.62 -2.01 9.30
CA LEU A 124 -2.40 -1.08 8.20
C LEU A 124 -0.91 -0.94 7.89
N HIS A 125 -0.50 -1.48 6.74
CA HIS A 125 0.89 -1.41 6.32
C HIS A 125 1.09 -0.29 5.30
N GLN A 126 1.69 0.81 5.75
CA GLN A 126 1.94 1.97 4.91
C GLN A 126 3.37 1.99 4.36
N ALA A 127 3.50 2.29 3.07
CA ALA A 127 4.80 2.36 2.43
C ALA A 127 4.97 3.68 1.68
N LEU A 128 5.68 4.62 2.30
CA LEU A 128 5.91 5.93 1.70
C LEU A 128 7.22 5.96 0.93
N LEU A 129 7.13 6.26 -0.36
CA LEU A 129 8.30 6.33 -1.23
C LEU A 129 8.47 7.74 -1.79
N ARG A 130 9.54 8.42 -1.36
CA ARG A 130 9.81 9.78 -1.81
C ARG A 130 10.86 9.78 -2.93
N LEU A 131 10.44 10.21 -4.12
CA LEU A 131 11.35 10.26 -5.27
C LEU A 131 11.63 11.71 -5.67
N PRO A 132 12.90 12.03 -5.96
CA PRO A 132 13.31 13.39 -6.35
C PRO A 132 13.07 13.70 -7.83
N GLN A 133 12.39 12.79 -8.54
CA GLN A 133 12.10 12.98 -9.97
C GLN A 133 11.40 14.31 -10.21
N TYR A 134 10.57 14.72 -9.25
CA TYR A 134 9.82 15.98 -9.33
C TYR A 134 9.08 16.25 -8.02
N GLN A 135 9.75 15.96 -6.89
CA GLN A 135 9.16 16.15 -5.57
C GLN A 135 7.84 15.38 -5.48
N THR A 136 7.94 14.05 -5.37
CA THR A 136 6.76 13.21 -5.29
C THR A 136 6.75 12.35 -4.02
N ASP A 137 5.55 12.05 -3.53
CA ASP A 137 5.39 11.23 -2.33
C ASP A 137 4.36 10.12 -2.57
N LEU A 138 4.83 8.91 -2.83
CA LEU A 138 3.97 7.76 -3.07
C LEU A 138 3.55 7.10 -1.76
N LEU A 139 2.35 6.53 -1.73
CA LEU A 139 1.83 5.87 -0.54
C LEU A 139 1.12 4.57 -0.89
N LEU A 140 1.31 3.57 -0.03
CA LEU A 140 0.69 2.25 -0.21
C LEU A 140 -0.07 1.84 1.05
N THR A 141 -1.40 1.80 0.95
CA THR A 141 -2.23 1.43 2.09
C THR A 141 -2.62 -0.05 2.02
N PHE A 142 -2.21 -0.81 3.04
CA PHE A 142 -2.52 -2.24 3.10
C PHE A 142 -3.66 -2.52 4.08
N ASN A 143 -4.67 -3.26 3.62
CA ASN A 143 -5.82 -3.60 4.46
C ASN A 143 -5.88 -5.11 4.71
N GLN A 144 -5.76 -5.50 5.98
CA GLN A 144 -5.81 -6.91 6.36
C GLN A 144 -6.48 -7.08 7.73
N PRO A 145 -7.75 -7.53 7.75
CA PRO A 145 -8.50 -7.74 8.99
C PRO A 145 -7.94 -8.88 9.83
N PRO A 146 -7.33 -8.57 10.99
CA PRO A 146 -6.74 -9.56 11.88
C PRO A 146 -7.76 -10.11 12.90
N PRO A 147 -8.17 -11.37 12.74
CA PRO A 147 -9.16 -12.01 13.64
C PRO A 147 -8.60 -12.27 15.03
N ASP A 148 -9.15 -11.58 16.03
CA ASP A 148 -8.70 -11.75 17.41
C ASP A 148 -9.78 -11.33 18.40
N ASN A 149 -10.79 -12.21 18.57
CA ASN A 149 -11.90 -11.94 19.50
C ASN A 149 -12.37 -13.22 20.18
N ARG A 150 -11.43 -14.14 20.44
CA ARG A 150 -11.73 -15.41 21.09
C ARG A 150 -10.47 -16.23 21.31
N SER A 151 -9.72 -16.45 20.23
CA SER A 151 -8.48 -17.22 20.28
C SER A 151 -7.27 -16.34 19.92
N SER A 152 -6.08 -16.92 19.99
CA SER A 152 -4.85 -16.19 19.66
C SER A 152 -3.85 -17.10 18.95
N LEU A 153 -3.99 -17.19 17.61
CA LEU A 153 -3.12 -18.02 16.78
C LEU A 153 -3.28 -19.51 17.11
N GLY A 154 -2.67 -20.38 16.30
CA GLY A 154 -2.76 -21.81 16.52
C GLY A 154 -1.62 -22.59 15.89
N PRO A 155 -1.42 -23.86 16.32
CA PRO A 155 -0.35 -24.73 15.80
C PRO A 155 -0.49 -25.01 14.30
N GLU A 156 0.43 -25.80 13.77
CA GLU A 156 0.43 -26.15 12.34
C GLU A 156 -0.66 -27.18 12.03
N ASN A 157 -1.07 -27.22 10.76
CA ASN A 157 -2.11 -28.16 10.29
C ASN A 157 -3.49 -27.76 10.82
N LEU A 158 -4.50 -27.86 9.95
CA LEU A 158 -5.87 -27.50 10.31
C LEU A 158 -5.97 -26.04 10.73
N SER A 159 -5.12 -25.19 10.15
CA SER A 159 -5.11 -23.77 10.46
C SER A 159 -4.46 -22.96 9.33
N PRO A 160 -5.25 -22.53 8.32
CA PRO A 160 -4.75 -21.74 7.18
C PRO A 160 -4.02 -20.47 7.61
N ALA A 161 -3.17 -19.95 6.72
CA ALA A 161 -2.41 -18.73 7.01
C ALA A 161 -2.43 -17.76 5.82
N PRO A 162 -2.76 -16.47 6.07
CA PRO A 162 -2.81 -15.44 5.03
C PRO A 162 -1.41 -15.00 4.59
N TRP A 163 -1.35 -13.94 3.78
CA TRP A 163 -0.07 -13.43 3.29
C TRP A 163 0.68 -12.68 4.39
N SER A 164 2.01 -12.63 4.27
CA SER A 164 2.85 -11.95 5.26
C SER A 164 3.61 -10.78 4.62
N LEU A 165 4.65 -10.30 5.30
CA LEU A 165 5.47 -9.18 4.80
C LEU A 165 6.01 -9.46 3.40
N GLY A 166 6.21 -10.75 3.08
CA GLY A 166 6.72 -11.12 1.78
C GLY A 166 5.89 -10.54 0.64
N ASP A 167 4.57 -10.66 0.76
CA ASP A 167 3.66 -10.14 -0.26
C ASP A 167 3.72 -8.61 -0.32
N PHE A 168 3.82 -7.98 0.85
CA PHE A 168 3.90 -6.53 0.94
C PHE A 168 5.13 -6.01 0.19
N GLU A 169 6.28 -6.61 0.46
CA GLU A 169 7.53 -6.20 -0.19
C GLU A 169 7.39 -6.29 -1.72
N GLN A 170 6.60 -7.26 -2.18
CA GLN A 170 6.38 -7.45 -3.62
C GLN A 170 5.71 -6.21 -4.23
N LEU A 171 4.81 -5.58 -3.47
CA LEU A 171 4.12 -4.38 -3.94
C LEU A 171 5.10 -3.21 -4.11
N VAL A 172 6.18 -3.22 -3.34
CA VAL A 172 7.19 -2.17 -3.44
C VAL A 172 7.89 -2.24 -4.80
N THR A 173 8.14 -3.45 -5.27
CA THR A 173 8.77 -3.66 -6.56
C THR A 173 7.77 -3.44 -7.70
N SER A 174 6.50 -3.28 -7.34
CA SER A 174 5.44 -3.05 -8.32
C SER A 174 5.50 -1.65 -8.95
N LEU A 175 6.66 -0.97 -8.84
CA LEU A 175 6.83 0.35 -9.42
C LEU A 175 8.12 0.40 -10.25
N THR A 176 8.48 -0.73 -10.86
CA THR A 176 9.69 -0.82 -11.68
C THR A 176 9.63 0.17 -12.84
N LEU A 177 10.62 1.05 -12.94
CA LEU A 177 10.67 2.05 -13.99
C LEU A 177 11.31 1.48 -15.26
N HIS A 178 10.70 1.77 -16.40
CA HIS A 178 11.20 1.30 -17.69
C HIS A 178 11.09 2.40 -18.75
N ASP A 179 9.89 2.95 -18.91
CA ASP A 179 9.65 4.02 -19.87
C ASP A 179 9.07 5.25 -19.16
N PRO A 180 9.88 6.32 -18.98
CA PRO A 180 9.44 7.55 -18.32
C PRO A 180 8.53 8.41 -19.19
N ASN A 181 7.35 7.89 -19.50
CA ASN A 181 6.38 8.61 -20.32
C ASN A 181 5.58 9.62 -19.48
N ILE A 182 5.67 9.50 -18.15
CA ILE A 182 4.95 10.40 -17.25
C ILE A 182 5.92 11.31 -16.49
N PHE A 183 6.92 11.84 -17.20
CA PHE A 183 7.92 12.72 -16.60
C PHE A 183 7.88 14.13 -17.22
N GLY A 184 7.71 14.18 -18.54
CA GLY A 184 7.67 15.47 -19.22
C GLY A 184 6.62 16.43 -18.66
N PRO A 185 5.36 16.35 -19.15
CA PRO A 185 4.28 17.22 -18.68
C PRO A 185 3.96 17.03 -17.20
N GLN A 186 3.38 15.88 -16.85
CA GLN A 186 3.03 15.58 -15.45
C GLN A 186 3.04 14.07 -15.20
N MET A 1 9.63 -17.79 -7.66
CA MET A 1 8.23 -17.94 -7.17
C MET A 1 7.32 -16.89 -7.79
N GLU A 2 6.54 -17.30 -8.80
CA GLU A 2 5.61 -16.41 -9.51
C GLU A 2 6.38 -15.36 -10.32
N PRO A 3 5.94 -15.12 -11.58
CA PRO A 3 6.58 -14.14 -12.46
C PRO A 3 6.21 -12.70 -12.10
N THR A 4 6.78 -11.74 -12.83
CA THR A 4 6.51 -10.32 -12.57
C THR A 4 5.43 -9.80 -13.52
N ARG A 5 4.17 -9.90 -13.08
CA ARG A 5 3.04 -9.44 -13.88
C ARG A 5 2.88 -7.93 -13.77
N ASP A 6 3.61 -7.21 -14.62
CA ASP A 6 3.57 -5.74 -14.63
C ASP A 6 2.25 -5.24 -15.20
N CYS A 7 1.82 -4.06 -14.75
CA CYS A 7 0.57 -3.46 -15.21
C CYS A 7 0.79 -2.03 -15.69
N PRO A 8 0.46 -1.74 -16.97
CA PRO A 8 0.61 -0.40 -17.55
C PRO A 8 -0.13 0.68 -16.76
N LEU A 9 0.53 1.82 -16.57
CA LEU A 9 -0.07 2.94 -15.84
C LEU A 9 0.23 4.27 -16.52
N PHE A 10 -0.80 5.09 -16.69
CA PHE A 10 -0.67 6.39 -17.34
C PHE A 10 -0.10 6.27 -18.75
N GLY A 11 -0.45 5.18 -19.44
CA GLY A 11 0.04 4.97 -20.79
C GLY A 11 1.28 4.10 -20.87
N GLY A 12 1.85 3.74 -19.70
CA GLY A 12 3.03 2.90 -19.68
C GLY A 12 4.24 3.59 -19.05
N ALA A 13 4.01 4.63 -18.25
CA ALA A 13 5.09 5.35 -17.60
C ALA A 13 5.58 4.60 -16.37
N PHE A 14 4.64 3.93 -15.69
CA PHE A 14 4.95 3.14 -14.49
C PHE A 14 4.35 1.74 -14.61
N SER A 15 5.02 0.77 -13.99
CA SER A 15 4.55 -0.62 -14.04
C SER A 15 4.46 -1.23 -12.65
N ALA A 16 3.26 -1.68 -12.28
CA ALA A 16 3.02 -2.27 -10.97
C ALA A 16 2.91 -3.79 -11.07
N ILE A 17 3.31 -4.48 -10.00
CA ILE A 17 3.26 -5.94 -9.95
C ILE A 17 1.94 -6.42 -9.34
N LEU A 18 1.31 -7.41 -9.98
CA LEU A 18 0.05 -7.96 -9.49
C LEU A 18 0.07 -9.49 -9.51
N PRO A 19 -0.09 -10.13 -8.32
CA PRO A 19 -0.10 -11.60 -8.21
C PRO A 19 -1.33 -12.23 -8.82
N MET A 20 -1.35 -13.56 -8.88
CA MET A 20 -2.50 -14.29 -9.44
C MET A 20 -3.67 -14.24 -8.47
N GLY A 21 -4.52 -13.22 -8.61
CA GLY A 21 -5.67 -13.07 -7.74
C GLY A 21 -6.17 -11.63 -7.66
N ALA A 22 -5.25 -10.68 -7.84
CA ALA A 22 -5.59 -9.26 -7.80
C ALA A 22 -6.66 -8.90 -8.83
N ILE A 23 -7.56 -8.00 -8.44
CA ILE A 23 -8.64 -7.55 -9.32
C ILE A 23 -8.95 -6.06 -9.08
N ASP A 24 -8.94 -5.28 -10.16
CA ASP A 24 -9.20 -3.85 -10.07
C ASP A 24 -10.67 -3.57 -9.72
N VAL A 25 -10.91 -3.11 -8.50
CA VAL A 25 -12.26 -2.80 -8.05
C VAL A 25 -12.80 -1.50 -8.66
N SER A 26 -12.02 -0.87 -9.55
CA SER A 26 -12.45 0.37 -10.21
C SER A 26 -13.75 0.16 -10.97
N ASP A 27 -13.95 -1.06 -11.49
CA ASP A 27 -15.16 -1.40 -12.23
C ASP A 27 -16.35 -1.53 -11.28
N LEU A 28 -16.09 -1.98 -10.07
CA LEU A 28 -17.13 -2.18 -9.06
C LEU A 28 -17.20 -1.00 -8.07
N ARG A 29 -16.37 0.03 -8.27
CA ARG A 29 -16.36 1.19 -7.38
C ARG A 29 -15.50 2.32 -7.95
N PRO A 30 -15.97 3.58 -7.88
CA PRO A 30 -15.23 4.75 -8.39
C PRO A 30 -13.90 4.95 -7.68
N VAL A 31 -12.84 5.18 -8.46
CA VAL A 31 -11.49 5.38 -7.91
C VAL A 31 -10.81 6.59 -8.55
N PRO A 32 -10.06 7.39 -7.76
CA PRO A 32 -9.35 8.58 -8.25
C PRO A 32 -8.34 8.25 -9.35
N ASP A 33 -7.75 9.29 -9.94
CA ASP A 33 -6.77 9.13 -11.02
C ASP A 33 -5.34 9.03 -10.47
N ASN A 34 -5.09 9.62 -9.30
CA ASN A 34 -3.75 9.58 -8.70
C ASN A 34 -3.61 8.44 -7.69
N GLN A 35 -4.38 7.37 -7.88
CA GLN A 35 -4.33 6.21 -6.99
C GLN A 35 -5.15 5.04 -7.53
N GLU A 36 -4.83 3.84 -7.05
CA GLU A 36 -5.53 2.62 -7.48
C GLU A 36 -6.03 1.82 -6.29
N VAL A 37 -6.90 0.85 -6.56
CA VAL A 37 -7.46 -0.01 -5.52
C VAL A 37 -7.63 -1.44 -6.01
N PHE A 38 -6.85 -2.35 -5.44
CA PHE A 38 -6.91 -3.77 -5.81
C PHE A 38 -7.52 -4.61 -4.70
N CYS A 39 -7.89 -5.84 -5.02
CA CYS A 39 -8.50 -6.75 -4.05
C CYS A 39 -8.14 -8.21 -4.34
N HIS A 40 -8.14 -9.03 -3.28
CA HIS A 40 -7.81 -10.45 -3.41
C HIS A 40 -8.95 -11.31 -2.84
N PRO A 41 -10.00 -11.56 -3.64
CA PRO A 41 -11.16 -12.37 -3.21
C PRO A 41 -10.75 -13.74 -2.67
N VAL A 42 -9.66 -14.29 -3.21
CA VAL A 42 -9.17 -15.61 -2.79
C VAL A 42 -8.95 -15.70 -1.28
N THR A 43 -8.15 -14.78 -0.75
CA THR A 43 -7.84 -14.75 0.68
C THR A 43 -8.66 -13.67 1.42
N ASP A 44 -9.38 -12.84 0.66
CA ASP A 44 -10.19 -11.76 1.22
C ASP A 44 -9.32 -10.65 1.79
N GLN A 45 -8.63 -9.93 0.90
CA GLN A 45 -7.76 -8.83 1.31
C GLN A 45 -7.88 -7.65 0.35
N SER A 46 -7.61 -6.44 0.86
CA SER A 46 -7.70 -5.23 0.05
C SER A 46 -6.37 -4.48 0.04
N LEU A 47 -6.03 -3.88 -1.11
CA LEU A 47 -4.79 -3.13 -1.26
C LEU A 47 -5.04 -1.82 -2.02
N ILE A 48 -4.51 -0.71 -1.49
CA ILE A 48 -4.70 0.60 -2.11
C ILE A 48 -3.37 1.34 -2.26
N VAL A 49 -3.12 1.87 -3.46
CA VAL A 49 -1.90 2.62 -3.75
C VAL A 49 -2.22 4.10 -3.93
N GLU A 50 -1.40 4.98 -3.35
CA GLU A 50 -1.63 6.42 -3.42
C GLU A 50 -0.41 7.15 -4.00
N LEU A 51 -0.67 8.18 -4.80
CA LEU A 51 0.39 8.98 -5.41
C LEU A 51 0.13 10.47 -5.18
N LEU A 52 1.08 11.12 -4.52
CA LEU A 52 0.96 12.55 -4.22
C LEU A 52 2.29 13.29 -4.39
N GLU A 53 2.24 14.62 -4.29
CA GLU A 53 3.44 15.44 -4.42
C GLU A 53 3.86 16.03 -3.08
N LEU A 54 5.17 16.04 -2.83
CA LEU A 54 5.72 16.56 -1.57
C LEU A 54 5.18 17.95 -1.26
N GLN A 55 4.65 18.12 -0.04
CA GLN A 55 4.10 19.40 0.38
C GLN A 55 4.95 20.04 1.48
N ALA A 56 5.23 21.33 1.34
CA ALA A 56 6.03 22.07 2.31
C ALA A 56 7.45 21.51 2.40
N HIS A 57 7.63 20.47 3.21
CA HIS A 57 8.93 19.83 3.39
C HIS A 57 8.82 18.50 4.15
N VAL A 58 7.72 17.77 3.92
CA VAL A 58 7.51 16.50 4.59
C VAL A 58 7.74 15.33 3.64
N ARG A 59 8.72 14.49 3.97
CA ARG A 59 9.06 13.34 3.14
C ARG A 59 9.70 12.23 3.96
N GLY A 60 9.39 10.99 3.61
CA GLY A 60 9.94 9.83 4.32
C GLY A 60 9.21 9.53 5.61
N GLU A 61 9.97 9.21 6.67
CA GLU A 61 9.37 8.89 7.97
C GLU A 61 8.52 10.05 8.48
N ALA A 62 8.95 11.27 8.17
CA ALA A 62 8.21 12.47 8.59
C ALA A 62 6.92 12.61 7.79
N ALA A 63 6.99 12.35 6.48
CA ALA A 63 5.83 12.42 5.61
C ALA A 63 4.77 11.40 6.00
N ALA A 64 5.23 10.20 6.35
CA ALA A 64 4.32 9.11 6.74
C ALA A 64 3.37 9.55 7.85
N ARG A 65 3.93 10.00 8.97
CA ARG A 65 3.13 10.46 10.10
C ARG A 65 2.22 11.63 9.71
N TYR A 66 2.75 12.55 8.91
CA TYR A 66 2.00 13.72 8.46
C TYR A 66 0.77 13.29 7.66
N HIS A 67 0.99 12.55 6.58
CA HIS A 67 -0.12 12.07 5.74
C HIS A 67 -1.01 11.09 6.49
N PHE A 68 -0.39 10.22 7.30
CA PHE A 68 -1.13 9.23 8.08
C PHE A 68 -2.16 9.90 8.99
N GLU A 69 -1.73 10.91 9.74
CA GLU A 69 -2.63 11.62 10.65
C GLU A 69 -3.79 12.25 9.87
N ASP A 70 -3.52 12.64 8.63
CA ASP A 70 -4.55 13.25 7.78
C ASP A 70 -5.59 12.20 7.35
N VAL A 71 -5.16 10.95 7.23
CA VAL A 71 -6.06 9.87 6.82
C VAL A 71 -6.87 9.37 8.02
N GLY A 72 -6.17 8.98 9.08
CA GLY A 72 -6.84 8.48 10.28
C GLY A 72 -7.51 9.58 11.08
N GLY A 73 -7.39 10.83 10.64
CA GLY A 73 -8.01 11.94 11.35
C GLY A 73 -9.25 12.47 10.67
N VAL A 74 -9.29 12.40 9.34
CA VAL A 74 -10.43 12.90 8.58
C VAL A 74 -11.33 11.76 8.08
N GLN A 75 -10.98 10.52 8.41
CA GLN A 75 -11.78 9.35 8.00
C GLN A 75 -11.91 8.35 9.16
N GLY A 76 -12.66 8.74 10.19
CA GLY A 76 -12.85 7.87 11.35
C GLY A 76 -11.56 7.65 12.13
N ALA A 77 -11.36 6.42 12.61
CA ALA A 77 -10.16 6.07 13.38
C ALA A 77 -10.06 6.91 14.66
N ARG A 78 -10.64 6.40 15.75
CA ARG A 78 -10.62 7.10 17.03
C ARG A 78 -9.42 6.72 17.89
N ALA A 79 -8.81 5.57 17.60
CA ALA A 79 -7.64 5.10 18.36
C ALA A 79 -6.61 4.49 17.44
N VAL A 80 -5.51 5.20 17.21
CA VAL A 80 -4.45 4.72 16.34
C VAL A 80 -3.11 4.69 17.04
N HIS A 81 -2.51 3.50 17.11
CA HIS A 81 -1.21 3.34 17.76
C HIS A 81 -0.13 2.99 16.72
N VAL A 82 1.12 2.96 17.15
CA VAL A 82 2.24 2.62 16.27
C VAL A 82 2.77 1.23 16.57
N GLU A 83 2.50 0.29 15.66
CA GLU A 83 2.97 -1.09 15.82
C GLU A 83 4.47 -1.18 15.66
N SER A 84 4.98 -0.66 14.54
CA SER A 84 6.42 -0.67 14.26
C SER A 84 6.73 0.08 12.97
N VAL A 85 7.97 0.54 12.84
CA VAL A 85 8.42 1.25 11.65
C VAL A 85 9.82 0.83 11.22
N GLN A 86 10.00 0.53 9.94
CA GLN A 86 11.29 0.10 9.42
C GLN A 86 11.54 0.66 8.02
N PRO A 87 12.77 1.18 7.77
CA PRO A 87 13.13 1.75 6.46
C PRO A 87 13.46 0.66 5.43
N LEU A 88 13.60 1.08 4.17
CA LEU A 88 13.91 0.15 3.08
C LEU A 88 15.15 0.60 2.31
N SER A 89 15.62 -0.27 1.41
CA SER A 89 16.82 0.02 0.61
C SER A 89 16.47 0.16 -0.89
N LEU A 90 17.44 0.66 -1.67
CA LEU A 90 17.25 0.85 -3.10
C LEU A 90 17.28 -0.49 -3.84
N GLU A 91 18.06 -1.44 -3.32
CA GLU A 91 18.18 -2.77 -3.94
C GLU A 91 16.80 -3.43 -4.09
N ASN A 92 15.86 -3.06 -3.23
CA ASN A 92 14.50 -3.61 -3.27
C ASN A 92 13.84 -3.32 -4.63
N LEU A 93 14.29 -2.28 -5.33
CA LEU A 93 13.73 -1.96 -6.63
C LEU A 93 14.21 -2.96 -7.67
N ALA A 94 13.30 -3.84 -8.06
CA ALA A 94 13.60 -4.88 -9.05
C ALA A 94 14.40 -4.31 -10.22
N LEU A 95 13.77 -3.39 -10.97
CA LEU A 95 14.46 -2.72 -12.08
C LEU A 95 15.58 -1.84 -11.53
N ARG A 96 15.39 -1.37 -10.29
CA ARG A 96 16.37 -0.53 -9.61
C ARG A 96 16.73 0.69 -10.46
N GLY A 97 15.70 1.44 -10.88
CA GLY A 97 15.93 2.63 -11.70
C GLY A 97 16.61 3.72 -10.91
N ARG A 98 15.84 4.72 -10.49
CA ARG A 98 16.38 5.80 -9.69
C ARG A 98 15.46 6.11 -8.51
N CYS A 99 15.88 5.69 -7.33
CA CYS A 99 15.10 5.92 -6.11
C CYS A 99 15.97 6.56 -5.04
N GLN A 100 15.36 7.36 -4.17
CA GLN A 100 16.08 8.03 -3.11
C GLN A 100 16.08 7.18 -1.83
N GLU A 101 14.90 6.71 -1.44
CA GLU A 101 14.75 5.88 -0.24
C GLU A 101 13.30 5.40 -0.08
N ALA A 102 13.04 4.63 0.98
CA ALA A 102 11.70 4.12 1.25
C ALA A 102 11.48 3.89 2.74
N TRP A 103 10.26 4.12 3.20
CA TRP A 103 9.91 3.95 4.61
C TRP A 103 8.61 3.16 4.78
N VAL A 104 8.60 2.24 5.74
CA VAL A 104 7.42 1.41 6.00
C VAL A 104 6.88 1.67 7.41
N LEU A 105 5.56 1.87 7.49
CA LEU A 105 4.89 2.12 8.77
C LEU A 105 3.68 1.21 8.94
N SER A 106 3.70 0.38 9.99
CA SER A 106 2.60 -0.54 10.27
C SER A 106 1.90 -0.16 11.56
N GLY A 107 0.58 -0.33 11.60
CA GLY A 107 -0.19 0.00 12.78
C GLY A 107 -1.66 -0.33 12.65
N LYS A 108 -2.46 0.13 13.63
CA LYS A 108 -3.90 -0.13 13.63
C LYS A 108 -4.67 1.08 14.16
N GLN A 109 -5.87 1.30 13.64
CA GLN A 109 -6.73 2.41 14.07
C GLN A 109 -8.11 1.91 14.48
N GLN A 110 -8.86 2.73 15.23
CA GLN A 110 -10.19 2.35 15.67
C GLN A 110 -11.24 2.99 14.78
N ILE A 111 -11.57 2.34 13.68
CA ILE A 111 -12.56 2.86 12.75
C ILE A 111 -13.98 2.63 13.26
N ALA A 112 -14.48 3.64 13.97
CA ALA A 112 -15.81 3.59 14.56
C ALA A 112 -16.72 4.65 13.94
N LYS A 113 -17.96 4.27 13.65
CA LYS A 113 -18.94 5.18 13.05
C LYS A 113 -20.37 4.63 13.17
N GLU A 114 -20.63 3.88 14.24
CA GLU A 114 -21.95 3.30 14.46
C GLU A 114 -22.31 3.36 15.94
N ASN A 115 -23.33 4.15 16.28
CA ASN A 115 -23.76 4.30 17.67
C ASN A 115 -22.67 4.95 18.53
N GLN A 116 -21.62 5.48 17.89
CA GLN A 116 -20.51 6.11 18.60
C GLN A 116 -20.03 5.25 19.76
N GLN A 117 -20.09 3.93 19.57
CA GLN A 117 -19.65 2.97 20.59
C GLN A 117 -18.85 1.83 19.97
N VAL A 118 -19.31 1.35 18.81
CA VAL A 118 -18.65 0.26 18.10
C VAL A 118 -17.15 0.55 17.89
N ALA A 119 -16.36 -0.51 17.76
CA ALA A 119 -14.91 -0.37 17.55
C ALA A 119 -14.29 -1.69 17.09
N LYS A 120 -13.31 -1.59 16.19
CA LYS A 120 -12.62 -2.77 15.66
C LYS A 120 -11.17 -2.45 15.31
N ASP A 121 -10.28 -3.40 15.57
CA ASP A 121 -8.85 -3.23 15.29
C ASP A 121 -8.52 -3.69 13.87
N VAL A 122 -7.98 -2.78 13.07
CA VAL A 122 -7.62 -3.09 11.67
C VAL A 122 -6.12 -2.89 11.43
N THR A 123 -5.48 -3.92 10.89
CA THR A 123 -4.05 -3.87 10.59
C THR A 123 -3.81 -3.29 9.20
N LEU A 124 -3.04 -2.21 9.14
CA LEU A 124 -2.74 -1.57 7.85
C LEU A 124 -1.23 -1.38 7.67
N HIS A 125 -0.71 -1.93 6.56
CA HIS A 125 0.71 -1.82 6.24
C HIS A 125 0.95 -0.65 5.29
N GLN A 126 1.55 0.42 5.79
CA GLN A 126 1.83 1.61 4.99
C GLN A 126 3.26 1.61 4.47
N ALA A 127 3.41 2.01 3.21
CA ALA A 127 4.73 2.09 2.57
C ALA A 127 4.89 3.39 1.80
N LEU A 128 5.86 4.20 2.20
CA LEU A 128 6.10 5.48 1.55
C LEU A 128 7.44 5.48 0.80
N LEU A 129 7.38 5.79 -0.50
CA LEU A 129 8.57 5.84 -1.34
C LEU A 129 9.08 7.28 -1.47
N ARG A 130 10.39 7.43 -1.61
CA ARG A 130 11.00 8.74 -1.73
C ARG A 130 11.65 8.93 -3.11
N LEU A 131 11.08 9.82 -3.91
CA LEU A 131 11.60 10.11 -5.24
C LEU A 131 11.70 11.62 -5.48
N PRO A 132 12.91 12.15 -5.68
CA PRO A 132 13.12 13.58 -5.91
C PRO A 132 12.93 14.00 -7.38
N GLN A 133 12.31 13.14 -8.19
CA GLN A 133 12.08 13.45 -9.61
C GLN A 133 11.35 14.79 -9.77
N TYR A 134 10.46 15.08 -8.83
CA TYR A 134 9.67 16.32 -8.83
C TYR A 134 8.91 16.47 -7.52
N GLN A 135 9.56 16.11 -6.41
CA GLN A 135 8.93 16.19 -5.09
C GLN A 135 7.68 15.32 -5.04
N THR A 136 7.87 14.01 -4.94
CA THR A 136 6.76 13.07 -4.91
C THR A 136 6.90 12.07 -3.76
N ASP A 137 5.77 11.61 -3.24
CA ASP A 137 5.75 10.63 -2.15
C ASP A 137 4.68 9.58 -2.38
N LEU A 138 5.11 8.34 -2.63
CA LEU A 138 4.20 7.23 -2.86
C LEU A 138 3.58 6.74 -1.56
N LEU A 139 2.37 6.20 -1.64
CA LEU A 139 1.68 5.70 -0.45
C LEU A 139 1.11 4.30 -0.68
N LEU A 140 1.21 3.46 0.34
CA LEU A 140 0.71 2.08 0.28
C LEU A 140 -0.28 1.82 1.41
N THR A 141 -1.34 1.06 1.11
CA THR A 141 -2.36 0.73 2.11
C THR A 141 -2.79 -0.73 2.01
N PHE A 142 -2.22 -1.56 2.88
CA PHE A 142 -2.54 -2.98 2.90
C PHE A 142 -3.49 -3.30 4.06
N ASN A 143 -4.77 -3.46 3.72
CA ASN A 143 -5.80 -3.75 4.72
C ASN A 143 -5.81 -5.23 5.07
N GLN A 144 -5.80 -5.53 6.37
CA GLN A 144 -5.80 -6.91 6.86
C GLN A 144 -6.60 -7.04 8.15
N PRO A 145 -7.79 -7.66 8.09
CA PRO A 145 -8.64 -7.85 9.28
C PRO A 145 -8.03 -8.82 10.30
N PRO A 146 -8.33 -8.65 11.59
CA PRO A 146 -7.80 -9.50 12.65
C PRO A 146 -8.41 -10.91 12.65
N PRO A 147 -7.62 -11.93 12.30
CA PRO A 147 -8.08 -13.33 12.26
C PRO A 147 -8.20 -13.96 13.64
N ASP A 148 -8.96 -15.05 13.74
CA ASP A 148 -9.16 -15.75 15.01
C ASP A 148 -8.09 -16.81 15.21
N ASN A 149 -7.44 -16.79 16.38
CA ASN A 149 -6.37 -17.74 16.69
C ASN A 149 -6.96 -19.11 17.02
N ARG A 150 -7.64 -19.22 18.16
CA ARG A 150 -8.24 -20.47 18.60
C ARG A 150 -9.71 -20.26 18.99
N SER A 151 -10.52 -19.88 18.01
CA SER A 151 -11.95 -19.63 18.25
C SER A 151 -12.70 -19.40 16.93
N SER A 152 -14.02 -19.32 17.02
CA SER A 152 -14.86 -19.10 15.85
C SER A 152 -16.31 -18.83 16.24
N LEU A 153 -16.90 -17.78 15.67
CA LEU A 153 -18.28 -17.42 15.95
C LEU A 153 -19.17 -17.63 14.72
N GLY A 154 -18.65 -17.29 13.55
CA GLY A 154 -19.40 -17.45 12.32
C GLY A 154 -18.51 -17.60 11.10
N PRO A 155 -19.09 -17.81 9.90
CA PRO A 155 -18.32 -17.98 8.66
C PRO A 155 -17.43 -16.79 8.34
N GLU A 156 -16.72 -16.87 7.23
CA GLU A 156 -15.80 -15.80 6.79
C GLU A 156 -14.64 -15.66 7.77
N ASN A 157 -14.26 -16.76 8.42
CA ASN A 157 -13.16 -16.75 9.38
C ASN A 157 -12.23 -17.94 9.16
N LEU A 158 -11.50 -17.92 8.04
CA LEU A 158 -10.57 -19.01 7.71
C LEU A 158 -9.34 -18.47 6.99
N SER A 159 -8.18 -19.03 7.32
CA SER A 159 -6.92 -18.60 6.70
C SER A 159 -5.79 -19.56 7.09
N PRO A 160 -5.59 -20.64 6.31
CA PRO A 160 -4.53 -21.62 6.57
C PRO A 160 -3.16 -20.96 6.71
N ALA A 161 -2.92 -19.91 5.94
CA ALA A 161 -1.65 -19.19 5.98
C ALA A 161 -1.73 -17.89 5.15
N PRO A 162 -2.17 -16.78 5.77
CA PRO A 162 -2.29 -15.48 5.08
C PRO A 162 -0.97 -15.00 4.48
N TRP A 163 -1.04 -13.94 3.67
CA TRP A 163 0.15 -13.38 3.04
C TRP A 163 1.08 -12.73 4.06
N SER A 164 2.36 -12.63 3.71
CA SER A 164 3.35 -12.03 4.59
C SER A 164 4.09 -10.87 3.88
N LEU A 165 5.26 -10.50 4.40
CA LEU A 165 6.05 -9.42 3.81
C LEU A 165 6.37 -9.68 2.35
N GLY A 166 6.40 -10.97 1.96
CA GLY A 166 6.69 -11.31 0.58
C GLY A 166 5.81 -10.58 -0.41
N ASP A 167 4.51 -10.54 -0.13
CA ASP A 167 3.56 -9.85 -1.00
C ASP A 167 3.77 -8.33 -0.93
N PHE A 168 3.93 -7.82 0.29
CA PHE A 168 4.15 -6.39 0.50
C PHE A 168 5.40 -5.91 -0.21
N GLU A 169 6.48 -6.70 -0.10
CA GLU A 169 7.75 -6.37 -0.75
C GLU A 169 7.55 -6.20 -2.26
N GLN A 170 6.70 -7.06 -2.84
CA GLN A 170 6.40 -7.00 -4.27
C GLN A 170 5.72 -5.69 -4.64
N LEU A 171 4.99 -5.10 -3.69
CA LEU A 171 4.31 -3.83 -3.94
C LEU A 171 5.32 -2.70 -4.11
N VAL A 172 6.46 -2.81 -3.41
CA VAL A 172 7.51 -1.81 -3.50
C VAL A 172 8.11 -1.81 -4.91
N THR A 173 8.19 -3.01 -5.50
CA THR A 173 8.70 -3.16 -6.86
C THR A 173 7.64 -2.81 -7.90
N SER A 174 6.41 -2.55 -7.43
CA SER A 174 5.29 -2.21 -8.31
C SER A 174 5.44 -0.81 -8.93
N LEU A 175 6.62 -0.20 -8.82
CA LEU A 175 6.85 1.13 -9.40
C LEU A 175 8.09 1.12 -10.30
N THR A 176 8.32 -0.02 -10.96
CA THR A 176 9.49 -0.15 -11.86
C THR A 176 9.42 0.86 -13.01
N LEU A 177 10.40 1.75 -13.06
CA LEU A 177 10.46 2.77 -14.11
C LEU A 177 11.20 2.23 -15.33
N HIS A 178 10.45 1.90 -16.38
CA HIS A 178 11.03 1.38 -17.62
C HIS A 178 11.26 2.51 -18.62
N ASP A 179 10.17 3.20 -18.99
CA ASP A 179 10.23 4.30 -19.93
C ASP A 179 9.73 5.59 -19.30
N PRO A 180 10.61 6.60 -19.11
CA PRO A 180 10.25 7.88 -18.50
C PRO A 180 9.45 8.78 -19.45
N ASN A 181 8.27 8.31 -19.87
CA ASN A 181 7.41 9.06 -20.77
C ASN A 181 6.65 10.17 -20.04
N ILE A 182 6.73 10.19 -18.71
CA ILE A 182 6.05 11.19 -17.90
C ILE A 182 7.07 12.06 -17.15
N PHE A 183 8.16 12.42 -17.82
CA PHE A 183 9.20 13.25 -17.22
C PHE A 183 9.21 14.65 -17.82
N GLY A 184 9.15 14.72 -19.15
CA GLY A 184 9.15 16.00 -19.84
C GLY A 184 7.99 16.89 -19.40
N PRO A 185 6.74 16.43 -19.59
CA PRO A 185 5.55 17.21 -19.20
C PRO A 185 5.40 17.34 -17.68
N GLN A 186 4.28 17.92 -17.24
CA GLN A 186 4.04 18.10 -15.81
C GLN A 186 2.63 17.62 -15.43
N MET A 1 7.06 -21.43 -10.24
CA MET A 1 5.82 -20.90 -9.60
C MET A 1 6.03 -19.49 -9.07
N GLU A 2 6.25 -18.54 -9.99
CA GLU A 2 6.46 -17.14 -9.60
C GLU A 2 5.74 -16.19 -10.55
N PRO A 3 4.51 -15.76 -10.18
CA PRO A 3 3.69 -14.85 -11.00
C PRO A 3 4.43 -13.56 -11.36
N THR A 4 4.08 -13.00 -12.51
CA THR A 4 4.69 -11.76 -12.99
C THR A 4 3.81 -11.07 -14.03
N ARG A 5 3.06 -10.05 -13.60
CA ARG A 5 2.17 -9.31 -14.50
C ARG A 5 2.23 -7.81 -14.21
N ASP A 6 2.93 -7.08 -15.07
CA ASP A 6 3.08 -5.64 -14.92
C ASP A 6 1.91 -4.88 -15.57
N CYS A 7 1.39 -3.88 -14.87
CA CYS A 7 0.27 -3.09 -15.36
C CYS A 7 0.72 -1.70 -15.81
N PRO A 8 0.19 -1.20 -16.93
CA PRO A 8 0.55 0.12 -17.47
C PRO A 8 -0.05 1.27 -16.65
N LEU A 9 0.81 2.18 -16.19
CA LEU A 9 0.38 3.33 -15.41
C LEU A 9 0.60 4.62 -16.17
N PHE A 10 -0.50 5.35 -16.42
CA PHE A 10 -0.44 6.62 -17.15
C PHE A 10 0.17 6.43 -18.54
N GLY A 11 -0.27 5.38 -19.24
CA GLY A 11 0.25 5.10 -20.57
C GLY A 11 1.41 4.11 -20.59
N GLY A 12 1.92 3.75 -19.41
CA GLY A 12 3.03 2.82 -19.33
C GLY A 12 4.29 3.42 -18.73
N ALA A 13 4.13 4.42 -17.86
CA ALA A 13 5.28 5.07 -17.22
C ALA A 13 5.77 4.24 -16.03
N PHE A 14 4.84 3.57 -15.36
CA PHE A 14 5.16 2.73 -14.21
C PHE A 14 4.60 1.34 -14.41
N SER A 15 5.36 0.33 -13.98
CA SER A 15 4.92 -1.05 -14.11
C SER A 15 4.58 -1.64 -12.74
N ALA A 16 3.28 -1.92 -12.55
CA ALA A 16 2.80 -2.46 -11.29
C ALA A 16 2.51 -3.96 -11.37
N ILE A 17 3.07 -4.72 -10.44
CA ILE A 17 2.88 -6.15 -10.39
C ILE A 17 1.59 -6.48 -9.63
N LEU A 18 0.78 -7.39 -10.18
CA LEU A 18 -0.49 -7.78 -9.55
C LEU A 18 -0.55 -9.29 -9.34
N PRO A 19 -1.15 -9.75 -8.23
CA PRO A 19 -1.28 -11.19 -7.92
C PRO A 19 -2.37 -11.86 -8.76
N MET A 20 -2.55 -13.16 -8.56
CA MET A 20 -3.57 -13.93 -9.30
C MET A 20 -4.99 -13.60 -8.81
N GLY A 21 -5.13 -13.27 -7.53
CA GLY A 21 -6.43 -12.93 -6.97
C GLY A 21 -6.72 -11.44 -6.98
N ALA A 22 -5.89 -10.66 -7.67
CA ALA A 22 -6.08 -9.21 -7.74
C ALA A 22 -7.26 -8.84 -8.63
N ILE A 23 -7.84 -7.66 -8.36
CA ILE A 23 -8.98 -7.17 -9.13
C ILE A 23 -9.27 -5.70 -8.79
N ASP A 24 -9.11 -4.82 -9.78
CA ASP A 24 -9.35 -3.40 -9.61
C ASP A 24 -10.82 -3.13 -9.31
N VAL A 25 -11.09 -2.48 -8.18
CA VAL A 25 -12.46 -2.17 -7.78
C VAL A 25 -13.04 -0.98 -8.57
N SER A 26 -12.34 -0.51 -9.61
CA SER A 26 -12.83 0.60 -10.42
C SER A 26 -14.20 0.28 -11.01
N ASP A 27 -14.45 -1.01 -11.27
CA ASP A 27 -15.73 -1.45 -11.82
C ASP A 27 -16.85 -1.33 -10.78
N LEU A 28 -16.50 -1.45 -9.51
CA LEU A 28 -17.47 -1.35 -8.42
C LEU A 28 -17.55 0.07 -7.85
N ARG A 29 -16.44 0.82 -7.90
CA ARG A 29 -16.39 2.18 -7.37
C ARG A 29 -15.41 3.07 -8.16
N PRO A 30 -15.55 4.41 -8.05
CA PRO A 30 -14.68 5.37 -8.76
C PRO A 30 -13.21 5.25 -8.35
N VAL A 31 -12.32 5.12 -9.35
CA VAL A 31 -10.89 5.01 -9.11
C VAL A 31 -10.08 5.72 -10.19
N PRO A 32 -9.58 6.94 -9.92
CA PRO A 32 -8.79 7.73 -10.88
C PRO A 32 -7.40 7.12 -11.15
N ASP A 33 -6.80 7.50 -12.27
CA ASP A 33 -5.47 6.99 -12.66
C ASP A 33 -4.43 7.26 -11.57
N ASN A 34 -4.47 8.47 -11.00
CA ASN A 34 -3.52 8.85 -9.96
C ASN A 34 -3.63 7.92 -8.74
N GLN A 35 -4.81 7.34 -8.54
CA GLN A 35 -5.04 6.42 -7.43
C GLN A 35 -5.12 4.98 -7.93
N GLU A 36 -5.26 4.04 -6.99
CA GLU A 36 -5.35 2.61 -7.33
C GLU A 36 -5.92 1.83 -6.17
N VAL A 37 -6.99 1.07 -6.44
CA VAL A 37 -7.63 0.27 -5.40
C VAL A 37 -7.88 -1.15 -5.89
N PHE A 38 -7.12 -2.10 -5.35
CA PHE A 38 -7.24 -3.50 -5.72
C PHE A 38 -7.80 -4.31 -4.55
N CYS A 39 -8.31 -5.50 -4.84
CA CYS A 39 -8.87 -6.38 -3.81
C CYS A 39 -8.65 -7.86 -4.15
N HIS A 40 -8.63 -8.70 -3.12
CA HIS A 40 -8.44 -10.13 -3.30
C HIS A 40 -9.63 -10.90 -2.75
N PRO A 41 -10.62 -11.24 -3.61
CA PRO A 41 -11.82 -11.97 -3.19
C PRO A 41 -11.52 -13.25 -2.42
N VAL A 42 -10.33 -13.82 -2.64
CA VAL A 42 -9.94 -15.06 -1.96
C VAL A 42 -9.60 -14.81 -0.50
N THR A 43 -8.59 -13.98 -0.26
CA THR A 43 -8.14 -13.65 1.10
C THR A 43 -8.95 -12.51 1.72
N ASP A 44 -9.87 -11.91 0.95
CA ASP A 44 -10.69 -10.80 1.43
C ASP A 44 -9.81 -9.60 1.84
N GLN A 45 -8.69 -9.44 1.14
CA GLN A 45 -7.76 -8.34 1.41
C GLN A 45 -8.09 -7.13 0.54
N SER A 46 -7.39 -6.03 0.76
CA SER A 46 -7.61 -4.81 -0.03
C SER A 46 -6.33 -3.97 -0.11
N LEU A 47 -5.94 -3.65 -1.33
CA LEU A 47 -4.73 -2.86 -1.58
C LEU A 47 -5.08 -1.50 -2.19
N ILE A 48 -4.39 -0.46 -1.72
CA ILE A 48 -4.63 0.90 -2.22
C ILE A 48 -3.31 1.65 -2.44
N VAL A 49 -3.18 2.26 -3.61
CA VAL A 49 -1.98 3.02 -3.97
C VAL A 49 -2.35 4.47 -4.29
N GLU A 50 -1.71 5.41 -3.59
CA GLU A 50 -1.98 6.83 -3.79
C GLU A 50 -0.75 7.57 -4.32
N LEU A 51 -0.98 8.46 -5.29
CA LEU A 51 0.11 9.25 -5.88
C LEU A 51 -0.11 10.73 -5.62
N LEU A 52 0.89 11.38 -5.01
CA LEU A 52 0.80 12.80 -4.70
C LEU A 52 2.16 13.50 -4.88
N GLU A 53 2.16 14.82 -4.77
CA GLU A 53 3.37 15.61 -4.91
C GLU A 53 3.80 16.20 -3.57
N LEU A 54 5.12 16.22 -3.33
CA LEU A 54 5.68 16.75 -2.08
C LEU A 54 5.08 18.11 -1.73
N GLN A 55 4.33 18.17 -0.63
CA GLN A 55 3.70 19.41 -0.18
C GLN A 55 4.59 20.15 0.82
N ALA A 56 5.11 21.31 0.40
CA ALA A 56 5.98 22.13 1.25
C ALA A 56 7.28 21.39 1.60
N HIS A 57 7.22 20.51 2.61
CA HIS A 57 8.38 19.74 3.02
C HIS A 57 7.97 18.40 3.64
N VAL A 58 6.83 17.87 3.19
CA VAL A 58 6.31 16.60 3.68
C VAL A 58 6.96 15.42 2.95
N ARG A 59 7.96 14.80 3.58
CA ARG A 59 8.66 13.67 2.99
C ARG A 59 9.56 12.98 4.02
N GLY A 60 9.63 11.66 3.94
CA GLY A 60 10.45 10.89 4.86
C GLY A 60 9.64 10.25 5.97
N GLU A 61 10.13 10.40 7.20
CA GLU A 61 9.45 9.84 8.38
C GLU A 61 8.27 10.72 8.81
N ALA A 62 8.35 12.01 8.52
CA ALA A 62 7.28 12.95 8.88
C ALA A 62 6.13 12.87 7.88
N ALA A 63 6.45 12.50 6.64
CA ALA A 63 5.44 12.38 5.59
C ALA A 63 4.46 11.25 5.90
N ALA A 64 4.99 10.12 6.39
CA ALA A 64 4.16 8.97 6.72
C ALA A 64 3.12 9.33 7.78
N ARG A 65 3.58 9.88 8.91
CA ARG A 65 2.68 10.28 9.98
C ARG A 65 1.71 11.37 9.53
N TYR A 66 2.19 12.29 8.68
CA TYR A 66 1.37 13.38 8.16
C TYR A 66 0.14 12.82 7.43
N HIS A 67 0.39 11.93 6.45
CA HIS A 67 -0.70 11.34 5.69
C HIS A 67 -1.49 10.33 6.53
N PHE A 68 -0.78 9.57 7.37
CA PHE A 68 -1.41 8.58 8.24
C PHE A 68 -2.47 9.24 9.13
N GLU A 69 -2.10 10.36 9.76
CA GLU A 69 -3.01 11.09 10.64
C GLU A 69 -4.08 11.83 9.83
N ASP A 70 -3.75 12.23 8.61
CA ASP A 70 -4.70 12.93 7.75
C ASP A 70 -5.81 12.01 7.28
N VAL A 71 -5.46 10.73 7.04
CA VAL A 71 -6.44 9.75 6.59
C VAL A 71 -7.22 9.17 7.76
N GLY A 72 -6.50 8.68 8.76
CA GLY A 72 -7.13 8.12 9.94
C GLY A 72 -7.60 9.17 10.94
N GLY A 73 -7.51 10.45 10.55
CA GLY A 73 -7.93 11.53 11.42
C GLY A 73 -9.15 12.27 10.89
N VAL A 74 -9.29 12.33 9.57
CA VAL A 74 -10.41 13.02 8.93
C VAL A 74 -11.49 12.02 8.47
N GLN A 75 -11.57 10.86 9.14
CA GLN A 75 -12.56 9.84 8.79
C GLN A 75 -12.99 9.04 10.02
N GLY A 76 -12.12 8.12 10.47
CA GLY A 76 -12.42 7.30 11.63
C GLY A 76 -11.18 7.07 12.49
N ALA A 77 -10.98 5.82 12.90
CA ALA A 77 -9.82 5.45 13.72
C ALA A 77 -9.73 6.30 14.99
N ARG A 78 -10.30 5.79 16.08
CA ARG A 78 -10.28 6.53 17.35
C ARG A 78 -9.09 6.14 18.24
N ALA A 79 -8.48 5.00 17.95
CA ALA A 79 -7.32 4.54 18.71
C ALA A 79 -6.27 3.94 17.78
N VAL A 80 -5.17 4.66 17.58
CA VAL A 80 -4.11 4.19 16.69
C VAL A 80 -2.75 4.22 17.38
N HIS A 81 -2.08 3.08 17.39
CA HIS A 81 -0.76 2.96 17.99
C HIS A 81 0.31 2.72 16.93
N VAL A 82 1.58 2.76 17.34
CA VAL A 82 2.68 2.53 16.43
C VAL A 82 3.45 1.26 16.79
N GLU A 83 3.46 0.29 15.87
CA GLU A 83 4.14 -0.97 16.08
C GLU A 83 5.65 -0.81 15.89
N SER A 84 6.04 -0.37 14.69
CA SER A 84 7.45 -0.16 14.36
C SER A 84 7.60 0.35 12.93
N VAL A 85 8.71 1.02 12.65
CA VAL A 85 8.99 1.55 11.31
C VAL A 85 10.39 1.18 10.84
N GLN A 86 10.54 0.98 9.54
CA GLN A 86 11.84 0.62 8.96
C GLN A 86 11.95 1.08 7.51
N PRO A 87 13.10 1.66 7.13
CA PRO A 87 13.34 2.15 5.77
C PRO A 87 13.68 1.01 4.82
N LEU A 88 13.28 1.16 3.55
CA LEU A 88 13.54 0.14 2.53
C LEU A 88 14.76 0.52 1.69
N SER A 89 15.56 -0.49 1.35
CA SER A 89 16.77 -0.27 0.55
C SER A 89 16.45 -0.24 -0.95
N LEU A 90 17.40 0.29 -1.74
CA LEU A 90 17.23 0.37 -3.20
C LEU A 90 17.08 -1.02 -3.81
N GLU A 91 17.73 -2.02 -3.21
CA GLU A 91 17.66 -3.40 -3.70
C GLU A 91 16.21 -3.90 -3.78
N ASN A 92 15.36 -3.39 -2.88
CA ASN A 92 13.95 -3.79 -2.85
C ASN A 92 13.27 -3.49 -4.18
N LEU A 93 13.72 -2.44 -4.87
CA LEU A 93 13.15 -2.09 -6.15
C LEU A 93 13.80 -2.93 -7.26
N ALA A 94 13.05 -3.91 -7.73
CA ALA A 94 13.52 -4.83 -8.78
C ALA A 94 14.26 -4.08 -9.87
N LEU A 95 13.54 -3.23 -10.61
CA LEU A 95 14.16 -2.43 -11.67
C LEU A 95 15.08 -1.37 -11.06
N ARG A 96 14.77 -0.97 -9.80
CA ARG A 96 15.55 0.02 -9.07
C ARG A 96 15.35 1.43 -9.66
N GLY A 97 15.85 1.64 -10.88
CA GLY A 97 15.73 2.93 -11.53
C GLY A 97 16.39 4.01 -10.72
N ARG A 98 15.63 5.02 -10.34
CA ARG A 98 16.18 6.09 -9.51
C ARG A 98 15.28 6.30 -8.30
N CYS A 99 15.73 5.82 -7.15
CA CYS A 99 14.98 5.95 -5.91
C CYS A 99 15.88 6.46 -4.79
N GLN A 100 15.51 7.60 -4.20
CA GLN A 100 16.28 8.20 -3.11
C GLN A 100 16.25 7.32 -1.87
N GLU A 101 15.04 6.92 -1.46
CA GLU A 101 14.87 6.07 -0.27
C GLU A 101 13.44 5.54 -0.18
N ALA A 102 13.18 4.77 0.88
CA ALA A 102 11.85 4.21 1.10
C ALA A 102 11.53 4.12 2.59
N TRP A 103 10.27 4.36 2.94
CA TRP A 103 9.83 4.32 4.34
C TRP A 103 8.69 3.31 4.51
N VAL A 104 8.63 2.68 5.68
CA VAL A 104 7.59 1.70 5.96
C VAL A 104 7.01 1.91 7.37
N LEU A 105 5.68 1.88 7.47
CA LEU A 105 5.00 2.05 8.75
C LEU A 105 3.89 1.02 8.91
N SER A 106 3.92 0.30 10.03
CA SER A 106 2.90 -0.72 10.32
C SER A 106 2.28 -0.49 11.69
N GLY A 107 0.95 -0.63 11.76
CA GLY A 107 0.25 -0.44 13.02
C GLY A 107 -1.20 -0.84 12.95
N LYS A 108 -2.01 -0.31 13.87
CA LYS A 108 -3.43 -0.62 13.94
C LYS A 108 -4.22 0.58 14.47
N GLN A 109 -5.47 0.73 14.02
CA GLN A 109 -6.33 1.83 14.45
C GLN A 109 -7.71 1.30 14.87
N GLN A 110 -8.45 2.11 15.62
CA GLN A 110 -9.78 1.69 16.08
C GLN A 110 -10.85 2.39 15.26
N ILE A 111 -11.19 1.79 14.12
CA ILE A 111 -12.20 2.36 13.24
C ILE A 111 -13.61 2.05 13.74
N ALA A 112 -14.17 3.03 14.45
CA ALA A 112 -15.50 2.91 15.03
C ALA A 112 -16.58 2.83 13.94
N LYS A 113 -17.50 1.88 14.09
CA LYS A 113 -18.59 1.69 13.13
C LYS A 113 -19.64 0.71 13.66
N GLU A 114 -20.70 0.49 12.88
CA GLU A 114 -21.78 -0.42 13.27
C GLU A 114 -22.42 0.01 14.58
N ASN A 115 -23.43 0.89 14.49
CA ASN A 115 -24.12 1.40 15.67
C ASN A 115 -23.23 2.34 16.49
N GLN A 116 -22.07 2.72 15.93
CA GLN A 116 -21.13 3.60 16.62
C GLN A 116 -20.81 3.11 18.04
N GLN A 117 -20.85 1.78 18.22
CA GLN A 117 -20.57 1.17 19.52
C GLN A 117 -19.56 0.02 19.40
N VAL A 118 -18.99 -0.17 18.20
CA VAL A 118 -18.03 -1.24 17.98
C VAL A 118 -16.63 -0.67 17.69
N ALA A 119 -15.61 -1.49 17.96
CA ALA A 119 -14.22 -1.09 17.75
C ALA A 119 -13.44 -2.15 16.97
N LYS A 120 -12.29 -1.76 16.42
CA LYS A 120 -11.45 -2.68 15.64
C LYS A 120 -9.96 -2.42 15.87
N ASP A 121 -9.12 -3.33 15.37
CA ASP A 121 -7.67 -3.22 15.52
C ASP A 121 -6.96 -3.99 14.40
N VAL A 122 -7.40 -3.76 13.16
CA VAL A 122 -6.80 -4.42 12.00
C VAL A 122 -5.38 -3.94 11.73
N THR A 123 -4.56 -4.81 11.14
CA THR A 123 -3.16 -4.48 10.83
C THR A 123 -3.08 -3.75 9.50
N LEU A 124 -2.50 -2.54 9.53
CA LEU A 124 -2.34 -1.73 8.32
C LEU A 124 -0.87 -1.49 8.02
N HIS A 125 -0.39 -2.07 6.92
CA HIS A 125 1.00 -1.92 6.50
C HIS A 125 1.09 -0.92 5.35
N GLN A 126 1.87 0.13 5.53
CA GLN A 126 2.03 1.16 4.49
C GLN A 126 3.48 1.44 4.18
N ALA A 127 3.73 1.89 2.94
CA ALA A 127 5.07 2.21 2.49
C ALA A 127 5.10 3.60 1.84
N LEU A 128 6.27 4.23 1.84
CA LEU A 128 6.43 5.56 1.27
C LEU A 128 7.66 5.62 0.37
N LEU A 129 7.47 6.06 -0.87
CA LEU A 129 8.56 6.18 -1.83
C LEU A 129 8.69 7.63 -2.28
N ARG A 130 9.70 8.33 -1.74
CA ARG A 130 9.93 9.73 -2.08
C ARG A 130 11.02 9.87 -3.14
N LEU A 131 10.65 10.43 -4.29
CA LEU A 131 11.59 10.63 -5.39
C LEU A 131 11.82 12.11 -5.64
N PRO A 132 13.09 12.53 -5.82
CA PRO A 132 13.44 13.93 -6.05
C PRO A 132 13.28 14.37 -7.52
N GLN A 133 12.68 13.51 -8.35
CA GLN A 133 12.48 13.82 -9.76
C GLN A 133 11.72 15.15 -9.93
N TYR A 134 10.77 15.39 -9.03
CA TYR A 134 9.98 16.62 -9.04
C TYR A 134 9.14 16.73 -7.76
N GLN A 135 9.71 16.30 -6.63
CA GLN A 135 9.02 16.34 -5.35
C GLN A 135 7.76 15.50 -5.40
N THR A 136 7.91 14.17 -5.28
CA THR A 136 6.78 13.25 -5.33
C THR A 136 6.74 12.35 -4.09
N ASP A 137 5.53 11.96 -3.69
CA ASP A 137 5.33 11.10 -2.53
C ASP A 137 4.31 10.00 -2.83
N LEU A 138 4.78 8.75 -2.95
CA LEU A 138 3.91 7.61 -3.23
C LEU A 138 3.50 6.90 -1.94
N LEU A 139 2.20 6.68 -1.78
CA LEU A 139 1.67 6.02 -0.58
C LEU A 139 1.14 4.62 -0.90
N LEU A 140 1.31 3.71 0.06
CA LEU A 140 0.85 2.32 -0.09
C LEU A 140 -0.04 1.92 1.09
N THR A 141 -1.16 1.27 0.79
CA THR A 141 -2.09 0.83 1.82
C THR A 141 -2.33 -0.68 1.74
N PHE A 142 -1.77 -1.41 2.71
CA PHE A 142 -1.91 -2.86 2.78
C PHE A 142 -2.66 -3.27 4.04
N ASN A 143 -3.97 -3.48 3.92
CA ASN A 143 -4.78 -3.90 5.06
C ASN A 143 -5.15 -5.37 4.97
N GLN A 144 -4.99 -6.09 6.07
CA GLN A 144 -5.30 -7.52 6.11
C GLN A 144 -5.81 -7.93 7.49
N PRO A 145 -7.15 -8.16 7.60
CA PRO A 145 -7.77 -8.56 8.87
C PRO A 145 -7.23 -9.89 9.41
N PRO A 146 -7.14 -10.03 10.74
CA PRO A 146 -6.62 -11.25 11.37
C PRO A 146 -7.65 -12.40 11.34
N PRO A 147 -7.33 -13.49 10.63
CA PRO A 147 -8.22 -14.66 10.52
C PRO A 147 -8.34 -15.45 11.83
N ASP A 148 -9.48 -16.12 12.01
CA ASP A 148 -9.72 -16.92 13.21
C ASP A 148 -10.41 -18.24 12.87
N ASN A 149 -10.07 -18.82 11.72
CA ASN A 149 -10.66 -20.08 11.28
C ASN A 149 -9.59 -21.01 10.71
N ARG A 150 -9.64 -22.29 11.10
CA ARG A 150 -8.68 -23.30 10.66
C ARG A 150 -7.33 -23.15 11.36
N SER A 151 -6.72 -21.97 11.25
CA SER A 151 -5.43 -21.68 11.87
C SER A 151 -4.28 -22.38 11.14
N SER A 152 -3.07 -21.84 11.31
CA SER A 152 -1.88 -22.40 10.67
C SER A 152 -1.23 -23.46 11.56
N LEU A 153 -1.18 -23.20 12.87
CA LEU A 153 -0.58 -24.15 13.81
C LEU A 153 -1.46 -25.38 13.97
N GLY A 154 -1.15 -26.43 13.20
CA GLY A 154 -1.92 -27.67 13.25
C GLY A 154 -1.12 -28.86 12.77
N PRO A 155 -1.77 -30.04 12.62
CA PRO A 155 -1.12 -31.27 12.16
C PRO A 155 -0.59 -31.16 10.72
N GLU A 156 -0.17 -32.29 10.16
CA GLU A 156 0.36 -32.33 8.80
C GLU A 156 -0.77 -32.53 7.76
N ASN A 157 -1.87 -31.79 7.95
CA ASN A 157 -3.00 -31.88 7.03
C ASN A 157 -3.08 -30.65 6.13
N LEU A 158 -4.10 -30.59 5.28
CA LEU A 158 -4.28 -29.46 4.36
C LEU A 158 -4.86 -28.25 5.09
N SER A 159 -4.22 -27.10 4.91
CA SER A 159 -4.66 -25.86 5.54
C SER A 159 -4.17 -24.64 4.77
N PRO A 160 -4.94 -23.53 4.78
CA PRO A 160 -4.58 -22.30 4.08
C PRO A 160 -3.44 -21.54 4.77
N ALA A 161 -3.05 -20.40 4.20
CA ALA A 161 -1.98 -19.59 4.76
C ALA A 161 -2.13 -18.11 4.39
N PRO A 162 -2.61 -17.28 5.35
CA PRO A 162 -2.81 -15.84 5.11
C PRO A 162 -1.57 -15.14 4.56
N TRP A 163 -1.77 -14.05 3.82
CA TRP A 163 -0.67 -13.30 3.23
C TRP A 163 0.16 -12.59 4.31
N SER A 164 1.46 -12.51 4.08
CA SER A 164 2.38 -11.87 5.02
C SER A 164 3.22 -10.80 4.32
N LEU A 165 4.36 -10.44 4.91
CA LEU A 165 5.25 -9.42 4.33
C LEU A 165 5.63 -9.76 2.88
N GLY A 166 5.67 -11.06 2.57
CA GLY A 166 6.02 -11.49 1.22
C GLY A 166 5.17 -10.82 0.16
N ASP A 167 3.87 -10.70 0.42
CA ASP A 167 2.94 -10.06 -0.53
C ASP A 167 3.22 -8.56 -0.60
N PHE A 168 3.39 -7.94 0.56
CA PHE A 168 3.67 -6.50 0.62
C PHE A 168 4.94 -6.18 -0.16
N GLU A 169 5.97 -7.01 0.02
CA GLU A 169 7.26 -6.82 -0.66
C GLU A 169 7.05 -6.76 -2.18
N GLN A 170 6.14 -7.57 -2.70
CA GLN A 170 5.85 -7.60 -4.14
C GLN A 170 5.32 -6.25 -4.60
N LEU A 171 4.55 -5.56 -3.74
CA LEU A 171 4.00 -4.26 -4.09
C LEU A 171 5.13 -3.22 -4.21
N VAL A 172 6.24 -3.46 -3.52
CA VAL A 172 7.39 -2.55 -3.58
C VAL A 172 8.00 -2.60 -4.98
N THR A 173 8.06 -3.81 -5.56
CA THR A 173 8.59 -3.98 -6.91
C THR A 173 7.54 -3.60 -7.96
N SER A 174 6.34 -3.25 -7.51
CA SER A 174 5.26 -2.86 -8.42
C SER A 174 5.47 -1.43 -9.00
N LEU A 175 6.68 -0.89 -8.87
CA LEU A 175 6.98 0.43 -9.41
C LEU A 175 8.27 0.38 -10.25
N THR A 176 8.49 -0.75 -10.93
CA THR A 176 9.68 -0.94 -11.76
C THR A 176 9.77 0.13 -12.85
N LEU A 177 10.84 0.94 -12.79
CA LEU A 177 11.06 2.01 -13.76
C LEU A 177 11.49 1.45 -15.11
N HIS A 178 10.89 1.97 -16.18
CA HIS A 178 11.21 1.54 -17.53
C HIS A 178 11.38 2.73 -18.47
N ASP A 179 10.36 3.60 -18.52
CA ASP A 179 10.40 4.78 -19.37
C ASP A 179 10.05 6.03 -18.57
N PRO A 180 11.04 6.89 -18.28
CA PRO A 180 10.83 8.13 -17.51
C PRO A 180 10.24 9.25 -18.38
N ASN A 181 9.10 8.97 -19.02
CA ASN A 181 8.43 9.95 -19.88
C ASN A 181 7.39 10.75 -19.10
N ILE A 182 7.30 10.54 -17.78
CA ILE A 182 6.33 11.27 -16.96
C ILE A 182 7.01 11.98 -15.78
N PHE A 183 8.34 12.09 -15.84
CA PHE A 183 9.09 12.76 -14.78
C PHE A 183 9.37 14.21 -15.15
N GLY A 184 9.68 14.45 -16.42
CA GLY A 184 9.95 15.80 -16.89
C GLY A 184 9.46 16.03 -18.31
N PRO A 185 8.22 15.62 -18.65
CA PRO A 185 7.67 15.79 -19.99
C PRO A 185 7.22 17.23 -20.27
N GLN A 186 6.49 17.83 -19.32
CA GLN A 186 6.00 19.21 -19.48
C GLN A 186 6.35 20.07 -18.26
N MET A 1 12.15 -18.90 -10.17
CA MET A 1 10.70 -19.11 -9.89
C MET A 1 10.12 -17.91 -9.13
N GLU A 2 9.96 -16.78 -9.83
CA GLU A 2 9.41 -15.57 -9.21
C GLU A 2 8.46 -14.85 -10.17
N PRO A 3 7.14 -15.17 -10.10
CA PRO A 3 6.12 -14.56 -10.95
C PRO A 3 6.10 -13.03 -10.87
N THR A 4 5.77 -12.39 -12.00
CA THR A 4 5.71 -10.93 -12.07
C THR A 4 4.80 -10.47 -13.21
N ARG A 5 3.70 -9.80 -12.86
CA ARG A 5 2.77 -9.29 -13.86
C ARG A 5 2.59 -7.77 -13.71
N ASP A 6 3.47 -7.02 -14.39
CA ASP A 6 3.44 -5.56 -14.34
C ASP A 6 2.24 -5.02 -15.13
N CYS A 7 1.72 -3.87 -14.69
CA CYS A 7 0.57 -3.24 -15.34
C CYS A 7 0.90 -1.81 -15.79
N PRO A 8 0.85 -1.56 -17.12
CA PRO A 8 1.14 -0.23 -17.71
C PRO A 8 0.31 0.88 -17.07
N LEU A 9 0.96 2.01 -16.80
CA LEU A 9 0.29 3.16 -16.20
C LEU A 9 0.52 4.42 -17.02
N PHE A 10 -0.57 5.11 -17.38
CA PHE A 10 -0.50 6.33 -18.18
C PHE A 10 0.21 6.09 -19.51
N GLY A 11 -0.03 4.94 -20.12
CA GLY A 11 0.59 4.62 -21.39
C GLY A 11 1.85 3.77 -21.27
N GLY A 12 2.27 3.50 -20.04
CA GLY A 12 3.47 2.70 -19.83
C GLY A 12 4.58 3.46 -19.12
N ALA A 13 4.22 4.47 -18.33
CA ALA A 13 5.21 5.26 -17.58
C ALA A 13 5.67 4.51 -16.33
N PHE A 14 4.74 3.78 -15.72
CA PHE A 14 5.03 3.00 -14.52
C PHE A 14 4.46 1.60 -14.65
N SER A 15 5.07 0.64 -13.96
CA SER A 15 4.62 -0.74 -14.00
C SER A 15 4.33 -1.25 -12.60
N ALA A 16 3.05 -1.60 -12.37
CA ALA A 16 2.63 -2.10 -11.07
C ALA A 16 2.41 -3.61 -11.08
N ILE A 17 3.04 -4.28 -10.12
CA ILE A 17 2.92 -5.72 -10.00
C ILE A 17 1.69 -6.11 -9.17
N LEU A 18 0.92 -7.08 -9.66
CA LEU A 18 -0.28 -7.53 -8.97
C LEU A 18 -0.22 -9.03 -8.67
N PRO A 19 -0.65 -9.46 -7.47
CA PRO A 19 -0.65 -10.88 -7.07
C PRO A 19 -1.57 -11.72 -7.95
N MET A 20 -1.53 -13.05 -7.76
CA MET A 20 -2.36 -13.96 -8.53
C MET A 20 -3.80 -13.96 -8.00
N GLY A 21 -4.65 -13.12 -8.59
CA GLY A 21 -6.04 -13.03 -8.16
C GLY A 21 -6.52 -11.60 -7.95
N ALA A 22 -5.59 -10.63 -7.97
CA ALA A 22 -5.94 -9.23 -7.77
C ALA A 22 -6.85 -8.70 -8.88
N ILE A 23 -7.88 -7.95 -8.48
CA ILE A 23 -8.83 -7.37 -9.44
C ILE A 23 -9.16 -5.92 -9.07
N ASP A 24 -9.40 -5.10 -10.10
CA ASP A 24 -9.74 -3.70 -9.89
C ASP A 24 -11.23 -3.55 -9.56
N VAL A 25 -11.53 -2.80 -8.49
CA VAL A 25 -12.91 -2.58 -8.07
C VAL A 25 -13.62 -1.51 -8.91
N SER A 26 -12.95 -1.04 -9.97
CA SER A 26 -13.54 -0.02 -10.84
C SER A 26 -14.88 -0.49 -11.41
N ASP A 27 -15.03 -1.80 -11.59
CA ASP A 27 -16.26 -2.37 -12.12
C ASP A 27 -17.39 -2.33 -11.09
N LEU A 28 -17.03 -2.36 -9.80
CA LEU A 28 -18.03 -2.31 -8.73
C LEU A 28 -18.28 -0.88 -8.24
N ARG A 29 -17.26 -0.02 -8.31
CA ARG A 29 -17.38 1.37 -7.87
C ARG A 29 -16.39 2.28 -8.60
N PRO A 30 -16.64 3.60 -8.60
CA PRO A 30 -15.77 4.59 -9.26
C PRO A 30 -14.33 4.55 -8.72
N VAL A 31 -13.37 4.95 -9.56
CA VAL A 31 -11.96 4.96 -9.17
C VAL A 31 -11.23 6.20 -9.69
N PRO A 32 -10.38 6.82 -8.84
CA PRO A 32 -9.62 8.03 -9.21
C PRO A 32 -8.65 7.79 -10.38
N ASP A 33 -8.04 8.87 -10.86
CA ASP A 33 -7.10 8.79 -11.98
C ASP A 33 -5.65 8.63 -11.49
N ASN A 34 -5.30 9.33 -10.41
CA ASN A 34 -3.95 9.27 -9.86
C ASN A 34 -3.86 8.28 -8.68
N GLN A 35 -4.61 7.18 -8.77
CA GLN A 35 -4.61 6.15 -7.73
C GLN A 35 -4.99 4.79 -8.30
N GLU A 36 -5.05 3.79 -7.41
CA GLU A 36 -5.40 2.42 -7.80
C GLU A 36 -6.13 1.71 -6.65
N VAL A 37 -7.07 0.83 -7.01
CA VAL A 37 -7.83 0.08 -6.02
C VAL A 37 -8.02 -1.38 -6.45
N PHE A 38 -7.16 -2.25 -5.94
CA PHE A 38 -7.24 -3.68 -6.27
C PHE A 38 -7.69 -4.49 -5.06
N CYS A 39 -8.45 -5.57 -5.31
CA CYS A 39 -8.95 -6.42 -4.24
C CYS A 39 -8.85 -7.91 -4.61
N HIS A 40 -8.60 -8.75 -3.62
CA HIS A 40 -8.48 -10.19 -3.84
C HIS A 40 -9.72 -10.91 -3.30
N PRO A 41 -10.52 -11.52 -4.19
CA PRO A 41 -11.73 -12.24 -3.80
C PRO A 41 -11.45 -13.68 -3.35
N VAL A 42 -10.44 -13.85 -2.50
CA VAL A 42 -10.06 -15.16 -1.99
C VAL A 42 -9.76 -15.09 -0.49
N THR A 43 -8.82 -14.22 -0.13
CA THR A 43 -8.42 -14.03 1.26
C THR A 43 -9.12 -12.82 1.88
N ASP A 44 -9.94 -12.11 1.10
CA ASP A 44 -10.66 -10.93 1.57
C ASP A 44 -9.69 -9.80 1.91
N GLN A 45 -8.78 -9.49 0.99
CA GLN A 45 -7.79 -8.44 1.18
C GLN A 45 -8.05 -7.25 0.26
N SER A 46 -7.40 -6.11 0.53
CA SER A 46 -7.57 -4.91 -0.29
C SER A 46 -6.27 -4.12 -0.38
N LEU A 47 -5.87 -3.80 -1.62
CA LEU A 47 -4.64 -3.03 -1.87
C LEU A 47 -4.96 -1.72 -2.59
N ILE A 48 -4.36 -0.62 -2.12
CA ILE A 48 -4.60 0.70 -2.71
C ILE A 48 -3.30 1.49 -2.87
N VAL A 49 -3.11 2.09 -4.04
CA VAL A 49 -1.92 2.90 -4.33
C VAL A 49 -2.31 4.35 -4.58
N GLU A 50 -1.57 5.29 -3.99
CA GLU A 50 -1.86 6.71 -4.13
C GLU A 50 -0.61 7.52 -4.46
N LEU A 51 -0.75 8.46 -5.40
CA LEU A 51 0.36 9.34 -5.81
C LEU A 51 0.16 10.76 -5.28
N LEU A 52 1.13 11.25 -4.51
CA LEU A 52 1.06 12.59 -3.93
C LEU A 52 2.33 13.39 -4.24
N GLU A 53 2.29 14.70 -3.95
CA GLU A 53 3.43 15.58 -4.17
C GLU A 53 3.91 16.19 -2.86
N LEU A 54 5.23 16.26 -2.69
CA LEU A 54 5.84 16.82 -1.48
C LEU A 54 5.30 18.22 -1.18
N GLN A 55 4.81 18.42 0.05
CA GLN A 55 4.26 19.71 0.47
C GLN A 55 4.94 20.22 1.73
N ALA A 56 5.26 21.52 1.74
CA ALA A 56 5.91 22.17 2.87
C ALA A 56 7.32 21.62 3.10
N HIS A 57 7.42 20.50 3.80
CA HIS A 57 8.73 19.88 4.09
C HIS A 57 8.55 18.54 4.82
N VAL A 58 7.92 17.59 4.15
CA VAL A 58 7.67 16.26 4.74
C VAL A 58 8.09 15.15 3.79
N ARG A 59 9.26 14.55 4.05
CA ARG A 59 9.78 13.46 3.21
C ARG A 59 10.65 12.51 4.03
N GLY A 60 10.58 11.22 3.71
CA GLY A 60 11.37 10.23 4.42
C GLY A 60 10.59 9.56 5.53
N GLU A 61 11.08 9.67 6.77
CA GLU A 61 10.41 9.08 7.92
C GLU A 61 9.25 9.95 8.40
N ALA A 62 9.45 11.27 8.36
CA ALA A 62 8.43 12.22 8.78
C ALA A 62 7.25 12.22 7.81
N ALA A 63 7.53 11.95 6.53
CA ALA A 63 6.49 11.92 5.50
C ALA A 63 5.47 10.81 5.78
N ALA A 64 5.95 9.67 6.28
CA ALA A 64 5.08 8.53 6.59
C ALA A 64 4.02 8.92 7.63
N ARG A 65 4.48 9.33 8.82
CA ARG A 65 3.56 9.71 9.89
C ARG A 65 2.70 10.91 9.48
N TYR A 66 3.29 11.86 8.74
CA TYR A 66 2.57 13.04 8.28
C TYR A 66 1.34 12.66 7.47
N HIS A 67 1.55 11.88 6.40
CA HIS A 67 0.46 11.44 5.54
C HIS A 67 -0.42 10.40 6.26
N PHE A 68 0.19 9.61 7.14
CA PHE A 68 -0.52 8.58 7.89
C PHE A 68 -1.68 9.20 8.67
N GLU A 69 -1.40 10.29 9.37
CA GLU A 69 -2.42 10.99 10.15
C GLU A 69 -3.54 11.51 9.26
N ASP A 70 -3.23 11.77 7.99
CA ASP A 70 -4.22 12.27 7.04
C ASP A 70 -5.15 11.14 6.58
N VAL A 71 -4.68 9.90 6.67
CA VAL A 71 -5.49 8.75 6.27
C VAL A 71 -6.32 8.23 7.44
N GLY A 72 -5.63 7.91 8.54
CA GLY A 72 -6.30 7.42 9.72
C GLY A 72 -6.84 8.52 10.62
N GLY A 73 -6.80 9.77 10.13
CA GLY A 73 -7.29 10.89 10.91
C GLY A 73 -8.50 11.56 10.30
N VAL A 74 -8.54 11.62 8.96
CA VAL A 74 -9.65 12.24 8.25
C VAL A 74 -10.87 11.31 8.17
N GLN A 75 -10.62 9.99 8.12
CA GLN A 75 -11.70 9.01 8.04
C GLN A 75 -11.57 7.95 9.13
N GLY A 76 -12.27 8.17 10.25
CA GLY A 76 -12.23 7.22 11.35
C GLY A 76 -10.83 6.99 11.90
N ALA A 77 -10.53 5.75 12.24
CA ALA A 77 -9.21 5.38 12.78
C ALA A 77 -8.83 6.29 13.93
N ARG A 78 -9.70 6.36 14.95
CA ARG A 78 -9.46 7.20 16.11
C ARG A 78 -8.24 6.73 16.91
N ALA A 79 -8.41 5.64 17.67
CA ALA A 79 -7.31 5.10 18.47
C ALA A 79 -6.30 4.39 17.58
N VAL A 80 -5.15 5.01 17.38
CA VAL A 80 -4.10 4.43 16.54
C VAL A 80 -2.75 4.43 17.24
N HIS A 81 -2.11 3.27 17.26
CA HIS A 81 -0.80 3.13 17.88
C HIS A 81 0.27 2.81 16.83
N VAL A 82 1.53 2.81 17.25
CA VAL A 82 2.64 2.52 16.34
C VAL A 82 3.38 1.26 16.78
N GLU A 83 3.38 0.24 15.93
CA GLU A 83 4.05 -1.02 16.23
C GLU A 83 5.56 -0.88 16.06
N SER A 84 5.98 -0.48 14.87
CA SER A 84 7.41 -0.30 14.57
C SER A 84 7.61 0.20 13.13
N VAL A 85 8.66 1.00 12.93
CA VAL A 85 8.97 1.53 11.61
C VAL A 85 10.00 0.66 10.90
N GLN A 86 9.68 0.23 9.67
CA GLN A 86 10.58 -0.61 8.90
C GLN A 86 11.23 0.21 7.78
N PRO A 87 12.48 0.68 8.00
CA PRO A 87 13.21 1.46 7.01
C PRO A 87 13.68 0.61 5.83
N LEU A 88 13.27 1.02 4.61
CA LEU A 88 13.63 0.31 3.40
C LEU A 88 14.90 0.89 2.78
N SER A 89 15.42 0.22 1.75
CA SER A 89 16.63 0.66 1.07
C SER A 89 16.42 0.75 -0.45
N LEU A 90 17.45 1.22 -1.16
CA LEU A 90 17.39 1.35 -2.61
C LEU A 90 17.30 -0.02 -3.29
N GLU A 91 17.92 -1.03 -2.67
CA GLU A 91 17.92 -2.39 -3.21
C GLU A 91 16.50 -2.93 -3.37
N ASN A 92 15.54 -2.39 -2.60
CA ASN A 92 14.15 -2.81 -2.69
C ASN A 92 13.60 -2.62 -4.09
N LEU A 93 14.15 -1.67 -4.85
CA LEU A 93 13.70 -1.44 -6.20
C LEU A 93 14.28 -2.50 -7.13
N ALA A 94 13.42 -3.43 -7.54
CA ALA A 94 13.81 -4.53 -8.43
C ALA A 94 14.72 -4.03 -9.54
N LEU A 95 14.17 -3.21 -10.42
CA LEU A 95 14.94 -2.63 -11.52
C LEU A 95 16.03 -1.72 -10.96
N ARG A 96 15.79 -1.18 -9.76
CA ARG A 96 16.73 -0.29 -9.09
C ARG A 96 17.03 0.95 -9.95
N GLY A 97 15.98 1.66 -10.34
CA GLY A 97 16.15 2.86 -11.15
C GLY A 97 16.74 4.00 -10.32
N ARG A 98 15.91 4.96 -9.95
CA ARG A 98 16.37 6.06 -9.12
C ARG A 98 15.38 6.32 -7.99
N CYS A 99 15.76 5.90 -6.78
CA CYS A 99 14.93 6.07 -5.60
C CYS A 99 15.69 6.75 -4.47
N GLN A 100 15.13 7.83 -3.93
CA GLN A 100 15.78 8.57 -2.84
C GLN A 100 15.81 7.72 -1.56
N GLU A 101 14.66 7.16 -1.20
CA GLU A 101 14.55 6.32 0.00
C GLU A 101 13.16 5.71 0.11
N ALA A 102 12.95 4.89 1.14
CA ALA A 102 11.66 4.23 1.36
C ALA A 102 11.49 3.81 2.82
N TRP A 103 10.28 3.96 3.34
CA TRP A 103 9.98 3.60 4.73
C TRP A 103 8.65 2.87 4.84
N VAL A 104 8.44 2.17 5.96
CA VAL A 104 7.20 1.43 6.21
C VAL A 104 6.71 1.63 7.64
N LEU A 105 5.41 1.90 7.78
CA LEU A 105 4.80 2.09 9.10
C LEU A 105 3.71 1.07 9.34
N SER A 106 4.01 0.08 10.19
CA SER A 106 3.06 -0.98 10.53
C SER A 106 2.35 -0.70 11.85
N GLY A 107 1.03 -0.90 11.88
CA GLY A 107 0.28 -0.66 13.09
C GLY A 107 -1.21 -0.96 12.92
N LYS A 108 -2.02 -0.41 13.82
CA LYS A 108 -3.47 -0.61 13.78
C LYS A 108 -4.21 0.62 14.31
N GLN A 109 -5.45 0.81 13.86
CA GLN A 109 -6.27 1.95 14.29
C GLN A 109 -7.65 1.48 14.73
N GLN A 110 -8.39 2.37 15.38
CA GLN A 110 -9.73 2.05 15.86
C GLN A 110 -10.78 2.75 15.00
N ILE A 111 -11.16 2.11 13.90
CA ILE A 111 -12.16 2.69 13.00
C ILE A 111 -13.56 2.46 13.53
N ALA A 112 -14.09 3.50 14.18
CA ALA A 112 -15.42 3.47 14.78
C ALA A 112 -16.37 4.44 14.07
N LYS A 113 -17.52 3.94 13.61
CA LYS A 113 -18.51 4.77 12.93
C LYS A 113 -19.91 4.13 12.97
N GLU A 114 -20.23 3.45 14.06
CA GLU A 114 -21.53 2.80 14.21
C GLU A 114 -22.23 3.27 15.49
N ASN A 115 -21.65 2.92 16.63
CA ASN A 115 -22.20 3.31 17.93
C ASN A 115 -21.36 4.43 18.58
N GLN A 116 -20.30 4.86 17.89
CA GLN A 116 -19.41 5.91 18.39
C GLN A 116 -18.73 5.50 19.70
N GLN A 117 -18.74 4.20 20.00
CA GLN A 117 -18.12 3.68 21.22
C GLN A 117 -17.51 2.28 21.01
N VAL A 118 -17.49 1.79 19.76
CA VAL A 118 -16.95 0.48 19.45
C VAL A 118 -16.28 0.44 18.07
N ALA A 119 -15.30 -0.45 17.91
CA ALA A 119 -14.59 -0.60 16.64
C ALA A 119 -13.79 -1.91 16.61
N LYS A 120 -13.05 -2.12 15.53
CA LYS A 120 -12.24 -3.33 15.37
C LYS A 120 -10.80 -3.00 14.97
N ASP A 121 -9.85 -3.79 15.45
CA ASP A 121 -8.43 -3.58 15.15
C ASP A 121 -8.12 -4.05 13.72
N VAL A 122 -7.56 -3.14 12.92
CA VAL A 122 -7.20 -3.46 11.55
C VAL A 122 -5.71 -3.26 11.31
N THR A 123 -5.05 -4.32 10.84
CA THR A 123 -3.61 -4.28 10.58
C THR A 123 -3.35 -3.57 9.25
N LEU A 124 -2.94 -2.30 9.33
CA LEU A 124 -2.65 -1.51 8.14
C LEU A 124 -1.14 -1.38 7.90
N HIS A 125 -0.73 -1.72 6.69
CA HIS A 125 0.68 -1.64 6.30
C HIS A 125 0.88 -0.54 5.27
N GLN A 126 1.44 0.60 5.71
CA GLN A 126 1.66 1.72 4.80
C GLN A 126 3.13 1.87 4.43
N ALA A 127 3.37 2.17 3.15
CA ALA A 127 4.73 2.35 2.64
C ALA A 127 4.87 3.72 1.97
N LEU A 128 5.73 4.57 2.54
CA LEU A 128 5.96 5.90 2.01
C LEU A 128 7.27 5.96 1.21
N LEU A 129 7.17 6.37 -0.05
CA LEU A 129 8.33 6.46 -0.93
C LEU A 129 8.48 7.90 -1.44
N ARG A 130 9.63 8.51 -1.13
CA ARG A 130 9.89 9.88 -1.56
C ARG A 130 10.93 9.91 -2.69
N LEU A 131 10.54 10.47 -3.83
CA LEU A 131 11.43 10.58 -4.99
C LEU A 131 11.70 12.05 -5.30
N PRO A 132 12.96 12.41 -5.65
CA PRO A 132 13.34 13.78 -5.97
C PRO A 132 13.08 14.16 -7.43
N GLN A 133 12.43 13.28 -8.19
CA GLN A 133 12.12 13.54 -9.59
C GLN A 133 11.37 14.86 -9.74
N TYR A 134 10.49 15.14 -8.77
CA TYR A 134 9.69 16.35 -8.78
C TYR A 134 9.01 16.54 -7.42
N GLN A 135 9.71 16.20 -6.33
CA GLN A 135 9.17 16.31 -4.99
C GLN A 135 7.87 15.52 -4.89
N THR A 136 7.97 14.19 -4.84
CA THR A 136 6.80 13.32 -4.78
C THR A 136 6.81 12.42 -3.55
N ASP A 137 5.62 11.93 -3.17
CA ASP A 137 5.47 11.03 -2.03
C ASP A 137 4.46 9.93 -2.32
N LEU A 138 4.96 8.72 -2.61
CA LEU A 138 4.09 7.58 -2.90
C LEU A 138 3.52 6.99 -1.60
N LEU A 139 2.20 6.77 -1.58
CA LEU A 139 1.52 6.22 -0.40
C LEU A 139 0.90 4.86 -0.70
N LEU A 140 1.17 3.89 0.17
CA LEU A 140 0.63 2.54 0.02
C LEU A 140 -0.34 2.23 1.15
N THR A 141 -1.47 1.60 0.81
CA THR A 141 -2.48 1.24 1.80
C THR A 141 -2.82 -0.25 1.74
N PHE A 142 -2.41 -0.99 2.77
CA PHE A 142 -2.66 -2.43 2.85
C PHE A 142 -3.74 -2.72 3.90
N ASN A 143 -4.71 -3.55 3.52
CA ASN A 143 -5.80 -3.92 4.44
C ASN A 143 -5.76 -5.39 4.80
N GLN A 144 -5.66 -5.68 6.10
CA GLN A 144 -5.61 -7.06 6.58
C GLN A 144 -6.46 -7.22 7.85
N PRO A 145 -7.66 -7.84 7.72
CA PRO A 145 -8.56 -8.04 8.85
C PRO A 145 -8.17 -9.26 9.70
N PRO A 146 -7.69 -9.02 10.94
CA PRO A 146 -7.29 -10.10 11.85
C PRO A 146 -8.49 -10.79 12.50
N PRO A 147 -8.34 -12.09 12.85
CA PRO A 147 -9.41 -12.87 13.48
C PRO A 147 -9.95 -12.21 14.75
N ASP A 148 -11.25 -11.95 14.77
CA ASP A 148 -11.89 -11.31 15.92
C ASP A 148 -13.27 -11.92 16.18
N ASN A 149 -14.25 -11.56 15.35
CA ASN A 149 -15.61 -12.07 15.49
C ASN A 149 -16.09 -12.73 14.19
N ARG A 150 -15.15 -13.32 13.45
CA ARG A 150 -15.48 -13.99 12.19
C ARG A 150 -14.55 -15.19 11.96
N SER A 151 -14.16 -15.86 13.05
CA SER A 151 -13.28 -17.02 12.96
C SER A 151 -13.84 -18.19 13.78
N SER A 152 -13.73 -19.40 13.23
CA SER A 152 -14.22 -20.60 13.90
C SER A 152 -13.16 -21.18 14.84
N LEU A 153 -12.08 -21.71 14.26
CA LEU A 153 -10.99 -22.29 15.04
C LEU A 153 -9.63 -21.91 14.45
N GLY A 154 -9.49 -22.09 13.14
CA GLY A 154 -8.24 -21.77 12.46
C GLY A 154 -7.94 -22.71 11.32
N PRO A 155 -7.13 -22.27 10.34
CA PRO A 155 -6.75 -23.08 9.17
C PRO A 155 -6.31 -24.49 9.55
N GLU A 156 -6.83 -25.47 8.80
CA GLU A 156 -6.50 -26.87 9.05
C GLU A 156 -6.28 -27.62 7.74
N ASN A 157 -7.30 -27.64 6.89
CA ASN A 157 -7.23 -28.33 5.60
C ASN A 157 -6.91 -27.36 4.47
N LEU A 158 -7.89 -26.54 4.08
CA LEU A 158 -7.71 -25.56 3.01
C LEU A 158 -6.65 -24.54 3.38
N SER A 159 -5.70 -24.31 2.47
CA SER A 159 -4.64 -23.34 2.70
C SER A 159 -4.68 -22.21 1.68
N PRO A 160 -5.47 -21.15 1.98
CA PRO A 160 -5.60 -19.98 1.08
C PRO A 160 -4.29 -19.22 0.90
N ALA A 161 -3.30 -19.52 1.74
CA ALA A 161 -1.99 -18.85 1.68
C ALA A 161 -2.07 -17.43 2.23
N PRO A 162 -1.94 -17.28 3.56
CA PRO A 162 -1.99 -15.97 4.22
C PRO A 162 -0.80 -15.09 3.85
N TRP A 163 -1.02 -14.12 2.97
CA TRP A 163 0.05 -13.22 2.52
C TRP A 163 0.60 -12.42 3.69
N SER A 164 1.94 -12.42 3.82
CA SER A 164 2.61 -11.70 4.90
C SER A 164 3.42 -10.52 4.34
N LEU A 165 4.44 -10.07 5.08
CA LEU A 165 5.29 -8.96 4.65
C LEU A 165 5.86 -9.19 3.25
N GLY A 166 6.09 -10.46 2.90
CA GLY A 166 6.63 -10.80 1.59
C GLY A 166 5.81 -10.19 0.46
N ASP A 167 4.49 -10.35 0.54
CA ASP A 167 3.59 -9.81 -0.47
C ASP A 167 3.64 -8.28 -0.48
N PHE A 168 3.72 -7.68 0.71
CA PHE A 168 3.80 -6.23 0.85
C PHE A 168 5.03 -5.69 0.14
N GLU A 169 6.17 -6.38 0.31
CA GLU A 169 7.42 -5.96 -0.32
C GLU A 169 7.27 -5.89 -1.83
N GLN A 170 6.47 -6.80 -2.40
CA GLN A 170 6.23 -6.82 -3.84
C GLN A 170 5.53 -5.53 -4.30
N LEU A 171 4.70 -4.95 -3.43
CA LEU A 171 4.00 -3.71 -3.75
C LEU A 171 4.99 -2.56 -3.92
N VAL A 172 6.11 -2.63 -3.18
CA VAL A 172 7.14 -1.59 -3.29
C VAL A 172 7.78 -1.61 -4.67
N THR A 173 7.98 -2.81 -5.22
CA THR A 173 8.55 -2.97 -6.55
C THR A 173 7.50 -2.70 -7.64
N SER A 174 6.25 -2.48 -7.22
CA SER A 174 5.17 -2.21 -8.16
C SER A 174 5.27 -0.81 -8.82
N LEU A 175 6.42 -0.15 -8.67
CA LEU A 175 6.63 1.16 -9.28
C LEU A 175 7.88 1.15 -10.16
N THR A 176 8.16 -0.01 -10.79
CA THR A 176 9.32 -0.17 -11.66
C THR A 176 9.30 0.81 -12.83
N LEU A 177 10.23 1.78 -12.80
CA LEU A 177 10.32 2.78 -13.85
C LEU A 177 11.24 2.31 -14.99
N HIS A 178 10.64 1.65 -15.98
CA HIS A 178 11.41 1.16 -17.13
C HIS A 178 11.45 2.21 -18.24
N ASP A 179 10.29 2.79 -18.53
CA ASP A 179 10.16 3.81 -19.57
C ASP A 179 9.62 5.11 -18.97
N PRO A 180 10.48 6.16 -18.89
CA PRO A 180 10.08 7.46 -18.32
C PRO A 180 9.14 8.24 -19.25
N ASN A 181 7.94 7.71 -19.47
CA ASN A 181 6.95 8.35 -20.32
C ASN A 181 6.21 9.48 -19.60
N ILE A 182 6.40 9.56 -18.28
CA ILE A 182 5.75 10.59 -17.47
C ILE A 182 6.80 11.55 -16.88
N PHE A 183 7.77 11.93 -17.71
CA PHE A 183 8.83 12.85 -17.28
C PHE A 183 8.76 14.18 -18.03
N GLY A 184 8.51 14.12 -19.33
CA GLY A 184 8.43 15.34 -20.13
C GLY A 184 7.12 16.08 -19.92
N PRO A 185 6.40 16.44 -21.02
CA PRO A 185 5.12 17.16 -20.91
C PRO A 185 4.13 16.47 -19.98
N GLN A 186 3.79 15.21 -20.29
CA GLN A 186 2.85 14.44 -19.48
C GLN A 186 3.04 12.94 -19.71
N MET A 1 11.48 -18.58 -18.15
CA MET A 1 10.34 -19.24 -17.44
C MET A 1 10.04 -18.56 -16.11
N GLU A 2 10.17 -17.24 -16.07
CA GLU A 2 9.91 -16.46 -14.85
C GLU A 2 8.64 -15.64 -14.99
N PRO A 3 7.52 -16.11 -14.38
CA PRO A 3 6.22 -15.42 -14.43
C PRO A 3 6.31 -13.94 -14.04
N THR A 4 5.54 -13.11 -14.74
CA THR A 4 5.52 -11.67 -14.48
C THR A 4 4.25 -11.03 -15.03
N ARG A 5 3.43 -10.47 -14.13
CA ARG A 5 2.19 -9.82 -14.53
C ARG A 5 2.21 -8.34 -14.15
N ASP A 6 2.65 -7.49 -15.09
CA ASP A 6 2.74 -6.05 -14.85
C ASP A 6 1.61 -5.31 -15.57
N CYS A 7 1.05 -4.30 -14.92
CA CYS A 7 -0.03 -3.50 -15.49
C CYS A 7 0.43 -2.10 -15.87
N PRO A 8 -0.02 -1.59 -17.04
CA PRO A 8 0.34 -0.25 -17.52
C PRO A 8 -0.29 0.88 -16.70
N LEU A 9 0.40 2.00 -16.60
CA LEU A 9 -0.09 3.16 -15.85
C LEU A 9 0.22 4.46 -16.60
N PHE A 10 -0.81 5.28 -16.81
CA PHE A 10 -0.67 6.55 -17.51
C PHE A 10 -0.09 6.36 -18.91
N GLY A 11 -0.44 5.24 -19.55
CA GLY A 11 0.04 4.97 -20.90
C GLY A 11 1.33 4.17 -20.94
N GLY A 12 1.89 3.84 -19.77
CA GLY A 12 3.12 3.08 -19.72
C GLY A 12 4.26 3.80 -19.03
N ALA A 13 3.94 4.82 -18.23
CA ALA A 13 4.96 5.57 -17.50
C ALA A 13 5.43 4.77 -16.28
N PHE A 14 4.52 4.00 -15.70
CA PHE A 14 4.82 3.18 -14.54
C PHE A 14 4.10 1.84 -14.64
N SER A 15 4.76 0.78 -14.19
CA SER A 15 4.17 -0.56 -14.21
C SER A 15 3.80 -0.99 -12.80
N ALA A 16 2.90 -1.97 -12.69
CA ALA A 16 2.47 -2.47 -11.39
C ALA A 16 2.24 -3.97 -11.44
N ILE A 17 2.96 -4.72 -10.61
CA ILE A 17 2.83 -6.16 -10.57
C ILE A 17 1.62 -6.58 -9.74
N LEU A 18 0.83 -7.51 -10.28
CA LEU A 18 -0.36 -8.00 -9.60
C LEU A 18 -0.35 -9.52 -9.47
N PRO A 19 -0.62 -10.05 -8.27
CA PRO A 19 -0.64 -11.50 -8.02
C PRO A 19 -1.90 -12.17 -8.57
N MET A 20 -1.95 -13.50 -8.49
CA MET A 20 -3.09 -14.26 -8.98
C MET A 20 -4.23 -14.21 -7.95
N GLY A 21 -5.07 -13.18 -8.06
CA GLY A 21 -6.18 -13.02 -7.13
C GLY A 21 -6.67 -11.59 -7.04
N ALA A 22 -5.76 -10.64 -7.24
CA ALA A 22 -6.10 -9.22 -7.18
C ALA A 22 -7.11 -8.83 -8.26
N ILE A 23 -8.17 -8.12 -7.86
CA ILE A 23 -9.20 -7.68 -8.78
C ILE A 23 -9.40 -6.16 -8.68
N ASP A 24 -9.34 -5.48 -9.82
CA ASP A 24 -9.51 -4.04 -9.87
C ASP A 24 -10.94 -3.63 -9.52
N VAL A 25 -11.11 -2.97 -8.38
CA VAL A 25 -12.43 -2.52 -7.93
C VAL A 25 -12.99 -1.39 -8.80
N SER A 26 -12.21 -0.92 -9.79
CA SER A 26 -12.67 0.15 -10.68
C SER A 26 -14.00 -0.22 -11.34
N ASP A 27 -14.16 -1.51 -11.69
CA ASP A 27 -15.39 -1.99 -12.31
C ASP A 27 -16.56 -1.94 -11.34
N LEU A 28 -16.28 -2.12 -10.05
CA LEU A 28 -17.31 -2.09 -9.01
C LEU A 28 -17.56 -0.67 -8.50
N ARG A 29 -16.52 0.17 -8.54
CA ARG A 29 -16.63 1.56 -8.06
C ARG A 29 -15.59 2.46 -8.74
N PRO A 30 -15.98 3.71 -9.08
CA PRO A 30 -15.07 4.68 -9.74
C PRO A 30 -13.76 4.87 -8.99
N VAL A 31 -12.67 5.07 -9.73
CA VAL A 31 -11.34 5.26 -9.13
C VAL A 31 -10.55 6.34 -9.87
N PRO A 32 -9.79 7.19 -9.14
CA PRO A 32 -8.97 8.26 -9.73
C PRO A 32 -7.95 7.74 -10.75
N ASP A 33 -7.31 8.67 -11.46
CA ASP A 33 -6.30 8.31 -12.46
C ASP A 33 -4.92 8.11 -11.84
N ASN A 34 -4.63 8.86 -10.77
CA ASN A 34 -3.32 8.75 -10.10
C ASN A 34 -3.40 7.83 -8.88
N GLN A 35 -4.31 6.87 -8.92
CA GLN A 35 -4.46 5.92 -7.80
C GLN A 35 -4.83 4.53 -8.32
N GLU A 36 -4.61 3.52 -7.46
CA GLU A 36 -4.91 2.14 -7.82
C GLU A 36 -5.40 1.37 -6.60
N VAL A 37 -6.66 0.94 -6.63
CA VAL A 37 -7.25 0.19 -5.53
C VAL A 37 -7.60 -1.24 -5.95
N PHE A 38 -6.90 -2.21 -5.35
CA PHE A 38 -7.12 -3.62 -5.66
C PHE A 38 -7.70 -4.34 -4.45
N CYS A 39 -8.30 -5.53 -4.70
CA CYS A 39 -8.89 -6.32 -3.63
C CYS A 39 -8.77 -7.82 -3.90
N HIS A 40 -8.60 -8.59 -2.83
CA HIS A 40 -8.47 -10.04 -2.94
C HIS A 40 -9.69 -10.73 -2.33
N PRO A 41 -10.63 -11.19 -3.18
CA PRO A 41 -11.85 -11.87 -2.71
C PRO A 41 -11.55 -13.19 -2.01
N VAL A 42 -10.36 -13.75 -2.25
CA VAL A 42 -9.97 -15.02 -1.63
C VAL A 42 -9.38 -14.80 -0.23
N THR A 43 -8.26 -14.07 -0.18
CA THR A 43 -7.60 -13.79 1.09
C THR A 43 -8.37 -12.76 1.94
N ASP A 44 -9.37 -12.12 1.32
CA ASP A 44 -10.18 -11.11 2.02
C ASP A 44 -9.34 -9.87 2.35
N GLN A 45 -8.29 -9.63 1.56
CA GLN A 45 -7.42 -8.48 1.75
C GLN A 45 -7.64 -7.44 0.65
N SER A 46 -6.99 -6.30 0.77
CA SER A 46 -7.10 -5.24 -0.23
C SER A 46 -5.79 -4.44 -0.32
N LEU A 47 -5.52 -3.94 -1.53
CA LEU A 47 -4.30 -3.17 -1.77
C LEU A 47 -4.64 -1.77 -2.28
N ILE A 48 -3.88 -0.77 -1.82
CA ILE A 48 -4.11 0.62 -2.22
C ILE A 48 -2.80 1.31 -2.62
N VAL A 49 -2.87 2.10 -3.69
CA VAL A 49 -1.71 2.84 -4.19
C VAL A 49 -2.14 4.22 -4.68
N GLU A 50 -1.49 5.27 -4.18
CA GLU A 50 -1.83 6.64 -4.56
C GLU A 50 -0.58 7.47 -4.81
N LEU A 51 -0.60 8.27 -5.88
CA LEU A 51 0.54 9.13 -6.24
C LEU A 51 0.36 10.52 -5.63
N LEU A 52 1.40 11.00 -4.94
CA LEU A 52 1.38 12.31 -4.30
C LEU A 52 2.64 13.10 -4.62
N GLU A 53 2.67 14.37 -4.20
CA GLU A 53 3.82 15.25 -4.43
C GLU A 53 4.36 15.77 -3.10
N LEU A 54 5.69 15.86 -3.02
CA LEU A 54 6.36 16.34 -1.80
C LEU A 54 5.77 17.67 -1.34
N GLN A 55 5.15 17.67 -0.16
CA GLN A 55 4.54 18.87 0.40
C GLN A 55 5.43 19.49 1.47
N ALA A 56 5.81 20.76 1.26
CA ALA A 56 6.66 21.49 2.20
C ALA A 56 8.05 20.85 2.30
N HIS A 57 8.15 19.79 3.10
CA HIS A 57 9.43 19.09 3.29
C HIS A 57 9.24 17.81 4.10
N VAL A 58 8.12 17.12 3.88
CA VAL A 58 7.83 15.89 4.58
C VAL A 58 8.39 14.69 3.83
N ARG A 59 9.38 14.02 4.42
CA ARG A 59 10.00 12.85 3.81
C ARG A 59 10.74 12.00 4.83
N GLY A 60 10.79 10.69 4.57
CA GLY A 60 11.46 9.78 5.47
C GLY A 60 10.52 9.11 6.45
N GLU A 61 11.03 8.77 7.63
CA GLU A 61 10.21 8.13 8.66
C GLU A 61 9.06 9.03 9.10
N ALA A 62 9.27 10.35 8.97
CA ALA A 62 8.24 11.33 9.36
C ALA A 62 7.11 11.36 8.33
N ALA A 63 7.45 11.10 7.06
CA ALA A 63 6.47 11.09 5.99
C ALA A 63 5.38 10.05 6.24
N ALA A 64 5.79 8.87 6.73
CA ALA A 64 4.85 7.79 7.02
C ALA A 64 3.86 8.20 8.11
N ARG A 65 4.38 8.76 9.21
CA ARG A 65 3.54 9.20 10.32
C ARG A 65 2.61 10.33 9.88
N TYR A 66 3.13 11.25 9.09
CA TYR A 66 2.34 12.39 8.60
C TYR A 66 1.12 11.91 7.82
N HIS A 67 1.35 11.05 6.82
CA HIS A 67 0.26 10.51 6.01
C HIS A 67 -0.66 9.63 6.85
N PHE A 68 -0.11 9.01 7.89
CA PHE A 68 -0.89 8.14 8.77
C PHE A 68 -2.03 8.93 9.41
N GLU A 69 -1.72 10.13 9.88
CA GLU A 69 -2.74 10.99 10.50
C GLU A 69 -3.82 11.39 9.50
N ASP A 70 -3.44 11.55 8.24
CA ASP A 70 -4.39 11.92 7.19
C ASP A 70 -5.50 10.89 7.09
N VAL A 71 -5.16 9.61 7.29
CA VAL A 71 -6.13 8.53 7.23
C VAL A 71 -7.09 8.59 8.40
N GLY A 72 -6.53 8.61 9.61
CA GLY A 72 -7.35 8.67 10.81
C GLY A 72 -8.09 9.99 10.97
N GLY A 73 -7.73 10.98 10.15
CA GLY A 73 -8.37 12.29 10.23
C GLY A 73 -9.66 12.36 9.44
N VAL A 74 -9.69 11.74 8.26
CA VAL A 74 -10.89 11.75 7.41
C VAL A 74 -12.04 11.01 8.08
N GLN A 75 -11.86 9.70 8.27
CA GLN A 75 -12.90 8.87 8.90
C GLN A 75 -12.70 8.83 10.42
N GLY A 76 -13.32 7.85 11.07
CA GLY A 76 -13.20 7.72 12.52
C GLY A 76 -11.77 7.47 12.97
N ALA A 77 -11.43 6.20 13.20
CA ALA A 77 -10.08 5.83 13.63
C ALA A 77 -9.68 6.61 14.87
N ARG A 78 -10.31 6.30 16.00
CA ARG A 78 -10.02 7.00 17.24
C ARG A 78 -8.75 6.44 17.92
N ALA A 79 -8.88 5.26 18.50
CA ALA A 79 -7.73 4.63 19.16
C ALA A 79 -6.75 4.07 18.13
N VAL A 80 -5.62 4.74 17.98
CA VAL A 80 -4.59 4.32 17.02
C VAL A 80 -3.22 4.22 17.67
N HIS A 81 -2.60 3.06 17.56
CA HIS A 81 -1.28 2.83 18.14
C HIS A 81 -0.22 2.71 17.03
N VAL A 82 1.05 2.67 17.44
CA VAL A 82 2.15 2.55 16.48
C VAL A 82 2.97 1.29 16.74
N GLU A 83 3.05 0.43 15.72
CA GLU A 83 3.80 -0.82 15.83
C GLU A 83 5.30 -0.57 15.71
N SER A 84 5.75 -0.17 14.52
CA SER A 84 7.17 0.11 14.28
C SER A 84 7.39 0.57 12.83
N VAL A 85 8.44 1.39 12.63
CA VAL A 85 8.76 1.88 11.30
C VAL A 85 9.99 1.18 10.74
N GLN A 86 9.89 0.71 9.49
CA GLN A 86 10.98 0.00 8.83
C GLN A 86 11.53 0.80 7.65
N PRO A 87 12.80 1.24 7.72
CA PRO A 87 13.44 2.01 6.65
C PRO A 87 13.69 1.18 5.39
N LEU A 88 13.75 1.86 4.24
CA LEU A 88 13.98 1.19 2.96
C LEU A 88 15.11 1.88 2.19
N SER A 89 15.58 1.23 1.12
CA SER A 89 16.66 1.76 0.30
C SER A 89 16.42 1.46 -1.19
N LEU A 90 17.43 1.77 -2.02
CA LEU A 90 17.33 1.51 -3.47
C LEU A 90 17.11 0.03 -3.76
N GLU A 91 17.47 -0.83 -2.81
CA GLU A 91 17.29 -2.28 -2.97
C GLU A 91 15.81 -2.64 -3.19
N ASN A 92 14.90 -1.78 -2.75
CA ASN A 92 13.47 -2.02 -2.90
C ASN A 92 12.95 -1.47 -4.23
N LEU A 93 13.84 -1.25 -5.20
CA LEU A 93 13.45 -0.76 -6.51
C LEU A 93 13.71 -1.83 -7.56
N ALA A 94 12.64 -2.47 -8.01
CA ALA A 94 12.72 -3.55 -9.01
C ALA A 94 13.75 -3.24 -10.09
N LEU A 95 13.46 -2.21 -10.91
CA LEU A 95 14.40 -1.81 -11.96
C LEU A 95 15.63 -1.18 -11.33
N ARG A 96 15.45 -0.60 -10.13
CA ARG A 96 16.53 0.04 -9.39
C ARG A 96 17.08 1.24 -10.18
N GLY A 97 16.16 2.07 -10.70
CA GLY A 97 16.56 3.24 -11.46
C GLY A 97 17.25 4.28 -10.59
N ARG A 98 16.49 5.27 -10.14
CA ARG A 98 17.05 6.30 -9.27
C ARG A 98 16.09 6.60 -8.11
N CYS A 99 16.45 6.12 -6.93
CA CYS A 99 15.64 6.34 -5.73
C CYS A 99 16.49 6.90 -4.59
N GLN A 100 16.06 8.03 -4.05
CA GLN A 100 16.77 8.67 -2.95
C GLN A 100 16.66 7.86 -1.65
N GLU A 101 15.44 7.40 -1.36
CA GLU A 101 15.18 6.62 -0.15
C GLU A 101 13.75 6.10 -0.11
N ALA A 102 13.41 5.38 0.96
CA ALA A 102 12.07 4.83 1.14
C ALA A 102 11.84 4.40 2.59
N TRP A 103 10.58 4.38 3.01
CA TRP A 103 10.24 4.00 4.39
C TRP A 103 8.90 3.26 4.45
N VAL A 104 8.69 2.51 5.53
CA VAL A 104 7.45 1.75 5.72
C VAL A 104 6.96 1.84 7.16
N LEU A 105 5.67 2.08 7.33
CA LEU A 105 5.07 2.17 8.66
C LEU A 105 3.85 1.25 8.79
N SER A 106 3.73 0.60 9.94
CA SER A 106 2.61 -0.32 10.20
C SER A 106 1.88 0.06 11.49
N GLY A 107 0.55 -0.04 11.47
CA GLY A 107 -0.24 0.29 12.64
C GLY A 107 -1.72 -0.03 12.47
N LYS A 108 -2.46 0.10 13.55
CA LYS A 108 -3.90 -0.16 13.55
C LYS A 108 -4.66 0.96 14.26
N GLN A 109 -5.93 1.16 13.87
CA GLN A 109 -6.77 2.19 14.48
C GLN A 109 -8.10 1.60 14.93
N GLN A 110 -8.83 2.36 15.74
CA GLN A 110 -10.12 1.92 16.23
C GLN A 110 -11.24 2.67 15.51
N ILE A 111 -11.65 2.14 14.36
CA ILE A 111 -12.72 2.78 13.59
C ILE A 111 -14.09 2.43 14.15
N ALA A 112 -14.63 3.35 14.94
CA ALA A 112 -15.93 3.17 15.56
C ALA A 112 -17.05 3.30 14.52
N LYS A 113 -18.18 2.63 14.79
CA LYS A 113 -19.32 2.66 13.87
C LYS A 113 -20.39 3.65 14.36
N GLU A 114 -21.50 3.71 13.64
CA GLU A 114 -22.60 4.61 13.99
C GLU A 114 -22.99 4.43 15.46
N ASN A 115 -22.87 3.20 15.97
CA ASN A 115 -23.19 2.89 17.35
C ASN A 115 -22.18 3.50 18.32
N GLN A 116 -20.95 3.73 17.84
CA GLN A 116 -19.89 4.30 18.67
C GLN A 116 -19.51 3.37 19.82
N GLN A 117 -19.89 2.10 19.71
CA GLN A 117 -19.58 1.09 20.72
C GLN A 117 -18.68 0.00 20.14
N VAL A 118 -18.99 -0.40 18.91
CA VAL A 118 -18.22 -1.44 18.22
C VAL A 118 -17.03 -0.86 17.47
N ALA A 119 -15.99 -1.68 17.30
CA ALA A 119 -14.79 -1.27 16.59
C ALA A 119 -13.86 -2.46 16.36
N LYS A 120 -12.69 -2.20 15.78
CA LYS A 120 -11.71 -3.24 15.50
C LYS A 120 -10.35 -2.63 15.15
N ASP A 121 -9.29 -3.17 15.74
CA ASP A 121 -7.94 -2.67 15.49
C ASP A 121 -7.45 -3.13 14.11
N VAL A 122 -8.03 -2.55 13.07
CA VAL A 122 -7.69 -2.89 11.70
C VAL A 122 -6.22 -2.56 11.39
N THR A 123 -5.50 -3.54 10.84
CA THR A 123 -4.10 -3.35 10.48
C THR A 123 -3.95 -2.88 9.04
N LEU A 124 -3.14 -1.84 8.84
CA LEU A 124 -2.90 -1.30 7.51
C LEU A 124 -1.43 -0.96 7.31
N HIS A 125 -0.76 -1.70 6.43
CA HIS A 125 0.65 -1.47 6.15
C HIS A 125 0.82 -0.36 5.11
N GLN A 126 1.45 0.74 5.51
CA GLN A 126 1.65 1.88 4.63
C GLN A 126 3.13 2.13 4.33
N ALA A 127 3.42 2.47 3.08
CA ALA A 127 4.79 2.76 2.65
C ALA A 127 4.85 4.10 1.93
N LEU A 128 5.86 4.91 2.28
CA LEU A 128 6.02 6.23 1.68
C LEU A 128 7.38 6.36 0.99
N LEU A 129 7.36 6.66 -0.30
CA LEU A 129 8.59 6.83 -1.08
C LEU A 129 8.83 8.30 -1.37
N ARG A 130 10.09 8.67 -1.63
CA ARG A 130 10.42 10.06 -1.92
C ARG A 130 11.53 10.15 -2.98
N LEU A 131 11.15 10.65 -4.16
CA LEU A 131 12.11 10.81 -5.25
C LEU A 131 12.29 12.28 -5.59
N PRO A 132 13.55 12.77 -5.62
CA PRO A 132 13.86 14.17 -5.93
C PRO A 132 13.67 14.52 -7.41
N GLN A 133 13.18 13.58 -8.22
CA GLN A 133 12.96 13.82 -9.64
C GLN A 133 12.11 15.07 -9.86
N TYR A 134 11.11 15.25 -8.99
CA TYR A 134 10.21 16.40 -9.06
C TYR A 134 9.40 16.52 -7.77
N GLN A 135 10.03 16.18 -6.64
CA GLN A 135 9.36 16.23 -5.34
C GLN A 135 8.10 15.37 -5.37
N THR A 136 8.29 14.05 -5.39
CA THR A 136 7.17 13.11 -5.45
C THR A 136 7.10 12.26 -4.18
N ASP A 137 5.90 11.79 -3.86
CA ASP A 137 5.67 10.95 -2.68
C ASP A 137 4.65 9.85 -2.97
N LEU A 138 5.13 8.61 -3.12
CA LEU A 138 4.25 7.47 -3.40
C LEU A 138 3.70 6.89 -2.10
N LEU A 139 2.39 6.64 -2.07
CA LEU A 139 1.73 6.09 -0.88
C LEU A 139 0.93 4.83 -1.21
N LEU A 140 0.91 3.88 -0.26
CA LEU A 140 0.19 2.63 -0.43
C LEU A 140 -0.33 2.13 0.92
N THR A 141 -1.33 1.24 0.87
CA THR A 141 -1.92 0.70 2.10
C THR A 141 -2.29 -0.78 1.95
N PHE A 142 -2.12 -1.54 3.03
CA PHE A 142 -2.42 -2.97 3.04
C PHE A 142 -3.36 -3.30 4.20
N ASN A 143 -4.67 -3.16 3.97
CA ASN A 143 -5.66 -3.44 5.02
C ASN A 143 -5.93 -4.94 5.14
N GLN A 144 -5.57 -5.49 6.29
CA GLN A 144 -5.78 -6.92 6.56
C GLN A 144 -6.15 -7.15 8.02
N PRO A 145 -7.44 -7.43 8.30
CA PRO A 145 -7.92 -7.68 9.67
C PRO A 145 -7.55 -9.07 10.16
N PRO A 146 -6.61 -9.18 11.12
CA PRO A 146 -6.18 -10.48 11.65
C PRO A 146 -7.34 -11.30 12.24
N PRO A 147 -8.21 -10.70 13.07
CA PRO A 147 -9.34 -11.40 13.69
C PRO A 147 -10.55 -11.49 12.75
N ASP A 148 -10.87 -12.71 12.32
CA ASP A 148 -12.01 -12.95 11.43
C ASP A 148 -12.35 -14.44 11.38
N ASN A 149 -11.34 -15.27 11.12
CA ASN A 149 -11.54 -16.71 11.04
C ASN A 149 -10.31 -17.46 11.56
N ARG A 150 -10.54 -18.64 12.14
CA ARG A 150 -9.46 -19.46 12.68
C ARG A 150 -9.10 -20.61 11.72
N SER A 151 -8.87 -20.25 10.45
CA SER A 151 -8.53 -21.21 9.39
C SER A 151 -9.58 -22.32 9.26
N SER A 152 -10.44 -22.17 8.24
CA SER A 152 -11.49 -23.15 7.97
C SER A 152 -11.01 -24.23 7.00
N LEU A 153 -11.95 -25.09 6.55
CA LEU A 153 -11.63 -26.17 5.63
C LEU A 153 -10.66 -27.17 6.27
N GLY A 154 -10.93 -27.53 7.53
CA GLY A 154 -10.07 -28.46 8.25
C GLY A 154 -8.91 -27.77 8.93
N PRO A 155 -8.13 -28.50 9.76
CA PRO A 155 -6.97 -27.94 10.47
C PRO A 155 -6.00 -27.23 9.55
N GLU A 156 -5.47 -27.96 8.57
CA GLU A 156 -4.52 -27.40 7.61
C GLU A 156 -4.42 -28.27 6.36
N ASN A 157 -3.51 -27.91 5.45
CA ASN A 157 -3.31 -28.65 4.21
C ASN A 157 -4.58 -28.65 3.35
N LEU A 158 -4.98 -27.45 2.93
CA LEU A 158 -6.18 -27.28 2.11
C LEU A 158 -6.31 -25.83 1.64
N SER A 159 -6.14 -24.90 2.58
CA SER A 159 -6.24 -23.47 2.28
C SER A 159 -4.88 -22.89 1.90
N PRO A 160 -4.85 -21.93 0.96
CA PRO A 160 -3.61 -21.27 0.51
C PRO A 160 -2.83 -20.63 1.66
N ALA A 161 -1.53 -20.40 1.44
CA ALA A 161 -0.67 -19.79 2.45
C ALA A 161 -1.01 -18.32 2.64
N PRO A 162 -1.48 -17.93 3.85
CA PRO A 162 -1.84 -16.55 4.16
C PRO A 162 -0.73 -15.55 3.82
N TRP A 163 -1.04 -14.58 2.97
CA TRP A 163 -0.07 -13.57 2.57
C TRP A 163 0.30 -12.64 3.73
N SER A 164 1.60 -12.45 3.94
CA SER A 164 2.08 -11.58 5.02
C SER A 164 2.92 -10.42 4.45
N LEU A 165 3.88 -9.93 5.23
CA LEU A 165 4.74 -8.82 4.80
C LEU A 165 5.40 -9.11 3.45
N GLY A 166 5.65 -10.39 3.18
CA GLY A 166 6.27 -10.79 1.92
C GLY A 166 5.52 -10.23 0.72
N ASP A 167 4.19 -10.35 0.73
CA ASP A 167 3.36 -9.84 -0.36
C ASP A 167 3.51 -8.33 -0.47
N PHE A 168 3.57 -7.65 0.67
CA PHE A 168 3.73 -6.20 0.70
C PHE A 168 4.99 -5.78 -0.04
N GLU A 169 6.10 -6.48 0.24
CA GLU A 169 7.37 -6.19 -0.39
C GLU A 169 7.24 -6.17 -1.92
N GLN A 170 6.46 -7.10 -2.46
CA GLN A 170 6.23 -7.19 -3.89
C GLN A 170 5.57 -5.91 -4.42
N LEU A 171 4.62 -5.38 -3.65
CA LEU A 171 3.92 -4.15 -4.03
C LEU A 171 4.87 -2.95 -4.00
N VAL A 172 5.88 -3.00 -3.11
CA VAL A 172 6.86 -1.92 -3.01
C VAL A 172 7.57 -1.71 -4.35
N THR A 173 7.85 -2.81 -5.05
CA THR A 173 8.51 -2.74 -6.36
C THR A 173 7.48 -2.64 -7.48
N SER A 174 6.20 -2.84 -7.15
CA SER A 174 5.13 -2.78 -8.14
C SER A 174 5.39 -1.68 -9.15
N LEU A 175 5.60 -0.46 -8.66
CA LEU A 175 5.88 0.71 -9.52
C LEU A 175 7.30 0.62 -10.13
N THR A 176 7.57 -0.47 -10.84
CA THR A 176 8.86 -0.67 -11.48
C THR A 176 8.99 0.19 -12.73
N LEU A 177 9.98 1.09 -12.73
CA LEU A 177 10.21 1.98 -13.86
C LEU A 177 10.71 1.23 -15.07
N HIS A 178 10.24 1.64 -16.24
CA HIS A 178 10.67 1.03 -17.49
C HIS A 178 10.66 2.06 -18.61
N ASP A 179 9.54 2.78 -18.74
CA ASP A 179 9.39 3.81 -19.77
C ASP A 179 9.03 5.14 -19.11
N PRO A 180 10.02 6.04 -18.91
CA PRO A 180 9.78 7.35 -18.29
C PRO A 180 9.02 8.30 -19.20
N ASN A 181 7.78 7.94 -19.54
CA ASN A 181 6.94 8.75 -20.40
C ASN A 181 6.24 9.88 -19.63
N ILE A 182 6.49 9.93 -18.30
CA ILE A 182 5.89 10.96 -17.46
C ILE A 182 6.98 11.70 -16.67
N PHE A 183 8.13 11.90 -17.31
CA PHE A 183 9.25 12.59 -16.68
C PHE A 183 9.40 14.01 -17.20
N GLY A 184 9.27 14.19 -18.52
CA GLY A 184 9.38 15.52 -19.11
C GLY A 184 8.25 16.46 -18.71
N PRO A 185 8.05 17.57 -19.45
CA PRO A 185 6.99 18.54 -19.15
C PRO A 185 5.58 18.03 -19.47
N GLN A 186 5.49 16.84 -20.07
CA GLN A 186 4.20 16.25 -20.42
C GLN A 186 3.41 17.14 -21.37
N MET A 1 6.24 -20.89 -5.39
CA MET A 1 5.91 -20.19 -6.66
C MET A 1 5.84 -18.68 -6.47
N GLU A 2 6.74 -17.96 -7.14
CA GLU A 2 6.78 -16.50 -7.02
C GLU A 2 6.59 -15.85 -8.39
N PRO A 3 5.34 -15.70 -8.85
CA PRO A 3 5.02 -15.08 -10.14
C PRO A 3 5.24 -13.57 -10.14
N THR A 4 5.07 -12.95 -11.31
CA THR A 4 5.26 -11.51 -11.45
C THR A 4 4.65 -11.01 -12.77
N ARG A 5 3.65 -10.13 -12.65
CA ARG A 5 3.00 -9.56 -13.84
C ARG A 5 2.87 -8.05 -13.73
N ASP A 6 3.74 -7.33 -14.45
CA ASP A 6 3.74 -5.87 -14.44
C ASP A 6 2.60 -5.32 -15.31
N CYS A 7 1.74 -4.49 -14.71
CA CYS A 7 0.62 -3.91 -15.42
C CYS A 7 0.95 -2.49 -15.91
N PRO A 8 0.37 -2.08 -17.04
CA PRO A 8 0.61 -0.74 -17.62
C PRO A 8 -0.03 0.37 -16.80
N LEU A 9 0.66 1.52 -16.73
CA LEU A 9 0.17 2.66 -15.98
C LEU A 9 0.36 3.95 -16.78
N PHE A 10 -0.71 4.72 -16.94
CA PHE A 10 -0.66 5.98 -17.69
C PHE A 10 -0.24 5.74 -19.13
N GLY A 11 -0.63 4.59 -19.69
CA GLY A 11 -0.27 4.27 -21.06
C GLY A 11 1.04 3.53 -21.19
N GLY A 12 1.61 3.09 -20.07
CA GLY A 12 2.88 2.37 -20.11
C GLY A 12 4.04 3.16 -19.50
N ALA A 13 3.73 4.17 -18.69
CA ALA A 13 4.77 4.98 -18.05
C ALA A 13 5.34 4.25 -16.83
N PHE A 14 4.46 3.60 -16.07
CA PHE A 14 4.87 2.85 -14.88
C PHE A 14 4.42 1.39 -14.98
N SER A 15 5.08 0.52 -14.23
CA SER A 15 4.72 -0.91 -14.24
C SER A 15 4.54 -1.43 -12.82
N ALA A 16 3.30 -1.79 -12.50
CA ALA A 16 2.96 -2.31 -11.18
C ALA A 16 2.78 -3.82 -11.20
N ILE A 17 3.31 -4.48 -10.15
CA ILE A 17 3.22 -5.92 -10.04
C ILE A 17 1.91 -6.32 -9.35
N LEU A 18 1.03 -6.98 -10.09
CA LEU A 18 -0.26 -7.40 -9.57
C LEU A 18 -0.30 -8.91 -9.34
N PRO A 19 -0.18 -9.36 -8.07
CA PRO A 19 -0.20 -10.79 -7.73
C PRO A 19 -1.43 -11.50 -8.28
N MET A 20 -1.34 -12.82 -8.44
CA MET A 20 -2.45 -13.62 -8.96
C MET A 20 -3.61 -13.62 -7.96
N GLY A 21 -4.51 -12.65 -8.11
CA GLY A 21 -5.65 -12.54 -7.22
C GLY A 21 -6.28 -11.15 -7.25
N ALA A 22 -5.44 -10.12 -7.44
CA ALA A 22 -5.91 -8.74 -7.48
C ALA A 22 -6.85 -8.50 -8.67
N ILE A 23 -7.76 -7.53 -8.50
CA ILE A 23 -8.72 -7.20 -9.56
C ILE A 23 -9.03 -5.69 -9.55
N ASP A 24 -9.06 -5.10 -10.74
CA ASP A 24 -9.34 -3.67 -10.88
C ASP A 24 -10.80 -3.36 -10.59
N VAL A 25 -11.07 -2.79 -9.40
CA VAL A 25 -12.41 -2.43 -9.01
C VAL A 25 -12.94 -1.20 -9.77
N SER A 26 -12.12 -0.65 -10.66
CA SER A 26 -12.52 0.52 -11.45
C SER A 26 -13.83 0.26 -12.21
N ASP A 27 -13.96 -0.95 -12.75
CA ASP A 27 -15.17 -1.34 -13.49
C ASP A 27 -16.41 -1.33 -12.59
N LEU A 28 -16.18 -1.51 -11.29
CA LEU A 28 -17.26 -1.53 -10.31
C LEU A 28 -17.53 -0.14 -9.73
N ARG A 29 -16.47 0.67 -9.60
CA ARG A 29 -16.61 2.03 -9.06
C ARG A 29 -15.55 2.98 -9.65
N PRO A 30 -15.90 4.27 -9.84
CA PRO A 30 -14.98 5.28 -10.38
C PRO A 30 -13.65 5.35 -9.63
N VAL A 31 -12.54 5.23 -10.35
CA VAL A 31 -11.21 5.27 -9.73
C VAL A 31 -10.40 6.46 -10.27
N PRO A 32 -9.76 7.24 -9.37
CA PRO A 32 -8.95 8.40 -9.74
C PRO A 32 -7.77 8.02 -10.66
N ASP A 33 -7.11 9.05 -11.22
CA ASP A 33 -5.97 8.83 -12.12
C ASP A 33 -4.64 8.80 -11.36
N ASN A 34 -4.58 9.45 -10.20
CA ASN A 34 -3.35 9.51 -9.41
C ASN A 34 -3.33 8.43 -8.32
N GLN A 35 -3.99 7.30 -8.56
CA GLN A 35 -4.03 6.20 -7.60
C GLN A 35 -4.68 4.96 -8.20
N GLU A 36 -4.48 3.81 -7.55
CA GLU A 36 -5.05 2.54 -8.01
C GLU A 36 -5.69 1.79 -6.85
N VAL A 37 -6.89 1.27 -7.07
CA VAL A 37 -7.60 0.50 -6.04
C VAL A 37 -7.77 -0.96 -6.45
N PHE A 38 -7.07 -1.84 -5.76
CA PHE A 38 -7.14 -3.27 -6.03
C PHE A 38 -7.79 -4.02 -4.87
N CYS A 39 -8.24 -5.24 -5.14
CA CYS A 39 -8.89 -6.06 -4.11
C CYS A 39 -8.68 -7.55 -4.36
N HIS A 40 -8.72 -8.33 -3.29
CA HIS A 40 -8.54 -9.78 -3.39
C HIS A 40 -9.78 -10.52 -2.89
N PRO A 41 -10.64 -10.98 -3.82
CA PRO A 41 -11.86 -11.70 -3.47
C PRO A 41 -11.59 -13.06 -2.80
N VAL A 42 -10.38 -13.58 -2.98
CA VAL A 42 -10.00 -14.86 -2.39
C VAL A 42 -9.81 -14.74 -0.88
N THR A 43 -8.96 -13.79 -0.47
CA THR A 43 -8.67 -13.58 0.95
C THR A 43 -9.52 -12.44 1.53
N ASP A 44 -10.34 -11.79 0.68
CA ASP A 44 -11.18 -10.68 1.11
C ASP A 44 -10.34 -9.52 1.63
N GLN A 45 -9.16 -9.33 1.02
CA GLN A 45 -8.25 -8.26 1.41
C GLN A 45 -8.45 -7.04 0.51
N SER A 46 -7.79 -5.92 0.86
CA SER A 46 -7.91 -4.69 0.09
C SER A 46 -6.55 -3.99 -0.03
N LEU A 47 -6.13 -3.75 -1.27
CA LEU A 47 -4.85 -3.08 -1.53
C LEU A 47 -5.06 -1.83 -2.40
N ILE A 48 -4.58 -0.68 -1.92
CA ILE A 48 -4.74 0.57 -2.65
C ILE A 48 -3.45 1.39 -2.67
N VAL A 49 -3.11 1.92 -3.85
CA VAL A 49 -1.92 2.73 -4.04
C VAL A 49 -2.31 4.19 -4.23
N GLU A 50 -1.56 5.12 -3.63
CA GLU A 50 -1.87 6.54 -3.75
C GLU A 50 -0.63 7.35 -4.14
N LEU A 51 -0.72 8.05 -5.27
CA LEU A 51 0.37 8.88 -5.76
C LEU A 51 0.18 10.32 -5.30
N LEU A 52 1.24 10.94 -4.81
CA LEU A 52 1.19 12.30 -4.32
C LEU A 52 2.47 13.08 -4.66
N GLU A 53 2.48 14.37 -4.33
CA GLU A 53 3.63 15.22 -4.58
C GLU A 53 4.17 15.79 -3.26
N LEU A 54 5.49 15.94 -3.19
CA LEU A 54 6.15 16.47 -1.98
C LEU A 54 5.48 17.78 -1.53
N GLN A 55 4.68 17.68 -0.47
CA GLN A 55 3.97 18.84 0.07
C GLN A 55 4.74 19.46 1.24
N ALA A 56 5.01 20.77 1.14
CA ALA A 56 5.73 21.50 2.18
C ALA A 56 7.16 20.97 2.34
N HIS A 57 7.31 19.93 3.17
CA HIS A 57 8.62 19.32 3.42
C HIS A 57 8.50 18.07 4.29
N VAL A 58 7.63 17.14 3.88
CA VAL A 58 7.43 15.90 4.62
C VAL A 58 7.67 14.68 3.73
N ARG A 59 8.62 13.83 4.14
CA ARG A 59 8.96 12.64 3.38
C ARG A 59 9.62 11.58 4.27
N GLY A 60 9.30 10.32 4.01
CA GLY A 60 9.87 9.23 4.79
C GLY A 60 9.13 8.97 6.08
N GLU A 61 9.89 8.74 7.16
CA GLU A 61 9.29 8.47 8.47
C GLU A 61 8.41 9.63 8.91
N ALA A 62 8.85 10.86 8.58
CA ALA A 62 8.11 12.06 8.93
C ALA A 62 6.81 12.14 8.13
N ALA A 63 6.89 11.80 6.84
CA ALA A 63 5.71 11.83 5.96
C ALA A 63 4.70 10.78 6.38
N ALA A 64 5.19 9.60 6.80
CA ALA A 64 4.32 8.52 7.24
C ALA A 64 3.37 8.99 8.34
N ARG A 65 3.91 9.72 9.31
CA ARG A 65 3.10 10.23 10.42
C ARG A 65 2.07 11.26 9.93
N TYR A 66 2.50 12.15 9.04
CA TYR A 66 1.61 13.17 8.49
C TYR A 66 0.36 12.54 7.88
N HIS A 67 0.52 11.41 7.20
CA HIS A 67 -0.59 10.70 6.58
C HIS A 67 -1.26 9.74 7.58
N PHE A 68 -0.47 9.22 8.52
CA PHE A 68 -0.98 8.30 9.54
C PHE A 68 -2.00 9.00 10.44
N GLU A 69 -1.71 10.25 10.81
CA GLU A 69 -2.62 11.01 11.67
C GLU A 69 -3.76 11.64 10.88
N ASP A 70 -3.52 11.98 9.62
CA ASP A 70 -4.56 12.59 8.79
C ASP A 70 -5.63 11.58 8.40
N VAL A 71 -5.24 10.31 8.25
CA VAL A 71 -6.17 9.26 7.87
C VAL A 71 -6.82 8.63 9.10
N GLY A 72 -5.99 8.16 10.02
CA GLY A 72 -6.50 7.53 11.24
C GLY A 72 -6.89 8.53 12.31
N GLY A 73 -6.79 9.82 12.01
CA GLY A 73 -7.16 10.83 12.98
C GLY A 73 -8.39 11.64 12.58
N VAL A 74 -8.51 11.92 11.28
CA VAL A 74 -9.64 12.68 10.77
C VAL A 74 -10.85 11.78 10.46
N GLN A 75 -10.58 10.50 10.18
CA GLN A 75 -11.66 9.56 9.87
C GLN A 75 -11.57 8.32 10.76
N GLY A 76 -12.33 8.32 11.86
CA GLY A 76 -12.34 7.18 12.77
C GLY A 76 -10.95 6.85 13.31
N ALA A 77 -10.72 5.57 13.61
CA ALA A 77 -9.44 5.12 14.13
C ALA A 77 -9.06 5.89 15.40
N ARG A 78 -9.87 5.72 16.45
CA ARG A 78 -9.62 6.40 17.72
C ARG A 78 -8.35 5.87 18.38
N ALA A 79 -8.45 4.69 18.98
CA ALA A 79 -7.30 4.08 19.65
C ALA A 79 -6.31 3.52 18.63
N VAL A 80 -5.18 4.21 18.46
CA VAL A 80 -4.16 3.79 17.52
C VAL A 80 -2.77 3.76 18.15
N HIS A 81 -2.09 2.63 18.01
CA HIS A 81 -0.75 2.47 18.56
C HIS A 81 0.29 2.34 17.45
N VAL A 82 1.57 2.35 17.84
CA VAL A 82 2.67 2.23 16.89
C VAL A 82 3.40 0.90 17.06
N GLU A 83 3.37 0.07 16.03
CA GLU A 83 4.02 -1.24 16.07
C GLU A 83 5.53 -1.09 15.91
N SER A 84 5.96 -0.63 14.73
CA SER A 84 7.38 -0.44 14.45
C SER A 84 7.60 0.15 13.06
N VAL A 85 8.72 0.85 12.87
CA VAL A 85 9.04 1.47 11.59
C VAL A 85 10.27 0.81 10.98
N GLN A 86 10.18 0.46 9.69
CA GLN A 86 11.29 -0.18 8.99
C GLN A 86 11.56 0.49 7.65
N PRO A 87 12.67 1.25 7.54
CA PRO A 87 13.04 1.94 6.31
C PRO A 87 13.64 0.99 5.27
N LEU A 88 13.43 1.30 3.99
CA LEU A 88 13.95 0.49 2.91
C LEU A 88 15.19 1.14 2.28
N SER A 89 15.65 0.59 1.15
CA SER A 89 16.82 1.12 0.46
C SER A 89 16.69 0.95 -1.05
N LEU A 90 17.75 1.31 -1.79
CA LEU A 90 17.74 1.19 -3.25
C LEU A 90 17.85 -0.26 -3.69
N GLU A 91 18.69 -1.04 -3.00
CA GLU A 91 18.88 -2.45 -3.33
C GLU A 91 17.55 -3.21 -3.30
N ASN A 92 16.64 -2.78 -2.42
CA ASN A 92 15.33 -3.43 -2.28
C ASN A 92 14.52 -3.30 -3.57
N LEU A 93 14.77 -2.25 -4.36
CA LEU A 93 14.06 -2.05 -5.60
C LEU A 93 14.65 -2.91 -6.70
N ALA A 94 13.96 -4.01 -7.01
CA ALA A 94 14.38 -4.95 -8.05
C ALA A 94 14.92 -4.22 -9.28
N LEU A 95 14.05 -3.48 -9.96
CA LEU A 95 14.47 -2.70 -11.12
C LEU A 95 15.42 -1.58 -10.69
N ARG A 96 15.21 -1.10 -9.46
CA ARG A 96 16.03 -0.05 -8.87
C ARG A 96 15.76 1.31 -9.54
N GLY A 97 16.22 1.46 -10.78
CA GLY A 97 16.03 2.71 -11.50
C GLY A 97 16.63 3.87 -10.75
N ARG A 98 15.85 4.93 -10.53
CA ARG A 98 16.35 6.05 -9.78
C ARG A 98 15.45 6.30 -8.57
N CYS A 99 15.93 5.91 -7.40
CA CYS A 99 15.17 6.08 -6.16
C CYS A 99 15.99 6.83 -5.11
N GLN A 100 15.30 7.50 -4.19
CA GLN A 100 15.96 8.25 -3.13
C GLN A 100 15.93 7.47 -1.80
N GLU A 101 14.73 7.05 -1.38
CA GLU A 101 14.57 6.29 -0.15
C GLU A 101 13.15 5.75 0.00
N ALA A 102 12.88 5.08 1.12
CA ALA A 102 11.56 4.52 1.37
C ALA A 102 11.36 4.26 2.87
N TRP A 103 10.13 4.47 3.35
CA TRP A 103 9.80 4.25 4.75
C TRP A 103 8.47 3.53 4.91
N VAL A 104 8.42 2.57 5.82
CA VAL A 104 7.21 1.79 6.06
C VAL A 104 6.77 1.89 7.52
N LEU A 105 5.48 2.14 7.72
CA LEU A 105 4.90 2.25 9.06
C LEU A 105 3.76 1.25 9.26
N SER A 106 3.95 0.32 10.19
CA SER A 106 2.93 -0.69 10.49
C SER A 106 2.31 -0.45 11.86
N GLY A 107 1.01 -0.70 11.96
CA GLY A 107 0.31 -0.49 13.22
C GLY A 107 -1.15 -0.92 13.16
N LYS A 108 -1.94 -0.38 14.08
CA LYS A 108 -3.37 -0.69 14.16
C LYS A 108 -4.16 0.46 14.78
N GLN A 109 -5.39 0.64 14.32
CA GLN A 109 -6.26 1.70 14.83
C GLN A 109 -7.59 1.11 15.27
N GLN A 110 -8.30 1.85 16.13
CA GLN A 110 -9.59 1.38 16.62
C GLN A 110 -10.72 2.12 15.92
N ILE A 111 -11.13 1.60 14.76
CA ILE A 111 -12.20 2.22 13.99
C ILE A 111 -13.57 1.72 14.44
N ALA A 112 -14.16 2.47 15.36
CA ALA A 112 -15.48 2.12 15.91
C ALA A 112 -16.58 2.26 14.86
N LYS A 113 -17.46 1.26 14.80
CA LYS A 113 -18.58 1.26 13.85
C LYS A 113 -19.45 0.00 14.02
N GLU A 114 -20.51 -0.10 13.21
CA GLU A 114 -21.42 -1.25 13.26
C GLU A 114 -21.98 -1.47 14.67
N ASN A 115 -22.10 -0.39 15.43
CA ASN A 115 -22.61 -0.45 16.81
C ASN A 115 -22.57 0.92 17.49
N GLN A 116 -21.49 1.66 17.22
CA GLN A 116 -21.28 2.98 17.82
C GLN A 116 -21.02 2.86 19.31
N GLN A 117 -20.52 1.70 19.74
CA GLN A 117 -20.20 1.45 21.13
C GLN A 117 -18.86 0.74 21.24
N VAL A 118 -18.68 -0.30 20.42
CA VAL A 118 -17.45 -1.07 20.40
C VAL A 118 -16.65 -0.83 19.12
N ALA A 119 -15.49 -1.46 19.02
CA ALA A 119 -14.64 -1.32 17.84
C ALA A 119 -13.84 -2.59 17.55
N LYS A 120 -13.03 -2.58 16.49
CA LYS A 120 -12.23 -3.73 16.10
C LYS A 120 -10.78 -3.30 15.79
N ASP A 121 -9.92 -4.28 15.50
CA ASP A 121 -8.52 -4.01 15.18
C ASP A 121 -8.25 -4.15 13.69
N VAL A 122 -7.78 -3.08 13.07
CA VAL A 122 -7.49 -3.07 11.65
C VAL A 122 -6.00 -2.81 11.39
N THR A 123 -5.26 -3.85 11.06
CA THR A 123 -3.83 -3.71 10.79
C THR A 123 -3.61 -3.12 9.41
N LEU A 124 -2.93 -1.97 9.36
CA LEU A 124 -2.66 -1.31 8.09
C LEU A 124 -1.16 -1.07 7.89
N HIS A 125 -0.70 -1.30 6.67
CA HIS A 125 0.70 -1.10 6.32
C HIS A 125 0.85 0.05 5.33
N GLN A 126 1.30 1.20 5.83
CA GLN A 126 1.48 2.37 5.00
C GLN A 126 2.96 2.64 4.73
N ALA A 127 3.29 2.75 3.44
CA ALA A 127 4.66 3.03 3.03
C ALA A 127 4.75 4.32 2.23
N LEU A 128 5.90 5.00 2.33
CA LEU A 128 6.11 6.26 1.62
C LEU A 128 7.39 6.22 0.79
N LEU A 129 7.26 6.49 -0.50
CA LEU A 129 8.40 6.49 -1.41
C LEU A 129 8.61 7.90 -1.98
N ARG A 130 9.60 8.61 -1.46
CA ARG A 130 9.89 9.97 -1.92
C ARG A 130 10.99 9.95 -2.98
N LEU A 131 10.63 10.32 -4.21
CA LEU A 131 11.59 10.35 -5.31
C LEU A 131 11.84 11.79 -5.76
N PRO A 132 13.10 12.13 -6.09
CA PRO A 132 13.47 13.48 -6.53
C PRO A 132 13.16 13.73 -8.01
N GLN A 133 12.56 12.74 -8.68
CA GLN A 133 12.21 12.86 -10.09
C GLN A 133 11.42 14.15 -10.37
N TYR A 134 10.53 14.48 -9.43
CA TYR A 134 9.71 15.68 -9.53
C TYR A 134 9.00 15.95 -8.20
N GLN A 135 9.71 15.70 -7.09
CA GLN A 135 9.15 15.89 -5.75
C GLN A 135 7.86 15.09 -5.62
N THR A 136 7.99 13.76 -5.61
CA THR A 136 6.83 12.87 -5.52
C THR A 136 6.81 12.12 -4.19
N ASP A 137 5.61 11.72 -3.76
CA ASP A 137 5.43 10.99 -2.53
C ASP A 137 4.40 9.86 -2.72
N LEU A 138 4.91 8.66 -3.02
CA LEU A 138 4.05 7.49 -3.23
C LEU A 138 3.49 6.98 -1.91
N LEU A 139 2.38 6.22 -1.99
CA LEU A 139 1.75 5.68 -0.81
C LEU A 139 1.15 4.30 -1.08
N LEU A 140 1.24 3.42 -0.08
CA LEU A 140 0.71 2.06 -0.18
C LEU A 140 -0.19 1.76 1.02
N THR A 141 -1.50 1.72 0.79
CA THR A 141 -2.46 1.45 1.86
C THR A 141 -2.86 -0.03 1.88
N PHE A 142 -2.56 -0.69 3.00
CA PHE A 142 -2.89 -2.11 3.16
C PHE A 142 -3.98 -2.29 4.21
N ASN A 143 -5.01 -3.07 3.87
CA ASN A 143 -6.12 -3.33 4.78
C ASN A 143 -6.27 -4.82 5.05
N GLN A 144 -6.10 -5.22 6.31
CA GLN A 144 -6.23 -6.62 6.69
C GLN A 144 -7.03 -6.77 7.99
N PRO A 145 -8.12 -7.55 7.96
CA PRO A 145 -8.98 -7.77 9.14
C PRO A 145 -8.32 -8.67 10.18
N PRO A 146 -8.85 -8.69 11.42
CA PRO A 146 -8.31 -9.50 12.52
C PRO A 146 -8.28 -10.99 12.17
N PRO A 147 -7.49 -11.78 12.92
CA PRO A 147 -7.37 -13.23 12.70
C PRO A 147 -8.71 -13.95 12.91
N ASP A 148 -8.67 -15.29 12.93
CA ASP A 148 -9.88 -16.08 13.12
C ASP A 148 -10.08 -16.44 14.58
N ASN A 149 -11.01 -15.74 15.23
CA ASN A 149 -11.31 -16.01 16.64
C ASN A 149 -12.56 -16.88 16.78
N ARG A 150 -13.55 -16.65 15.93
CA ARG A 150 -14.79 -17.43 15.95
C ARG A 150 -14.92 -18.30 14.70
N SER A 151 -14.80 -19.62 14.90
CA SER A 151 -14.88 -20.57 13.78
C SER A 151 -16.26 -21.24 13.76
N SER A 152 -16.47 -22.13 12.78
CA SER A 152 -17.73 -22.85 12.63
C SER A 152 -17.58 -24.33 12.96
N LEU A 153 -16.79 -25.04 12.14
CA LEU A 153 -16.56 -26.47 12.34
C LEU A 153 -15.07 -26.82 12.17
N GLY A 154 -14.20 -25.96 12.70
CA GLY A 154 -12.77 -26.18 12.60
C GLY A 154 -11.99 -24.88 12.62
N PRO A 155 -10.66 -24.93 12.75
CA PRO A 155 -9.80 -23.74 12.79
C PRO A 155 -9.86 -22.95 11.48
N GLU A 156 -9.33 -23.53 10.41
CA GLU A 156 -9.31 -22.86 9.10
C GLU A 156 -9.99 -23.70 8.03
N ASN A 157 -9.87 -25.02 8.13
CA ASN A 157 -10.48 -25.95 7.18
C ASN A 157 -9.80 -25.89 5.81
N LEU A 158 -10.09 -24.84 5.05
CA LEU A 158 -9.50 -24.67 3.72
C LEU A 158 -9.45 -23.19 3.33
N SER A 159 -8.33 -22.54 3.64
CA SER A 159 -8.15 -21.13 3.34
C SER A 159 -6.67 -20.80 3.10
N PRO A 160 -6.38 -19.84 2.20
CA PRO A 160 -4.99 -19.43 1.88
C PRO A 160 -4.23 -18.94 3.12
N ALA A 161 -2.92 -18.80 2.99
CA ALA A 161 -2.08 -18.34 4.09
C ALA A 161 -2.05 -16.81 4.18
N PRO A 162 -2.06 -16.27 5.42
CA PRO A 162 -2.04 -14.81 5.64
C PRO A 162 -0.88 -14.12 4.94
N TRP A 163 -1.12 -12.91 4.43
CA TRP A 163 -0.08 -12.15 3.72
C TRP A 163 0.90 -11.52 4.69
N SER A 164 2.15 -11.38 4.25
CA SER A 164 3.22 -10.80 5.08
C SER A 164 4.03 -9.77 4.28
N LEU A 165 5.18 -9.37 4.83
CA LEU A 165 6.06 -8.40 4.18
C LEU A 165 6.52 -8.89 2.80
N GLY A 166 6.56 -10.21 2.61
CA GLY A 166 6.98 -10.78 1.34
C GLY A 166 6.22 -10.21 0.15
N ASP A 167 4.89 -10.30 0.21
CA ASP A 167 4.04 -9.80 -0.86
C ASP A 167 4.08 -8.27 -0.90
N PHE A 168 4.12 -7.63 0.26
CA PHE A 168 4.18 -6.18 0.34
C PHE A 168 5.43 -5.66 -0.37
N GLU A 169 6.54 -6.37 -0.17
CA GLU A 169 7.81 -6.01 -0.79
C GLU A 169 7.65 -5.88 -2.31
N GLN A 170 6.90 -6.82 -2.91
CA GLN A 170 6.67 -6.81 -4.34
C GLN A 170 5.82 -5.60 -4.74
N LEU A 171 4.83 -5.26 -3.91
CA LEU A 171 3.98 -4.11 -4.18
C LEU A 171 4.79 -2.82 -4.18
N VAL A 172 5.86 -2.78 -3.38
CA VAL A 172 6.72 -1.61 -3.34
C VAL A 172 7.48 -1.46 -4.65
N THR A 173 7.83 -2.59 -5.26
CA THR A 173 8.53 -2.59 -6.55
C THR A 173 7.54 -2.39 -7.71
N SER A 174 6.25 -2.26 -7.39
CA SER A 174 5.22 -2.06 -8.40
C SER A 174 5.36 -0.71 -9.13
N LEU A 175 6.39 0.06 -8.81
CA LEU A 175 6.59 1.35 -9.48
C LEU A 175 7.90 1.34 -10.27
N THR A 176 8.20 0.21 -10.93
CA THR A 176 9.41 0.08 -11.73
C THR A 176 9.38 1.05 -12.91
N LEU A 177 10.35 1.96 -12.95
CA LEU A 177 10.44 2.94 -14.03
C LEU A 177 11.15 2.35 -15.24
N HIS A 178 10.37 1.73 -16.13
CA HIS A 178 10.92 1.12 -17.35
C HIS A 178 11.16 2.18 -18.42
N ASP A 179 10.11 2.91 -18.78
CA ASP A 179 10.20 3.96 -19.79
C ASP A 179 9.58 5.26 -19.29
N PRO A 180 10.33 6.38 -19.34
CA PRO A 180 9.85 7.69 -18.88
C PRO A 180 8.87 8.32 -19.87
N ASN A 181 7.69 7.70 -20.00
CA ASN A 181 6.66 8.21 -20.91
C ASN A 181 5.82 9.32 -20.26
N ILE A 182 5.78 9.36 -18.94
CA ILE A 182 5.02 10.37 -18.21
C ILE A 182 5.94 11.40 -17.53
N PHE A 183 6.89 11.93 -18.29
CA PHE A 183 7.83 12.91 -17.76
C PHE A 183 7.76 14.22 -18.55
N GLY A 184 7.72 14.10 -19.87
CA GLY A 184 7.64 15.28 -20.73
C GLY A 184 6.26 15.92 -20.71
N PRO A 185 6.18 17.24 -20.45
CA PRO A 185 4.91 17.97 -20.40
C PRO A 185 4.13 17.87 -21.72
N GLN A 186 3.14 16.98 -21.75
CA GLN A 186 2.31 16.79 -22.94
C GLN A 186 0.98 17.52 -22.82
N MET A 1 4.61 -20.69 -11.64
CA MET A 1 5.80 -20.80 -10.72
C MET A 1 6.33 -19.43 -10.34
N GLU A 2 6.90 -18.71 -11.30
CA GLU A 2 7.43 -17.37 -11.06
C GLU A 2 7.11 -16.44 -12.23
N PRO A 3 5.81 -16.14 -12.46
CA PRO A 3 5.37 -15.26 -13.55
C PRO A 3 5.72 -13.79 -13.30
N THR A 4 5.17 -12.91 -14.14
CA THR A 4 5.40 -11.48 -14.01
C THR A 4 4.29 -10.68 -14.68
N ARG A 5 3.33 -10.20 -13.87
CA ARG A 5 2.20 -9.43 -14.38
C ARG A 5 2.41 -7.93 -14.09
N ASP A 6 2.99 -7.23 -15.06
CA ASP A 6 3.24 -5.79 -14.92
C ASP A 6 2.04 -4.98 -15.41
N CYS A 7 1.50 -4.13 -14.54
CA CYS A 7 0.35 -3.31 -14.89
C CYS A 7 0.79 -1.97 -15.48
N PRO A 8 0.15 -1.54 -16.59
CA PRO A 8 0.48 -0.27 -17.25
C PRO A 8 -0.07 0.94 -16.49
N LEU A 9 0.80 1.92 -16.24
CA LEU A 9 0.42 3.13 -15.52
C LEU A 9 0.47 4.34 -16.44
N PHE A 10 -0.69 4.97 -16.65
CA PHE A 10 -0.78 6.16 -17.51
C PHE A 10 -0.29 5.84 -18.94
N GLY A 11 -0.71 4.70 -19.46
CA GLY A 11 -0.31 4.30 -20.80
C GLY A 11 0.95 3.46 -20.86
N GLY A 12 1.53 3.15 -19.69
CA GLY A 12 2.74 2.33 -19.65
C GLY A 12 3.96 3.10 -19.13
N ALA A 13 3.73 4.12 -18.31
CA ALA A 13 4.82 4.91 -17.75
C ALA A 13 5.47 4.18 -16.57
N PHE A 14 4.65 3.41 -15.84
CA PHE A 14 5.13 2.65 -14.70
C PHE A 14 4.65 1.20 -14.80
N SER A 15 5.38 0.30 -14.14
CA SER A 15 5.02 -1.12 -14.16
C SER A 15 4.77 -1.63 -12.74
N ALA A 16 3.52 -2.00 -12.48
CA ALA A 16 3.12 -2.49 -11.16
C ALA A 16 2.95 -4.01 -11.17
N ILE A 17 3.42 -4.64 -10.10
CA ILE A 17 3.32 -6.10 -9.97
C ILE A 17 2.03 -6.49 -9.26
N LEU A 18 1.18 -7.22 -9.96
CA LEU A 18 -0.09 -7.68 -9.40
C LEU A 18 -0.19 -9.20 -9.41
N PRO A 19 -0.15 -9.84 -8.22
CA PRO A 19 -0.22 -11.30 -8.10
C PRO A 19 -1.59 -11.85 -8.52
N MET A 20 -1.67 -13.17 -8.67
CA MET A 20 -2.93 -13.82 -9.05
C MET A 20 -3.95 -13.71 -7.92
N GLY A 21 -4.78 -12.67 -7.98
CA GLY A 21 -5.79 -12.46 -6.95
C GLY A 21 -6.35 -11.05 -6.97
N ALA A 22 -5.51 -10.09 -7.36
CA ALA A 22 -5.92 -8.69 -7.42
C ALA A 22 -7.06 -8.48 -8.42
N ILE A 23 -7.78 -7.36 -8.27
CA ILE A 23 -8.90 -7.04 -9.15
C ILE A 23 -9.27 -5.56 -9.03
N ASP A 24 -9.36 -4.88 -10.17
CA ASP A 24 -9.69 -3.46 -10.20
C ASP A 24 -11.12 -3.21 -9.71
N VAL A 25 -11.25 -2.57 -8.55
CA VAL A 25 -12.55 -2.26 -7.97
C VAL A 25 -13.22 -1.04 -8.63
N SER A 26 -12.63 -0.54 -9.73
CA SER A 26 -13.19 0.61 -10.44
C SER A 26 -14.62 0.33 -10.89
N ASP A 27 -14.89 -0.93 -11.26
CA ASP A 27 -16.22 -1.35 -11.70
C ASP A 27 -17.22 -1.29 -10.54
N LEU A 28 -16.73 -1.55 -9.33
CA LEU A 28 -17.56 -1.53 -8.13
C LEU A 28 -17.77 -0.10 -7.61
N ARG A 29 -16.74 0.75 -7.77
CA ARG A 29 -16.82 2.14 -7.32
C ARG A 29 -15.86 3.04 -8.11
N PRO A 30 -16.18 4.34 -8.23
CA PRO A 30 -15.34 5.31 -8.96
C PRO A 30 -13.94 5.44 -8.37
N VAL A 31 -12.92 5.42 -9.24
CA VAL A 31 -11.53 5.54 -8.80
C VAL A 31 -10.76 6.55 -9.63
N PRO A 32 -10.03 7.48 -8.98
CA PRO A 32 -9.23 8.51 -9.67
C PRO A 32 -8.15 7.92 -10.59
N ASP A 33 -7.51 8.80 -11.36
CA ASP A 33 -6.46 8.39 -12.28
C ASP A 33 -5.09 8.33 -11.59
N ASN A 34 -4.88 9.18 -10.58
CA ASN A 34 -3.61 9.21 -9.86
C ASN A 34 -3.57 8.23 -8.69
N GLN A 35 -4.35 7.15 -8.78
CA GLN A 35 -4.39 6.14 -7.73
C GLN A 35 -4.73 4.76 -8.29
N GLU A 36 -4.78 3.77 -7.41
CA GLU A 36 -5.10 2.40 -7.81
C GLU A 36 -5.60 1.59 -6.63
N VAL A 37 -6.85 1.17 -6.69
CA VAL A 37 -7.46 0.37 -5.62
C VAL A 37 -7.66 -1.07 -6.06
N PHE A 38 -6.92 -1.99 -5.43
CA PHE A 38 -7.02 -3.41 -5.73
C PHE A 38 -7.63 -4.18 -4.55
N CYS A 39 -8.10 -5.39 -4.82
CA CYS A 39 -8.70 -6.24 -3.77
C CYS A 39 -8.50 -7.72 -4.08
N HIS A 40 -8.49 -8.54 -3.03
CA HIS A 40 -8.30 -9.98 -3.17
C HIS A 40 -9.53 -10.73 -2.66
N PRO A 41 -10.28 -11.40 -3.56
CA PRO A 41 -11.48 -12.17 -3.18
C PRO A 41 -11.17 -13.42 -2.37
N VAL A 42 -9.95 -13.95 -2.54
CA VAL A 42 -9.53 -15.15 -1.82
C VAL A 42 -9.16 -14.84 -0.37
N THR A 43 -8.19 -13.93 -0.19
CA THR A 43 -7.75 -13.53 1.14
C THR A 43 -8.64 -12.45 1.75
N ASP A 44 -9.54 -11.87 0.93
CA ASP A 44 -10.44 -10.81 1.39
C ASP A 44 -9.66 -9.58 1.87
N GLN A 45 -8.50 -9.33 1.25
CA GLN A 45 -7.66 -8.19 1.59
C GLN A 45 -7.96 -7.00 0.69
N SER A 46 -7.24 -5.89 0.90
CA SER A 46 -7.44 -4.68 0.10
C SER A 46 -6.15 -3.86 0.01
N LEU A 47 -5.84 -3.41 -1.21
CA LEU A 47 -4.64 -2.61 -1.45
C LEU A 47 -5.01 -1.33 -2.21
N ILE A 48 -4.37 -0.20 -1.84
CA ILE A 48 -4.65 1.07 -2.49
C ILE A 48 -3.37 1.89 -2.70
N VAL A 49 -3.05 2.17 -3.97
CA VAL A 49 -1.87 2.95 -4.31
C VAL A 49 -2.24 4.42 -4.48
N GLU A 50 -1.39 5.31 -3.96
CA GLU A 50 -1.65 6.76 -4.04
C GLU A 50 -0.42 7.52 -4.55
N LEU A 51 -0.66 8.54 -5.38
CA LEU A 51 0.42 9.37 -5.92
C LEU A 51 0.19 10.84 -5.57
N LEU A 52 1.17 11.44 -4.88
CA LEU A 52 1.07 12.84 -4.47
C LEU A 52 2.41 13.56 -4.65
N GLU A 53 2.38 14.88 -4.45
CA GLU A 53 3.58 15.71 -4.57
C GLU A 53 4.03 16.23 -3.21
N LEU A 54 5.35 16.22 -2.99
CA LEU A 54 5.92 16.68 -1.72
C LEU A 54 5.38 18.06 -1.33
N GLN A 55 4.92 18.19 -0.08
CA GLN A 55 4.38 19.45 0.42
C GLN A 55 5.08 19.87 1.71
N ALA A 56 5.43 21.16 1.79
CA ALA A 56 6.11 21.72 2.96
C ALA A 56 7.50 21.12 3.13
N HIS A 57 7.58 19.94 3.75
CA HIS A 57 8.86 19.27 3.97
C HIS A 57 8.67 17.88 4.59
N VAL A 58 7.64 17.16 4.15
CA VAL A 58 7.36 15.83 4.66
C VAL A 58 7.78 14.75 3.68
N ARG A 59 8.76 13.95 4.07
CA ARG A 59 9.28 12.88 3.20
C ARG A 59 9.86 11.73 4.03
N GLY A 60 9.66 10.50 3.56
CA GLY A 60 10.18 9.33 4.25
C GLY A 60 9.39 8.98 5.49
N GLU A 61 10.11 8.67 6.58
CA GLU A 61 9.48 8.31 7.85
C GLU A 61 8.55 9.43 8.33
N ALA A 62 8.94 10.68 8.04
CA ALA A 62 8.13 11.84 8.43
C ALA A 62 6.87 11.94 7.57
N ALA A 63 7.02 11.66 6.28
CA ALA A 63 5.90 11.72 5.34
C ALA A 63 4.88 10.62 5.65
N ALA A 64 5.36 9.44 6.02
CA ALA A 64 4.49 8.30 6.33
C ALA A 64 3.49 8.68 7.42
N ARG A 65 4.00 9.19 8.54
CA ARG A 65 3.14 9.59 9.66
C ARG A 65 2.20 10.72 9.26
N TYR A 66 2.70 11.64 8.43
CA TYR A 66 1.90 12.77 7.96
C TYR A 66 0.64 12.29 7.23
N HIS A 67 0.83 11.49 6.18
CA HIS A 67 -0.29 10.96 5.41
C HIS A 67 -1.14 10.01 6.24
N PHE A 68 -0.49 9.24 7.11
CA PHE A 68 -1.18 8.28 7.98
C PHE A 68 -2.22 9.00 8.84
N GLU A 69 -1.82 10.11 9.46
CA GLU A 69 -2.71 10.89 10.31
C GLU A 69 -3.91 11.41 9.52
N ASP A 70 -3.70 11.72 8.24
CA ASP A 70 -4.77 12.23 7.38
C ASP A 70 -5.87 11.18 7.19
N VAL A 71 -5.49 9.91 7.23
CA VAL A 71 -6.45 8.82 7.07
C VAL A 71 -7.15 8.50 8.39
N GLY A 72 -6.36 8.23 9.42
CA GLY A 72 -6.92 7.92 10.72
C GLY A 72 -7.63 9.10 11.38
N GLY A 73 -7.44 10.30 10.82
CA GLY A 73 -8.07 11.49 11.35
C GLY A 73 -9.38 11.84 10.67
N VAL A 74 -9.47 11.58 9.37
CA VAL A 74 -10.68 11.89 8.61
C VAL A 74 -11.42 10.61 8.20
N GLN A 75 -11.33 9.57 9.02
CA GLN A 75 -12.01 8.30 8.75
C GLN A 75 -12.01 7.41 9.99
N GLY A 76 -12.91 7.71 10.93
CA GLY A 76 -13.01 6.93 12.17
C GLY A 76 -11.67 6.83 12.88
N ALA A 77 -11.34 5.62 13.33
CA ALA A 77 -10.07 5.39 14.04
C ALA A 77 -9.95 6.27 15.28
N ARG A 78 -10.45 5.77 16.42
CA ARG A 78 -10.40 6.52 17.67
C ARG A 78 -9.15 6.21 18.48
N ALA A 79 -8.51 5.08 18.20
CA ALA A 79 -7.30 4.67 18.90
C ALA A 79 -6.29 4.06 17.93
N VAL A 80 -5.24 4.80 17.63
CA VAL A 80 -4.21 4.33 16.71
C VAL A 80 -2.84 4.31 17.35
N HIS A 81 -2.20 3.15 17.35
CA HIS A 81 -0.87 2.99 17.94
C HIS A 81 0.16 2.70 16.85
N VAL A 82 1.44 2.69 17.22
CA VAL A 82 2.52 2.42 16.28
C VAL A 82 3.14 1.06 16.55
N GLU A 83 2.96 0.11 15.62
CA GLU A 83 3.51 -1.23 15.77
C GLU A 83 5.02 -1.23 15.59
N SER A 84 5.48 -0.84 14.40
CA SER A 84 6.91 -0.79 14.10
C SER A 84 7.15 -0.27 12.68
N VAL A 85 8.39 0.13 12.40
CA VAL A 85 8.75 0.64 11.08
C VAL A 85 10.09 0.08 10.62
N GLN A 86 10.15 -0.34 9.36
CA GLN A 86 11.39 -0.90 8.79
C GLN A 86 11.83 -0.11 7.56
N PRO A 87 13.06 0.44 7.59
CA PRO A 87 13.62 1.21 6.47
C PRO A 87 13.62 0.44 5.16
N LEU A 88 13.48 1.15 4.05
CA LEU A 88 13.47 0.53 2.73
C LEU A 88 14.63 1.06 1.88
N SER A 89 15.77 0.36 1.96
CA SER A 89 16.96 0.75 1.21
C SER A 89 16.74 0.64 -0.31
N LEU A 90 17.62 1.29 -1.08
CA LEU A 90 17.52 1.26 -2.53
C LEU A 90 17.68 -0.16 -3.09
N GLU A 91 18.46 -0.99 -2.39
CA GLU A 91 18.67 -2.37 -2.81
C GLU A 91 17.35 -3.14 -2.92
N ASN A 92 16.35 -2.73 -2.12
CA ASN A 92 15.05 -3.38 -2.13
C ASN A 92 14.35 -3.24 -3.49
N LEU A 93 14.75 -2.25 -4.28
CA LEU A 93 14.15 -2.05 -5.59
C LEU A 93 14.73 -3.04 -6.59
N ALA A 94 13.94 -4.07 -6.91
CA ALA A 94 14.34 -5.11 -7.86
C ALA A 94 14.98 -4.49 -9.09
N LEU A 95 14.20 -3.70 -9.85
CA LEU A 95 14.73 -3.02 -11.02
C LEU A 95 15.79 -2.00 -10.58
N ARG A 96 15.59 -1.48 -9.36
CA ARG A 96 16.51 -0.51 -8.78
C ARG A 96 16.62 0.75 -9.64
N GLY A 97 15.47 1.36 -9.94
CA GLY A 97 15.46 2.57 -10.75
C GLY A 97 16.05 3.73 -9.98
N ARG A 98 15.27 4.78 -9.76
CA ARG A 98 15.76 5.91 -8.98
C ARG A 98 14.85 6.14 -7.78
N CYS A 99 15.33 5.72 -6.61
CA CYS A 99 14.57 5.88 -5.36
C CYS A 99 15.52 6.05 -4.18
N GLN A 100 15.86 7.30 -3.87
CA GLN A 100 16.77 7.59 -2.76
C GLN A 100 16.00 7.87 -1.46
N GLU A 101 14.75 7.37 -1.38
CA GLU A 101 13.92 7.57 -0.20
C GLU A 101 12.75 6.58 -0.18
N ALA A 102 12.72 5.72 0.84
CA ALA A 102 11.65 4.73 0.97
C ALA A 102 11.59 4.16 2.39
N TRP A 103 10.39 4.19 2.99
CA TRP A 103 10.20 3.68 4.35
C TRP A 103 8.88 2.93 4.47
N VAL A 104 8.74 2.12 5.54
CA VAL A 104 7.52 1.35 5.77
C VAL A 104 6.98 1.56 7.19
N LEU A 105 5.67 1.75 7.31
CA LEU A 105 5.03 1.95 8.60
C LEU A 105 3.88 0.97 8.82
N SER A 106 3.83 0.38 10.01
CA SER A 106 2.79 -0.59 10.36
C SER A 106 2.09 -0.20 11.66
N GLY A 107 0.79 -0.50 11.75
CA GLY A 107 0.03 -0.18 12.94
C GLY A 107 -1.45 -0.53 12.82
N LYS A 108 -2.24 -0.12 13.80
CA LYS A 108 -3.68 -0.39 13.80
C LYS A 108 -4.46 0.76 14.42
N GLN A 109 -5.74 0.87 14.08
CA GLN A 109 -6.60 1.94 14.60
C GLN A 109 -7.90 1.35 15.15
N GLN A 110 -8.62 2.14 15.96
CA GLN A 110 -9.87 1.68 16.54
C GLN A 110 -11.06 2.31 15.80
N ILE A 111 -11.47 1.68 14.71
CA ILE A 111 -12.59 2.20 13.93
C ILE A 111 -13.93 1.85 14.58
N ALA A 112 -14.44 2.81 15.35
CA ALA A 112 -15.71 2.66 16.06
C ALA A 112 -16.53 3.95 15.99
N LYS A 113 -17.77 3.84 15.52
CA LYS A 113 -18.66 4.99 15.41
C LYS A 113 -20.13 4.54 15.30
N GLU A 114 -21.03 5.50 15.04
CA GLU A 114 -22.46 5.21 14.91
C GLU A 114 -23.05 4.76 16.25
N ASN A 115 -22.85 3.49 16.58
CA ASN A 115 -23.35 2.93 17.84
C ASN A 115 -22.32 3.09 18.95
N GLN A 116 -21.04 3.12 18.58
CA GLN A 116 -19.94 3.26 19.54
C GLN A 116 -19.84 2.00 20.40
N GLN A 117 -18.75 1.91 21.17
CA GLN A 117 -18.49 0.76 22.04
C GLN A 117 -18.25 -0.53 21.24
N VAL A 118 -18.14 -0.40 19.92
CA VAL A 118 -17.90 -1.55 19.05
C VAL A 118 -16.98 -1.19 17.88
N ALA A 119 -15.81 -1.83 17.83
CA ALA A 119 -14.83 -1.58 16.77
C ALA A 119 -14.14 -2.87 16.33
N LYS A 120 -13.16 -2.73 15.43
CA LYS A 120 -12.41 -3.88 14.93
C LYS A 120 -10.99 -3.47 14.53
N ASP A 121 -9.99 -4.16 15.11
CA ASP A 121 -8.60 -3.87 14.82
C ASP A 121 -8.26 -4.10 13.35
N VAL A 122 -7.75 -3.08 12.68
CA VAL A 122 -7.39 -3.18 11.29
C VAL A 122 -5.88 -3.01 11.11
N THR A 123 -5.19 -4.10 10.80
CA THR A 123 -3.75 -4.09 10.61
C THR A 123 -3.38 -3.26 9.38
N LEU A 124 -2.93 -2.03 9.61
CA LEU A 124 -2.55 -1.12 8.54
C LEU A 124 -1.07 -1.25 8.21
N HIS A 125 -0.76 -1.24 6.92
CA HIS A 125 0.62 -1.34 6.46
C HIS A 125 0.82 -0.52 5.20
N GLN A 126 1.63 0.54 5.29
CA GLN A 126 1.88 1.39 4.14
C GLN A 126 3.33 1.85 4.09
N ALA A 127 3.81 2.12 2.88
CA ALA A 127 5.19 2.57 2.68
C ALA A 127 5.23 3.96 2.04
N LEU A 128 6.18 4.78 2.47
CA LEU A 128 6.33 6.14 1.95
C LEU A 128 7.57 6.24 1.05
N LEU A 129 7.34 6.60 -0.21
CA LEU A 129 8.44 6.74 -1.17
C LEU A 129 8.55 8.19 -1.63
N ARG A 130 9.73 8.78 -1.45
CA ARG A 130 9.97 10.17 -1.84
C ARG A 130 11.08 10.26 -2.88
N LEU A 131 10.76 10.77 -4.06
CA LEU A 131 11.73 10.92 -5.14
C LEU A 131 11.99 12.39 -5.42
N PRO A 132 13.27 12.79 -5.60
CA PRO A 132 13.65 14.17 -5.88
C PRO A 132 13.44 14.58 -7.35
N GLN A 133 12.86 13.68 -8.15
CA GLN A 133 12.61 13.97 -9.57
C GLN A 133 11.85 15.29 -9.73
N TYR A 134 10.94 15.56 -8.79
CA TYR A 134 10.14 16.79 -8.81
C TYR A 134 9.30 16.90 -7.53
N GLN A 135 9.90 16.51 -6.39
CA GLN A 135 9.21 16.56 -5.10
C GLN A 135 7.94 15.71 -5.17
N THR A 136 8.11 14.39 -5.17
CA THR A 136 6.97 13.48 -5.24
C THR A 136 6.89 12.57 -4.02
N ASP A 137 5.67 12.13 -3.69
CA ASP A 137 5.45 11.25 -2.54
C ASP A 137 4.50 10.10 -2.91
N LEU A 138 5.08 8.92 -3.17
CA LEU A 138 4.30 7.73 -3.53
C LEU A 138 4.06 6.86 -2.29
N LEU A 139 2.80 6.48 -2.06
CA LEU A 139 2.44 5.66 -0.90
C LEU A 139 1.42 4.58 -1.29
N LEU A 140 1.49 3.44 -0.58
CA LEU A 140 0.58 2.33 -0.83
C LEU A 140 -0.07 1.87 0.49
N THR A 141 -1.40 1.81 0.50
CA THR A 141 -2.14 1.39 1.69
C THR A 141 -2.49 -0.09 1.65
N PHE A 142 -2.16 -0.80 2.74
CA PHE A 142 -2.44 -2.23 2.84
C PHE A 142 -3.32 -2.51 4.06
N ASN A 143 -4.49 -3.09 3.81
CA ASN A 143 -5.43 -3.41 4.88
C ASN A 143 -5.59 -4.92 5.04
N GLN A 144 -5.57 -5.39 6.29
CA GLN A 144 -5.71 -6.82 6.58
C GLN A 144 -6.77 -7.05 7.65
N PRO A 145 -7.97 -7.51 7.24
CA PRO A 145 -9.08 -7.78 8.16
C PRO A 145 -8.89 -9.06 8.97
N PRO A 146 -9.52 -9.16 10.16
CA PRO A 146 -9.42 -10.34 11.02
C PRO A 146 -10.17 -11.54 10.45
N PRO A 147 -10.05 -12.72 11.09
CA PRO A 147 -10.72 -13.94 10.65
C PRO A 147 -12.22 -13.75 10.42
N ASP A 148 -12.72 -14.30 9.32
CA ASP A 148 -14.13 -14.19 8.96
C ASP A 148 -15.02 -14.90 9.98
N ASN A 149 -16.33 -14.64 9.90
CA ASN A 149 -17.29 -15.25 10.82
C ASN A 149 -17.65 -16.66 10.36
N ARG A 150 -18.37 -16.77 9.24
CA ARG A 150 -18.77 -18.06 8.70
C ARG A 150 -18.22 -18.28 7.29
N SER A 151 -17.06 -17.67 7.00
CA SER A 151 -16.43 -17.81 5.69
C SER A 151 -15.25 -18.78 5.75
N SER A 152 -14.52 -18.75 6.86
CA SER A 152 -13.36 -19.63 7.04
C SER A 152 -13.81 -21.08 7.20
N LEU A 153 -13.52 -21.91 6.20
CA LEU A 153 -13.88 -23.32 6.23
C LEU A 153 -12.91 -24.12 7.11
N GLY A 154 -11.66 -23.66 7.18
CA GLY A 154 -10.66 -24.35 7.98
C GLY A 154 -9.53 -24.90 7.14
N PRO A 155 -8.37 -25.23 7.77
CA PRO A 155 -7.20 -25.77 7.06
C PRO A 155 -7.50 -27.10 6.36
N GLU A 156 -8.09 -27.01 5.17
CA GLU A 156 -8.45 -28.19 4.39
C GLU A 156 -7.90 -28.10 2.98
N ASN A 157 -8.12 -26.95 2.34
CA ASN A 157 -7.64 -26.72 0.98
C ASN A 157 -6.37 -25.86 0.98
N LEU A 158 -5.57 -26.00 -0.08
CA LEU A 158 -4.33 -25.25 -0.21
C LEU A 158 -4.53 -23.95 -1.00
N SER A 159 -5.80 -23.51 -1.14
CA SER A 159 -6.11 -22.29 -1.88
C SER A 159 -5.83 -21.05 -1.03
N PRO A 160 -6.50 -20.89 0.13
CA PRO A 160 -6.32 -19.73 1.00
C PRO A 160 -4.98 -19.78 1.75
N ALA A 161 -4.30 -18.62 1.81
CA ALA A 161 -3.01 -18.52 2.49
C ALA A 161 -2.77 -17.10 3.00
N PRO A 162 -2.42 -16.96 4.29
CA PRO A 162 -2.17 -15.64 4.90
C PRO A 162 -0.86 -15.02 4.41
N TRP A 163 -0.96 -13.86 3.77
CA TRP A 163 0.22 -13.16 3.24
C TRP A 163 0.89 -12.34 4.34
N SER A 164 2.21 -12.18 4.23
CA SER A 164 2.99 -11.42 5.21
C SER A 164 3.73 -10.26 4.53
N LEU A 165 4.78 -9.75 5.19
CA LEU A 165 5.58 -8.65 4.66
C LEU A 165 6.10 -8.95 3.26
N GLY A 166 6.34 -10.24 2.99
CA GLY A 166 6.84 -10.66 1.68
C GLY A 166 5.98 -10.15 0.55
N ASP A 167 4.65 -10.20 0.73
CA ASP A 167 3.72 -9.74 -0.28
C ASP A 167 3.82 -8.23 -0.45
N PHE A 168 3.88 -7.52 0.68
CA PHE A 168 4.00 -6.06 0.66
C PHE A 168 5.26 -5.61 -0.08
N GLU A 169 6.37 -6.33 0.16
CA GLU A 169 7.65 -6.03 -0.49
C GLU A 169 7.48 -5.98 -2.01
N GLN A 170 6.69 -6.90 -2.55
CA GLN A 170 6.44 -6.95 -4.00
C GLN A 170 5.74 -5.68 -4.46
N LEU A 171 4.84 -5.14 -3.63
CA LEU A 171 4.12 -3.92 -3.97
C LEU A 171 5.09 -2.74 -4.10
N VAL A 172 6.17 -2.76 -3.33
CA VAL A 172 7.16 -1.70 -3.38
C VAL A 172 7.85 -1.69 -4.75
N THR A 173 8.07 -2.87 -5.30
CA THR A 173 8.70 -3.02 -6.61
C THR A 173 7.69 -2.78 -7.74
N SER A 174 6.44 -2.55 -7.39
CA SER A 174 5.37 -2.31 -8.37
C SER A 174 5.55 -0.95 -9.08
N LEU A 175 6.65 -0.25 -8.83
CA LEU A 175 6.89 1.03 -9.48
C LEU A 175 8.18 0.99 -10.31
N THR A 176 8.46 -0.16 -10.93
CA THR A 176 9.65 -0.32 -11.75
C THR A 176 9.61 0.63 -12.94
N LEU A 177 10.53 1.59 -12.96
CA LEU A 177 10.60 2.58 -14.04
C LEU A 177 11.29 2.00 -15.26
N HIS A 178 10.52 1.77 -16.32
CA HIS A 178 11.05 1.21 -17.57
C HIS A 178 10.96 2.25 -18.69
N ASP A 179 9.74 2.72 -18.95
CA ASP A 179 9.52 3.72 -19.99
C ASP A 179 9.03 5.04 -19.37
N PRO A 180 9.94 6.03 -19.25
CA PRO A 180 9.59 7.34 -18.67
C PRO A 180 8.71 8.18 -19.60
N ASN A 181 7.50 7.68 -19.86
CA ASN A 181 6.55 8.38 -20.71
C ASN A 181 5.77 9.46 -19.95
N ILE A 182 5.96 9.51 -18.62
CA ILE A 182 5.29 10.49 -17.78
C ILE A 182 6.28 11.42 -17.10
N PHE A 183 7.30 11.84 -17.85
CA PHE A 183 8.33 12.73 -17.33
C PHE A 183 8.37 14.05 -18.09
N GLY A 184 8.22 13.99 -19.42
CA GLY A 184 8.24 15.19 -20.24
C GLY A 184 6.93 15.95 -20.19
N PRO A 185 6.40 16.40 -21.35
CA PRO A 185 5.13 17.14 -21.41
C PRO A 185 4.00 16.43 -20.67
N GLN A 186 3.85 15.13 -20.91
CA GLN A 186 2.81 14.34 -20.26
C GLN A 186 3.26 12.90 -20.03
N MET A 1 13.67 -17.34 -8.78
CA MET A 1 14.69 -16.27 -8.96
C MET A 1 14.07 -14.89 -8.75
N GLU A 2 13.08 -14.54 -9.59
CA GLU A 2 12.41 -13.25 -9.49
C GLU A 2 11.20 -13.19 -10.43
N PRO A 3 9.97 -13.16 -9.88
CA PRO A 3 8.74 -13.10 -10.69
C PRO A 3 8.57 -11.76 -11.38
N THR A 4 7.66 -11.69 -12.36
CA THR A 4 7.42 -10.46 -13.10
C THR A 4 5.94 -10.31 -13.45
N ARG A 5 5.26 -9.42 -12.72
CA ARG A 5 3.85 -9.14 -12.95
C ARG A 5 3.61 -7.64 -13.18
N ASP A 6 4.58 -6.98 -13.79
CA ASP A 6 4.48 -5.55 -14.06
C ASP A 6 3.33 -5.24 -15.01
N CYS A 7 2.68 -4.10 -14.80
CA CYS A 7 1.54 -3.68 -15.63
C CYS A 7 1.67 -2.20 -16.02
N PRO A 8 1.25 -1.86 -17.26
CA PRO A 8 1.32 -0.48 -17.78
C PRO A 8 0.60 0.52 -16.86
N LEU A 9 1.28 1.63 -16.57
CA LEU A 9 0.72 2.67 -15.71
C LEU A 9 0.82 4.03 -16.39
N PHE A 10 -0.34 4.65 -16.64
CA PHE A 10 -0.41 5.96 -17.29
C PHE A 10 0.24 5.92 -18.67
N GLY A 11 -0.10 4.91 -19.46
CA GLY A 11 0.46 4.78 -20.79
C GLY A 11 1.67 3.86 -20.86
N GLY A 12 2.26 3.54 -19.70
CA GLY A 12 3.42 2.68 -19.66
C GLY A 12 4.67 3.37 -19.14
N ALA A 13 4.49 4.39 -18.31
CA ALA A 13 5.61 5.13 -17.73
C ALA A 13 6.14 4.41 -16.49
N PHE A 14 5.22 3.83 -15.71
CA PHE A 14 5.58 3.09 -14.50
C PHE A 14 5.10 1.65 -14.61
N SER A 15 5.89 0.72 -14.08
CA SER A 15 5.52 -0.69 -14.12
C SER A 15 5.13 -1.17 -12.73
N ALA A 16 3.86 -1.48 -12.57
CA ALA A 16 3.33 -1.94 -11.29
C ALA A 16 3.13 -3.44 -11.28
N ILE A 17 3.73 -4.11 -10.31
CA ILE A 17 3.62 -5.56 -10.16
C ILE A 17 2.47 -5.94 -9.23
N LEU A 18 1.60 -6.80 -9.72
CA LEU A 18 0.44 -7.26 -8.94
C LEU A 18 0.45 -8.78 -8.77
N PRO A 19 -0.24 -9.31 -7.75
CA PRO A 19 -0.31 -10.75 -7.49
C PRO A 19 -1.36 -11.44 -8.37
N MET A 20 -1.41 -12.77 -8.32
CA MET A 20 -2.37 -13.53 -9.11
C MET A 20 -3.74 -13.54 -8.42
N GLY A 21 -4.66 -12.70 -8.90
CA GLY A 21 -5.99 -12.63 -8.32
C GLY A 21 -6.47 -11.21 -8.10
N ALA A 22 -5.56 -10.24 -8.16
CA ALA A 22 -5.90 -8.83 -7.97
C ALA A 22 -6.94 -8.34 -8.98
N ILE A 23 -7.95 -7.62 -8.48
CA ILE A 23 -9.01 -7.09 -9.32
C ILE A 23 -9.24 -5.60 -9.05
N ASP A 24 -9.60 -4.86 -10.10
CA ASP A 24 -9.86 -3.43 -9.97
C ASP A 24 -11.28 -3.19 -9.49
N VAL A 25 -11.42 -2.48 -8.36
CA VAL A 25 -12.73 -2.19 -7.78
C VAL A 25 -13.47 -1.09 -8.55
N SER A 26 -12.91 -0.62 -9.66
CA SER A 26 -13.53 0.42 -10.46
C SER A 26 -14.96 0.02 -10.87
N ASP A 27 -15.19 -1.29 -11.02
CA ASP A 27 -16.50 -1.80 -11.39
C ASP A 27 -17.49 -1.68 -10.24
N LEU A 28 -16.98 -1.85 -9.01
CA LEU A 28 -17.83 -1.76 -7.82
C LEU A 28 -17.96 -0.32 -7.34
N ARG A 29 -16.91 0.49 -7.53
CA ARG A 29 -16.93 1.89 -7.10
C ARG A 29 -15.95 2.73 -7.92
N PRO A 30 -16.20 4.06 -8.05
CA PRO A 30 -15.31 4.96 -8.79
C PRO A 30 -13.91 5.04 -8.21
N VAL A 31 -12.90 5.02 -9.07
CA VAL A 31 -11.50 5.08 -8.64
C VAL A 31 -10.81 6.32 -9.21
N PRO A 32 -10.15 7.12 -8.35
CA PRO A 32 -9.45 8.34 -8.77
C PRO A 32 -8.38 8.06 -9.81
N ASP A 33 -8.26 8.97 -10.79
CA ASP A 33 -7.27 8.82 -11.86
C ASP A 33 -5.84 8.78 -11.32
N ASN A 34 -5.62 9.46 -10.18
CA ASN A 34 -4.29 9.49 -9.57
C ASN A 34 -4.15 8.43 -8.48
N GLN A 35 -4.95 7.35 -8.57
CA GLN A 35 -4.89 6.28 -7.58
C GLN A 35 -5.14 4.92 -8.23
N GLU A 36 -5.06 3.86 -7.42
CA GLU A 36 -5.26 2.50 -7.91
C GLU A 36 -5.76 1.60 -6.77
N VAL A 37 -7.07 1.39 -6.72
CA VAL A 37 -7.68 0.55 -5.70
C VAL A 37 -7.88 -0.88 -6.20
N PHE A 38 -7.04 -1.79 -5.71
CA PHE A 38 -7.13 -3.20 -6.10
C PHE A 38 -7.54 -4.07 -4.91
N CYS A 39 -8.11 -5.24 -5.20
CA CYS A 39 -8.56 -6.15 -4.16
C CYS A 39 -8.37 -7.61 -4.58
N HIS A 40 -8.26 -8.51 -3.61
CA HIS A 40 -8.07 -9.92 -3.89
C HIS A 40 -9.27 -10.73 -3.39
N PRO A 41 -10.14 -11.18 -4.32
CA PRO A 41 -11.34 -11.96 -3.99
C PRO A 41 -11.03 -13.43 -3.75
N VAL A 42 -10.06 -13.70 -2.87
CA VAL A 42 -9.67 -15.07 -2.54
C VAL A 42 -9.32 -15.18 -1.06
N THR A 43 -8.28 -14.47 -0.63
CA THR A 43 -7.85 -14.47 0.76
C THR A 43 -8.54 -13.35 1.56
N ASP A 44 -9.32 -12.51 0.87
CA ASP A 44 -10.01 -11.40 1.51
C ASP A 44 -9.01 -10.36 2.01
N GLN A 45 -8.39 -9.64 1.07
CA GLN A 45 -7.40 -8.62 1.40
C GLN A 45 -7.61 -7.37 0.53
N SER A 46 -6.91 -6.28 0.87
CA SER A 46 -7.02 -5.03 0.12
C SER A 46 -5.64 -4.49 -0.25
N LEU A 47 -5.55 -3.90 -1.45
CA LEU A 47 -4.30 -3.34 -1.95
C LEU A 47 -4.55 -2.08 -2.77
N ILE A 48 -4.25 -0.91 -2.20
CA ILE A 48 -4.45 0.36 -2.89
C ILE A 48 -3.15 1.16 -3.02
N VAL A 49 -3.02 1.88 -4.15
CA VAL A 49 -1.86 2.70 -4.43
C VAL A 49 -2.27 4.14 -4.74
N GLU A 50 -1.76 5.10 -3.96
CA GLU A 50 -2.10 6.51 -4.17
C GLU A 50 -0.89 7.31 -4.63
N LEU A 51 -1.06 8.05 -5.73
CA LEU A 51 0.02 8.87 -6.28
C LEU A 51 -0.13 10.32 -5.81
N LEU A 52 0.93 10.85 -5.19
CA LEU A 52 0.91 12.22 -4.69
C LEU A 52 2.20 12.97 -5.06
N GLU A 53 2.22 14.27 -4.75
CA GLU A 53 3.36 15.12 -5.04
C GLU A 53 3.96 15.67 -3.74
N LEU A 54 5.28 15.87 -3.71
CA LEU A 54 5.97 16.39 -2.54
C LEU A 54 5.28 17.65 -2.01
N GLN A 55 4.51 17.50 -0.93
CA GLN A 55 3.79 18.62 -0.33
C GLN A 55 4.64 19.34 0.71
N ALA A 56 4.95 20.61 0.43
CA ALA A 56 5.75 21.44 1.33
C ALA A 56 7.16 20.88 1.48
N HIS A 57 7.35 19.95 2.42
CA HIS A 57 8.66 19.34 2.65
C HIS A 57 8.59 18.26 3.74
N VAL A 58 7.97 17.13 3.41
CA VAL A 58 7.84 16.01 4.36
C VAL A 58 8.07 14.67 3.67
N ARG A 59 9.20 14.03 3.97
CA ARG A 59 9.54 12.73 3.38
C ARG A 59 10.27 11.84 4.38
N GLY A 60 10.18 10.52 4.16
CA GLY A 60 10.83 9.57 5.04
C GLY A 60 9.97 9.18 6.23
N GLU A 61 10.63 8.91 7.36
CA GLU A 61 9.93 8.53 8.59
C GLU A 61 8.94 9.62 9.02
N ALA A 62 9.30 10.88 8.73
CA ALA A 62 8.46 12.01 9.07
C ALA A 62 7.21 12.04 8.19
N ALA A 63 7.38 11.67 6.91
CA ALA A 63 6.27 11.65 5.97
C ALA A 63 5.24 10.59 6.36
N ALA A 64 5.71 9.45 6.86
CA ALA A 64 4.82 8.36 7.27
C ALA A 64 3.80 8.84 8.28
N ARG A 65 4.27 9.54 9.32
CA ARG A 65 3.38 10.07 10.36
C ARG A 65 2.46 11.16 9.80
N TYR A 66 3.03 12.04 8.97
CA TYR A 66 2.25 13.12 8.36
C TYR A 66 1.04 12.58 7.62
N HIS A 67 1.23 11.49 6.88
CA HIS A 67 0.15 10.87 6.12
C HIS A 67 -0.72 9.99 7.02
N PHE A 68 -0.08 9.31 7.98
CA PHE A 68 -0.81 8.44 8.91
C PHE A 68 -1.81 9.23 9.74
N GLU A 69 -1.37 10.38 10.27
CA GLU A 69 -2.23 11.21 11.08
C GLU A 69 -3.33 11.87 10.23
N ASP A 70 -3.01 12.17 8.98
CA ASP A 70 -3.97 12.79 8.07
C ASP A 70 -5.22 11.94 7.92
N VAL A 71 -5.03 10.62 7.82
CA VAL A 71 -6.15 9.68 7.67
C VAL A 71 -7.01 9.66 8.93
N GLY A 72 -6.36 9.41 10.07
CA GLY A 72 -7.07 9.37 11.33
C GLY A 72 -7.71 10.69 11.71
N GLY A 73 -7.27 11.77 11.06
CA GLY A 73 -7.81 13.09 11.33
C GLY A 73 -9.08 13.38 10.57
N VAL A 74 -9.12 12.99 9.29
CA VAL A 74 -10.30 13.22 8.44
C VAL A 74 -11.10 11.93 8.24
N GLN A 75 -11.36 11.23 9.34
CA GLN A 75 -12.12 9.98 9.31
C GLN A 75 -12.37 9.46 10.72
N GLY A 76 -12.79 8.19 10.84
CA GLY A 76 -13.05 7.62 12.15
C GLY A 76 -11.76 7.32 12.91
N ALA A 77 -11.62 6.09 13.39
CA ALA A 77 -10.42 5.68 14.13
C ALA A 77 -10.27 6.50 15.42
N ARG A 78 -10.69 5.92 16.54
CA ARG A 78 -10.60 6.61 17.83
C ARG A 78 -9.41 6.13 18.67
N ALA A 79 -8.88 4.95 18.35
CA ALA A 79 -7.74 4.40 19.08
C ALA A 79 -6.70 3.85 18.11
N VAL A 80 -5.59 4.57 17.97
CA VAL A 80 -4.52 4.15 17.06
C VAL A 80 -3.20 3.99 17.79
N HIS A 81 -2.57 2.83 17.64
CA HIS A 81 -1.29 2.55 18.27
C HIS A 81 -0.18 2.39 17.22
N VAL A 82 1.06 2.29 17.69
CA VAL A 82 2.22 2.13 16.81
C VAL A 82 2.95 0.83 17.10
N GLU A 83 2.99 -0.07 16.10
CA GLU A 83 3.66 -1.35 16.25
C GLU A 83 5.17 -1.20 16.12
N SER A 84 5.61 -0.66 14.99
CA SER A 84 7.04 -0.47 14.73
C SER A 84 7.26 0.24 13.39
N VAL A 85 8.52 0.49 13.05
CA VAL A 85 8.88 1.15 11.80
C VAL A 85 9.99 0.40 11.08
N GLN A 86 9.75 0.07 9.81
CA GLN A 86 10.74 -0.64 9.00
C GLN A 86 11.28 0.24 7.89
N PRO A 87 12.47 0.83 8.09
CA PRO A 87 13.12 1.70 7.10
C PRO A 87 13.61 0.91 5.87
N LEU A 88 13.34 1.44 4.68
CA LEU A 88 13.76 0.79 3.44
C LEU A 88 14.95 1.52 2.82
N SER A 89 15.37 1.08 1.62
CA SER A 89 16.49 1.69 0.92
C SER A 89 16.35 1.54 -0.59
N LEU A 90 17.40 1.93 -1.33
CA LEU A 90 17.39 1.85 -2.79
C LEU A 90 17.55 0.40 -3.27
N GLU A 91 18.29 -0.41 -2.50
CA GLU A 91 18.52 -1.81 -2.84
C GLU A 91 17.21 -2.56 -3.04
N ASN A 92 16.15 -2.11 -2.36
CA ASN A 92 14.84 -2.74 -2.46
C ASN A 92 14.24 -2.59 -3.85
N LEU A 93 14.79 -1.69 -4.67
CA LEU A 93 14.29 -1.49 -6.02
C LEU A 93 14.72 -2.65 -6.91
N ALA A 94 13.76 -3.53 -7.22
CA ALA A 94 14.00 -4.71 -8.06
C ALA A 94 14.86 -4.34 -9.26
N LEU A 95 14.33 -3.50 -10.15
CA LEU A 95 15.09 -3.05 -11.31
C LEU A 95 16.26 -2.19 -10.86
N ARG A 96 16.10 -1.56 -9.69
CA ARG A 96 17.14 -0.70 -9.12
C ARG A 96 17.46 0.47 -10.04
N GLY A 97 16.42 1.12 -10.57
CA GLY A 97 16.62 2.26 -11.46
C GLY A 97 17.14 3.46 -10.69
N ARG A 98 16.28 4.45 -10.49
CA ARG A 98 16.67 5.64 -9.74
C ARG A 98 15.66 5.92 -8.64
N CYS A 99 16.03 5.62 -7.40
CA CYS A 99 15.17 5.84 -6.25
C CYS A 99 15.93 6.54 -5.13
N GLN A 100 15.22 7.29 -4.30
CA GLN A 100 15.85 8.00 -3.19
C GLN A 100 15.84 7.15 -1.93
N GLU A 101 14.65 6.69 -1.54
CA GLU A 101 14.49 5.86 -0.34
C GLU A 101 13.03 5.47 -0.13
N ALA A 102 12.76 4.75 0.96
CA ALA A 102 11.40 4.32 1.29
C ALA A 102 11.28 3.97 2.77
N TRP A 103 10.06 4.05 3.29
CA TRP A 103 9.81 3.75 4.71
C TRP A 103 8.52 2.95 4.86
N VAL A 104 8.36 2.32 6.03
CA VAL A 104 7.17 1.51 6.31
C VAL A 104 6.69 1.71 7.74
N LEU A 105 5.38 1.91 7.90
CA LEU A 105 4.79 2.09 9.23
C LEU A 105 3.57 1.18 9.41
N SER A 106 3.72 0.19 10.29
CA SER A 106 2.64 -0.76 10.56
C SER A 106 1.93 -0.40 11.86
N GLY A 107 0.60 -0.42 11.83
CA GLY A 107 -0.18 -0.09 13.02
C GLY A 107 -1.63 -0.50 12.89
N LYS A 108 -2.48 0.09 13.73
CA LYS A 108 -3.91 -0.22 13.72
C LYS A 108 -4.71 0.85 14.47
N GLN A 109 -5.90 1.17 13.97
CA GLN A 109 -6.77 2.16 14.59
C GLN A 109 -8.12 1.55 14.96
N GLN A 110 -8.89 2.26 15.79
CA GLN A 110 -10.20 1.78 16.21
C GLN A 110 -11.29 2.48 15.44
N ILE A 111 -11.63 1.94 14.27
CA ILE A 111 -12.66 2.54 13.43
C ILE A 111 -14.06 2.18 13.91
N ALA A 112 -14.60 3.08 14.73
CA ALA A 112 -15.93 2.90 15.29
C ALA A 112 -17.01 3.35 14.32
N LYS A 113 -18.23 2.83 14.49
CA LYS A 113 -19.35 3.17 13.63
C LYS A 113 -20.06 4.43 14.11
N GLU A 114 -20.87 5.03 13.24
CA GLU A 114 -21.62 6.25 13.58
C GLU A 114 -22.46 6.02 14.83
N ASN A 115 -23.05 4.83 14.93
CA ASN A 115 -23.88 4.47 16.08
C ASN A 115 -23.02 4.25 17.34
N GLN A 116 -21.73 3.95 17.13
CA GLN A 116 -20.81 3.71 18.24
C GLN A 116 -21.20 2.46 19.03
N GLN A 117 -21.79 1.49 18.34
CA GLN A 117 -22.20 0.24 18.98
C GLN A 117 -21.37 -0.94 18.48
N VAL A 118 -20.42 -0.68 17.57
CA VAL A 118 -19.57 -1.74 17.03
C VAL A 118 -18.15 -1.22 16.74
N ALA A 119 -17.19 -2.14 16.71
CA ALA A 119 -15.79 -1.80 16.44
C ALA A 119 -15.04 -3.00 15.85
N LYS A 120 -13.90 -2.72 15.21
CA LYS A 120 -13.09 -3.77 14.59
C LYS A 120 -11.64 -3.29 14.38
N ASP A 121 -10.69 -4.06 14.89
CA ASP A 121 -9.27 -3.73 14.76
C ASP A 121 -8.84 -3.82 13.29
N VAL A 122 -8.26 -2.74 12.77
CA VAL A 122 -7.81 -2.70 11.39
C VAL A 122 -6.30 -2.47 11.29
N THR A 123 -5.54 -3.55 11.10
CA THR A 123 -4.10 -3.46 10.98
C THR A 123 -3.68 -3.31 9.52
N LEU A 124 -3.41 -2.07 9.10
CA LEU A 124 -3.00 -1.79 7.74
C LEU A 124 -1.50 -1.52 7.65
N HIS A 125 -0.93 -1.82 6.47
CA HIS A 125 0.49 -1.62 6.24
C HIS A 125 0.70 -0.44 5.29
N GLN A 126 1.22 0.66 5.84
CA GLN A 126 1.47 1.86 5.05
C GLN A 126 2.94 2.00 4.67
N ALA A 127 3.20 2.30 3.40
CA ALA A 127 4.55 2.47 2.90
C ALA A 127 4.73 3.86 2.28
N LEU A 128 5.81 4.54 2.66
CA LEU A 128 6.10 5.88 2.15
C LEU A 128 7.35 5.88 1.29
N LEU A 129 7.19 6.24 0.01
CA LEU A 129 8.32 6.29 -0.92
C LEU A 129 8.34 7.62 -1.67
N ARG A 130 9.52 8.24 -1.74
CA ARG A 130 9.68 9.52 -2.42
C ARG A 130 10.73 9.44 -3.52
N LEU A 131 10.35 9.85 -4.73
CA LEU A 131 11.26 9.83 -5.87
C LEU A 131 11.60 11.25 -6.30
N PRO A 132 12.87 11.52 -6.63
CA PRO A 132 13.32 12.86 -7.04
C PRO A 132 13.02 13.17 -8.51
N GLN A 133 12.32 12.27 -9.21
CA GLN A 133 11.97 12.47 -10.61
C GLN A 133 11.31 13.84 -10.81
N TYR A 134 10.51 14.23 -9.83
CA TYR A 134 9.80 15.52 -9.86
C TYR A 134 9.15 15.80 -8.51
N GLN A 135 9.84 15.42 -7.41
CA GLN A 135 9.31 15.61 -6.07
C GLN A 135 7.97 14.90 -5.92
N THR A 136 8.00 13.57 -5.87
CA THR A 136 6.78 12.78 -5.76
C THR A 136 6.75 11.95 -4.48
N ASP A 137 5.54 11.60 -4.05
CA ASP A 137 5.34 10.81 -2.83
C ASP A 137 4.24 9.75 -3.05
N LEU A 138 4.65 8.49 -3.16
CA LEU A 138 3.70 7.39 -3.37
C LEU A 138 3.29 6.77 -2.03
N LEU A 139 2.01 6.39 -1.91
CA LEU A 139 1.49 5.78 -0.69
C LEU A 139 0.97 4.37 -0.94
N LEU A 140 1.12 3.51 0.07
CA LEU A 140 0.67 2.12 -0.01
C LEU A 140 -0.29 1.80 1.14
N THR A 141 -1.25 0.92 0.88
CA THR A 141 -2.22 0.52 1.91
C THR A 141 -2.55 -0.97 1.82
N PHE A 142 -2.20 -1.72 2.86
CA PHE A 142 -2.45 -3.17 2.91
C PHE A 142 -3.29 -3.53 4.13
N ASN A 143 -4.61 -3.64 3.93
CA ASN A 143 -5.53 -3.97 5.02
C ASN A 143 -5.54 -5.48 5.29
N GLN A 144 -5.56 -5.85 6.57
CA GLN A 144 -5.58 -7.26 6.96
C GLN A 144 -6.43 -7.45 8.22
N PRO A 145 -7.65 -8.01 8.06
CA PRO A 145 -8.57 -8.25 9.18
C PRO A 145 -8.01 -9.26 10.18
N PRO A 146 -7.66 -8.80 11.40
CA PRO A 146 -7.10 -9.67 12.44
C PRO A 146 -8.05 -10.80 12.86
N PRO A 147 -7.63 -12.07 12.66
CA PRO A 147 -8.46 -13.24 13.00
C PRO A 147 -8.58 -13.46 14.50
N ASP A 148 -9.59 -14.25 14.90
CA ASP A 148 -9.82 -14.54 16.31
C ASP A 148 -9.75 -16.05 16.57
N ASN A 149 -8.74 -16.45 17.35
CA ASN A 149 -8.52 -17.86 17.70
C ASN A 149 -8.11 -18.67 16.47
N ARG A 150 -7.02 -19.44 16.62
CA ARG A 150 -6.51 -20.27 15.51
C ARG A 150 -7.54 -21.31 15.08
N SER A 151 -7.67 -21.48 13.77
CA SER A 151 -8.62 -22.43 13.21
C SER A 151 -8.18 -22.89 11.82
N SER A 152 -7.93 -21.93 10.92
CA SER A 152 -7.51 -22.25 9.56
C SER A 152 -6.71 -21.09 8.95
N LEU A 153 -7.35 -19.92 8.86
CA LEU A 153 -6.71 -18.71 8.32
C LEU A 153 -6.27 -18.93 6.85
N GLY A 154 -7.21 -18.72 5.93
CA GLY A 154 -6.92 -18.89 4.51
C GLY A 154 -8.17 -19.16 3.68
N PRO A 155 -8.10 -18.98 2.34
CA PRO A 155 -9.24 -19.22 1.45
C PRO A 155 -9.81 -20.62 1.57
N GLU A 156 -8.97 -21.63 1.35
CA GLU A 156 -9.39 -23.03 1.43
C GLU A 156 -8.51 -23.80 2.41
N ASN A 157 -8.77 -25.11 2.53
CA ASN A 157 -8.00 -25.95 3.44
C ASN A 157 -6.90 -26.72 2.70
N LEU A 158 -6.41 -26.15 1.59
CA LEU A 158 -5.36 -26.77 0.80
C LEU A 158 -3.99 -26.18 1.17
N SER A 159 -3.96 -24.86 1.37
CA SER A 159 -2.73 -24.17 1.75
C SER A 159 -3.03 -22.92 2.58
N PRO A 160 -3.25 -23.11 3.89
CA PRO A 160 -3.54 -22.00 4.82
C PRO A 160 -2.34 -21.07 5.01
N ALA A 161 -2.22 -20.07 4.15
CA ALA A 161 -1.13 -19.11 4.22
C ALA A 161 -1.51 -17.77 3.61
N PRO A 162 -2.03 -16.83 4.43
CA PRO A 162 -2.45 -15.50 3.97
C PRO A 162 -1.27 -14.64 3.51
N TRP A 163 -1.55 -13.60 2.73
CA TRP A 163 -0.51 -12.71 2.22
C TRP A 163 0.17 -11.95 3.36
N SER A 164 1.50 -11.92 3.33
CA SER A 164 2.28 -11.24 4.37
C SER A 164 3.16 -10.14 3.75
N LEU A 165 4.26 -9.80 4.42
CA LEU A 165 5.19 -8.77 3.96
C LEU A 165 5.66 -9.04 2.51
N GLY A 166 5.69 -10.32 2.13
CA GLY A 166 6.13 -10.67 0.78
C GLY A 166 5.43 -9.86 -0.30
N ASP A 167 4.11 -9.78 -0.23
CA ASP A 167 3.33 -9.03 -1.21
C ASP A 167 3.52 -7.52 -1.00
N PHE A 168 3.57 -7.10 0.27
CA PHE A 168 3.77 -5.70 0.60
C PHE A 168 5.07 -5.17 0.01
N GLU A 169 6.17 -5.89 0.27
CA GLU A 169 7.47 -5.49 -0.26
C GLU A 169 7.44 -5.46 -1.78
N GLN A 170 6.71 -6.40 -2.38
CA GLN A 170 6.58 -6.48 -3.83
C GLN A 170 5.90 -5.21 -4.37
N LEU A 171 5.07 -4.56 -3.54
CA LEU A 171 4.39 -3.34 -3.95
C LEU A 171 5.39 -2.20 -4.12
N VAL A 172 6.45 -2.20 -3.31
CA VAL A 172 7.48 -1.17 -3.41
C VAL A 172 8.20 -1.27 -4.75
N THR A 173 8.44 -2.50 -5.21
CA THR A 173 9.09 -2.72 -6.50
C THR A 173 8.11 -2.47 -7.66
N SER A 174 6.84 -2.26 -7.32
CA SER A 174 5.81 -2.01 -8.33
C SER A 174 5.94 -0.62 -9.00
N LEU A 175 7.09 0.02 -8.86
CA LEU A 175 7.32 1.33 -9.47
C LEU A 175 8.62 1.31 -10.30
N THR A 176 8.96 0.14 -10.86
CA THR A 176 10.16 -0.02 -11.67
C THR A 176 10.14 0.93 -12.85
N LEU A 177 11.16 1.78 -12.96
CA LEU A 177 11.25 2.76 -14.04
C LEU A 177 11.84 2.15 -15.30
N HIS A 178 11.10 2.23 -16.40
CA HIS A 178 11.54 1.69 -17.68
C HIS A 178 11.61 2.80 -18.74
N ASP A 179 10.48 3.46 -18.98
CA ASP A 179 10.41 4.55 -19.94
C ASP A 179 9.66 5.74 -19.35
N PRO A 180 10.33 6.90 -19.19
CA PRO A 180 9.71 8.11 -18.63
C PRO A 180 8.81 8.82 -19.63
N ASN A 181 7.66 8.21 -19.92
CA ASN A 181 6.70 8.78 -20.86
C ASN A 181 5.77 9.79 -20.19
N ILE A 182 5.69 9.75 -18.85
CA ILE A 182 4.82 10.68 -18.12
C ILE A 182 5.65 11.70 -17.32
N PHE A 183 6.77 12.11 -17.88
CA PHE A 183 7.64 13.09 -17.23
C PHE A 183 7.34 14.50 -17.72
N GLY A 184 7.34 14.68 -19.04
CA GLY A 184 7.07 15.98 -19.62
C GLY A 184 5.57 16.29 -19.65
N PRO A 185 5.17 17.48 -19.14
CA PRO A 185 3.76 17.88 -19.11
C PRO A 185 3.14 17.97 -20.51
N GLN A 186 2.18 17.08 -20.78
CA GLN A 186 1.49 17.06 -22.07
C GLN A 186 0.72 18.35 -22.33
N MET A 1 8.75 -19.94 -14.21
CA MET A 1 7.93 -20.26 -13.02
C MET A 1 7.36 -19.01 -12.35
N GLU A 2 8.23 -18.04 -12.02
CA GLU A 2 7.81 -16.80 -11.38
C GLU A 2 7.07 -15.89 -12.37
N PRO A 3 5.76 -15.67 -12.14
CA PRO A 3 4.94 -14.83 -13.03
C PRO A 3 5.21 -13.33 -12.85
N THR A 4 4.95 -12.55 -13.90
CA THR A 4 5.17 -11.11 -13.86
C THR A 4 4.09 -10.37 -14.64
N ARG A 5 2.99 -10.03 -13.96
CA ARG A 5 1.88 -9.31 -14.60
C ARG A 5 2.00 -7.81 -14.33
N ASP A 6 2.70 -7.12 -15.24
CA ASP A 6 2.89 -5.68 -15.12
C ASP A 6 1.65 -4.92 -15.61
N CYS A 7 1.27 -3.89 -14.88
CA CYS A 7 0.11 -3.08 -15.22
C CYS A 7 0.51 -1.67 -15.64
N PRO A 8 0.32 -1.33 -16.94
CA PRO A 8 0.66 0.00 -17.48
C PRO A 8 0.04 1.14 -16.69
N LEU A 9 0.85 2.15 -16.39
CA LEU A 9 0.38 3.32 -15.64
C LEU A 9 0.47 4.58 -16.47
N PHE A 10 -0.69 5.19 -16.74
CA PHE A 10 -0.76 6.43 -17.53
C PHE A 10 -0.12 6.24 -18.91
N GLY A 11 -0.50 5.16 -19.59
CA GLY A 11 0.04 4.90 -20.92
C GLY A 11 1.19 3.91 -20.94
N GLY A 12 1.75 3.61 -19.75
CA GLY A 12 2.86 2.67 -19.66
C GLY A 12 4.14 3.32 -19.17
N ALA A 13 4.01 4.40 -18.39
CA ALA A 13 5.16 5.10 -17.84
C ALA A 13 5.70 4.37 -16.60
N PHE A 14 4.78 3.80 -15.83
CA PHE A 14 5.15 3.07 -14.63
C PHE A 14 4.63 1.63 -14.73
N SER A 15 5.39 0.69 -14.19
CA SER A 15 5.01 -0.72 -14.22
C SER A 15 4.66 -1.22 -12.82
N ALA A 16 3.39 -1.59 -12.63
CA ALA A 16 2.92 -2.08 -11.34
C ALA A 16 2.77 -3.60 -11.35
N ILE A 17 2.98 -4.22 -10.19
CA ILE A 17 2.88 -5.66 -10.06
C ILE A 17 1.51 -6.06 -9.51
N LEU A 18 0.82 -6.93 -10.23
CA LEU A 18 -0.51 -7.40 -9.82
C LEU A 18 -0.61 -8.92 -9.89
N PRO A 19 -0.41 -9.62 -8.75
CA PRO A 19 -0.49 -11.09 -8.69
C PRO A 19 -1.92 -11.59 -8.83
N MET A 20 -2.08 -12.92 -8.85
CA MET A 20 -3.41 -13.53 -8.98
C MET A 20 -4.23 -13.31 -7.72
N GLY A 21 -5.35 -12.60 -7.86
CA GLY A 21 -6.22 -12.32 -6.73
C GLY A 21 -6.64 -10.87 -6.66
N ALA A 22 -5.74 -9.96 -7.02
CA ALA A 22 -6.01 -8.53 -6.99
C ALA A 22 -6.94 -8.12 -8.14
N ILE A 23 -8.20 -7.83 -7.78
CA ILE A 23 -9.20 -7.43 -8.77
C ILE A 23 -9.47 -5.92 -8.67
N ASP A 24 -9.46 -5.25 -9.82
CA ASP A 24 -9.70 -3.81 -9.86
C ASP A 24 -11.13 -3.46 -9.50
N VAL A 25 -11.33 -2.80 -8.36
CA VAL A 25 -12.66 -2.41 -7.90
C VAL A 25 -13.25 -1.25 -8.70
N SER A 26 -12.55 -0.80 -9.75
CA SER A 26 -13.05 0.29 -10.60
C SER A 26 -14.43 -0.01 -11.15
N ASP A 27 -14.70 -1.29 -11.42
CA ASP A 27 -15.99 -1.72 -11.95
C ASP A 27 -17.07 -1.70 -10.87
N LEU A 28 -16.67 -2.00 -9.63
CA LEU A 28 -17.59 -2.00 -8.50
C LEU A 28 -17.79 -0.59 -7.94
N ARG A 29 -16.73 0.23 -7.98
CA ARG A 29 -16.79 1.59 -7.46
C ARG A 29 -15.76 2.50 -8.15
N PRO A 30 -16.06 3.80 -8.30
CA PRO A 30 -15.14 4.76 -8.94
C PRO A 30 -13.75 4.79 -8.30
N VAL A 31 -12.72 4.99 -9.13
CA VAL A 31 -11.34 5.05 -8.64
C VAL A 31 -10.60 6.23 -9.27
N PRO A 32 -9.93 7.06 -8.43
CA PRO A 32 -9.18 8.23 -8.90
C PRO A 32 -8.14 7.88 -9.97
N ASP A 33 -8.04 8.71 -11.00
CA ASP A 33 -7.10 8.48 -12.09
C ASP A 33 -5.66 8.35 -11.59
N ASN A 34 -5.32 9.11 -10.54
CA ASN A 34 -3.98 9.08 -9.97
C ASN A 34 -3.89 8.10 -8.80
N GLN A 35 -4.79 7.13 -8.75
CA GLN A 35 -4.81 6.14 -7.68
C GLN A 35 -5.30 4.78 -8.18
N GLU A 36 -5.02 3.73 -7.41
CA GLU A 36 -5.42 2.36 -7.77
C GLU A 36 -5.81 1.57 -6.53
N VAL A 37 -7.06 1.09 -6.50
CA VAL A 37 -7.55 0.30 -5.38
C VAL A 37 -7.82 -1.14 -5.80
N PHE A 38 -7.04 -2.07 -5.24
CA PHE A 38 -7.18 -3.48 -5.55
C PHE A 38 -7.76 -4.25 -4.36
N CYS A 39 -8.47 -5.33 -4.64
CA CYS A 39 -9.08 -6.14 -3.59
C CYS A 39 -8.85 -7.63 -3.83
N HIS A 40 -8.79 -8.40 -2.74
CA HIS A 40 -8.56 -9.84 -2.82
C HIS A 40 -9.76 -10.61 -2.25
N PRO A 41 -10.58 -11.22 -3.12
CA PRO A 41 -11.75 -12.00 -2.70
C PRO A 41 -11.39 -13.27 -1.93
N VAL A 42 -10.18 -13.79 -2.15
CA VAL A 42 -9.72 -15.00 -1.50
C VAL A 42 -9.40 -14.75 -0.02
N THR A 43 -8.43 -13.87 0.22
CA THR A 43 -8.01 -13.53 1.57
C THR A 43 -8.85 -12.39 2.17
N ASP A 44 -9.75 -11.81 1.36
CA ASP A 44 -10.60 -10.70 1.81
C ASP A 44 -9.76 -9.49 2.24
N GLN A 45 -8.61 -9.31 1.57
CA GLN A 45 -7.72 -8.18 1.86
C GLN A 45 -7.99 -7.02 0.90
N SER A 46 -7.35 -5.88 1.15
CA SER A 46 -7.53 -4.69 0.30
C SER A 46 -6.21 -3.95 0.09
N LEU A 47 -6.09 -3.30 -1.08
CA LEU A 47 -4.89 -2.54 -1.44
C LEU A 47 -5.26 -1.17 -2.00
N ILE A 48 -4.52 -0.13 -1.58
CA ILE A 48 -4.79 1.24 -2.04
C ILE A 48 -3.49 1.98 -2.33
N VAL A 49 -3.25 2.29 -3.60
CA VAL A 49 -2.05 3.02 -4.02
C VAL A 49 -2.42 4.35 -4.66
N GLU A 50 -1.80 5.45 -4.20
CA GLU A 50 -2.09 6.76 -4.75
C GLU A 50 -0.82 7.56 -5.04
N LEU A 51 -0.91 8.48 -5.99
CA LEU A 51 0.21 9.32 -6.38
C LEU A 51 0.08 10.73 -5.80
N LEU A 52 1.16 11.21 -5.18
CA LEU A 52 1.15 12.54 -4.58
C LEU A 52 2.44 13.30 -4.90
N GLU A 53 2.48 14.58 -4.50
CA GLU A 53 3.64 15.42 -4.73
C GLU A 53 4.21 15.93 -3.41
N LEU A 54 5.53 16.11 -3.37
CA LEU A 54 6.22 16.59 -2.17
C LEU A 54 5.60 17.90 -1.67
N GLN A 55 4.79 17.80 -0.61
CA GLN A 55 4.14 18.97 -0.03
C GLN A 55 4.93 19.53 1.15
N ALA A 56 5.23 20.83 1.09
CA ALA A 56 5.99 21.50 2.15
C ALA A 56 7.39 20.91 2.28
N HIS A 57 7.51 19.83 3.07
CA HIS A 57 8.79 19.18 3.28
C HIS A 57 8.63 17.85 4.04
N VAL A 58 7.56 17.11 3.72
CA VAL A 58 7.29 15.84 4.37
C VAL A 58 7.51 14.67 3.40
N ARG A 59 8.36 13.72 3.80
CA ARG A 59 8.67 12.57 2.96
C ARG A 59 9.26 11.43 3.77
N GLY A 60 8.87 10.20 3.43
CA GLY A 60 9.38 9.03 4.13
C GLY A 60 8.70 8.80 5.47
N GLU A 61 9.51 8.62 6.51
CA GLU A 61 9.00 8.39 7.87
C GLU A 61 8.16 9.57 8.34
N ALA A 62 8.57 10.78 7.94
CA ALA A 62 7.87 12.00 8.31
C ALA A 62 6.55 12.12 7.53
N ALA A 63 6.59 11.75 6.25
CA ALA A 63 5.41 11.80 5.40
C ALA A 63 4.37 10.76 5.83
N ALA A 64 4.85 9.57 6.20
CA ALA A 64 3.97 8.48 6.63
C ALA A 64 3.06 8.92 7.77
N ARG A 65 3.66 9.54 8.79
CA ARG A 65 2.89 10.02 9.94
C ARG A 65 1.87 11.09 9.53
N TYR A 66 2.27 11.97 8.62
CA TYR A 66 1.39 13.03 8.13
C TYR A 66 0.18 12.45 7.39
N HIS A 67 0.39 11.36 6.66
CA HIS A 67 -0.68 10.72 5.91
C HIS A 67 -1.48 9.75 6.77
N PHE A 68 -0.81 9.10 7.72
CA PHE A 68 -1.45 8.15 8.62
C PHE A 68 -2.54 8.83 9.46
N GLU A 69 -2.22 10.01 9.99
CA GLU A 69 -3.17 10.76 10.81
C GLU A 69 -4.35 11.25 9.98
N ASP A 70 -4.12 11.48 8.68
CA ASP A 70 -5.18 11.94 7.79
C ASP A 70 -6.14 10.82 7.41
N VAL A 71 -5.70 9.57 7.55
CA VAL A 71 -6.54 8.43 7.22
C VAL A 71 -7.29 7.93 8.44
N GLY A 72 -6.56 7.60 9.51
CA GLY A 72 -7.18 7.12 10.72
C GLY A 72 -7.83 8.21 11.55
N GLY A 73 -7.76 9.46 11.09
CA GLY A 73 -8.35 10.57 11.82
C GLY A 73 -9.60 11.12 11.18
N VAL A 74 -9.74 10.96 9.87
CA VAL A 74 -10.91 11.47 9.16
C VAL A 74 -11.97 10.39 8.94
N GLN A 75 -12.01 9.40 9.84
CA GLN A 75 -12.99 8.31 9.75
C GLN A 75 -12.79 7.31 10.89
N GLY A 76 -13.40 7.60 12.04
CA GLY A 76 -13.27 6.71 13.19
C GLY A 76 -11.82 6.50 13.60
N ALA A 77 -11.50 5.28 14.01
CA ALA A 77 -10.14 4.92 14.42
C ALA A 77 -9.60 5.92 15.45
N ARG A 78 -10.09 5.82 16.69
CA ARG A 78 -9.65 6.72 17.76
C ARG A 78 -8.31 6.27 18.35
N ALA A 79 -8.34 5.26 19.23
CA ALA A 79 -7.12 4.76 19.85
C ALA A 79 -6.24 4.07 18.82
N VAL A 80 -5.14 4.72 18.45
CA VAL A 80 -4.22 4.19 17.46
C VAL A 80 -2.78 4.14 18.00
N HIS A 81 -2.17 2.96 17.88
CA HIS A 81 -0.80 2.77 18.35
C HIS A 81 0.15 2.52 17.18
N VAL A 82 1.45 2.49 17.46
CA VAL A 82 2.46 2.25 16.42
C VAL A 82 3.11 0.89 16.61
N GLU A 83 2.93 0.00 15.63
CA GLU A 83 3.52 -1.34 15.70
C GLU A 83 5.04 -1.28 15.57
N SER A 84 5.53 -0.77 14.44
CA SER A 84 6.97 -0.64 14.21
C SER A 84 7.24 -0.09 12.81
N VAL A 85 8.19 0.85 12.73
CA VAL A 85 8.56 1.45 11.45
C VAL A 85 9.86 0.86 10.93
N GLN A 86 9.88 0.50 9.63
CA GLN A 86 11.06 -0.08 9.01
C GLN A 86 11.45 0.69 7.76
N PRO A 87 12.75 1.02 7.62
CA PRO A 87 13.28 1.75 6.47
C PRO A 87 13.44 0.88 5.23
N LEU A 88 13.61 1.50 4.07
CA LEU A 88 13.77 0.78 2.82
C LEU A 88 14.99 1.29 2.05
N SER A 89 15.67 0.37 1.35
CA SER A 89 16.86 0.70 0.58
C SER A 89 16.64 0.47 -0.92
N LEU A 90 17.63 0.86 -1.73
CA LEU A 90 17.54 0.71 -3.18
C LEU A 90 17.51 -0.77 -3.58
N GLU A 91 18.16 -1.62 -2.79
CA GLU A 91 18.20 -3.05 -3.06
C GLU A 91 16.79 -3.64 -3.11
N ASN A 92 15.90 -3.13 -2.25
CA ASN A 92 14.51 -3.60 -2.20
C ASN A 92 13.78 -3.34 -3.52
N LEU A 93 14.26 -2.37 -4.31
CA LEU A 93 13.65 -2.07 -5.58
C LEU A 93 14.12 -3.09 -6.61
N ALA A 94 13.22 -3.99 -6.98
CA ALA A 94 13.51 -5.05 -7.95
C ALA A 94 14.26 -4.50 -9.16
N LEU A 95 13.64 -3.58 -9.89
CA LEU A 95 14.28 -2.95 -11.03
C LEU A 95 15.40 -2.03 -10.55
N ARG A 96 15.31 -1.62 -9.28
CA ARG A 96 16.28 -0.74 -8.64
C ARG A 96 16.72 0.41 -9.57
N GLY A 97 15.74 1.16 -10.09
CA GLY A 97 16.06 2.28 -10.97
C GLY A 97 16.73 3.40 -10.24
N ARG A 98 15.96 4.43 -9.86
CA ARG A 98 16.50 5.54 -9.11
C ARG A 98 15.57 5.90 -7.96
N CYS A 99 15.98 5.54 -6.75
CA CYS A 99 15.18 5.81 -5.55
C CYS A 99 16.01 6.52 -4.49
N GLN A 100 15.69 7.79 -4.23
CA GLN A 100 16.42 8.58 -3.23
C GLN A 100 16.29 7.95 -1.84
N GLU A 101 15.06 7.55 -1.48
CA GLU A 101 14.80 6.93 -0.18
C GLU A 101 13.44 6.25 -0.15
N ALA A 102 13.17 5.51 0.93
CA ALA A 102 11.89 4.81 1.09
C ALA A 102 11.65 4.41 2.55
N TRP A 103 10.41 4.50 3.00
CA TRP A 103 10.06 4.15 4.39
C TRP A 103 8.74 3.36 4.46
N VAL A 104 8.57 2.63 5.56
CA VAL A 104 7.37 1.83 5.77
C VAL A 104 6.90 1.91 7.23
N LEU A 105 5.61 2.17 7.41
CA LEU A 105 5.02 2.26 8.75
C LEU A 105 3.88 1.25 8.90
N SER A 106 3.82 0.61 10.07
CA SER A 106 2.80 -0.39 10.36
C SER A 106 2.18 -0.14 11.74
N GLY A 107 0.91 -0.54 11.90
CA GLY A 107 0.23 -0.35 13.16
C GLY A 107 -1.23 -0.74 13.11
N LYS A 108 -2.00 -0.26 14.09
CA LYS A 108 -3.44 -0.54 14.17
C LYS A 108 -4.20 0.61 14.79
N GLN A 109 -5.50 0.70 14.49
CA GLN A 109 -6.34 1.76 15.03
C GLN A 109 -7.55 1.18 15.75
N GLN A 110 -8.23 2.02 16.52
CA GLN A 110 -9.41 1.59 17.26
C GLN A 110 -10.68 2.08 16.58
N ILE A 111 -11.16 1.29 15.64
CA ILE A 111 -12.37 1.63 14.90
C ILE A 111 -13.61 1.33 15.72
N ALA A 112 -14.06 2.33 16.48
CA ALA A 112 -15.25 2.19 17.31
C ALA A 112 -16.52 2.19 16.46
N LYS A 113 -17.64 1.83 17.09
CA LYS A 113 -18.94 1.78 16.40
C LYS A 113 -18.94 0.66 15.37
N GLU A 114 -20.09 0.48 14.70
CA GLU A 114 -20.25 -0.57 13.69
C GLU A 114 -20.49 -1.95 14.34
N ASN A 115 -19.80 -2.21 15.46
CA ASN A 115 -19.94 -3.49 16.17
C ASN A 115 -20.62 -3.29 17.52
N GLN A 116 -20.28 -2.19 18.20
CA GLN A 116 -20.86 -1.88 19.52
C GLN A 116 -20.24 -2.76 20.61
N GLN A 117 -19.88 -2.14 21.73
CA GLN A 117 -19.27 -2.85 22.84
C GLN A 117 -17.82 -3.26 22.54
N VAL A 118 -17.33 -2.90 21.34
CA VAL A 118 -15.96 -3.23 20.93
C VAL A 118 -15.50 -2.35 19.77
N ALA A 119 -14.24 -2.53 19.36
CA ALA A 119 -13.68 -1.77 18.24
C ALA A 119 -13.07 -2.70 17.20
N LYS A 120 -12.25 -2.17 16.29
CA LYS A 120 -11.61 -2.97 15.25
C LYS A 120 -10.10 -2.72 15.20
N ASP A 121 -9.32 -3.65 15.74
CA ASP A 121 -7.87 -3.53 15.74
C ASP A 121 -7.29 -3.93 14.38
N VAL A 122 -7.66 -3.20 13.33
CA VAL A 122 -7.18 -3.48 11.99
C VAL A 122 -5.71 -3.14 11.83
N THR A 123 -4.99 -3.94 11.05
CA THR A 123 -3.57 -3.71 10.81
C THR A 123 -3.34 -3.18 9.40
N LEU A 124 -2.84 -1.96 9.29
CA LEU A 124 -2.59 -1.34 8.00
C LEU A 124 -1.08 -1.16 7.75
N HIS A 125 -0.69 -1.23 6.48
CA HIS A 125 0.72 -1.09 6.09
C HIS A 125 0.89 0.09 5.12
N GLN A 126 1.71 1.07 5.51
CA GLN A 126 1.94 2.24 4.66
C GLN A 126 3.41 2.32 4.22
N ALA A 127 3.61 2.59 2.92
CA ALA A 127 4.95 2.71 2.36
C ALA A 127 5.10 4.03 1.63
N LEU A 128 5.96 4.91 2.15
CA LEU A 128 6.19 6.22 1.56
C LEU A 128 7.39 6.19 0.60
N LEU A 129 7.13 6.55 -0.65
CA LEU A 129 8.17 6.57 -1.68
C LEU A 129 8.42 7.99 -2.19
N ARG A 130 9.59 8.55 -1.84
CA ARG A 130 9.94 9.90 -2.26
C ARG A 130 10.99 9.88 -3.37
N LEU A 131 10.61 10.41 -4.53
CA LEU A 131 11.52 10.47 -5.69
C LEU A 131 11.84 11.91 -6.03
N PRO A 132 13.13 12.23 -6.29
CA PRO A 132 13.55 13.59 -6.63
C PRO A 132 13.33 13.95 -8.11
N GLN A 133 12.65 13.07 -8.85
CA GLN A 133 12.36 13.30 -10.27
C GLN A 133 11.61 14.62 -10.47
N TYR A 134 10.77 14.97 -9.48
CA TYR A 134 9.99 16.21 -9.51
C TYR A 134 9.30 16.43 -8.18
N GLN A 135 9.97 16.06 -7.08
CA GLN A 135 9.40 16.21 -5.74
C GLN A 135 8.07 15.47 -5.65
N THR A 136 8.14 14.14 -5.64
CA THR A 136 6.94 13.31 -5.57
C THR A 136 6.90 12.49 -4.28
N ASP A 137 5.71 11.99 -3.94
CA ASP A 137 5.53 11.18 -2.74
C ASP A 137 4.42 10.14 -2.95
N LEU A 138 4.81 8.93 -3.32
CA LEU A 138 3.85 7.85 -3.55
C LEU A 138 3.63 7.03 -2.28
N LEU A 139 2.37 6.70 -1.99
CA LEU A 139 2.03 5.93 -0.80
C LEU A 139 1.06 4.79 -1.12
N LEU A 140 1.23 3.68 -0.41
CA LEU A 140 0.37 2.50 -0.60
C LEU A 140 -0.15 1.98 0.74
N THR A 141 -1.42 1.57 0.75
CA THR A 141 -2.06 1.05 1.96
C THR A 141 -2.38 -0.44 1.83
N PHE A 142 -2.04 -1.20 2.87
CA PHE A 142 -2.29 -2.64 2.88
C PHE A 142 -3.23 -3.01 4.03
N ASN A 143 -4.50 -3.27 3.69
CA ASN A 143 -5.51 -3.62 4.70
C ASN A 143 -5.49 -5.12 4.98
N GLN A 144 -5.33 -5.47 6.26
CA GLN A 144 -5.29 -6.87 6.66
C GLN A 144 -5.91 -7.05 8.05
N PRO A 145 -6.64 -8.17 8.27
CA PRO A 145 -7.28 -8.47 9.55
C PRO A 145 -6.27 -8.83 10.64
N PRO A 146 -6.69 -8.74 11.93
CA PRO A 146 -5.82 -9.06 13.07
C PRO A 146 -5.21 -10.46 12.97
N PRO A 147 -3.89 -10.58 13.22
CA PRO A 147 -3.17 -11.86 13.14
C PRO A 147 -3.80 -12.96 14.01
N ASP A 148 -3.75 -14.19 13.52
CA ASP A 148 -4.31 -15.33 14.25
C ASP A 148 -3.32 -16.48 14.32
N ASN A 149 -2.64 -16.62 15.46
CA ASN A 149 -1.65 -17.68 15.67
C ASN A 149 -1.27 -17.78 17.14
N ARG A 150 -0.93 -16.64 17.75
CA ARG A 150 -0.54 -16.60 19.15
C ARG A 150 -1.76 -16.76 20.07
N SER A 151 -1.51 -17.15 21.31
CA SER A 151 -2.57 -17.35 22.31
C SER A 151 -3.39 -18.60 21.98
N SER A 152 -4.12 -19.12 22.98
CA SER A 152 -4.95 -20.31 22.79
C SER A 152 -6.28 -20.20 23.56
N LEU A 153 -7.19 -19.39 23.03
CA LEU A 153 -8.50 -19.20 23.65
C LEU A 153 -9.42 -18.38 22.74
N GLY A 154 -10.29 -19.07 21.99
CA GLY A 154 -11.20 -18.39 21.10
C GLY A 154 -11.94 -19.35 20.17
N PRO A 155 -13.06 -18.89 19.56
CA PRO A 155 -13.86 -19.71 18.65
C PRO A 155 -13.03 -20.31 17.52
N GLU A 156 -12.13 -19.52 16.95
CA GLU A 156 -11.27 -19.98 15.86
C GLU A 156 -10.23 -20.95 16.36
N ASN A 157 -10.24 -22.17 15.80
CA ASN A 157 -9.28 -23.20 16.20
C ASN A 157 -8.26 -23.45 15.09
N LEU A 158 -8.69 -23.33 13.84
CA LEU A 158 -7.80 -23.54 12.69
C LEU A 158 -6.87 -22.34 12.51
N SER A 159 -5.75 -22.57 11.83
CA SER A 159 -4.77 -21.51 11.57
C SER A 159 -4.75 -21.16 10.09
N PRO A 160 -5.33 -20.01 9.72
CA PRO A 160 -5.37 -19.55 8.32
C PRO A 160 -4.00 -19.18 7.79
N ALA A 161 -3.85 -19.18 6.47
CA ALA A 161 -2.58 -18.83 5.84
C ALA A 161 -2.68 -17.53 5.04
N PRO A 162 -2.70 -16.38 5.76
CA PRO A 162 -2.80 -15.05 5.14
C PRO A 162 -1.50 -14.64 4.45
N TRP A 163 -1.45 -13.39 3.97
CA TRP A 163 -0.26 -12.88 3.30
C TRP A 163 0.69 -12.21 4.29
N SER A 164 1.96 -12.07 3.88
CA SER A 164 2.98 -11.45 4.73
C SER A 164 3.67 -10.31 3.97
N LEU A 165 4.86 -9.91 4.44
CA LEU A 165 5.62 -8.82 3.81
C LEU A 165 5.87 -9.10 2.33
N GLY A 166 5.92 -10.39 1.96
CA GLY A 166 6.15 -10.76 0.57
C GLY A 166 5.22 -10.04 -0.39
N ASP A 167 3.92 -10.04 -0.07
CA ASP A 167 2.93 -9.38 -0.91
C ASP A 167 3.10 -7.86 -0.88
N PHE A 168 3.25 -7.31 0.33
CA PHE A 168 3.43 -5.87 0.50
C PHE A 168 4.70 -5.39 -0.21
N GLU A 169 5.77 -6.15 -0.08
CA GLU A 169 7.05 -5.83 -0.72
C GLU A 169 6.86 -5.68 -2.24
N GLN A 170 6.02 -6.54 -2.81
CA GLN A 170 5.75 -6.50 -4.24
C GLN A 170 5.05 -5.20 -4.64
N LEU A 171 4.27 -4.63 -3.72
CA LEU A 171 3.57 -3.37 -3.99
C LEU A 171 4.57 -2.23 -4.17
N VAL A 172 5.66 -2.25 -3.39
CA VAL A 172 6.68 -1.21 -3.49
C VAL A 172 7.39 -1.32 -4.84
N THR A 173 7.55 -2.55 -5.33
CA THR A 173 8.19 -2.80 -6.62
C THR A 173 7.22 -2.52 -7.77
N SER A 174 5.97 -2.20 -7.43
CA SER A 174 4.95 -1.90 -8.44
C SER A 174 5.17 -0.55 -9.13
N LEU A 175 6.36 0.04 -8.96
CA LEU A 175 6.67 1.32 -9.60
C LEU A 175 8.00 1.26 -10.35
N THR A 176 8.32 0.08 -10.92
CA THR A 176 9.58 -0.10 -11.67
C THR A 176 9.61 0.82 -12.89
N LEU A 177 10.58 1.73 -12.93
CA LEU A 177 10.73 2.67 -14.04
C LEU A 177 11.41 1.99 -15.23
N HIS A 178 10.64 1.76 -16.29
CA HIS A 178 11.18 1.14 -17.50
C HIS A 178 11.72 2.20 -18.47
N ASP A 179 10.95 3.26 -18.68
CA ASP A 179 11.37 4.34 -19.58
C ASP A 179 11.52 5.65 -18.81
N PRO A 180 12.75 6.22 -18.80
CA PRO A 180 13.03 7.48 -18.10
C PRO A 180 12.49 8.70 -18.85
N ASN A 181 12.06 8.51 -20.09
CA ASN A 181 11.51 9.62 -20.88
C ASN A 181 10.06 9.91 -20.51
N ILE A 182 9.51 9.13 -19.56
CA ILE A 182 8.14 9.33 -19.12
C ILE A 182 7.89 10.77 -18.66
N PHE A 183 8.91 11.38 -18.05
CA PHE A 183 8.82 12.77 -17.58
C PHE A 183 9.74 13.68 -18.40
N GLY A 184 10.82 13.11 -18.93
CA GLY A 184 11.76 13.90 -19.72
C GLY A 184 13.17 13.35 -19.63
N PRO A 185 14.19 14.23 -19.56
CA PRO A 185 15.59 13.82 -19.47
C PRO A 185 15.98 13.27 -18.09
N GLN A 186 15.01 13.18 -17.18
CA GLN A 186 15.28 12.66 -15.83
C GLN A 186 15.35 11.13 -15.83
N MET A 1 9.98 -19.84 -4.88
CA MET A 1 10.04 -18.88 -6.01
C MET A 1 8.99 -17.78 -5.85
N GLU A 2 9.16 -16.70 -6.61
CA GLU A 2 8.23 -15.56 -6.55
C GLU A 2 7.90 -15.05 -7.94
N PRO A 3 6.62 -15.12 -8.35
CA PRO A 3 6.18 -14.65 -9.67
C PRO A 3 6.20 -13.12 -9.79
N THR A 4 5.78 -12.61 -10.95
CA THR A 4 5.75 -11.17 -11.18
C THR A 4 4.73 -10.80 -12.26
N ARG A 5 3.55 -10.33 -11.82
CA ARG A 5 2.49 -9.94 -12.73
C ARG A 5 2.36 -8.43 -12.78
N ASP A 6 3.07 -7.80 -13.72
CA ASP A 6 3.03 -6.35 -13.88
C ASP A 6 2.01 -5.94 -14.93
N CYS A 7 1.14 -5.01 -14.56
CA CYS A 7 0.10 -4.52 -15.46
C CYS A 7 0.45 -3.14 -16.03
N PRO A 8 0.13 -2.89 -17.32
CA PRO A 8 0.41 -1.61 -17.98
C PRO A 8 -0.56 -0.51 -17.54
N LEU A 9 -0.06 0.40 -16.70
CA LEU A 9 -0.86 1.52 -16.21
C LEU A 9 -0.31 2.84 -16.72
N PHE A 10 -1.20 3.83 -16.84
CA PHE A 10 -0.83 5.17 -17.33
C PHE A 10 -0.33 5.10 -18.78
N GLY A 11 -0.71 4.05 -19.50
CA GLY A 11 -0.29 3.91 -20.89
C GLY A 11 1.01 3.15 -21.05
N GLY A 12 1.63 2.75 -19.94
CA GLY A 12 2.88 2.02 -19.99
C GLY A 12 4.06 2.77 -19.40
N ALA A 13 3.79 3.89 -18.72
CA ALA A 13 4.85 4.69 -18.10
C ALA A 13 5.36 4.01 -16.83
N PHE A 14 4.45 3.34 -16.12
CA PHE A 14 4.80 2.64 -14.89
C PHE A 14 4.29 1.20 -14.93
N SER A 15 4.95 0.33 -14.17
CA SER A 15 4.57 -1.08 -14.10
C SER A 15 4.19 -1.46 -12.68
N ALA A 16 2.94 -1.88 -12.51
CA ALA A 16 2.43 -2.27 -11.20
C ALA A 16 2.26 -3.78 -11.09
N ILE A 17 2.82 -4.36 -10.04
CA ILE A 17 2.74 -5.79 -9.81
C ILE A 17 1.51 -6.12 -8.97
N LEU A 18 0.74 -7.13 -9.41
CA LEU A 18 -0.46 -7.54 -8.71
C LEU A 18 -0.39 -9.03 -8.33
N PRO A 19 -0.71 -9.36 -7.05
CA PRO A 19 -0.67 -10.75 -6.57
C PRO A 19 -1.58 -11.67 -7.38
N MET A 20 -1.45 -12.98 -7.15
CA MET A 20 -2.25 -13.97 -7.85
C MET A 20 -3.71 -13.90 -7.40
N GLY A 21 -4.58 -13.40 -8.28
CA GLY A 21 -5.99 -13.28 -7.94
C GLY A 21 -6.46 -11.84 -7.81
N ALA A 22 -5.67 -10.89 -8.31
CA ALA A 22 -6.03 -9.48 -8.25
C ALA A 22 -7.13 -9.14 -9.25
N ILE A 23 -7.89 -8.09 -8.95
CA ILE A 23 -8.99 -7.66 -9.82
C ILE A 23 -9.26 -6.15 -9.64
N ASP A 24 -9.51 -5.46 -10.75
CA ASP A 24 -9.79 -4.02 -10.72
C ASP A 24 -11.20 -3.75 -10.18
N VAL A 25 -11.27 -3.13 -9.01
CA VAL A 25 -12.55 -2.80 -8.37
C VAL A 25 -13.20 -1.56 -8.99
N SER A 26 -12.67 -1.10 -10.12
CA SER A 26 -13.23 0.08 -10.80
C SER A 26 -14.70 -0.14 -11.17
N ASP A 27 -15.05 -1.38 -11.51
CA ASP A 27 -16.42 -1.72 -11.88
C ASP A 27 -17.34 -1.62 -10.65
N LEU A 28 -16.78 -1.89 -9.46
CA LEU A 28 -17.52 -1.83 -8.21
C LEU A 28 -17.62 -0.38 -7.70
N ARG A 29 -16.55 0.39 -7.91
CA ARG A 29 -16.50 1.79 -7.45
C ARG A 29 -15.57 2.64 -8.32
N PRO A 30 -15.80 3.96 -8.37
CA PRO A 30 -14.99 4.90 -9.15
C PRO A 30 -13.53 4.94 -8.69
N VAL A 31 -12.60 5.00 -9.64
CA VAL A 31 -11.17 5.03 -9.32
C VAL A 31 -10.50 6.29 -9.87
N PRO A 32 -9.75 7.03 -9.03
CA PRO A 32 -9.06 8.27 -9.44
C PRO A 32 -8.04 8.02 -10.55
N ASP A 33 -7.48 9.11 -11.08
CA ASP A 33 -6.49 9.03 -12.15
C ASP A 33 -5.07 8.81 -11.60
N ASN A 34 -4.81 9.35 -10.40
CA ASN A 34 -3.49 9.22 -9.78
C ASN A 34 -3.52 8.21 -8.62
N GLN A 35 -4.46 7.25 -8.67
CA GLN A 35 -4.56 6.24 -7.63
C GLN A 35 -4.64 4.83 -8.22
N GLU A 36 -4.91 3.86 -7.35
CA GLU A 36 -5.02 2.46 -7.75
C GLU A 36 -5.66 1.64 -6.63
N VAL A 37 -6.72 0.91 -6.97
CA VAL A 37 -7.41 0.08 -5.98
C VAL A 37 -7.67 -1.32 -6.52
N PHE A 38 -7.07 -2.31 -5.87
CA PHE A 38 -7.24 -3.71 -6.28
C PHE A 38 -7.73 -4.57 -5.11
N CYS A 39 -8.24 -5.76 -5.43
CA CYS A 39 -8.74 -6.67 -4.40
C CYS A 39 -8.41 -8.12 -4.74
N HIS A 40 -8.28 -8.95 -3.71
CA HIS A 40 -7.96 -10.38 -3.89
C HIS A 40 -9.05 -11.24 -3.26
N PRO A 41 -10.03 -11.67 -4.08
CA PRO A 41 -11.14 -12.53 -3.61
C PRO A 41 -10.67 -13.79 -2.89
N VAL A 42 -9.43 -14.22 -3.17
CA VAL A 42 -8.87 -15.42 -2.56
C VAL A 42 -8.77 -15.30 -1.04
N THR A 43 -7.96 -14.35 -0.57
CA THR A 43 -7.77 -14.13 0.86
C THR A 43 -8.60 -12.94 1.37
N ASP A 44 -9.32 -12.28 0.47
CA ASP A 44 -10.14 -11.12 0.83
C ASP A 44 -9.28 -9.95 1.27
N GLN A 45 -8.31 -9.58 0.44
CA GLN A 45 -7.41 -8.48 0.75
C GLN A 45 -7.65 -7.30 -0.21
N SER A 46 -7.10 -6.14 0.13
CA SER A 46 -7.27 -4.94 -0.70
C SER A 46 -6.00 -4.09 -0.69
N LEU A 47 -5.56 -3.69 -1.88
CA LEU A 47 -4.36 -2.86 -2.02
C LEU A 47 -4.70 -1.46 -2.54
N ILE A 48 -3.98 -0.44 -2.06
CA ILE A 48 -4.22 0.94 -2.47
C ILE A 48 -2.90 1.69 -2.73
N VAL A 49 -2.85 2.37 -3.87
CA VAL A 49 -1.65 3.16 -4.24
C VAL A 49 -2.07 4.54 -4.72
N GLU A 50 -1.57 5.58 -4.05
CA GLU A 50 -1.89 6.96 -4.41
C GLU A 50 -0.63 7.77 -4.71
N LEU A 51 -0.80 8.82 -5.52
CA LEU A 51 0.31 9.70 -5.89
C LEU A 51 0.12 11.08 -5.26
N LEU A 52 1.17 11.58 -4.62
CA LEU A 52 1.13 12.89 -3.97
C LEU A 52 2.39 13.70 -4.30
N GLU A 53 2.40 14.96 -3.87
CA GLU A 53 3.53 15.85 -4.09
C GLU A 53 4.10 16.37 -2.77
N LEU A 54 5.42 16.33 -2.64
CA LEU A 54 6.09 16.80 -1.43
C LEU A 54 5.63 18.20 -1.02
N GLN A 55 5.20 18.34 0.23
CA GLN A 55 4.73 19.63 0.75
C GLN A 55 5.57 20.09 1.92
N ALA A 56 6.00 21.37 1.87
CA ALA A 56 6.83 21.96 2.92
C ALA A 56 8.19 21.27 3.01
N HIS A 57 8.23 20.14 3.72
CA HIS A 57 9.48 19.38 3.88
C HIS A 57 9.24 18.07 4.62
N VAL A 58 8.11 17.41 4.32
CA VAL A 58 7.76 16.16 4.96
C VAL A 58 8.14 14.97 4.08
N ARG A 59 9.29 14.37 4.37
CA ARG A 59 9.78 13.22 3.62
C ARG A 59 10.64 12.32 4.50
N GLY A 60 10.58 11.01 4.23
CA GLY A 60 11.36 10.07 5.01
C GLY A 60 10.57 9.49 6.16
N GLU A 61 11.12 9.62 7.38
CA GLU A 61 10.45 9.10 8.58
C GLU A 61 9.24 9.97 8.96
N ALA A 62 9.38 11.29 8.76
CA ALA A 62 8.30 12.23 9.08
C ALA A 62 7.15 12.10 8.08
N ALA A 63 7.49 11.76 6.83
CA ALA A 63 6.48 11.61 5.78
C ALA A 63 5.50 10.48 6.11
N ALA A 64 6.03 9.38 6.66
CA ALA A 64 5.20 8.23 7.02
C ALA A 64 4.07 8.64 7.97
N ARG A 65 4.45 9.23 9.11
CA ARG A 65 3.47 9.67 10.10
C ARG A 65 2.53 10.74 9.51
N TYR A 66 3.10 11.61 8.68
CA TYR A 66 2.34 12.69 8.04
C TYR A 66 1.18 12.11 7.22
N HIS A 67 1.50 11.26 6.24
CA HIS A 67 0.48 10.65 5.39
C HIS A 67 -0.36 9.63 6.17
N PHE A 68 0.26 8.98 7.15
CA PHE A 68 -0.43 8.00 7.99
C PHE A 68 -1.62 8.64 8.69
N GLU A 69 -1.43 9.88 9.16
CA GLU A 69 -2.49 10.60 9.84
C GLU A 69 -3.57 11.05 8.86
N ASP A 70 -3.18 11.30 7.61
CA ASP A 70 -4.13 11.73 6.58
C ASP A 70 -5.19 10.66 6.33
N VAL A 71 -4.79 9.39 6.43
CA VAL A 71 -5.70 8.27 6.22
C VAL A 71 -6.52 7.99 7.47
N GLY A 72 -5.84 7.85 8.60
CA GLY A 72 -6.52 7.58 9.86
C GLY A 72 -7.32 8.78 10.36
N GLY A 73 -7.10 9.95 9.74
CA GLY A 73 -7.82 11.15 10.14
C GLY A 73 -9.06 11.41 9.30
N VAL A 74 -8.99 11.08 8.02
CA VAL A 74 -10.13 11.28 7.11
C VAL A 74 -11.33 10.41 7.49
N GLN A 75 -11.06 9.24 8.08
CA GLN A 75 -12.12 8.32 8.48
C GLN A 75 -12.18 8.21 10.01
N GLY A 76 -12.61 7.05 10.52
CA GLY A 76 -12.70 6.87 11.97
C GLY A 76 -11.33 6.82 12.62
N ALA A 77 -10.93 5.63 13.06
CA ALA A 77 -9.62 5.44 13.70
C ALA A 77 -9.43 6.41 14.85
N ARG A 78 -10.04 6.10 16.00
CA ARG A 78 -9.94 6.96 17.17
C ARG A 78 -8.69 6.65 18.00
N ALA A 79 -8.21 5.42 17.91
CA ALA A 79 -7.01 5.01 18.63
C ALA A 79 -6.04 4.29 17.71
N VAL A 80 -4.94 4.97 17.36
CA VAL A 80 -3.94 4.38 16.47
C VAL A 80 -2.56 4.40 17.09
N HIS A 81 -1.94 3.22 17.18
CA HIS A 81 -0.61 3.09 17.73
C HIS A 81 0.40 2.69 16.65
N VAL A 82 1.68 2.70 16.99
CA VAL A 82 2.74 2.32 16.04
C VAL A 82 3.53 1.13 16.56
N GLU A 83 3.55 0.05 15.79
CA GLU A 83 4.29 -1.15 16.17
C GLU A 83 5.80 -0.91 16.09
N SER A 84 6.25 -0.34 14.97
CA SER A 84 7.66 -0.04 14.76
C SER A 84 7.92 0.44 13.33
N VAL A 85 8.70 1.50 13.20
CA VAL A 85 9.03 2.06 11.89
C VAL A 85 10.30 1.44 11.33
N GLN A 86 10.25 1.03 10.06
CA GLN A 86 11.40 0.40 9.41
C GLN A 86 11.68 1.05 8.05
N PRO A 87 12.94 1.48 7.82
CA PRO A 87 13.34 2.12 6.56
C PRO A 87 13.54 1.11 5.43
N LEU A 88 13.49 1.59 4.20
CA LEU A 88 13.65 0.74 3.02
C LEU A 88 14.73 1.31 2.08
N SER A 89 15.71 0.48 1.74
CA SER A 89 16.80 0.91 0.85
C SER A 89 16.42 0.74 -0.62
N LEU A 90 17.30 1.20 -1.51
CA LEU A 90 17.06 1.11 -2.96
C LEU A 90 16.98 -0.35 -3.42
N GLU A 91 17.57 -1.26 -2.65
CA GLU A 91 17.56 -2.69 -2.99
C GLU A 91 16.13 -3.18 -3.19
N ASN A 92 15.17 -2.56 -2.49
CA ASN A 92 13.76 -2.94 -2.60
C ASN A 92 13.23 -2.72 -4.01
N LEU A 93 13.81 -1.77 -4.75
CA LEU A 93 13.37 -1.52 -6.11
C LEU A 93 13.94 -2.58 -7.04
N ALA A 94 13.08 -3.49 -7.47
CA ALA A 94 13.45 -4.59 -8.36
C ALA A 94 14.40 -4.10 -9.45
N LEU A 95 13.90 -3.24 -10.33
CA LEU A 95 14.72 -2.68 -11.39
C LEU A 95 15.75 -1.72 -10.80
N ARG A 96 15.42 -1.17 -9.62
CA ARG A 96 16.31 -0.25 -8.92
C ARG A 96 16.65 0.96 -9.81
N GLY A 97 15.62 1.66 -10.27
CA GLY A 97 15.83 2.82 -11.12
C GLY A 97 16.45 3.96 -10.34
N ARG A 98 15.64 4.96 -9.99
CA ARG A 98 16.14 6.07 -9.21
C ARG A 98 15.21 6.36 -8.03
N CYS A 99 15.65 5.98 -6.84
CA CYS A 99 14.87 6.19 -5.63
C CYS A 99 15.72 6.88 -4.56
N GLN A 100 15.12 7.87 -3.90
CA GLN A 100 15.82 8.61 -2.84
C GLN A 100 15.84 7.82 -1.53
N GLU A 101 14.68 7.27 -1.17
CA GLU A 101 14.55 6.48 0.06
C GLU A 101 13.15 5.86 0.17
N ALA A 102 12.93 5.12 1.26
CA ALA A 102 11.64 4.48 1.49
C ALA A 102 11.42 4.19 2.97
N TRP A 103 10.16 4.25 3.41
CA TRP A 103 9.82 4.01 4.81
C TRP A 103 8.49 3.28 4.94
N VAL A 104 8.37 2.44 5.97
CA VAL A 104 7.15 1.68 6.20
C VAL A 104 6.61 1.91 7.62
N LEU A 105 5.28 1.96 7.73
CA LEU A 105 4.62 2.17 9.02
C LEU A 105 3.52 1.12 9.23
N SER A 106 3.72 0.26 10.22
CA SER A 106 2.76 -0.80 10.54
C SER A 106 2.09 -0.54 11.89
N GLY A 107 0.80 -0.85 11.98
CA GLY A 107 0.06 -0.66 13.20
C GLY A 107 -1.42 -0.96 13.06
N LYS A 108 -2.22 -0.39 13.96
CA LYS A 108 -3.67 -0.60 13.95
C LYS A 108 -4.39 0.62 14.51
N GLN A 109 -5.64 0.83 14.08
CA GLN A 109 -6.45 1.96 14.53
C GLN A 109 -7.76 1.46 15.14
N GLN A 110 -8.44 2.33 15.90
CA GLN A 110 -9.69 1.96 16.51
C GLN A 110 -10.85 2.61 15.77
N ILE A 111 -11.32 1.95 14.71
CA ILE A 111 -12.41 2.47 13.91
C ILE A 111 -13.76 2.21 14.58
N ALA A 112 -14.26 3.23 15.26
CA ALA A 112 -15.53 3.15 15.97
C ALA A 112 -16.27 4.49 15.91
N LYS A 113 -17.12 4.65 14.90
CA LYS A 113 -17.88 5.89 14.73
C LYS A 113 -19.32 5.59 14.32
N GLU A 114 -20.14 5.20 15.30
CA GLU A 114 -21.55 4.87 15.07
C GLU A 114 -22.28 4.66 16.39
N ASN A 115 -21.94 3.57 17.08
CA ASN A 115 -22.54 3.24 18.37
C ASN A 115 -21.54 3.42 19.51
N GLN A 116 -20.32 3.83 19.19
CA GLN A 116 -19.28 4.03 20.19
C GLN A 116 -18.99 2.74 20.97
N GLN A 117 -19.21 1.60 20.32
CA GLN A 117 -18.98 0.30 20.94
C GLN A 117 -18.28 -0.64 19.97
N VAL A 118 -18.82 -0.74 18.76
CA VAL A 118 -18.26 -1.62 17.73
C VAL A 118 -16.98 -1.03 17.13
N ALA A 119 -15.92 -1.84 17.09
CA ALA A 119 -14.63 -1.41 16.54
C ALA A 119 -13.82 -2.60 16.05
N LYS A 120 -12.62 -2.32 15.51
CA LYS A 120 -11.74 -3.38 15.00
C LYS A 120 -10.31 -2.88 14.84
N ASP A 121 -9.37 -3.58 15.48
CA ASP A 121 -7.95 -3.21 15.39
C ASP A 121 -7.31 -3.84 14.17
N VAL A 122 -7.74 -3.41 12.99
CA VAL A 122 -7.22 -3.93 11.73
C VAL A 122 -5.79 -3.46 11.49
N THR A 123 -4.98 -4.29 10.81
CA THR A 123 -3.59 -3.95 10.53
C THR A 123 -3.49 -3.08 9.28
N LEU A 124 -2.83 -1.93 9.41
CA LEU A 124 -2.67 -1.01 8.29
C LEU A 124 -1.19 -0.82 7.96
N HIS A 125 -0.76 -1.41 6.84
CA HIS A 125 0.63 -1.30 6.41
C HIS A 125 0.78 -0.16 5.40
N GLN A 126 1.50 0.89 5.79
CA GLN A 126 1.71 2.05 4.93
C GLN A 126 3.18 2.21 4.55
N ALA A 127 3.42 2.57 3.29
CA ALA A 127 4.78 2.78 2.78
C ALA A 127 4.88 4.14 2.10
N LEU A 128 5.83 4.95 2.54
CA LEU A 128 6.02 6.28 1.97
C LEU A 128 7.26 6.33 1.06
N LEU A 129 7.04 6.74 -0.19
CA LEU A 129 8.12 6.84 -1.17
C LEU A 129 8.45 8.30 -1.46
N ARG A 130 9.75 8.61 -1.57
CA ARG A 130 10.18 9.97 -1.85
C ARG A 130 11.13 10.02 -3.04
N LEU A 131 10.71 10.72 -4.09
CA LEU A 131 11.51 10.87 -5.31
C LEU A 131 11.76 12.35 -5.59
N PRO A 132 13.05 12.74 -5.74
CA PRO A 132 13.41 14.15 -6.01
C PRO A 132 13.19 14.58 -7.47
N GLN A 133 12.55 13.71 -8.27
CA GLN A 133 12.28 14.03 -9.67
C GLN A 133 11.51 15.34 -9.79
N TYR A 134 10.60 15.57 -8.84
CA TYR A 134 9.78 16.78 -8.81
C TYR A 134 9.07 16.92 -7.46
N GLN A 135 9.74 16.52 -6.38
CA GLN A 135 9.15 16.58 -5.04
C GLN A 135 7.84 15.79 -5.01
N THR A 136 7.95 14.47 -5.05
CA THR A 136 6.77 13.60 -5.05
C THR A 136 6.74 12.67 -3.84
N ASP A 137 5.55 12.22 -3.48
CA ASP A 137 5.38 11.32 -2.34
C ASP A 137 4.33 10.24 -2.66
N LEU A 138 4.79 9.00 -2.86
CA LEU A 138 3.89 7.90 -3.18
C LEU A 138 3.21 7.35 -1.93
N LEU A 139 1.95 6.96 -2.06
CA LEU A 139 1.17 6.43 -0.94
C LEU A 139 0.90 4.94 -1.13
N LEU A 140 1.21 4.16 -0.10
CA LEU A 140 0.99 2.70 -0.14
C LEU A 140 0.13 2.26 1.05
N THR A 141 -0.88 1.44 0.78
CA THR A 141 -1.77 0.96 1.83
C THR A 141 -2.07 -0.54 1.66
N PHE A 142 -2.20 -1.23 2.79
CA PHE A 142 -2.50 -2.66 2.79
C PHE A 142 -3.55 -3.01 3.84
N ASN A 143 -4.58 -3.75 3.42
CA ASN A 143 -5.65 -4.14 4.33
C ASN A 143 -5.61 -5.65 4.61
N GLN A 144 -5.23 -6.01 5.83
CA GLN A 144 -5.14 -7.43 6.20
C GLN A 144 -5.90 -7.69 7.49
N PRO A 145 -7.10 -8.29 7.40
CA PRO A 145 -7.92 -8.59 8.57
C PRO A 145 -7.42 -9.82 9.34
N PRO A 146 -7.09 -9.66 10.64
CA PRO A 146 -6.59 -10.77 11.46
C PRO A 146 -7.48 -12.01 11.38
N PRO A 147 -6.99 -13.07 10.71
CA PRO A 147 -7.74 -14.33 10.55
C PRO A 147 -8.07 -15.00 11.89
N ASP A 148 -8.67 -16.19 11.82
CA ASP A 148 -9.05 -16.93 13.03
C ASP A 148 -9.07 -18.43 12.78
N ASN A 149 -9.43 -19.19 13.81
CA ASN A 149 -9.50 -20.65 13.72
C ASN A 149 -10.57 -21.08 12.71
N ARG A 150 -10.13 -21.64 11.59
CA ARG A 150 -11.03 -22.09 10.54
C ARG A 150 -10.70 -23.51 10.08
N SER A 151 -11.73 -24.36 10.04
CA SER A 151 -11.54 -25.75 9.60
C SER A 151 -11.85 -25.89 8.11
N SER A 152 -10.82 -26.18 7.33
CA SER A 152 -10.96 -26.36 5.89
C SER A 152 -10.50 -27.75 5.47
N LEU A 153 -10.79 -28.75 6.31
CA LEU A 153 -10.40 -30.13 6.04
C LEU A 153 -8.89 -30.25 5.82
N GLY A 154 -8.11 -29.45 6.55
CA GLY A 154 -6.66 -29.47 6.43
C GLY A 154 -6.14 -28.34 5.56
N PRO A 155 -4.80 -28.22 5.42
CA PRO A 155 -4.16 -27.17 4.61
C PRO A 155 -4.62 -27.18 3.14
N GLU A 156 -4.25 -26.13 2.40
CA GLU A 156 -4.62 -26.01 0.99
C GLU A 156 -3.47 -26.44 0.08
N ASN A 157 -2.24 -26.09 0.46
CA ASN A 157 -1.06 -26.43 -0.33
C ASN A 157 0.09 -26.87 0.58
N LEU A 158 0.47 -26.01 1.51
CA LEU A 158 1.55 -26.28 2.45
C LEU A 158 1.65 -25.19 3.50
N SER A 159 1.58 -23.94 3.05
CA SER A 159 1.65 -22.80 3.95
C SER A 159 0.27 -22.19 4.19
N PRO A 160 -0.39 -22.55 5.31
CA PRO A 160 -1.71 -22.03 5.66
C PRO A 160 -1.69 -20.53 5.98
N ALA A 161 -0.53 -20.03 6.41
CA ALA A 161 -0.38 -18.61 6.75
C ALA A 161 -0.68 -17.71 5.55
N PRO A 162 -1.67 -16.80 5.70
CA PRO A 162 -2.07 -15.87 4.63
C PRO A 162 -0.94 -14.95 4.19
N TRP A 163 -1.26 -13.99 3.32
CA TRP A 163 -0.27 -13.03 2.81
C TRP A 163 0.39 -12.28 3.96
N SER A 164 1.73 -12.17 3.89
CA SER A 164 2.51 -11.48 4.93
C SER A 164 3.25 -10.28 4.32
N LEU A 165 4.34 -9.86 4.97
CA LEU A 165 5.13 -8.72 4.50
C LEU A 165 5.55 -8.90 3.04
N GLY A 166 5.76 -10.15 2.63
CA GLY A 166 6.15 -10.44 1.25
C GLY A 166 5.22 -9.81 0.24
N ASP A 167 3.92 -9.80 0.55
CA ASP A 167 2.92 -9.22 -0.34
C ASP A 167 3.01 -7.70 -0.34
N PHE A 168 3.17 -7.10 0.85
CA PHE A 168 3.28 -5.66 0.98
C PHE A 168 4.53 -5.14 0.26
N GLU A 169 5.65 -5.83 0.49
CA GLU A 169 6.92 -5.45 -0.15
C GLU A 169 6.78 -5.44 -1.66
N GLN A 170 5.98 -6.36 -2.19
CA GLN A 170 5.75 -6.45 -3.63
C GLN A 170 5.08 -5.17 -4.15
N LEU A 171 4.21 -4.58 -3.33
CA LEU A 171 3.52 -3.35 -3.72
C LEU A 171 4.52 -2.22 -3.93
N VAL A 172 5.62 -2.24 -3.19
CA VAL A 172 6.66 -1.21 -3.33
C VAL A 172 7.34 -1.32 -4.69
N THR A 173 7.52 -2.56 -5.16
CA THR A 173 8.12 -2.81 -6.47
C THR A 173 7.09 -2.62 -7.59
N SER A 174 5.85 -2.32 -7.22
CA SER A 174 4.78 -2.12 -8.19
C SER A 174 4.90 -0.77 -8.93
N LEU A 175 6.06 -0.10 -8.81
CA LEU A 175 6.27 1.18 -9.48
C LEU A 175 7.60 1.18 -10.23
N THR A 176 7.98 0.02 -10.79
CA THR A 176 9.23 -0.10 -11.53
C THR A 176 9.25 0.85 -12.73
N LEU A 177 10.24 1.74 -12.76
CA LEU A 177 10.37 2.70 -13.85
C LEU A 177 11.26 2.16 -14.96
N HIS A 178 10.64 1.82 -16.09
CA HIS A 178 11.38 1.31 -17.24
C HIS A 178 11.65 2.42 -18.26
N ASP A 179 10.62 3.24 -18.52
CA ASP A 179 10.74 4.35 -19.46
C ASP A 179 10.12 5.62 -18.86
N PRO A 180 10.95 6.66 -18.60
CA PRO A 180 10.48 7.93 -18.04
C PRO A 180 9.71 8.77 -19.06
N ASN A 181 8.58 8.25 -19.52
CA ASN A 181 7.74 8.96 -20.49
C ASN A 181 6.74 9.89 -19.80
N ILE A 182 6.60 9.74 -18.47
CA ILE A 182 5.67 10.58 -17.70
C ILE A 182 6.42 11.40 -16.65
N PHE A 183 7.62 11.85 -17.00
CA PHE A 183 8.43 12.66 -16.09
C PHE A 183 8.49 14.12 -16.54
N GLY A 184 8.71 14.31 -17.84
CA GLY A 184 8.77 15.65 -18.40
C GLY A 184 7.39 16.28 -18.54
N PRO A 185 6.43 15.56 -19.14
CA PRO A 185 5.06 16.07 -19.33
C PRO A 185 4.36 16.40 -18.02
N GLN A 186 3.10 16.81 -18.12
CA GLN A 186 2.30 17.17 -16.94
C GLN A 186 1.04 16.31 -16.83
#